data_6W24
#
_entry.id   6W24
#
_cell.length_a   1.00
_cell.length_b   1.00
_cell.length_c   1.00
_cell.angle_alpha   90.00
_cell.angle_beta   90.00
_cell.angle_gamma   90.00
#
_symmetry.space_group_name_H-M   'P 1'
#
loop_
_entity.id
_entity.type
_entity.pdbx_description
1 polymer 'ATP-dependent Clp protease ATP-binding subunit ClpA'
2 polymer 'RepA, green fluorescent protein fusion'
3 non-polymer "ADENOSINE-5'-DIPHOSPHATE"
4 non-polymer "ADENOSINE-5'-TRIPHOSPHATE"
#
loop_
_entity_poly.entity_id
_entity_poly.type
_entity_poly.pdbx_seq_one_letter_code
_entity_poly.pdbx_strand_id
1 'polypeptide(L)'
;MLNQELELSLNMAFARAREHRHEFMTVEHLLLALLSNPSAREALEACSVDLVALRQELEAFIEQTTPVLPASEEERDTQP
TLSFQRVLQRAVFHVQSSGRNEVTGANVLVAIFSEQESQAAYLLRKHEVSRLDVVNFISHGTRKDEPTQSSDPGSQPNSE
EQAGGEERMENFTTNLNQLARVGGIDPLIGREKELERAIQVLCRRRKNNPLLVGESGVGKTAIAEGLAWRIVQGDVPEVM
ADCTIYSLDIGSLLAGTKYRGDFEKRFKALLKQLEQDTNSILFIDEIHTIIGAGAASGGQVDAANLIKPLLSSGKIRVIG
STTYQEFSNIFEKDRALARRFQKIDITEPSIEETVQIINGLKPKYEAHHDVRYTAKAVRAAVELAVKYINDRHLPDKAID
VIDEAGARARLMPVSKRKKTVNVADIESVVARIARIPEKSVSQSDRDTLKNLGDRLKMLVFGQDKAIEALTEAIKMARAG
LGHEHKPVGSFLFAGPTGVGKTEVTVQLSKALGIELLRFDMSEYMERHTVSRLIGAPPGYVGFDQGGLLTDAVIKHPHAV
LLLDEIEKAHPDVFNILLQVMDNGTLTDNNGRKADFRNVVLVMTTNAGVRETERKSIGLIHQDNSTDAMEEIKKIFTPEF
RNRLDNIIWFDHLSTDVIHQVVDKFIVELQVQLDQKGVSLEVSQEARNWLAEKGYDRAMGARPMARVIQDNLKKPLANEL
LFGSLVDGGQVTVALDKEKNELTYGFQSAQKHKAEAAH
;
A,B,C,D,E,F
2 'polypeptide(L)'
;(UNK)(UNK)(UNK)(UNK)(UNK)(UNK)(UNK)(UNK)(UNK)(UNK)(UNK)(UNK)(UNK)(UNK)(UNK)(UNK)
(UNK)(UNK)(UNK)(UNK)(UNK)(UNK)(UNK)(UNK)
;
X
#
loop_
_chem_comp.id
_chem_comp.type
_chem_comp.name
_chem_comp.formula
ADP non-polymer ADENOSINE-5'-DIPHOSPHATE 'C10 H15 N5 O10 P2'
ATP non-polymer ADENOSINE-5'-TRIPHOSPHATE 'C10 H16 N5 O13 P3'
#
# COMPACT_ATOMS: atom_id res chain seq x y z
N MET A 169 13.19 27.06 27.42
CA MET A 169 12.18 26.03 27.69
C MET A 169 10.82 26.67 27.94
N GLU A 170 10.83 27.87 28.52
CA GLU A 170 9.59 28.58 28.81
C GLU A 170 8.79 28.90 27.56
N ASN A 171 9.37 28.71 26.37
CA ASN A 171 8.72 29.05 25.11
C ASN A 171 8.20 27.83 24.38
N PHE A 172 8.29 26.63 24.99
CA PHE A 172 7.77 25.44 24.34
C PHE A 172 7.00 24.55 25.30
N THR A 173 7.26 24.68 26.60
CA THR A 173 6.59 23.86 27.59
C THR A 173 5.95 24.74 28.66
N THR A 174 5.02 24.17 29.40
CA THR A 174 4.28 24.87 30.44
C THR A 174 4.56 24.21 31.79
N ASN A 175 4.98 25.02 32.76
CA ASN A 175 5.21 24.54 34.12
C ASN A 175 3.86 24.22 34.76
N LEU A 176 3.54 22.93 34.87
CA LEU A 176 2.29 22.52 35.49
C LEU A 176 2.23 22.86 36.98
N ASN A 177 3.37 22.81 37.67
CA ASN A 177 3.39 23.26 39.06
C ASN A 177 3.06 24.75 39.15
N GLN A 178 3.52 25.54 38.18
CA GLN A 178 3.12 26.94 38.12
C GLN A 178 1.64 27.08 37.84
N LEU A 179 1.08 26.18 37.03
CA LEU A 179 -0.36 26.22 36.76
C LEU A 179 -1.17 25.95 38.02
N ALA A 180 -0.75 24.95 38.80
CA ALA A 180 -1.49 24.62 40.01
C ALA A 180 -1.31 25.67 41.10
N ARG A 181 -0.21 26.43 41.04
CA ARG A 181 0.03 27.46 42.05
C ARG A 181 -0.93 28.64 41.91
N VAL A 182 -1.58 28.79 40.76
CA VAL A 182 -2.54 29.86 40.53
C VAL A 182 -3.95 29.33 40.38
N GLY A 183 -4.10 28.13 39.84
CA GLY A 183 -5.41 27.58 39.57
C GLY A 183 -5.52 27.08 38.14
N GLY A 184 -6.54 26.27 37.87
CA GLY A 184 -6.71 25.66 36.56
C GLY A 184 -6.34 24.20 36.50
N ILE A 185 -5.70 23.67 37.53
CA ILE A 185 -5.37 22.25 37.63
C ILE A 185 -6.41 21.60 38.53
N ASP A 186 -7.15 20.68 38.01
CA ASP A 186 -8.16 20.10 38.89
C ASP A 186 -7.59 18.92 39.65
N PRO A 187 -7.95 18.79 40.92
CA PRO A 187 -7.49 17.65 41.70
C PRO A 187 -8.06 16.34 41.15
N LEU A 188 -7.40 15.25 41.49
CA LEU A 188 -7.80 13.93 41.04
C LEU A 188 -8.66 13.24 42.10
N ILE A 189 -9.68 12.53 41.62
CA ILE A 189 -10.61 11.81 42.49
C ILE A 189 -10.61 10.35 42.06
N GLY A 190 -10.16 9.48 42.96
CA GLY A 190 -10.23 8.06 42.69
C GLY A 190 -9.22 7.53 41.70
N ARG A 191 -8.03 8.11 41.66
CA ARG A 191 -6.94 7.62 40.81
C ARG A 191 -5.70 7.31 41.65
N GLU A 192 -5.90 6.72 42.82
CA GLU A 192 -4.80 6.57 43.77
C GLU A 192 -3.83 5.48 43.33
N LYS A 193 -4.35 4.35 42.86
CA LYS A 193 -3.48 3.25 42.42
C LYS A 193 -2.54 3.71 41.32
N GLU A 194 -3.06 4.47 40.35
CA GLU A 194 -2.24 4.95 39.25
C GLU A 194 -1.15 5.89 39.74
N LEU A 195 -1.48 6.79 40.67
CA LEU A 195 -0.48 7.69 41.20
C LEU A 195 0.59 6.93 41.99
N GLU A 196 0.17 5.90 42.73
CA GLU A 196 1.13 5.07 43.44
C GLU A 196 2.10 4.40 42.48
N ARG A 197 1.56 3.81 41.40
CA ARG A 197 2.42 3.16 40.41
C ARG A 197 3.36 4.17 39.76
N ALA A 198 2.85 5.35 39.42
CA ALA A 198 3.68 6.35 38.76
C ALA A 198 4.79 6.85 39.66
N ILE A 199 4.48 7.06 40.95
CA ILE A 199 5.52 7.50 41.88
C ILE A 199 6.55 6.38 42.07
N GLN A 200 6.08 5.13 42.12
CA GLN A 200 7.02 4.01 42.16
C GLN A 200 7.98 4.06 40.98
N VAL A 201 7.45 4.24 39.78
CA VAL A 201 8.31 4.26 38.59
C VAL A 201 9.26 5.44 38.64
N LEU A 202 8.77 6.61 39.05
CA LEU A 202 9.62 7.79 39.11
C LEU A 202 10.76 7.63 40.11
N CYS A 203 10.53 6.85 41.17
CA CYS A 203 11.55 6.67 42.19
C CYS A 203 12.71 5.79 41.72
N ARG A 204 12.57 5.12 40.58
CA ARG A 204 13.66 4.29 40.07
C ARG A 204 14.84 5.14 39.65
N ARG A 205 15.99 4.50 39.47
CA ARG A 205 17.18 5.21 39.04
C ARG A 205 17.46 5.05 37.56
N ARG A 206 16.93 4.00 36.92
CA ARG A 206 17.15 3.74 35.51
C ARG A 206 15.82 3.41 34.85
N LYS A 207 15.61 3.96 33.65
CA LYS A 207 14.36 3.78 32.91
C LYS A 207 13.17 4.18 33.75
N ASN A 208 13.34 5.20 34.58
CA ASN A 208 12.28 5.71 35.45
C ASN A 208 11.34 6.62 34.67
N ASN A 209 10.76 6.06 33.61
CA ASN A 209 9.92 6.81 32.68
C ASN A 209 8.56 6.13 32.59
N PRO A 210 7.60 6.52 33.42
CA PRO A 210 6.27 5.90 33.36
C PRO A 210 5.53 6.29 32.09
N LEU A 211 4.78 5.33 31.57
CA LEU A 211 4.02 5.52 30.34
C LEU A 211 2.55 5.24 30.63
N LEU A 212 1.74 6.29 30.70
CA LEU A 212 0.31 6.16 30.93
C LEU A 212 -0.37 5.68 29.66
N VAL A 213 -0.85 4.44 29.68
CA VAL A 213 -1.50 3.84 28.53
C VAL A 213 -2.97 3.66 28.84
N GLY A 214 -3.83 4.17 27.96
CA GLY A 214 -5.25 4.05 28.14
C GLY A 214 -5.98 4.23 26.84
N GLU A 215 -7.20 4.72 26.94
CA GLU A 215 -8.04 5.00 25.78
C GLU A 215 -8.24 6.51 25.66
N SER A 216 -8.92 6.90 24.58
CA SER A 216 -9.24 8.31 24.39
C SER A 216 -10.25 8.76 25.43
N GLY A 217 -9.91 9.84 26.13
CA GLY A 217 -10.84 10.42 27.08
C GLY A 217 -11.04 9.64 28.35
N VAL A 218 -9.96 9.22 29.00
CA VAL A 218 -10.05 8.54 30.29
C VAL A 218 -9.33 9.32 31.37
N GLY A 219 -8.90 10.54 31.07
CA GLY A 219 -8.18 11.33 32.03
C GLY A 219 -6.70 11.11 32.04
N LYS A 220 -6.11 10.73 30.91
CA LYS A 220 -4.68 10.45 30.87
C LYS A 220 -3.86 11.66 31.27
N THR A 221 -4.03 12.77 30.54
CA THR A 221 -3.33 14.00 30.90
C THR A 221 -3.76 14.50 32.27
N ALA A 222 -5.01 14.23 32.66
CA ALA A 222 -5.46 14.59 33.99
C ALA A 222 -4.66 13.87 35.06
N ILE A 223 -4.13 12.68 34.75
CA ILE A 223 -3.31 11.97 35.72
C ILE A 223 -2.05 12.76 36.02
N ALA A 224 -1.35 13.21 34.99
CA ALA A 224 -0.15 14.02 35.20
C ALA A 224 -0.50 15.36 35.85
N GLU A 225 -1.64 15.94 35.47
CA GLU A 225 -2.05 17.20 36.09
C GLU A 225 -2.26 17.02 37.59
N GLY A 226 -2.99 15.97 37.98
CA GLY A 226 -3.23 15.74 39.40
C GLY A 226 -1.97 15.32 40.13
N LEU A 227 -1.04 14.68 39.43
CA LEU A 227 0.25 14.37 40.03
C LEU A 227 1.01 15.64 40.37
N ALA A 228 1.12 16.56 39.41
CA ALA A 228 1.76 17.85 39.68
C ALA A 228 1.00 18.61 40.75
N TRP A 229 -0.33 18.44 40.80
CA TRP A 229 -1.12 19.12 41.82
C TRP A 229 -0.77 18.60 43.21
N ARG A 230 -0.83 17.28 43.39
CA ARG A 230 -0.37 16.68 44.65
C ARG A 230 1.06 17.08 44.97
N ILE A 231 1.88 17.32 43.94
CA ILE A 231 3.25 17.76 44.16
C ILE A 231 3.26 19.13 44.81
N VAL A 232 2.55 20.09 44.20
CA VAL A 232 2.55 21.44 44.76
C VAL A 232 1.77 21.50 46.06
N GLN A 233 0.74 20.66 46.20
CA GLN A 233 -0.03 20.63 47.44
C GLN A 233 0.69 19.89 48.56
N GLY A 234 1.95 19.52 48.36
CA GLY A 234 2.67 18.76 49.35
C GLY A 234 2.22 17.32 49.52
N ASP A 235 1.29 16.86 48.70
CA ASP A 235 0.76 15.49 48.81
C ASP A 235 1.65 14.50 48.06
N VAL A 236 2.96 14.58 48.30
CA VAL A 236 3.93 13.66 47.72
C VAL A 236 5.03 13.39 48.73
N PRO A 237 5.73 12.27 48.58
CA PRO A 237 6.89 12.02 49.45
C PRO A 237 7.98 13.04 49.22
N GLU A 238 8.81 13.23 50.25
CA GLU A 238 9.91 14.20 50.17
C GLU A 238 10.87 13.88 49.03
N VAL A 239 10.95 12.62 48.61
CA VAL A 239 11.77 12.30 47.45
C VAL A 239 11.20 12.96 46.21
N MET A 240 9.89 13.10 46.12
CA MET A 240 9.22 13.77 45.02
C MET A 240 9.11 15.27 45.22
N ALA A 241 9.45 15.77 46.41
CA ALA A 241 9.37 17.20 46.65
C ALA A 241 10.33 17.96 45.75
N ASP A 242 10.00 19.22 45.49
CA ASP A 242 10.77 20.14 44.66
C ASP A 242 10.87 19.68 43.21
N CYS A 243 10.09 18.69 42.80
CA CYS A 243 10.08 18.26 41.42
C CYS A 243 9.16 19.17 40.60
N THR A 244 9.49 19.31 39.32
CA THR A 244 8.74 20.17 38.42
C THR A 244 8.36 19.38 37.17
N ILE A 245 7.09 19.44 36.80
CA ILE A 245 6.58 18.74 35.63
C ILE A 245 6.35 19.77 34.53
N TYR A 246 6.89 19.49 33.34
CA TYR A 246 6.74 20.37 32.20
C TYR A 246 5.95 19.67 31.11
N SER A 247 4.98 20.37 30.53
CA SER A 247 4.12 19.83 29.49
C SER A 247 4.59 20.33 28.14
N LEU A 248 5.20 19.43 27.35
CA LEU A 248 5.83 19.81 26.10
C LEU A 248 4.81 19.89 24.98
N ASP A 249 4.83 20.97 24.23
CA ASP A 249 4.02 21.12 23.02
C ASP A 249 4.83 20.59 21.85
N ILE A 250 4.46 19.41 21.35
CA ILE A 250 5.15 18.84 20.20
C ILE A 250 4.99 19.74 18.99
N GLY A 251 3.78 20.28 18.78
CA GLY A 251 3.57 21.18 17.67
C GLY A 251 4.46 22.41 17.73
N SER A 252 4.59 23.00 18.92
CA SER A 252 5.45 24.17 19.07
C SER A 252 6.91 23.80 18.83
N LEU A 253 7.32 22.61 19.26
CA LEU A 253 8.69 22.17 19.04
C LEU A 253 8.97 21.99 17.55
N LEU A 254 8.01 21.44 16.81
CA LEU A 254 8.25 21.12 15.40
C LEU A 254 8.04 22.32 14.49
N ALA A 255 7.21 23.27 14.90
CA ALA A 255 6.80 24.34 13.99
C ALA A 255 7.95 25.31 13.70
N GLY A 256 8.06 25.70 12.45
CA GLY A 256 8.98 26.75 12.04
C GLY A 256 10.45 26.38 12.09
N THR A 257 10.79 25.12 11.86
CA THR A 257 12.19 24.73 11.82
C THR A 257 12.73 24.73 10.39
N LYS A 258 12.18 23.86 9.54
CA LYS A 258 12.35 23.92 8.09
C LYS A 258 13.80 23.68 7.65
N TYR A 259 14.72 23.51 8.58
CA TYR A 259 16.10 23.28 8.18
C TYR A 259 16.73 22.15 8.98
N ARG A 260 17.74 21.52 8.40
CA ARG A 260 18.36 20.34 8.99
C ARG A 260 18.94 20.62 10.38
N GLY A 261 19.25 21.87 10.69
CA GLY A 261 19.90 22.18 11.94
C GLY A 261 19.02 22.76 13.02
N ASP A 262 17.76 23.08 12.71
CA ASP A 262 16.91 23.78 13.67
C ASP A 262 16.21 22.84 14.64
N PHE A 263 15.64 21.74 14.16
CA PHE A 263 14.95 20.81 15.05
C PHE A 263 15.88 20.28 16.12
N GLU A 264 17.07 19.85 15.72
CA GLU A 264 18.04 19.31 16.66
C GLU A 264 18.49 20.37 17.66
N LYS A 265 18.80 21.58 17.18
CA LYS A 265 19.26 22.62 18.09
C LYS A 265 18.17 23.03 19.06
N ARG A 266 16.91 23.02 18.63
CA ARG A 266 15.82 23.41 19.52
C ARG A 266 15.56 22.32 20.55
N PHE A 267 15.51 21.06 20.12
CA PHE A 267 15.37 19.95 21.05
C PHE A 267 16.50 19.94 22.07
N LYS A 268 17.72 20.24 21.61
CA LYS A 268 18.87 20.20 22.51
C LYS A 268 18.87 21.38 23.48
N ALA A 269 18.48 22.57 23.00
CA ALA A 269 18.35 23.70 23.90
C ALA A 269 17.30 23.43 24.97
N LEU A 270 16.21 22.77 24.59
CA LEU A 270 15.22 22.37 25.57
C LEU A 270 15.81 21.38 26.57
N LEU A 271 16.49 20.34 26.08
CA LEU A 271 17.05 19.33 26.96
C LEU A 271 18.09 19.93 27.89
N LYS A 272 18.77 21.00 27.46
CA LYS A 272 19.78 21.60 28.32
C LYS A 272 19.15 22.55 29.33
N GLN A 273 18.23 23.40 28.89
CA GLN A 273 17.50 24.25 29.83
C GLN A 273 16.75 23.42 30.87
N LEU A 274 16.46 22.16 30.53
CA LEU A 274 15.78 21.29 31.49
C LEU A 274 16.75 20.54 32.38
N GLU A 275 17.68 19.79 31.78
CA GLU A 275 18.51 18.85 32.53
C GLU A 275 19.39 19.58 33.54
N GLN A 276 19.51 20.90 33.43
CA GLN A 276 20.19 21.68 34.46
C GLN A 276 19.66 21.35 35.85
N ASP A 277 18.39 20.97 35.94
CA ASP A 277 17.82 20.38 37.15
C ASP A 277 17.31 18.99 36.77
N THR A 278 17.93 17.95 37.33
CA THR A 278 17.52 16.59 37.04
C THR A 278 16.16 16.24 37.63
N ASN A 279 15.76 16.90 38.72
CA ASN A 279 14.49 16.62 39.38
C ASN A 279 13.28 17.07 38.56
N SER A 280 13.48 17.78 37.47
CA SER A 280 12.37 18.21 36.64
C SER A 280 11.94 17.09 35.71
N ILE A 281 10.63 16.93 35.55
CA ILE A 281 10.05 15.82 34.82
C ILE A 281 9.31 16.34 33.60
N LEU A 282 9.50 15.67 32.47
CA LEU A 282 8.82 16.01 31.23
C LEU A 282 7.57 15.16 31.07
N PHE A 283 6.42 15.82 30.98
CA PHE A 283 5.19 15.17 30.54
C PHE A 283 4.94 15.53 29.09
N ILE A 284 4.77 14.53 28.25
CA ILE A 284 4.52 14.73 26.83
C ILE A 284 3.22 14.02 26.46
N ASP A 285 2.24 14.80 26.02
CA ASP A 285 1.01 14.23 25.51
C ASP A 285 1.28 13.52 24.19
N GLU A 286 0.53 12.45 23.96
CA GLU A 286 0.54 11.73 22.69
C GLU A 286 1.96 11.33 22.29
N ILE A 287 2.56 10.45 23.09
CA ILE A 287 3.88 9.96 22.73
C ILE A 287 3.69 8.80 21.77
N HIS A 288 3.38 9.12 20.52
CA HIS A 288 3.50 8.20 19.40
C HIS A 288 4.03 9.01 18.22
N THR A 289 3.98 10.33 18.36
CA THR A 289 4.34 11.26 17.29
C THR A 289 5.83 11.49 17.20
N ILE A 290 6.63 10.97 18.13
CA ILE A 290 8.07 11.17 18.11
C ILE A 290 8.77 10.14 17.25
N ILE A 291 8.02 9.36 16.47
CA ILE A 291 8.58 8.34 15.58
C ILE A 291 8.37 8.71 14.12
N GLY A 292 7.12 8.85 13.69
CA GLY A 292 6.81 9.18 12.31
C GLY A 292 7.26 10.57 11.89
N VAL A 301 13.76 15.88 10.71
CA VAL A 301 12.50 15.25 11.08
C VAL A 301 12.52 14.84 12.55
N ASP A 302 11.34 14.56 13.09
CA ASP A 302 11.23 14.14 14.48
C ASP A 302 11.86 12.76 14.66
N ALA A 303 12.49 12.55 15.82
CA ALA A 303 13.11 11.29 16.14
C ALA A 303 13.29 11.19 17.64
N ALA A 304 13.11 9.97 18.16
CA ALA A 304 13.38 9.71 19.56
C ALA A 304 14.78 9.16 19.80
N ASN A 305 15.56 8.94 18.73
CA ASN A 305 16.94 8.54 18.90
C ASN A 305 17.73 9.56 19.68
N LEU A 306 17.38 10.83 19.58
CA LEU A 306 18.04 11.88 20.36
C LEU A 306 17.71 11.78 21.84
N ILE A 307 16.63 11.10 22.21
CA ILE A 307 16.22 11.01 23.60
C ILE A 307 16.60 9.68 24.24
N LYS A 308 16.84 8.63 23.45
CA LYS A 308 17.19 7.32 24.00
C LYS A 308 18.34 7.35 24.99
N PRO A 309 19.50 7.94 24.70
CA PRO A 309 20.58 7.95 25.71
C PRO A 309 20.28 8.85 26.89
N LEU A 310 19.53 9.94 26.68
CA LEU A 310 19.16 10.79 27.80
C LEU A 310 18.25 10.09 28.79
N LEU A 311 17.48 9.09 28.32
CA LEU A 311 16.59 8.35 29.20
C LEU A 311 17.27 7.12 29.80
N SER A 312 18.01 6.36 28.99
CA SER A 312 18.69 5.18 29.51
C SER A 312 19.74 5.53 30.55
N SER A 313 20.28 6.75 30.50
CA SER A 313 21.23 7.21 31.50
C SER A 313 20.56 7.75 32.76
N GLY A 314 19.23 7.87 32.76
CA GLY A 314 18.53 8.41 33.90
C GLY A 314 18.64 9.90 34.07
N LYS A 315 19.19 10.62 33.10
CA LYS A 315 19.32 12.07 33.24
C LYS A 315 17.97 12.76 33.16
N ILE A 316 17.08 12.25 32.30
CA ILE A 316 15.79 12.88 32.05
C ILE A 316 14.68 11.95 32.53
N ARG A 317 13.85 12.45 33.44
CA ARG A 317 12.67 11.73 33.89
C ARG A 317 11.48 12.23 33.09
N VAL A 318 10.89 11.36 32.27
CA VAL A 318 9.85 11.74 31.34
C VAL A 318 8.64 10.85 31.55
N ILE A 319 7.44 11.43 31.52
CA ILE A 319 6.20 10.71 31.70
C ILE A 319 5.51 10.57 30.35
N GLY A 320 5.20 9.34 29.96
CA GLY A 320 4.57 9.07 28.70
C GLY A 320 3.05 8.92 28.83
N SER A 321 2.37 9.14 27.71
CA SER A 321 0.91 9.06 27.65
C SER A 321 0.50 8.83 26.22
N THR A 322 -0.27 7.77 25.97
CA THR A 322 -0.69 7.42 24.62
C THR A 322 -1.91 6.52 24.71
N THR A 323 -2.38 6.04 23.56
CA THR A 323 -3.49 5.12 23.47
C THR A 323 -2.97 3.71 23.23
N TYR A 324 -3.87 2.73 23.36
CA TYR A 324 -3.45 1.34 23.20
C TYR A 324 -3.08 1.02 21.76
N GLN A 325 -3.82 1.54 20.79
CA GLN A 325 -3.47 1.33 19.39
C GLN A 325 -2.15 2.01 19.04
N GLU A 326 -1.98 3.25 19.46
CA GLU A 326 -0.71 3.94 19.26
C GLU A 326 0.43 3.21 19.94
N PHE A 327 0.19 2.68 21.15
CA PHE A 327 1.24 1.92 21.84
C PHE A 327 1.60 0.66 21.07
N SER A 328 0.61 -0.06 20.55
CA SER A 328 0.88 -1.31 19.87
C SER A 328 1.55 -1.10 18.52
N ASN A 329 1.21 0.00 17.84
CA ASN A 329 1.73 0.19 16.49
C ASN A 329 3.04 0.99 16.46
N ILE A 330 3.19 1.97 17.34
CA ILE A 330 4.37 2.80 17.38
C ILE A 330 5.44 2.21 18.28
N PHE A 331 5.08 1.95 19.54
CA PHE A 331 5.96 1.18 20.41
C PHE A 331 5.75 -0.30 20.14
N GLU A 332 6.54 -1.13 20.84
CA GLU A 332 6.53 -2.58 20.68
C GLU A 332 7.15 -2.95 19.34
N LYS A 333 7.45 -1.94 18.51
CA LYS A 333 8.19 -2.17 17.28
C LYS A 333 9.64 -1.71 17.44
N ASP A 334 9.84 -0.58 18.10
CA ASP A 334 11.16 -0.15 18.52
C ASP A 334 11.35 -0.59 19.97
N ARG A 335 12.15 -1.63 20.17
CA ARG A 335 12.29 -2.20 21.50
C ARG A 335 13.03 -1.29 22.47
N ALA A 336 13.87 -0.39 21.95
CA ALA A 336 14.65 0.48 22.83
C ALA A 336 13.74 1.37 23.68
N LEU A 337 12.83 2.11 23.05
CA LEU A 337 11.90 2.90 23.84
C LEU A 337 10.88 2.01 24.56
N ALA A 338 10.62 0.82 24.01
CA ALA A 338 9.73 -0.10 24.70
C ALA A 338 10.25 -0.45 26.09
N ARG A 339 11.57 -0.63 26.21
CA ARG A 339 12.16 -0.90 27.51
C ARG A 339 12.50 0.37 28.27
N ARG A 340 12.69 1.49 27.58
CA ARG A 340 12.97 2.75 28.26
C ARG A 340 11.79 3.19 29.13
N PHE A 341 10.58 2.93 28.69
CA PHE A 341 9.38 3.37 29.37
C PHE A 341 8.72 2.21 30.11
N GLN A 342 8.13 2.52 31.26
CA GLN A 342 7.42 1.55 32.07
C GLN A 342 5.92 1.75 31.86
N LYS A 343 5.26 0.74 31.30
CA LYS A 343 3.87 0.87 30.91
C LYS A 343 2.97 0.91 32.14
N ILE A 344 2.02 1.85 32.14
CA ILE A 344 1.05 2.01 33.21
C ILE A 344 -0.33 2.12 32.59
N ASP A 345 -1.27 1.32 33.07
CA ASP A 345 -2.59 1.23 32.46
C ASP A 345 -3.53 2.27 33.07
N ILE A 346 -4.25 2.97 32.21
CA ILE A 346 -5.31 3.89 32.63
C ILE A 346 -6.63 3.24 32.22
N THR A 347 -7.43 2.86 33.21
CA THR A 347 -8.69 2.18 32.98
C THR A 347 -9.85 3.16 33.11
N GLU A 348 -10.93 2.85 32.39
CA GLU A 348 -12.12 3.67 32.47
C GLU A 348 -12.82 3.46 33.81
N PRO A 349 -13.14 4.53 34.52
CA PRO A 349 -13.68 4.37 35.87
C PRO A 349 -15.06 3.73 35.87
N SER A 350 -15.47 3.27 37.04
CA SER A 350 -16.77 2.64 37.20
C SER A 350 -17.86 3.70 37.19
N ILE A 351 -19.11 3.24 37.08
CA ILE A 351 -20.24 4.15 37.22
C ILE A 351 -20.17 4.86 38.57
N GLU A 352 -19.93 4.10 39.64
CA GLU A 352 -19.79 4.71 40.96
C GLU A 352 -18.55 5.57 41.03
N GLU A 353 -17.43 5.10 40.45
CA GLU A 353 -16.23 5.92 40.42
C GLU A 353 -16.48 7.22 39.65
N THR A 354 -17.27 7.15 38.58
CA THR A 354 -17.52 8.35 37.79
C THR A 354 -18.44 9.31 38.52
N VAL A 355 -19.47 8.80 39.20
CA VAL A 355 -20.34 9.69 39.96
C VAL A 355 -19.58 10.29 41.13
N GLN A 356 -18.59 9.57 41.66
CA GLN A 356 -17.77 10.16 42.72
C GLN A 356 -16.86 11.24 42.16
N ILE A 357 -16.25 10.98 41.00
CA ILE A 357 -15.46 12.01 40.33
C ILE A 357 -16.31 13.25 40.09
N ILE A 358 -17.53 13.05 39.63
CA ILE A 358 -18.41 14.18 39.33
C ILE A 358 -18.85 14.87 40.62
N ASN A 359 -19.02 14.11 41.70
CA ASN A 359 -19.41 14.72 42.96
C ASN A 359 -18.27 15.58 43.51
N GLY A 360 -17.03 15.17 43.27
CA GLY A 360 -15.90 15.99 43.69
C GLY A 360 -15.65 17.14 42.75
N LEU A 361 -16.06 17.02 41.49
CA LEU A 361 -15.79 18.04 40.50
C LEU A 361 -16.91 19.09 40.44
N LYS A 362 -18.10 18.73 40.91
CA LYS A 362 -19.30 19.55 40.70
C LYS A 362 -19.24 20.97 41.26
N PRO A 363 -18.66 21.24 42.44
CA PRO A 363 -18.63 22.63 42.92
C PRO A 363 -18.05 23.61 41.93
N LYS A 364 -17.09 23.19 41.10
CA LYS A 364 -16.55 24.10 40.08
C LYS A 364 -17.63 24.51 39.08
N TYR A 365 -18.35 23.54 38.51
CA TYR A 365 -19.39 23.87 37.56
C TYR A 365 -20.56 24.57 38.23
N GLU A 366 -20.77 24.32 39.52
CA GLU A 366 -21.84 25.00 40.24
C GLU A 366 -21.49 26.47 40.45
N ALA A 367 -20.23 26.77 40.76
CA ALA A 367 -19.80 28.16 40.85
C ALA A 367 -19.78 28.81 39.48
N HIS A 368 -19.49 28.04 38.44
CA HIS A 368 -19.45 28.61 37.09
C HIS A 368 -20.84 28.96 36.59
N HIS A 369 -21.72 27.97 36.48
CA HIS A 369 -23.06 28.17 35.96
C HIS A 369 -24.04 28.72 36.98
N ASP A 370 -23.66 28.77 38.26
CA ASP A 370 -24.54 29.24 39.33
C ASP A 370 -25.85 28.44 39.37
N VAL A 371 -25.73 27.13 39.20
CA VAL A 371 -26.88 26.23 39.24
C VAL A 371 -26.57 25.10 40.22
N ARG A 372 -27.60 24.30 40.49
CA ARG A 372 -27.49 23.17 41.41
C ARG A 372 -27.85 21.89 40.67
N TYR A 373 -26.97 20.90 40.77
CA TYR A 373 -27.24 19.58 40.23
C TYR A 373 -27.59 18.63 41.37
N THR A 374 -28.80 18.09 41.32
CA THR A 374 -29.16 17.05 42.27
C THR A 374 -28.33 15.80 42.02
N ALA A 375 -28.09 15.04 43.09
CA ALA A 375 -27.35 13.79 42.95
C ALA A 375 -28.05 12.85 41.97
N LYS A 376 -29.38 12.86 41.97
CA LYS A 376 -30.12 12.08 40.99
C LYS A 376 -29.84 12.57 39.58
N ALA A 377 -29.69 13.89 39.40
CA ALA A 377 -29.35 14.41 38.08
C ALA A 377 -27.98 13.92 37.64
N VAL A 378 -27.02 13.85 38.56
CA VAL A 378 -25.69 13.36 38.22
C VAL A 378 -25.74 11.89 37.85
N ARG A 379 -26.44 11.08 38.65
CA ARG A 379 -26.56 9.66 38.35
C ARG A 379 -27.25 9.44 37.01
N ALA A 380 -28.28 10.24 36.73
CA ALA A 380 -28.96 10.15 35.45
C ALA A 380 -28.01 10.52 34.31
N ALA A 381 -27.23 11.58 34.48
CA ALA A 381 -26.24 11.94 33.47
C ALA A 381 -25.33 10.76 33.16
N VAL A 382 -24.74 10.16 34.19
CA VAL A 382 -23.82 9.05 34.00
C VAL A 382 -24.51 7.88 33.29
N GLU A 383 -25.66 7.46 33.81
CA GLU A 383 -26.30 6.25 33.30
C GLU A 383 -26.86 6.45 31.88
N LEU A 384 -27.48 7.60 31.63
CA LEU A 384 -27.99 7.85 30.29
C LEU A 384 -26.84 8.01 29.30
N ALA A 385 -25.72 8.63 29.72
CA ALA A 385 -24.58 8.76 28.82
C ALA A 385 -24.01 7.40 28.46
N VAL A 386 -23.89 6.50 29.43
CA VAL A 386 -23.39 5.16 29.08
C VAL A 386 -24.42 4.42 28.24
N LYS A 387 -25.71 4.70 28.44
CA LYS A 387 -26.74 3.97 27.71
C LYS A 387 -26.79 4.39 26.24
N TYR A 388 -26.75 5.69 25.95
CA TYR A 388 -27.01 6.18 24.61
C TYR A 388 -25.80 6.75 23.89
N ILE A 389 -24.74 7.12 24.62
CA ILE A 389 -23.51 7.61 24.02
C ILE A 389 -22.47 6.51 24.15
N ASN A 390 -22.19 5.82 23.03
CA ASN A 390 -21.25 4.72 23.02
C ASN A 390 -20.03 4.98 22.15
N ASP A 391 -19.83 6.23 21.71
CA ASP A 391 -18.69 6.55 20.87
C ASP A 391 -17.49 7.03 21.67
N ARG A 392 -17.72 7.64 22.83
CA ARG A 392 -16.63 8.14 23.66
C ARG A 392 -16.63 7.42 24.99
N HIS A 393 -15.70 7.81 25.86
CA HIS A 393 -15.53 7.13 27.13
C HIS A 393 -16.10 7.96 28.27
N LEU A 394 -16.45 7.27 29.35
CA LEU A 394 -17.31 7.83 30.39
C LEU A 394 -16.75 9.05 31.10
N PRO A 395 -15.56 9.01 31.71
CA PRO A 395 -15.14 10.13 32.57
C PRO A 395 -15.01 11.45 31.84
N ASP A 396 -15.18 11.46 30.51
CA ASP A 396 -15.16 12.70 29.75
C ASP A 396 -16.48 13.00 29.07
N LYS A 397 -17.18 11.98 28.57
CA LYS A 397 -18.49 12.23 27.99
C LYS A 397 -19.50 12.64 29.07
N ALA A 398 -19.40 12.07 30.27
CA ALA A 398 -20.23 12.55 31.38
C ALA A 398 -19.94 14.00 31.72
N ILE A 399 -18.67 14.41 31.67
CA ILE A 399 -18.33 15.79 31.96
C ILE A 399 -18.85 16.72 30.86
N ASP A 400 -18.75 16.29 29.60
CA ASP A 400 -19.33 17.09 28.52
C ASP A 400 -20.83 17.22 28.68
N VAL A 401 -21.49 16.14 29.10
CA VAL A 401 -22.94 16.19 29.31
C VAL A 401 -23.29 17.14 30.44
N ILE A 402 -22.58 17.05 31.56
CA ILE A 402 -22.87 17.95 32.67
C ILE A 402 -22.56 19.40 32.29
N ASP A 403 -21.57 19.61 31.42
CA ASP A 403 -21.26 20.99 31.00
C ASP A 403 -22.36 21.54 30.09
N GLU A 404 -22.86 20.72 29.16
CA GLU A 404 -23.96 21.19 28.32
C GLU A 404 -25.23 21.40 29.14
N ALA A 405 -25.44 20.58 30.17
CA ALA A 405 -26.57 20.80 31.06
C ALA A 405 -26.43 22.11 31.82
N GLY A 406 -25.23 22.39 32.32
CA GLY A 406 -25.00 23.68 32.95
C GLY A 406 -25.18 24.83 32.00
N ALA A 407 -24.82 24.63 30.73
CA ALA A 407 -25.02 25.68 29.73
C ALA A 407 -26.50 25.92 29.47
N ARG A 408 -27.29 24.85 29.39
CA ARG A 408 -28.73 25.01 29.20
C ARG A 408 -29.37 25.68 30.42
N ALA A 409 -28.91 25.32 31.62
CA ALA A 409 -29.44 25.95 32.82
C ALA A 409 -28.87 27.34 33.03
N ARG A 410 -27.85 27.72 32.25
CA ARG A 410 -27.41 29.10 32.19
C ARG A 410 -28.23 29.88 31.18
N LEU A 411 -28.74 29.20 30.17
CA LEU A 411 -29.64 29.83 29.20
C LEU A 411 -31.03 30.04 29.76
N MET A 412 -31.48 29.15 30.64
CA MET A 412 -32.81 29.27 31.22
C MET A 412 -33.06 30.58 31.97
N PRO A 413 -32.08 31.17 32.72
CA PRO A 413 -32.36 32.42 33.45
C PRO A 413 -32.94 33.55 32.61
N VAL A 414 -32.90 33.45 31.28
CA VAL A 414 -33.69 34.37 30.47
C VAL A 414 -35.16 34.22 30.79
N SER A 415 -35.57 33.08 31.33
CA SER A 415 -36.89 32.89 31.90
C SER A 415 -36.85 32.79 33.42
N LYS A 416 -35.67 32.97 34.02
CA LYS A 416 -35.49 32.93 35.48
C LYS A 416 -35.96 31.60 36.06
N ARG A 417 -35.41 30.51 35.55
CA ARG A 417 -35.73 29.19 36.08
C ARG A 417 -34.81 28.85 37.25
N LYS A 418 -35.18 27.80 37.97
CA LYS A 418 -34.48 27.44 39.20
C LYS A 418 -33.06 26.99 38.90
N LYS A 419 -32.19 27.16 39.90
CA LYS A 419 -30.81 26.70 39.76
C LYS A 419 -30.76 25.17 39.78
N THR A 420 -31.70 24.54 40.45
CA THR A 420 -31.73 23.08 40.52
C THR A 420 -31.92 22.50 39.12
N VAL A 421 -30.89 21.82 38.62
CA VAL A 421 -30.93 21.19 37.31
C VAL A 421 -31.54 19.81 37.47
N ASN A 422 -32.72 19.62 36.87
CA ASN A 422 -33.47 18.39 37.03
C ASN A 422 -33.00 17.35 36.01
N VAL A 423 -33.60 16.15 36.09
CA VAL A 423 -33.23 15.07 35.19
C VAL A 423 -33.69 15.35 33.78
N ALA A 424 -34.74 16.17 33.63
CA ALA A 424 -35.25 16.48 32.30
C ALA A 424 -34.22 17.22 31.46
N ASP A 425 -33.50 18.17 32.07
CA ASP A 425 -32.42 18.84 31.35
C ASP A 425 -31.36 17.84 30.90
N ILE A 426 -31.03 16.88 31.76
CA ILE A 426 -30.06 15.85 31.40
C ILE A 426 -30.55 15.04 30.20
N GLU A 427 -31.83 14.66 30.21
CA GLU A 427 -32.37 13.89 29.10
C GLU A 427 -32.32 14.69 27.81
N SER A 428 -32.70 15.96 27.86
CA SER A 428 -32.61 16.80 26.68
C SER A 428 -31.18 16.90 26.17
N VAL A 429 -30.22 17.13 27.06
CA VAL A 429 -28.82 17.24 26.66
C VAL A 429 -28.35 15.96 25.98
N VAL A 430 -28.63 14.82 26.61
CA VAL A 430 -28.15 13.55 26.07
C VAL A 430 -28.80 13.26 24.72
N ALA A 431 -30.11 13.50 24.60
CA ALA A 431 -30.77 13.28 23.31
C ALA A 431 -30.21 14.20 22.24
N ARG A 432 -29.83 15.43 22.63
CA ARG A 432 -29.19 16.33 21.67
C ARG A 432 -27.84 15.79 21.23
N ILE A 433 -27.06 15.25 22.16
CA ILE A 433 -25.73 14.76 21.82
C ILE A 433 -25.81 13.46 21.03
N ALA A 434 -26.68 12.55 21.45
CA ALA A 434 -26.81 11.26 20.78
C ALA A 434 -27.62 11.33 19.50
N ARG A 435 -28.21 12.48 19.18
CA ARG A 435 -28.99 12.67 17.96
C ARG A 435 -30.15 11.68 17.88
N ILE A 436 -31.02 11.73 18.87
CA ILE A 436 -32.16 10.84 18.95
C ILE A 436 -33.38 11.68 19.29
N PRO A 437 -34.58 11.17 19.01
CA PRO A 437 -35.80 11.89 19.39
C PRO A 437 -35.86 12.15 20.89
N GLU A 438 -36.33 13.34 21.25
CA GLU A 438 -36.34 13.75 22.64
C GLU A 438 -37.41 12.99 23.43
N LYS A 439 -37.10 12.67 24.68
CA LYS A 439 -37.98 12.00 25.62
C LYS A 439 -38.38 10.60 25.18
N SER A 440 -37.82 10.10 24.08
CA SER A 440 -37.99 8.70 23.72
C SER A 440 -37.20 7.78 24.63
N VAL A 441 -36.58 8.30 25.68
CA VAL A 441 -35.63 7.52 26.46
C VAL A 441 -36.07 7.29 27.90
N SER A 442 -36.70 8.27 28.55
CA SER A 442 -36.79 8.20 30.01
C SER A 442 -38.20 8.07 30.58
N GLN A 443 -39.09 9.03 30.30
CA GLN A 443 -40.31 9.14 31.10
C GLN A 443 -41.58 9.23 30.26
N SER A 444 -41.52 9.80 29.05
CA SER A 444 -42.66 9.71 28.15
C SER A 444 -42.93 8.29 27.69
N ASP A 445 -41.99 7.37 27.96
CA ASP A 445 -42.18 5.97 27.60
C ASP A 445 -43.39 5.36 28.30
N ARG A 446 -43.75 5.88 29.47
CA ARG A 446 -44.91 5.35 30.19
C ARG A 446 -46.18 5.50 29.37
N ASP A 447 -46.56 6.73 29.06
CA ASP A 447 -47.70 6.96 28.18
C ASP A 447 -47.48 6.39 26.79
N THR A 448 -46.22 6.35 26.33
CA THR A 448 -45.93 5.76 25.03
C THR A 448 -46.40 4.31 24.97
N LEU A 449 -45.90 3.46 25.87
CA LEU A 449 -46.34 2.07 25.91
C LEU A 449 -47.80 1.97 26.32
N LYS A 450 -48.30 2.95 27.07
CA LYS A 450 -49.71 2.95 27.46
C LYS A 450 -50.62 2.92 26.24
N ASN A 451 -50.40 3.85 25.30
CA ASN A 451 -51.18 3.91 24.07
C ASN A 451 -50.45 3.28 22.90
N LEU A 452 -49.35 2.56 23.15
CA LEU A 452 -48.66 1.88 22.08
C LEU A 452 -49.56 0.84 21.42
N GLY A 453 -50.25 0.04 22.24
CA GLY A 453 -51.20 -0.91 21.70
C GLY A 453 -52.22 -0.24 20.78
N ASP A 454 -52.79 0.88 21.24
CA ASP A 454 -53.79 1.57 20.43
C ASP A 454 -53.17 2.20 19.19
N ARG A 455 -52.04 2.88 19.35
CA ARG A 455 -51.42 3.56 18.22
C ARG A 455 -51.03 2.56 17.12
N LEU A 456 -50.45 1.43 17.50
CA LEU A 456 -50.23 0.37 16.53
C LEU A 456 -51.55 -0.16 15.98
N LYS A 457 -52.56 -0.26 16.84
CA LYS A 457 -53.86 -0.76 16.40
C LYS A 457 -54.53 0.21 15.43
N MET A 458 -54.39 1.51 15.65
CA MET A 458 -55.01 2.49 14.77
C MET A 458 -54.23 2.69 13.47
N LEU A 459 -53.03 2.12 13.36
CA LEU A 459 -52.26 2.15 12.13
C LEU A 459 -52.11 0.78 11.49
N VAL A 460 -52.02 -0.27 12.31
CA VAL A 460 -52.07 -1.66 11.84
C VAL A 460 -53.35 -2.28 12.38
N PHE A 461 -54.21 -2.73 11.48
CA PHE A 461 -55.52 -3.25 11.85
C PHE A 461 -55.51 -4.77 11.75
N GLY A 462 -56.31 -5.42 12.60
CA GLY A 462 -56.28 -6.86 12.72
C GLY A 462 -55.02 -7.33 13.42
N GLN A 463 -55.05 -8.61 13.80
CA GLN A 463 -53.95 -9.20 14.58
C GLN A 463 -53.68 -8.39 15.84
N ASP A 464 -54.74 -7.75 16.35
CA ASP A 464 -54.57 -6.83 17.47
C ASP A 464 -54.22 -7.55 18.75
N LYS A 465 -54.58 -8.84 18.87
CA LYS A 465 -54.11 -9.64 20.00
C LYS A 465 -52.58 -9.81 19.96
N ALA A 466 -52.03 -10.05 18.78
CA ALA A 466 -50.59 -10.15 18.64
C ALA A 466 -49.92 -8.82 18.92
N ILE A 467 -50.54 -7.73 18.47
CA ILE A 467 -50.05 -6.39 18.80
C ILE A 467 -50.01 -6.20 20.31
N GLU A 468 -51.07 -6.64 20.99
CA GLU A 468 -51.11 -6.53 22.44
C GLU A 468 -49.99 -7.34 23.10
N ALA A 469 -49.77 -8.57 22.64
CA ALA A 469 -48.73 -9.40 23.22
C ALA A 469 -47.34 -8.79 23.01
N LEU A 470 -47.07 -8.32 21.80
CA LEU A 470 -45.80 -7.65 21.53
C LEU A 470 -45.62 -6.41 22.39
N THR A 471 -46.70 -5.64 22.57
CA THR A 471 -46.63 -4.47 23.43
C THR A 471 -46.33 -4.86 24.87
N GLU A 472 -46.94 -5.94 25.35
CA GLU A 472 -46.66 -6.41 26.70
C GLU A 472 -45.20 -6.82 26.85
N ALA A 473 -44.65 -7.45 25.82
CA ALA A 473 -43.24 -7.84 25.89
C ALA A 473 -42.32 -6.62 25.91
N ILE A 474 -42.61 -5.63 25.07
CA ILE A 474 -41.80 -4.41 25.09
C ILE A 474 -41.96 -3.71 26.43
N LYS A 475 -43.14 -3.80 27.04
CA LYS A 475 -43.34 -3.27 28.37
C LYS A 475 -42.42 -3.93 29.38
N MET A 476 -42.50 -5.25 29.48
CA MET A 476 -41.63 -5.98 30.41
C MET A 476 -40.16 -5.72 30.12
N ALA A 477 -39.84 -5.35 28.88
CA ALA A 477 -38.49 -4.90 28.59
C ALA A 477 -38.20 -3.55 29.25
N ARG A 478 -39.03 -2.55 28.95
CA ARG A 478 -38.83 -1.23 29.55
C ARG A 478 -39.02 -1.26 31.06
N ALA A 479 -39.73 -2.25 31.58
CA ALA A 479 -39.93 -2.38 33.01
C ALA A 479 -38.64 -2.71 33.76
N GLY A 480 -37.55 -2.98 33.06
CA GLY A 480 -36.31 -3.33 33.72
C GLY A 480 -36.21 -4.77 34.13
N LEU A 481 -36.80 -5.68 33.36
CA LEU A 481 -36.79 -7.10 33.67
C LEU A 481 -35.95 -7.92 32.71
N GLY A 482 -35.14 -7.26 31.88
CA GLY A 482 -34.26 -7.94 30.96
C GLY A 482 -32.95 -8.36 31.61
N HIS A 483 -31.94 -8.55 30.78
CA HIS A 483 -30.62 -8.96 31.24
C HIS A 483 -29.56 -8.04 30.66
N GLU A 484 -28.41 -8.02 31.35
CA GLU A 484 -27.22 -7.41 30.78
C GLU A 484 -26.50 -8.36 29.83
N HIS A 485 -27.09 -9.53 29.56
CA HIS A 485 -26.53 -10.53 28.66
C HIS A 485 -27.60 -11.07 27.73
N LYS A 486 -28.61 -10.27 27.43
CA LYS A 486 -29.70 -10.67 26.56
C LYS A 486 -30.14 -9.47 25.73
N PRO A 487 -30.65 -9.71 24.53
CA PRO A 487 -31.29 -8.62 23.78
C PRO A 487 -32.55 -8.16 24.49
N VAL A 488 -33.08 -7.03 24.04
CA VAL A 488 -34.34 -6.53 24.59
C VAL A 488 -35.44 -7.56 24.38
N GLY A 489 -35.59 -8.05 23.16
CA GLY A 489 -36.58 -9.06 22.85
C GLY A 489 -36.26 -9.71 21.53
N SER A 490 -36.61 -11.00 21.44
CA SER A 490 -36.42 -11.77 20.22
C SER A 490 -37.76 -12.36 19.84
N PHE A 491 -38.41 -11.78 18.83
CA PHE A 491 -39.74 -12.17 18.44
C PHE A 491 -39.75 -12.73 17.03
N LEU A 492 -40.40 -13.88 16.86
CA LEU A 492 -40.66 -14.44 15.55
C LEU A 492 -42.09 -14.09 15.16
N PHE A 493 -42.24 -13.45 14.00
CA PHE A 493 -43.55 -13.03 13.50
C PHE A 493 -44.04 -14.09 12.52
N ALA A 494 -44.89 -14.99 13.01
CA ALA A 494 -45.40 -16.09 12.21
C ALA A 494 -46.71 -15.69 11.54
N GLY A 495 -46.79 -15.92 10.24
CA GLY A 495 -47.98 -15.61 9.49
C GLY A 495 -47.68 -15.37 8.02
N PRO A 496 -48.72 -15.44 7.18
CA PRO A 496 -48.53 -15.19 5.75
C PRO A 496 -48.20 -13.73 5.49
N THR A 497 -47.71 -13.45 4.29
CA THR A 497 -47.26 -12.12 3.93
C THR A 497 -48.45 -11.16 3.82
N GLY A 498 -48.12 -9.87 3.75
CA GLY A 498 -49.13 -8.86 3.52
C GLY A 498 -50.11 -8.65 4.65
N VAL A 499 -49.67 -8.81 5.90
CA VAL A 499 -50.54 -8.65 7.05
C VAL A 499 -50.05 -7.53 7.98
N GLY A 500 -48.91 -6.93 7.67
CA GLY A 500 -48.47 -5.77 8.42
C GLY A 500 -47.30 -5.98 9.37
N LYS A 501 -46.66 -7.15 9.35
CA LYS A 501 -45.48 -7.37 10.18
C LYS A 501 -44.42 -6.32 9.90
N THR A 502 -44.08 -6.13 8.62
CA THR A 502 -43.22 -5.01 8.26
C THR A 502 -43.83 -3.69 8.70
N GLU A 503 -45.15 -3.54 8.54
CA GLU A 503 -45.79 -2.28 8.89
C GLU A 503 -45.78 -2.06 10.40
N VAL A 504 -46.08 -3.11 11.19
CA VAL A 504 -46.08 -2.93 12.63
C VAL A 504 -44.67 -2.67 13.14
N THR A 505 -43.67 -3.29 12.50
CA THR A 505 -42.29 -3.02 12.91
C THR A 505 -41.89 -1.59 12.58
N VAL A 506 -42.29 -1.10 11.41
CA VAL A 506 -41.99 0.28 11.04
C VAL A 506 -42.65 1.24 12.03
N GLN A 507 -43.93 1.01 12.33
CA GLN A 507 -44.63 1.90 13.25
C GLN A 507 -44.10 1.79 14.67
N LEU A 508 -43.55 0.64 15.04
CA LEU A 508 -42.97 0.49 16.37
C LEU A 508 -41.65 1.25 16.46
N SER A 509 -40.81 1.13 15.42
CA SER A 509 -39.61 1.94 15.35
C SER A 509 -39.95 3.43 15.37
N LYS A 510 -41.04 3.82 14.72
CA LYS A 510 -41.46 5.21 14.74
C LYS A 510 -41.90 5.63 16.13
N ALA A 511 -42.63 4.76 16.83
CA ALA A 511 -43.20 5.12 18.12
C ALA A 511 -42.11 5.32 19.17
N LEU A 512 -41.05 4.54 19.10
CA LEU A 512 -39.97 4.63 20.08
C LEU A 512 -38.86 5.57 19.67
N GLY A 513 -38.94 6.15 18.46
CA GLY A 513 -37.90 7.03 18.01
C GLY A 513 -36.55 6.37 17.83
N ILE A 514 -36.52 5.18 17.24
CA ILE A 514 -35.28 4.46 17.01
C ILE A 514 -35.24 4.01 15.55
N GLU A 515 -34.08 3.51 15.15
CA GLU A 515 -33.87 3.16 13.75
C GLU A 515 -34.37 1.75 13.47
N LEU A 516 -34.57 1.46 12.19
CA LEU A 516 -34.96 0.13 11.73
C LEU A 516 -33.84 -0.45 10.89
N LEU A 517 -33.29 -1.56 11.33
CA LEU A 517 -32.26 -2.29 10.59
C LEU A 517 -32.95 -3.33 9.72
N ARG A 518 -32.83 -3.17 8.40
CA ARG A 518 -33.56 -3.98 7.44
C ARG A 518 -32.60 -4.98 6.83
N PHE A 519 -32.96 -6.26 6.86
CA PHE A 519 -32.13 -7.33 6.34
C PHE A 519 -32.97 -8.40 5.68
N ASP A 520 -32.53 -8.85 4.51
CA ASP A 520 -33.17 -9.93 3.77
C ASP A 520 -32.35 -11.19 3.96
N MET A 521 -32.87 -12.12 4.76
CA MET A 521 -32.13 -13.35 5.01
C MET A 521 -32.11 -14.27 3.80
N SER A 522 -32.90 -13.97 2.76
CA SER A 522 -32.76 -14.71 1.51
C SER A 522 -31.43 -14.40 0.84
N GLU A 523 -30.85 -13.23 1.11
CA GLU A 523 -29.52 -12.90 0.61
C GLU A 523 -28.44 -13.80 1.20
N TYR A 524 -28.66 -14.32 2.41
CA TYR A 524 -27.64 -15.07 3.12
C TYR A 524 -27.99 -16.56 3.21
N MET A 525 -28.59 -17.10 2.15
CA MET A 525 -28.84 -18.53 2.11
C MET A 525 -27.54 -19.31 1.96
N GLU A 526 -26.47 -18.65 1.51
CA GLU A 526 -25.20 -19.31 1.23
C GLU A 526 -24.21 -19.09 2.36
N ARG A 527 -23.18 -19.95 2.39
CA ARG A 527 -22.27 -19.99 3.52
C ARG A 527 -21.36 -18.77 3.56
N HIS A 528 -20.72 -18.45 2.44
CA HIS A 528 -19.73 -17.38 2.40
C HIS A 528 -20.30 -16.01 2.78
N THR A 529 -21.62 -15.87 2.85
CA THR A 529 -22.26 -14.61 3.19
C THR A 529 -22.27 -14.32 4.68
N VAL A 530 -22.07 -15.35 5.53
CA VAL A 530 -21.93 -15.08 6.96
C VAL A 530 -20.72 -14.19 7.20
N SER A 531 -19.72 -14.26 6.32
CA SER A 531 -18.59 -13.35 6.39
C SER A 531 -19.00 -11.93 6.02
N ARG A 532 -19.88 -11.75 5.04
CA ARG A 532 -20.41 -10.43 4.76
C ARG A 532 -21.20 -9.90 5.95
N LEU A 533 -21.84 -10.79 6.70
CA LEU A 533 -22.58 -10.37 7.87
C LEU A 533 -21.66 -9.87 8.98
N ILE A 534 -20.56 -10.58 9.23
CA ILE A 534 -19.69 -10.29 10.36
C ILE A 534 -18.43 -9.56 9.94
N GLY A 535 -17.84 -9.95 8.81
CA GLY A 535 -16.58 -9.37 8.39
C GLY A 535 -15.56 -10.45 8.08
N ALA A 536 -14.91 -10.34 6.92
CA ALA A 536 -13.97 -11.36 6.51
C ALA A 536 -12.78 -11.41 7.46
N PRO A 537 -12.13 -12.57 7.59
CA PRO A 537 -10.95 -12.65 8.43
C PRO A 537 -9.85 -11.76 7.87
N PRO A 538 -8.96 -11.28 8.71
CA PRO A 538 -7.86 -10.42 8.23
C PRO A 538 -7.05 -11.13 7.14
N GLY A 539 -6.69 -10.37 6.12
CA GLY A 539 -5.95 -10.90 5.00
C GLY A 539 -6.80 -11.41 3.86
N TYR A 540 -8.10 -11.51 4.04
CA TYR A 540 -8.98 -12.10 3.03
C TYR A 540 -9.80 -11.03 2.33
N VAL A 541 -10.45 -11.45 1.24
CA VAL A 541 -11.18 -10.51 0.39
C VAL A 541 -12.31 -9.88 1.18
N GLY A 542 -12.45 -8.56 1.06
CA GLY A 542 -13.53 -7.84 1.71
C GLY A 542 -13.37 -7.64 3.20
N PHE A 543 -12.19 -7.91 3.77
CA PHE A 543 -12.01 -7.71 5.20
C PHE A 543 -12.24 -6.25 5.57
N ASP A 544 -11.75 -5.32 4.75
CA ASP A 544 -11.85 -3.91 5.08
C ASP A 544 -13.29 -3.40 5.04
N GLN A 545 -14.19 -4.08 4.33
CA GLN A 545 -15.58 -3.67 4.28
C GLN A 545 -16.29 -3.77 5.62
N GLY A 546 -15.78 -4.60 6.53
CA GLY A 546 -16.49 -4.90 7.74
C GLY A 546 -17.70 -5.76 7.47
N GLY A 547 -18.41 -6.10 8.53
CA GLY A 547 -19.62 -6.87 8.39
C GLY A 547 -20.83 -6.00 8.15
N LEU A 548 -21.78 -6.54 7.38
CA LEU A 548 -23.01 -5.80 7.12
C LEU A 548 -23.89 -5.70 8.35
N LEU A 549 -23.82 -6.68 9.25
CA LEU A 549 -24.65 -6.73 10.44
C LEU A 549 -24.05 -6.00 11.62
N THR A 550 -22.74 -6.14 11.83
CA THR A 550 -22.11 -5.60 13.04
C THR A 550 -21.99 -4.09 13.02
N ASP A 551 -21.63 -3.49 11.87
CA ASP A 551 -21.44 -2.05 11.82
C ASP A 551 -22.74 -1.31 12.08
N ALA A 552 -23.85 -1.78 11.50
CA ALA A 552 -25.13 -1.11 11.69
C ALA A 552 -25.56 -1.15 13.15
N VAL A 553 -25.30 -2.27 13.83
CA VAL A 553 -25.61 -2.34 15.25
C VAL A 553 -24.69 -1.44 16.05
N ILE A 554 -23.43 -1.32 15.64
CA ILE A 554 -22.49 -0.48 16.38
C ILE A 554 -22.91 0.97 16.29
N LYS A 555 -23.26 1.44 15.10
CA LYS A 555 -23.61 2.85 14.95
C LYS A 555 -25.04 3.16 15.40
N HIS A 556 -25.86 2.13 15.61
CA HIS A 556 -27.22 2.30 16.10
C HIS A 556 -27.50 1.23 17.15
N PRO A 557 -27.01 1.43 18.38
CA PRO A 557 -27.15 0.40 19.40
C PRO A 557 -28.57 0.21 19.92
N HIS A 558 -29.50 1.10 19.59
CA HIS A 558 -30.85 1.05 20.14
C HIS A 558 -31.90 0.71 19.10
N ALA A 559 -31.49 0.33 17.89
CA ALA A 559 -32.44 0.24 16.79
C ALA A 559 -33.25 -1.05 16.85
N VAL A 560 -34.28 -1.10 16.01
CA VAL A 560 -35.06 -2.31 15.78
C VAL A 560 -34.37 -3.13 14.71
N LEU A 561 -34.31 -4.44 14.91
CA LEU A 561 -33.65 -5.33 13.98
C LEU A 561 -34.71 -6.20 13.30
N LEU A 562 -34.79 -6.10 11.98
CA LEU A 562 -35.74 -6.86 11.19
C LEU A 562 -34.99 -7.76 10.23
N LEU A 563 -35.23 -9.06 10.31
CA LEU A 563 -34.63 -10.05 9.43
C LEU A 563 -35.75 -10.78 8.70
N ASP A 564 -35.84 -10.56 7.39
CA ASP A 564 -36.93 -11.12 6.61
C ASP A 564 -36.63 -12.54 6.15
N GLU A 565 -37.63 -13.40 6.27
CA GLU A 565 -37.57 -14.79 5.81
C GLU A 565 -36.35 -15.51 6.35
N ILE A 566 -36.27 -15.54 7.68
CA ILE A 566 -35.12 -16.17 8.33
C ILE A 566 -35.11 -17.68 8.11
N GLU A 567 -36.25 -18.27 7.77
CA GLU A 567 -36.28 -19.69 7.46
C GLU A 567 -35.52 -20.02 6.18
N LYS A 568 -35.17 -19.01 5.38
CA LYS A 568 -34.34 -19.20 4.19
C LYS A 568 -32.89 -18.82 4.42
N ALA A 569 -32.47 -18.64 5.67
CA ALA A 569 -31.10 -18.29 5.96
C ALA A 569 -30.24 -19.54 6.11
N HIS A 570 -28.94 -19.36 5.93
CA HIS A 570 -28.01 -20.48 6.08
C HIS A 570 -27.85 -20.82 7.56
N PRO A 571 -27.73 -22.11 7.90
CA PRO A 571 -27.62 -22.50 9.31
C PRO A 571 -26.53 -21.77 10.07
N ASP A 572 -25.48 -21.30 9.40
CA ASP A 572 -24.47 -20.51 10.10
C ASP A 572 -25.03 -19.16 10.54
N VAL A 573 -25.90 -18.56 9.73
CA VAL A 573 -26.61 -17.37 10.17
C VAL A 573 -27.42 -17.70 11.42
N PHE A 574 -27.99 -18.89 11.48
CA PHE A 574 -28.71 -19.32 12.67
C PHE A 574 -27.78 -19.42 13.87
N ASN A 575 -26.56 -19.94 13.65
CA ASN A 575 -25.61 -20.03 14.75
C ASN A 575 -25.24 -18.64 15.28
N ILE A 576 -25.06 -17.69 14.37
CA ILE A 576 -24.75 -16.32 14.79
C ILE A 576 -25.91 -15.72 15.56
N LEU A 577 -27.13 -15.88 15.03
CA LEU A 577 -28.31 -15.38 15.72
C LEU A 577 -28.46 -15.99 17.10
N LEU A 578 -28.12 -17.28 17.22
CA LEU A 578 -28.16 -17.93 18.52
C LEU A 578 -27.12 -17.35 19.46
N GLN A 579 -25.91 -17.10 18.95
CA GLN A 579 -24.91 -16.39 19.75
C GLN A 579 -25.48 -15.11 20.31
N VAL A 580 -26.11 -14.31 19.45
CA VAL A 580 -26.69 -13.04 19.91
C VAL A 580 -27.75 -13.30 20.96
N MET A 581 -28.77 -14.10 20.63
CA MET A 581 -29.86 -14.35 21.57
C MET A 581 -29.34 -14.90 22.89
N ASP A 582 -28.18 -15.55 22.89
CA ASP A 582 -27.62 -16.07 24.12
C ASP A 582 -26.93 -14.99 24.95
N ASN A 583 -26.07 -14.18 24.33
CA ASN A 583 -25.36 -13.16 25.09
C ASN A 583 -25.46 -11.76 24.51
N GLY A 584 -26.06 -11.59 23.34
CA GLY A 584 -26.27 -10.26 22.79
C GLY A 584 -25.01 -9.49 22.48
N THR A 585 -23.91 -10.16 22.17
CA THR A 585 -22.65 -9.49 21.86
C THR A 585 -21.97 -10.18 20.70
N LEU A 586 -21.86 -9.47 19.58
CA LEU A 586 -21.10 -9.93 18.43
C LEU A 586 -19.77 -9.19 18.38
N THR A 587 -18.74 -9.89 17.93
CA THR A 587 -17.40 -9.34 17.86
C THR A 587 -17.08 -8.95 16.42
N ASP A 588 -16.92 -7.65 16.19
CA ASP A 588 -16.44 -7.19 14.91
C ASP A 588 -15.05 -7.76 14.64
N ASN A 589 -14.79 -8.09 13.37
CA ASN A 589 -13.51 -8.69 13.01
C ASN A 589 -12.35 -7.72 13.21
N ASN A 590 -12.60 -6.48 13.58
CA ASN A 590 -11.56 -5.54 13.99
C ASN A 590 -11.44 -5.45 15.50
N GLY A 591 -12.10 -6.36 16.23
CA GLY A 591 -12.04 -6.36 17.68
C GLY A 591 -13.11 -5.53 18.35
N ARG A 592 -14.02 -4.92 17.61
CA ARG A 592 -15.07 -4.12 18.21
C ARG A 592 -16.23 -4.99 18.64
N LYS A 593 -16.93 -4.55 19.69
CA LYS A 593 -18.02 -5.30 20.28
C LYS A 593 -19.36 -4.75 19.81
N ALA A 594 -20.18 -5.62 19.23
CA ALA A 594 -21.54 -5.26 18.82
C ALA A 594 -22.47 -5.59 19.99
N ASP A 595 -22.89 -4.56 20.72
CA ASP A 595 -23.73 -4.75 21.89
C ASP A 595 -25.20 -4.75 21.46
N PHE A 596 -25.87 -5.87 21.65
CA PHE A 596 -27.27 -6.03 21.26
C PHE A 596 -28.23 -5.86 22.43
N ARG A 597 -27.74 -5.40 23.58
CA ARG A 597 -28.60 -5.29 24.75
C ARG A 597 -29.72 -4.28 24.56
N ASN A 598 -29.57 -3.33 23.66
CA ASN A 598 -30.61 -2.34 23.40
C ASN A 598 -31.26 -2.54 22.03
N VAL A 599 -31.14 -3.72 21.45
CA VAL A 599 -31.70 -4.03 20.14
C VAL A 599 -32.80 -5.06 20.29
N VAL A 600 -33.98 -4.75 19.78
CA VAL A 600 -35.08 -5.70 19.72
C VAL A 600 -34.93 -6.52 18.44
N LEU A 601 -34.97 -7.84 18.59
CA LEU A 601 -34.78 -8.75 17.46
C LEU A 601 -36.14 -9.19 16.95
N VAL A 602 -36.45 -8.83 15.71
CA VAL A 602 -37.71 -9.18 15.07
C VAL A 602 -37.41 -9.97 13.81
N MET A 603 -37.88 -11.22 13.78
CA MET A 603 -37.70 -12.09 12.63
C MET A 603 -39.06 -12.54 12.12
N THR A 604 -39.19 -12.60 10.81
CA THR A 604 -40.43 -13.03 10.17
C THR A 604 -40.24 -14.41 9.55
N THR A 605 -41.37 -15.09 9.34
CA THR A 605 -41.37 -16.36 8.64
C THR A 605 -42.73 -16.56 7.99
N ASN A 606 -42.71 -17.03 6.75
CA ASN A 606 -43.96 -17.25 6.01
C ASN A 606 -44.46 -18.68 6.24
N ALA A 607 -43.67 -19.67 5.82
CA ALA A 607 -44.03 -21.08 5.93
C ALA A 607 -45.38 -21.35 5.26
N GLY A 608 -45.67 -20.64 4.17
CA GLY A 608 -46.91 -20.80 3.45
C GLY A 608 -46.77 -21.53 2.14
N VAL A 609 -47.55 -21.14 1.13
CA VAL A 609 -47.48 -21.77 -0.18
C VAL A 609 -47.19 -20.79 -1.31
N LYS A 615 -50.23 -23.95 -8.84
CA LYS A 615 -51.57 -23.63 -8.36
C LYS A 615 -52.43 -24.90 -8.32
N SER A 616 -52.14 -25.72 -7.32
CA SER A 616 -53.02 -26.83 -6.98
C SER A 616 -53.25 -27.78 -8.15
N ILE A 617 -52.21 -28.48 -8.59
CA ILE A 617 -52.30 -29.46 -9.66
C ILE A 617 -53.47 -30.40 -9.35
N GLY A 618 -54.25 -30.71 -10.37
CA GLY A 618 -55.41 -31.56 -10.19
C GLY A 618 -56.70 -30.88 -10.56
N LEU A 619 -57.76 -31.21 -9.81
CA LEU A 619 -59.09 -30.76 -10.17
C LEU A 619 -59.63 -29.63 -9.30
N ILE A 620 -58.80 -29.04 -8.45
CA ILE A 620 -59.25 -27.99 -7.54
C ILE A 620 -58.23 -26.87 -7.51
N HIS A 621 -58.53 -25.85 -6.70
CA HIS A 621 -57.62 -24.76 -6.38
C HIS A 621 -57.69 -24.39 -4.90
N GLN A 622 -57.67 -25.42 -4.04
CA GLN A 622 -57.75 -25.20 -2.60
C GLN A 622 -56.35 -25.03 -2.01
N ASP A 623 -56.21 -24.05 -1.11
CA ASP A 623 -54.98 -23.90 -0.34
C ASP A 623 -55.16 -22.99 0.86
N ASN A 624 -54.98 -23.53 2.07
CA ASN A 624 -54.96 -22.74 3.30
C ASN A 624 -54.33 -23.61 4.40
N SER A 625 -53.17 -23.20 4.90
CA SER A 625 -52.47 -23.99 5.91
C SER A 625 -51.40 -23.14 6.57
N THR A 626 -51.09 -23.47 7.83
CA THR A 626 -50.01 -22.80 8.56
C THR A 626 -49.39 -23.77 9.57
N ASP A 627 -48.07 -23.92 9.46
CA ASP A 627 -47.27 -24.53 10.51
C ASP A 627 -45.83 -24.05 10.37
N ALA A 628 -45.44 -23.07 11.19
CA ALA A 628 -44.09 -22.54 11.10
C ALA A 628 -43.20 -23.13 12.17
N MET A 629 -43.78 -23.64 13.25
CA MET A 629 -42.98 -24.27 14.30
C MET A 629 -42.19 -25.45 13.75
N GLU A 630 -42.81 -26.22 12.85
CA GLU A 630 -42.10 -27.34 12.26
C GLU A 630 -41.05 -26.88 11.26
N GLU A 631 -41.27 -25.72 10.63
CA GLU A 631 -40.39 -25.28 9.54
C GLU A 631 -39.21 -24.46 10.06
N ILE A 632 -39.31 -23.90 11.26
CA ILE A 632 -38.15 -23.25 11.86
C ILE A 632 -37.52 -24.16 12.90
N LYS A 633 -38.34 -24.95 13.61
CA LYS A 633 -37.84 -26.09 14.38
C LYS A 633 -36.85 -26.87 13.53
N LYS A 634 -36.90 -26.65 12.21
CA LYS A 634 -35.86 -27.14 11.35
C LYS A 634 -34.47 -26.72 11.81
N ILE A 635 -34.15 -25.44 11.70
CA ILE A 635 -32.86 -24.96 12.18
C ILE A 635 -33.02 -24.25 13.52
N PHE A 636 -34.16 -23.59 13.71
CA PHE A 636 -34.56 -23.08 15.02
C PHE A 636 -35.10 -24.24 15.84
N THR A 637 -34.22 -25.22 16.07
CA THR A 637 -34.56 -26.41 16.85
C THR A 637 -35.10 -26.00 18.21
N PRO A 638 -35.77 -26.89 18.94
CA PRO A 638 -36.18 -26.54 20.30
C PRO A 638 -35.08 -25.87 21.10
N GLU A 639 -33.83 -26.29 20.90
CA GLU A 639 -32.70 -25.59 21.50
C GLU A 639 -32.67 -24.13 21.05
N PHE A 640 -32.82 -23.89 19.74
CA PHE A 640 -32.86 -22.52 19.25
C PHE A 640 -34.14 -21.81 19.70
N ARG A 641 -35.27 -22.52 19.64
CA ARG A 641 -36.55 -21.90 20.00
C ARG A 641 -36.58 -21.46 21.45
N ASN A 642 -35.80 -22.12 22.32
CA ASN A 642 -35.72 -21.71 23.71
C ASN A 642 -35.13 -20.32 23.90
N ARG A 643 -34.61 -19.70 22.85
CA ARG A 643 -34.09 -18.35 22.91
C ARG A 643 -35.14 -17.31 22.54
N LEU A 644 -36.29 -17.74 22.04
CA LEU A 644 -37.32 -16.82 21.59
C LEU A 644 -38.10 -16.25 22.78
N ASP A 645 -38.18 -14.93 22.83
CA ASP A 645 -38.91 -14.27 23.91
C ASP A 645 -40.41 -14.42 23.73
N ASN A 646 -40.87 -14.50 22.49
CA ASN A 646 -42.29 -14.63 22.18
C ASN A 646 -42.43 -15.08 20.73
N ILE A 647 -43.50 -15.82 20.45
CA ILE A 647 -43.85 -16.22 19.10
C ILE A 647 -45.13 -15.49 18.71
N ILE A 648 -44.99 -14.43 17.94
CA ILE A 648 -46.10 -13.57 17.56
C ILE A 648 -46.74 -14.13 16.30
N TRP A 649 -48.03 -14.44 16.38
CA TRP A 649 -48.76 -15.04 15.27
C TRP A 649 -49.59 -14.00 14.54
N PHE A 650 -49.61 -14.10 13.22
CA PHE A 650 -50.43 -13.24 12.37
C PHE A 650 -51.35 -14.11 11.52
N ASP A 651 -52.58 -13.65 11.34
CA ASP A 651 -53.58 -14.40 10.60
C ASP A 651 -53.99 -13.63 9.35
N HIS A 652 -54.88 -14.24 8.56
CA HIS A 652 -55.36 -13.64 7.33
C HIS A 652 -56.14 -12.37 7.63
N LEU A 653 -56.38 -11.59 6.58
CA LEU A 653 -57.15 -10.37 6.71
C LEU A 653 -58.59 -10.59 6.30
N SER A 654 -59.51 -10.22 7.18
CA SER A 654 -60.94 -10.34 6.92
C SER A 654 -61.39 -9.24 5.96
N THR A 655 -62.61 -9.39 5.45
CA THR A 655 -63.12 -8.45 4.46
C THR A 655 -63.29 -7.05 5.06
N ASP A 656 -63.75 -6.98 6.31
CA ASP A 656 -63.90 -5.69 6.96
C ASP A 656 -62.53 -5.02 7.17
N VAL A 657 -61.50 -5.78 7.51
CA VAL A 657 -60.21 -5.16 7.75
C VAL A 657 -59.51 -4.85 6.43
N ILE A 658 -59.76 -5.61 5.36
CA ILE A 658 -59.21 -5.17 4.08
C ILE A 658 -59.93 -3.91 3.61
N HIS A 659 -61.23 -3.78 3.92
CA HIS A 659 -61.90 -2.52 3.68
C HIS A 659 -61.28 -1.41 4.50
N GLN A 660 -60.89 -1.70 5.74
CA GLN A 660 -60.33 -0.67 6.60
C GLN A 660 -58.94 -0.24 6.14
N VAL A 661 -58.14 -1.18 5.63
CA VAL A 661 -56.83 -0.80 5.11
C VAL A 661 -56.99 -0.06 3.78
N VAL A 662 -58.03 -0.41 3.01
CA VAL A 662 -58.36 0.37 1.83
C VAL A 662 -58.72 1.79 2.23
N ASP A 663 -59.46 1.94 3.33
CA ASP A 663 -59.78 3.27 3.84
C ASP A 663 -58.52 4.01 4.27
N LYS A 664 -57.58 3.29 4.88
CA LYS A 664 -56.31 3.90 5.26
C LYS A 664 -55.58 4.46 4.05
N PHE A 665 -55.43 3.62 3.02
CA PHE A 665 -54.79 4.08 1.78
C PHE A 665 -55.56 5.25 1.18
N ILE A 666 -56.89 5.20 1.24
CA ILE A 666 -57.70 6.23 0.60
C ILE A 666 -57.55 7.56 1.32
N VAL A 667 -57.52 7.54 2.65
CA VAL A 667 -57.34 8.78 3.39
C VAL A 667 -55.92 9.31 3.23
N GLU A 668 -54.95 8.40 3.06
CA GLU A 668 -53.60 8.86 2.76
C GLU A 668 -53.57 9.62 1.44
N LEU A 669 -54.09 9.01 0.37
CA LEU A 669 -54.17 9.71 -0.91
C LEU A 669 -55.01 10.98 -0.78
N GLN A 670 -56.03 10.95 0.07
CA GLN A 670 -56.91 12.10 0.23
C GLN A 670 -56.17 13.28 0.81
N VAL A 671 -55.40 13.07 1.87
CA VAL A 671 -54.61 14.17 2.42
C VAL A 671 -53.56 14.62 1.41
N GLN A 672 -52.97 13.66 0.67
CA GLN A 672 -51.99 14.03 -0.34
C GLN A 672 -52.58 14.97 -1.38
N LEU A 673 -53.81 14.72 -1.80
CA LEU A 673 -54.44 15.58 -2.80
C LEU A 673 -54.96 16.87 -2.20
N ASP A 674 -55.58 16.81 -1.02
CA ASP A 674 -56.08 18.00 -0.36
C ASP A 674 -54.96 19.01 -0.11
N GLN A 675 -53.73 18.53 0.10
CA GLN A 675 -52.61 19.45 0.19
C GLN A 675 -52.38 20.23 -1.10
N LYS A 676 -53.10 19.92 -2.17
CA LYS A 676 -53.02 20.65 -3.42
C LYS A 676 -54.34 21.29 -3.81
N GLY A 677 -55.41 21.05 -3.05
CA GLY A 677 -56.67 21.68 -3.32
C GLY A 677 -57.64 20.89 -4.17
N VAL A 678 -57.58 19.55 -4.10
CA VAL A 678 -58.46 18.69 -4.87
C VAL A 678 -59.09 17.69 -3.92
N SER A 679 -60.41 17.74 -3.78
CA SER A 679 -61.12 16.77 -2.96
C SER A 679 -61.38 15.50 -3.74
N LEU A 680 -61.25 14.36 -3.06
CA LEU A 680 -61.43 13.05 -3.68
C LEU A 680 -62.42 12.25 -2.84
N GLU A 681 -63.48 11.76 -3.48
CA GLU A 681 -64.41 10.85 -2.86
C GLU A 681 -64.52 9.57 -3.67
N VAL A 682 -64.35 8.44 -2.99
CA VAL A 682 -64.48 7.12 -3.59
C VAL A 682 -65.79 6.52 -3.11
N SER A 683 -66.65 6.14 -4.06
CA SER A 683 -67.90 5.50 -3.71
C SER A 683 -67.66 4.22 -2.93
N GLN A 684 -68.62 3.87 -2.08
CA GLN A 684 -68.44 2.72 -1.19
C GLN A 684 -68.26 1.43 -1.97
N GLU A 685 -69.06 1.22 -3.01
CA GLU A 685 -68.86 0.04 -3.84
C GLU A 685 -67.51 0.07 -4.53
N ALA A 686 -66.99 1.27 -4.84
CA ALA A 686 -65.65 1.36 -5.39
C ALA A 686 -64.61 0.98 -4.35
N ARG A 687 -64.85 1.33 -3.09
CA ARG A 687 -63.96 0.88 -2.02
C ARG A 687 -63.96 -0.64 -1.91
N ASN A 688 -65.16 -1.25 -1.95
CA ASN A 688 -65.23 -2.71 -1.90
C ASN A 688 -64.52 -3.33 -3.09
N TRP A 689 -64.66 -2.74 -4.28
CA TRP A 689 -64.00 -3.28 -5.47
C TRP A 689 -62.49 -3.15 -5.36
N LEU A 690 -62.00 -2.02 -4.83
CA LEU A 690 -60.58 -1.87 -4.61
C LEU A 690 -60.06 -2.90 -3.62
N ALA A 691 -60.83 -3.17 -2.57
CA ALA A 691 -60.42 -4.17 -1.59
C ALA A 691 -60.41 -5.56 -2.21
N GLU A 692 -61.34 -5.84 -3.10
CA GLU A 692 -61.40 -7.16 -3.75
C GLU A 692 -60.31 -7.34 -4.79
N LYS A 693 -59.86 -6.26 -5.44
CA LYS A 693 -58.83 -6.37 -6.45
C LYS A 693 -57.41 -6.25 -5.90
N GLY A 694 -57.22 -5.55 -4.78
CA GLY A 694 -55.87 -5.36 -4.26
C GLY A 694 -55.42 -6.41 -3.28
N TYR A 695 -56.35 -6.98 -2.51
CA TYR A 695 -56.00 -7.97 -1.51
C TYR A 695 -56.04 -9.35 -2.13
N ASP A 696 -55.02 -10.16 -1.86
CA ASP A 696 -55.00 -11.58 -2.18
C ASP A 696 -54.61 -12.32 -0.91
N ARG A 697 -55.33 -13.40 -0.62
CA ARG A 697 -55.06 -14.14 0.61
C ARG A 697 -53.64 -14.71 0.61
N ALA A 698 -53.22 -15.27 -0.52
CA ALA A 698 -51.87 -15.81 -0.64
C ALA A 698 -50.80 -14.73 -0.74
N MET A 699 -51.18 -13.48 -1.02
CA MET A 699 -50.22 -12.40 -1.11
C MET A 699 -50.50 -11.26 -0.14
N GLY A 700 -51.51 -11.38 0.72
CA GLY A 700 -51.75 -10.37 1.73
C GLY A 700 -52.13 -9.04 1.11
N ALA A 701 -51.81 -7.96 1.82
CA ALA A 701 -52.12 -6.61 1.39
C ALA A 701 -51.03 -6.00 0.53
N ARG A 702 -50.06 -6.79 0.07
CA ARG A 702 -48.96 -6.26 -0.73
C ARG A 702 -49.40 -5.77 -2.10
N PRO A 703 -50.19 -6.51 -2.88
CA PRO A 703 -50.65 -5.96 -4.18
C PRO A 703 -51.53 -4.73 -4.02
N MET A 704 -52.08 -4.49 -2.82
CA MET A 704 -53.00 -3.39 -2.62
C MET A 704 -52.35 -2.04 -2.91
N ALA A 705 -51.08 -1.87 -2.55
CA ALA A 705 -50.40 -0.62 -2.85
C ALA A 705 -50.44 -0.32 -4.34
N ARG A 706 -50.02 -1.29 -5.16
CA ARG A 706 -49.98 -1.08 -6.60
C ARG A 706 -51.37 -0.88 -7.18
N VAL A 707 -52.37 -1.64 -6.71
CA VAL A 707 -53.71 -1.47 -7.29
C VAL A 707 -54.26 -0.11 -6.93
N ILE A 708 -54.06 0.33 -5.68
CA ILE A 708 -54.57 1.64 -5.26
C ILE A 708 -53.91 2.74 -6.09
N GLN A 709 -52.58 2.70 -6.19
CA GLN A 709 -51.88 3.70 -6.97
C GLN A 709 -52.36 3.72 -8.42
N ASP A 710 -52.35 2.56 -9.08
CA ASP A 710 -52.72 2.50 -10.49
C ASP A 710 -54.16 2.95 -10.73
N ASN A 711 -55.10 2.49 -9.91
CA ASN A 711 -56.50 2.80 -10.15
C ASN A 711 -56.84 4.23 -9.79
N LEU A 712 -56.15 4.83 -8.83
CA LEU A 712 -56.49 6.19 -8.42
C LEU A 712 -55.56 7.23 -9.03
N LYS A 713 -54.27 7.19 -8.73
CA LYS A 713 -53.39 8.30 -9.08
C LYS A 713 -53.30 8.52 -10.59
N LYS A 714 -53.48 7.45 -11.37
CA LYS A 714 -53.22 7.52 -12.81
C LYS A 714 -54.08 8.55 -13.51
N PRO A 715 -55.42 8.42 -13.58
CA PRO A 715 -56.20 9.45 -14.28
C PRO A 715 -56.10 10.80 -13.60
N LEU A 716 -55.94 10.80 -12.27
CA LEU A 716 -55.69 12.06 -11.57
C LEU A 716 -54.37 12.68 -12.02
N ALA A 717 -53.33 11.87 -12.16
CA ALA A 717 -52.06 12.39 -12.66
C ALA A 717 -52.23 13.03 -14.03
N ASN A 718 -52.94 12.35 -14.92
CA ASN A 718 -53.23 12.93 -16.24
C ASN A 718 -53.93 14.28 -16.10
N GLU A 719 -55.07 14.29 -15.41
CA GLU A 719 -55.90 15.49 -15.34
C GLU A 719 -55.17 16.64 -14.64
N LEU A 720 -54.25 16.31 -13.73
CA LEU A 720 -53.54 17.35 -13.00
C LEU A 720 -52.41 17.93 -13.84
N LEU A 721 -51.58 17.08 -14.44
CA LEU A 721 -50.46 17.61 -15.21
C LEU A 721 -50.94 18.34 -16.46
N PHE A 722 -51.95 17.79 -17.13
CA PHE A 722 -52.46 18.43 -18.34
C PHE A 722 -52.97 19.84 -18.04
N GLY A 723 -53.32 20.11 -16.79
CA GLY A 723 -53.80 21.40 -16.38
C GLY A 723 -55.30 21.55 -16.36
N SER A 724 -56.05 20.54 -16.80
CA SER A 724 -57.51 20.63 -16.77
C SER A 724 -58.05 20.52 -15.36
N LEU A 725 -57.49 19.64 -14.54
CA LEU A 725 -57.81 19.57 -13.12
C LEU A 725 -56.80 20.40 -12.35
N VAL A 726 -57.25 21.54 -11.81
CA VAL A 726 -56.41 22.43 -11.03
C VAL A 726 -57.14 22.72 -9.72
N ASP A 727 -56.55 23.61 -8.93
CA ASP A 727 -57.14 24.01 -7.66
C ASP A 727 -58.57 24.48 -7.86
N GLY A 728 -59.44 24.16 -6.90
CA GLY A 728 -60.87 24.34 -7.05
C GLY A 728 -61.55 23.15 -7.69
N GLY A 729 -60.79 22.24 -8.30
CA GLY A 729 -61.33 21.04 -8.87
C GLY A 729 -61.47 19.94 -7.83
N GLN A 730 -62.09 18.85 -8.27
CA GLN A 730 -62.33 17.70 -7.41
C GLN A 730 -62.64 16.49 -8.26
N VAL A 731 -62.63 15.31 -7.68
CA VAL A 731 -62.88 14.09 -8.42
C VAL A 731 -63.69 13.13 -7.55
N THR A 732 -64.79 12.64 -8.12
CA THR A 732 -65.67 11.70 -7.44
C THR A 732 -65.51 10.33 -8.08
N VAL A 733 -64.90 9.41 -7.36
CA VAL A 733 -64.65 8.08 -7.87
C VAL A 733 -65.87 7.20 -7.60
N ALA A 734 -66.45 6.70 -8.68
CA ALA A 734 -67.55 5.76 -8.59
C ALA A 734 -67.27 4.60 -9.51
N LEU A 735 -67.80 3.43 -9.16
CA LEU A 735 -67.62 2.26 -9.99
C LEU A 735 -68.50 2.32 -11.22
N ASP A 736 -67.91 2.07 -12.39
CA ASP A 736 -68.67 1.76 -13.58
C ASP A 736 -69.06 0.29 -13.46
N LYS A 737 -70.33 0.05 -13.11
CA LYS A 737 -70.75 -1.29 -12.70
C LYS A 737 -70.47 -2.34 -13.77
N GLU A 738 -70.54 -1.97 -15.04
CA GLU A 738 -70.34 -2.91 -16.13
C GLU A 738 -68.96 -2.81 -16.77
N LYS A 739 -68.27 -1.69 -16.59
CA LYS A 739 -66.89 -1.55 -17.05
C LYS A 739 -65.86 -1.79 -15.95
N ASN A 740 -66.26 -1.73 -14.68
CA ASN A 740 -65.39 -1.89 -13.53
C ASN A 740 -64.35 -0.78 -13.42
N GLU A 741 -64.38 0.17 -14.35
CA GLU A 741 -63.51 1.31 -14.26
C GLU A 741 -64.05 2.32 -13.24
N LEU A 742 -63.12 2.99 -12.56
CA LEU A 742 -63.48 3.98 -11.56
C LEU A 742 -63.91 5.27 -12.26
N THR A 743 -65.22 5.44 -12.44
CA THR A 743 -65.77 6.63 -13.08
C THR A 743 -65.48 7.85 -12.23
N TYR A 744 -65.14 8.95 -12.89
CA TYR A 744 -64.64 10.13 -12.22
C TYR A 744 -65.22 11.35 -12.89
N GLY A 745 -64.92 12.52 -12.33
CA GLY A 745 -65.40 13.77 -12.89
C GLY A 745 -64.64 14.93 -12.31
N PHE A 746 -64.85 16.10 -12.92
CA PHE A 746 -64.23 17.33 -12.47
C PHE A 746 -65.04 17.98 -11.36
N MET B 169 35.29 19.15 19.23
CA MET B 169 34.85 17.84 19.71
C MET B 169 34.40 17.91 21.15
N GLU B 170 35.08 18.75 21.93
CA GLU B 170 34.75 18.90 23.35
C GLU B 170 33.35 19.44 23.56
N ASN B 171 32.74 20.02 22.53
CA ASN B 171 31.37 20.50 22.58
C ASN B 171 30.39 19.55 21.91
N PHE B 172 30.87 18.44 21.34
CA PHE B 172 30.02 17.48 20.67
C PHE B 172 30.07 16.07 21.24
N THR B 173 31.13 15.73 21.97
CA THR B 173 31.28 14.38 22.51
C THR B 173 31.62 14.47 23.99
N THR B 174 31.59 13.32 24.66
CA THR B 174 31.84 13.22 26.08
C THR B 174 33.02 12.27 26.34
N ASN B 175 33.96 12.72 27.16
CA ASN B 175 35.12 11.91 27.52
C ASN B 175 34.66 10.82 28.48
N LEU B 176 34.52 9.59 27.97
CA LEU B 176 34.06 8.49 28.81
C LEU B 176 35.03 8.20 29.94
N ASN B 177 36.33 8.39 29.70
CA ASN B 177 37.29 8.22 30.79
C ASN B 177 37.01 9.20 31.91
N GLN B 178 36.62 10.42 31.59
CA GLN B 178 36.27 11.39 32.62
C GLN B 178 35.06 10.92 33.42
N LEU B 179 34.06 10.36 32.75
CA LEU B 179 32.89 9.85 33.46
C LEU B 179 33.26 8.70 34.38
N ALA B 180 34.06 7.75 33.88
CA ALA B 180 34.48 6.63 34.73
C ALA B 180 35.33 7.10 35.89
N ARG B 181 36.07 8.18 35.71
CA ARG B 181 36.86 8.73 36.82
C ARG B 181 35.98 9.28 37.92
N VAL B 182 34.79 9.79 37.56
CA VAL B 182 33.83 10.29 38.53
C VAL B 182 32.70 9.28 38.76
N GLY B 183 32.72 8.17 38.03
CA GLY B 183 31.76 7.12 38.26
C GLY B 183 30.44 7.30 37.55
N GLY B 184 30.45 7.96 36.39
CA GLY B 184 29.24 8.07 35.60
C GLY B 184 28.91 6.85 34.78
N ILE B 185 29.71 5.80 34.89
CA ILE B 185 29.51 4.56 34.14
C ILE B 185 29.35 3.42 35.14
N ASP B 186 28.27 2.67 35.01
CA ASP B 186 28.12 1.47 35.83
C ASP B 186 29.23 0.48 35.48
N PRO B 187 29.88 -0.13 36.47
CA PRO B 187 31.03 -0.99 36.19
C PRO B 187 30.63 -2.21 35.37
N LEU B 188 31.51 -2.59 34.45
CA LEU B 188 31.28 -3.73 33.58
C LEU B 188 31.70 -5.00 34.32
N ILE B 189 30.84 -6.02 34.26
CA ILE B 189 31.09 -7.30 34.89
C ILE B 189 31.01 -8.38 33.83
N GLY B 190 32.04 -9.23 33.79
CA GLY B 190 32.03 -10.31 32.82
C GLY B 190 32.32 -9.82 31.41
N ARG B 191 31.82 -10.58 30.43
CA ARG B 191 31.97 -10.26 29.02
C ARG B 191 33.44 -10.19 28.60
N GLU B 192 34.27 -11.00 29.27
CA GLU B 192 35.69 -10.99 28.95
C GLU B 192 35.96 -11.53 27.55
N LYS B 193 35.16 -12.52 27.12
CA LYS B 193 35.32 -13.03 25.77
C LYS B 193 34.95 -11.96 24.74
N GLU B 194 33.80 -11.31 24.93
CA GLU B 194 33.38 -10.28 23.99
C GLU B 194 34.30 -9.06 24.07
N LEU B 195 34.72 -8.69 25.28
CA LEU B 195 35.65 -7.57 25.41
C LEU B 195 36.97 -7.87 24.71
N GLU B 196 37.44 -9.12 24.83
CA GLU B 196 38.67 -9.51 24.16
C GLU B 196 38.49 -9.49 22.65
N ARG B 197 37.33 -9.92 22.16
CA ARG B 197 37.06 -9.83 20.73
C ARG B 197 37.10 -8.38 20.26
N ALA B 198 36.48 -7.48 21.03
CA ALA B 198 36.50 -6.06 20.68
C ALA B 198 37.92 -5.52 20.65
N ILE B 199 38.73 -5.88 21.65
CA ILE B 199 40.10 -5.39 21.69
C ILE B 199 40.90 -5.93 20.52
N GLN B 200 40.71 -7.21 20.18
CA GLN B 200 41.37 -7.78 19.01
C GLN B 200 40.98 -7.03 17.75
N VAL B 201 39.71 -6.67 17.62
CA VAL B 201 39.27 -5.94 16.44
C VAL B 201 39.91 -4.56 16.40
N LEU B 202 39.97 -3.88 17.54
CA LEU B 202 40.46 -2.51 17.55
C LEU B 202 41.93 -2.42 17.16
N CYS B 203 42.73 -3.42 17.49
CA CYS B 203 44.15 -3.39 17.19
C CYS B 203 44.47 -3.77 15.76
N ARG B 204 43.47 -3.90 14.90
CA ARG B 204 43.72 -4.36 13.54
C ARG B 204 44.30 -3.24 12.69
N ARG B 205 44.83 -3.63 11.53
CA ARG B 205 45.43 -2.66 10.62
C ARG B 205 44.36 -1.94 9.80
N ARG B 206 43.40 -2.69 9.26
CA ARG B 206 42.37 -2.13 8.40
C ARG B 206 41.00 -2.40 9.00
N LYS B 207 40.10 -1.43 8.83
CA LYS B 207 38.70 -1.56 9.24
C LYS B 207 38.57 -1.98 10.70
N ASN B 208 39.52 -1.51 11.52
CA ASN B 208 39.54 -1.89 12.94
C ASN B 208 38.43 -1.15 13.70
N ASN B 209 37.19 -1.51 13.36
CA ASN B 209 36.01 -0.86 13.91
C ASN B 209 35.00 -1.93 14.32
N PRO B 210 34.99 -2.30 15.59
CA PRO B 210 34.04 -3.33 16.04
C PRO B 210 32.62 -2.80 16.07
N LEU B 211 31.68 -3.68 15.77
CA LEU B 211 30.26 -3.33 15.76
C LEU B 211 29.54 -4.21 16.78
N LEU B 212 29.10 -3.58 17.87
CA LEU B 212 28.40 -4.29 18.93
C LEU B 212 26.94 -4.50 18.52
N VAL B 213 26.64 -5.70 18.04
CA VAL B 213 25.29 -6.05 17.58
C VAL B 213 24.68 -6.99 18.61
N GLY B 214 23.46 -6.67 19.04
CA GLY B 214 22.78 -7.52 19.99
C GLY B 214 21.38 -7.00 20.24
N GLU B 215 20.55 -7.86 20.82
CA GLU B 215 19.21 -7.47 21.19
C GLU B 215 19.24 -6.31 22.18
N SER B 216 18.12 -5.61 22.30
CA SER B 216 18.05 -4.46 23.20
C SER B 216 18.13 -4.92 24.65
N GLY B 217 18.77 -4.09 25.47
CA GLY B 217 18.93 -4.38 26.87
C GLY B 217 20.05 -5.33 27.22
N VAL B 218 20.71 -5.94 26.22
CA VAL B 218 21.72 -6.94 26.49
C VAL B 218 22.95 -6.31 27.13
N GLY B 219 23.24 -5.07 26.80
CA GLY B 219 24.34 -4.37 27.44
C GLY B 219 25.40 -3.87 26.48
N LYS B 220 25.02 -3.66 25.22
CA LYS B 220 25.96 -3.18 24.22
C LYS B 220 26.57 -1.84 24.62
N THR B 221 25.71 -0.83 24.79
CA THR B 221 26.16 0.44 25.35
C THR B 221 26.89 0.23 26.67
N ALA B 222 26.36 -0.65 27.51
CA ALA B 222 27.02 -0.97 28.77
C ALA B 222 28.39 -1.58 28.51
N ILE B 223 28.52 -2.41 27.49
CA ILE B 223 29.81 -3.05 27.21
C ILE B 223 30.83 -2.00 26.79
N ALA B 224 30.43 -1.06 25.92
CA ALA B 224 31.36 -0.04 25.49
C ALA B 224 31.79 0.85 26.65
N GLU B 225 30.81 1.35 27.41
CA GLU B 225 31.16 2.23 28.52
C GLU B 225 31.93 1.47 29.60
N GLY B 226 31.73 0.17 29.71
CA GLY B 226 32.51 -0.61 30.66
C GLY B 226 33.91 -0.87 30.19
N LEU B 227 34.11 -0.97 28.87
CA LEU B 227 35.46 -0.99 28.34
C LEU B 227 36.17 0.31 28.70
N ALA B 228 35.48 1.44 28.54
CA ALA B 228 36.06 2.71 28.98
C ALA B 228 36.38 2.70 30.46
N TRP B 229 35.46 2.16 31.28
CA TRP B 229 35.67 2.12 32.73
C TRP B 229 36.89 1.27 33.09
N ARG B 230 37.01 0.10 32.46
CA ARG B 230 38.15 -0.77 32.72
C ARG B 230 39.45 -0.14 32.23
N ILE B 231 39.40 0.63 31.15
CA ILE B 231 40.56 1.41 30.73
C ILE B 231 40.96 2.38 31.83
N VAL B 232 39.98 3.05 32.43
CA VAL B 232 40.27 3.96 33.53
C VAL B 232 40.89 3.21 34.70
N GLN B 233 40.37 2.03 35.00
CA GLN B 233 40.93 1.20 36.05
C GLN B 233 42.15 0.41 35.60
N GLY B 234 42.54 0.53 34.34
CA GLY B 234 43.69 -0.20 33.83
C GLY B 234 43.47 -1.67 33.62
N ASP B 235 42.24 -2.16 33.69
CA ASP B 235 41.94 -3.58 33.53
C ASP B 235 41.85 -3.95 32.05
N VAL B 236 42.89 -3.57 31.32
CA VAL B 236 42.95 -3.79 29.87
C VAL B 236 44.35 -4.21 29.49
N PRO B 237 44.50 -4.87 28.34
CA PRO B 237 45.83 -5.10 27.79
C PRO B 237 46.52 -3.78 27.46
N GLU B 238 47.85 -3.82 27.50
CA GLU B 238 48.65 -2.60 27.35
C GLU B 238 48.36 -1.85 26.06
N VAL B 239 47.88 -2.54 25.02
CA VAL B 239 47.64 -1.88 23.74
C VAL B 239 46.51 -0.87 23.86
N MET B 240 45.47 -1.19 24.64
CA MET B 240 44.36 -0.28 24.85
C MET B 240 44.57 0.65 26.04
N ALA B 241 45.63 0.44 26.81
CA ALA B 241 45.91 1.34 27.93
C ALA B 241 46.18 2.75 27.41
N ASP B 242 45.78 3.73 28.21
CA ASP B 242 45.93 5.14 27.86
C ASP B 242 45.22 5.44 26.53
N CYS B 243 44.02 4.90 26.38
CA CYS B 243 43.15 5.25 25.28
C CYS B 243 41.90 5.92 25.82
N THR B 244 41.40 6.91 25.09
CA THR B 244 40.23 7.68 25.51
C THR B 244 39.09 7.42 24.53
N ILE B 245 37.97 6.94 25.07
CA ILE B 245 36.79 6.65 24.27
C ILE B 245 35.83 7.83 24.39
N TYR B 246 35.36 8.31 23.24
CA TYR B 246 34.40 9.40 23.19
C TYR B 246 33.09 8.89 22.64
N SER B 247 31.99 9.23 23.32
CA SER B 247 30.66 8.91 22.86
C SER B 247 30.17 10.04 21.96
N LEU B 248 29.97 9.73 20.69
CA LEU B 248 29.60 10.75 19.72
C LEU B 248 28.12 11.09 19.84
N ASP B 249 27.82 12.36 20.07
CA ASP B 249 26.45 12.84 20.05
C ASP B 249 26.09 13.33 18.64
N ILE B 250 24.93 12.89 18.17
CA ILE B 250 24.45 13.26 16.85
C ILE B 250 23.64 14.55 16.89
N GLY B 251 22.86 14.75 17.94
CA GLY B 251 22.05 15.95 18.08
C GLY B 251 22.87 17.22 18.07
N SER B 252 23.76 17.38 19.04
CA SER B 252 24.60 18.56 19.10
C SER B 252 25.50 18.68 17.87
N LEU B 253 25.76 17.58 17.17
CA LEU B 253 26.55 17.66 15.95
C LEU B 253 25.76 18.31 14.83
N LEU B 254 24.46 18.00 14.75
CA LEU B 254 23.61 18.59 13.73
C LEU B 254 22.90 19.85 14.21
N ALA B 255 23.11 20.25 15.46
CA ALA B 255 22.42 21.41 16.00
C ALA B 255 22.86 22.68 15.29
N GLY B 256 21.90 23.37 14.68
CA GLY B 256 22.16 24.64 14.04
C GLY B 256 22.92 24.57 12.74
N THR B 257 23.06 23.38 12.14
CA THR B 257 23.86 23.23 10.93
C THR B 257 23.06 23.60 9.67
N LYS B 258 22.53 24.83 9.70
CA LYS B 258 22.10 25.48 8.48
C LYS B 258 23.35 25.95 7.73
N TYR B 259 23.14 26.76 6.69
CA TYR B 259 24.28 27.36 6.01
C TYR B 259 25.23 26.30 5.46
N ARG B 260 24.82 25.61 4.39
CA ARG B 260 25.52 24.44 3.87
C ARG B 260 27.02 24.53 4.05
N GLY B 261 27.59 23.48 4.61
CA GLY B 261 28.99 23.45 4.97
C GLY B 261 29.26 23.49 6.45
N ASP B 262 28.35 24.05 7.24
CA ASP B 262 28.54 24.08 8.69
C ASP B 262 28.69 22.67 9.25
N PHE B 263 27.75 21.78 8.92
CA PHE B 263 27.87 20.41 9.39
C PHE B 263 29.14 19.76 8.87
N GLU B 264 29.47 19.98 7.61
CA GLU B 264 30.66 19.34 7.03
C GLU B 264 31.92 19.89 7.68
N LYS B 265 32.01 21.20 7.85
CA LYS B 265 33.17 21.79 8.50
C LYS B 265 33.32 21.27 9.92
N ARG B 266 32.22 21.20 10.66
CA ARG B 266 32.26 20.73 12.05
C ARG B 266 32.64 19.26 12.12
N PHE B 267 32.07 18.43 11.24
CA PHE B 267 32.38 17.01 11.22
C PHE B 267 33.85 16.78 10.87
N LYS B 268 34.36 17.51 9.88
CA LYS B 268 35.75 17.37 9.52
C LYS B 268 36.67 17.90 10.62
N ALA B 269 36.22 18.90 11.37
CA ALA B 269 37.02 19.37 12.51
C ALA B 269 37.12 18.29 13.58
N LEU B 270 36.00 17.64 13.88
CA LEU B 270 36.04 16.51 14.82
C LEU B 270 36.97 15.41 14.29
N LEU B 271 36.83 15.09 13.00
CA LEU B 271 37.68 14.07 12.40
C LEU B 271 39.15 14.43 12.50
N LYS B 272 39.48 15.72 12.32
CA LYS B 272 40.87 16.14 12.38
C LYS B 272 41.40 16.08 13.81
N GLN B 273 40.58 16.50 14.79
CA GLN B 273 41.00 16.37 16.17
C GLN B 273 41.29 14.91 16.52
N LEU B 274 40.43 14.00 16.05
CA LEU B 274 40.65 12.59 16.35
C LEU B 274 41.87 12.04 15.61
N GLU B 275 42.06 12.44 14.35
CA GLU B 275 43.23 12.02 13.60
C GLU B 275 44.51 12.48 14.28
N GLN B 276 44.51 13.70 14.82
CA GLN B 276 45.69 14.21 15.51
C GLN B 276 45.88 13.54 16.86
N ASP B 277 44.79 13.08 17.49
CA ASP B 277 44.93 12.40 18.76
C ASP B 277 45.68 11.08 18.60
N THR B 278 45.33 10.31 17.57
CA THR B 278 46.01 9.06 17.20
C THR B 278 45.86 7.98 18.27
N ASN B 279 45.22 8.31 19.39
CA ASN B 279 45.06 7.38 20.50
C ASN B 279 43.67 7.48 21.08
N SER B 280 42.68 7.71 20.22
CA SER B 280 41.30 7.88 20.65
C SER B 280 40.42 6.95 19.84
N ILE B 281 39.33 6.52 20.48
CA ILE B 281 38.32 5.69 19.84
C ILE B 281 36.98 6.41 19.96
N LEU B 282 36.33 6.64 18.83
CA LEU B 282 35.02 7.26 18.80
C LEU B 282 33.94 6.20 18.92
N PHE B 283 33.09 6.33 19.93
CA PHE B 283 32.02 5.39 20.16
C PHE B 283 30.71 6.01 19.71
N ILE B 284 30.04 5.36 18.76
CA ILE B 284 28.75 5.81 18.26
C ILE B 284 27.69 4.86 18.78
N ASP B 285 26.89 5.33 19.74
CA ASP B 285 25.89 4.48 20.38
C ASP B 285 24.87 3.94 19.40
N GLU B 286 24.42 4.76 18.46
CA GLU B 286 23.45 4.36 17.44
C GLU B 286 24.12 4.51 16.09
N ILE B 287 24.80 3.44 15.66
CA ILE B 287 25.55 3.51 14.42
C ILE B 287 24.62 3.56 13.21
N HIS B 288 23.40 3.06 13.34
CA HIS B 288 22.46 3.07 12.23
C HIS B 288 21.89 4.45 11.95
N THR B 289 22.11 5.41 12.84
CA THR B 289 21.58 6.75 12.68
C THR B 289 22.58 7.72 12.06
N ILE B 290 23.71 7.23 11.57
CA ILE B 290 24.70 8.12 10.96
C ILE B 290 24.73 7.90 9.45
N ILE B 291 23.62 7.39 8.91
CA ILE B 291 23.53 7.21 7.47
C ILE B 291 22.66 8.31 6.89
N GLY B 292 22.56 9.43 7.60
CA GLY B 292 21.84 10.58 7.10
C GLY B 292 22.23 11.81 7.88
N ALA B 293 22.60 12.84 7.13
CA ALA B 293 23.03 14.10 7.73
C ALA B 293 22.48 15.31 7.00
N GLY B 294 21.20 15.26 6.63
CA GLY B 294 20.56 16.42 6.05
C GLY B 294 20.94 16.66 4.60
N ALA B 295 20.65 17.88 4.13
CA ALA B 295 20.89 18.28 2.74
C ALA B 295 20.21 17.32 1.77
N ALA B 296 18.90 17.12 1.98
CA ALA B 296 18.15 16.15 1.18
C ALA B 296 18.21 16.48 -0.30
N SER B 297 18.42 17.74 -0.65
CA SER B 297 18.72 18.09 -2.03
C SER B 297 20.02 17.40 -2.43
N GLY B 298 19.92 16.39 -3.28
CA GLY B 298 21.04 15.50 -3.52
C GLY B 298 21.08 14.40 -2.48
N GLY B 299 21.19 14.79 -1.21
CA GLY B 299 21.05 13.86 -0.11
C GLY B 299 22.12 12.80 -0.02
N GLN B 300 23.33 13.06 -0.51
CA GLN B 300 24.36 12.04 -0.54
C GLN B 300 25.51 12.28 0.43
N VAL B 301 25.93 13.53 0.62
CA VAL B 301 27.10 13.81 1.47
C VAL B 301 26.58 13.91 2.91
N ASP B 302 26.54 12.75 3.57
CA ASP B 302 26.14 12.64 4.95
C ASP B 302 27.34 12.20 5.79
N ALA B 303 27.10 12.01 7.10
CA ALA B 303 28.18 11.56 7.98
C ALA B 303 28.69 10.19 7.56
N ALA B 304 27.88 9.40 6.88
CA ALA B 304 28.31 8.08 6.44
C ALA B 304 29.38 8.17 5.35
N ASN B 305 29.08 8.90 4.27
CA ASN B 305 30.05 9.01 3.19
C ASN B 305 31.24 9.87 3.59
N LEU B 306 31.09 10.69 4.63
CA LEU B 306 32.21 11.50 5.09
C LEU B 306 33.27 10.67 5.82
N ILE B 307 32.90 9.49 6.32
CA ILE B 307 33.77 8.74 7.23
C ILE B 307 34.38 7.53 6.54
N LYS B 308 33.74 7.02 5.48
CA LYS B 308 34.23 5.83 4.78
C LYS B 308 35.71 5.89 4.41
N PRO B 309 36.25 6.99 3.89
CA PRO B 309 37.70 7.02 3.62
C PRO B 309 38.54 6.83 4.86
N LEU B 310 38.13 7.37 6.01
CA LEU B 310 38.90 7.20 7.24
C LEU B 310 38.88 5.76 7.71
N LEU B 311 37.71 5.10 7.65
CA LEU B 311 37.62 3.73 8.14
C LEU B 311 38.35 2.77 7.21
N SER B 312 38.18 2.94 5.89
CA SER B 312 38.80 2.01 4.95
C SER B 312 40.32 2.06 5.05
N SER B 313 40.89 3.21 5.39
CA SER B 313 42.34 3.35 5.45
C SER B 313 42.93 2.96 6.79
N GLY B 314 42.12 2.54 7.75
CA GLY B 314 42.63 2.27 9.08
C GLY B 314 43.18 3.49 9.78
N LYS B 315 42.70 4.68 9.41
CA LYS B 315 43.21 5.91 9.99
C LYS B 315 42.69 6.14 11.40
N ILE B 316 41.50 5.63 11.70
CA ILE B 316 40.80 5.95 12.94
C ILE B 316 40.06 4.71 13.44
N ARG B 317 39.90 4.61 14.75
CA ARG B 317 39.21 3.49 15.39
C ARG B 317 37.88 3.99 15.94
N VAL B 318 36.78 3.36 15.53
CA VAL B 318 35.45 3.71 16.00
C VAL B 318 34.73 2.45 16.44
N ILE B 319 33.98 2.55 17.52
CA ILE B 319 33.15 1.46 18.03
C ILE B 319 31.70 1.80 17.78
N GLY B 320 30.96 0.88 17.14
CA GLY B 320 29.56 1.07 16.87
C GLY B 320 28.68 0.20 17.76
N SER B 321 27.38 0.48 17.69
CA SER B 321 26.39 -0.29 18.44
C SER B 321 25.03 -0.13 17.78
N THR B 322 24.29 -1.24 17.73
CA THR B 322 22.97 -1.26 17.12
C THR B 322 22.31 -2.58 17.48
N THR B 323 20.97 -2.58 17.42
CA THR B 323 20.22 -3.81 17.60
C THR B 323 20.19 -4.58 16.29
N TYR B 324 19.61 -5.78 16.34
CA TYR B 324 19.66 -6.66 15.18
C TYR B 324 18.81 -6.14 14.05
N GLN B 325 17.57 -5.75 14.33
CA GLN B 325 16.68 -5.30 13.26
C GLN B 325 17.12 -3.96 12.67
N GLU B 326 17.55 -3.01 13.51
CA GLU B 326 18.08 -1.77 12.97
C GLU B 326 19.29 -2.05 12.09
N PHE B 327 20.21 -2.89 12.57
CA PHE B 327 21.34 -3.30 11.73
C PHE B 327 20.86 -3.82 10.38
N SER B 328 20.06 -4.88 10.39
CA SER B 328 19.72 -5.60 9.17
C SER B 328 18.80 -4.81 8.24
N ASN B 329 18.14 -3.77 8.73
CA ASN B 329 17.22 -3.03 7.87
C ASN B 329 17.70 -1.63 7.51
N ILE B 330 18.63 -1.06 8.27
CA ILE B 330 19.12 0.29 8.04
C ILE B 330 20.60 0.29 7.74
N PHE B 331 21.39 -0.40 8.58
CA PHE B 331 22.83 -0.27 8.49
C PHE B 331 23.40 -1.10 7.36
N GLU B 332 23.11 -2.40 7.36
CA GLU B 332 23.70 -3.29 6.36
C GLU B 332 23.24 -2.97 4.95
N LYS B 333 22.22 -2.11 4.80
CA LYS B 333 21.83 -1.70 3.46
C LYS B 333 22.96 -0.94 2.76
N ASP B 334 23.76 -0.20 3.52
CA ASP B 334 24.94 0.49 2.97
C ASP B 334 26.08 -0.51 2.99
N ARG B 335 26.25 -1.21 1.87
CA ARG B 335 27.25 -2.27 1.79
C ARG B 335 28.64 -1.75 2.10
N ALA B 336 29.00 -0.59 1.54
CA ALA B 336 30.33 -0.05 1.76
C ALA B 336 30.55 0.35 3.21
N LEU B 337 29.50 0.77 3.91
CA LEU B 337 29.66 1.13 5.31
C LEU B 337 29.68 -0.11 6.20
N ALA B 338 28.83 -1.09 5.91
CA ALA B 338 28.84 -2.33 6.69
C ALA B 338 30.15 -3.07 6.52
N ARG B 339 30.77 -2.94 5.36
CA ARG B 339 32.04 -3.61 5.07
C ARG B 339 33.21 -3.12 5.92
N ARG B 340 33.16 -1.85 6.34
CA ARG B 340 34.23 -1.26 7.14
C ARG B 340 34.06 -1.51 8.62
N PHE B 341 33.06 -2.28 9.04
CA PHE B 341 32.83 -2.57 10.44
C PHE B 341 32.89 -4.06 10.68
N GLN B 342 33.43 -4.45 11.83
CA GLN B 342 33.55 -5.85 12.21
C GLN B 342 32.39 -6.22 13.12
N LYS B 343 31.66 -7.26 12.74
CA LYS B 343 30.43 -7.63 13.42
C LYS B 343 30.75 -8.44 14.68
N ILE B 344 30.28 -7.96 15.83
CA ILE B 344 30.42 -8.66 17.10
C ILE B 344 29.02 -8.90 17.66
N ASP B 345 28.70 -10.17 17.89
CA ASP B 345 27.40 -10.55 18.43
C ASP B 345 27.46 -10.51 19.95
N ILE B 346 26.73 -9.57 20.54
CA ILE B 346 26.61 -9.47 21.99
C ILE B 346 25.38 -10.29 22.38
N THR B 347 25.61 -11.50 22.89
CA THR B 347 24.55 -12.44 23.16
C THR B 347 23.99 -12.25 24.56
N GLU B 348 22.77 -12.75 24.75
CA GLU B 348 22.12 -12.64 26.05
C GLU B 348 22.86 -13.48 27.09
N PRO B 349 23.21 -12.91 28.24
CA PRO B 349 24.00 -13.65 29.22
C PRO B 349 23.20 -14.79 29.83
N SER B 350 23.89 -15.57 30.67
CA SER B 350 23.26 -16.69 31.33
C SER B 350 22.70 -16.28 32.69
N ILE B 351 22.14 -17.26 33.40
CA ILE B 351 21.57 -17.00 34.72
C ILE B 351 22.65 -16.55 35.69
N GLU B 352 23.73 -17.33 35.79
CA GLU B 352 24.78 -17.03 36.76
C GLU B 352 25.51 -15.75 36.39
N GLU B 353 25.73 -15.53 35.09
CA GLU B 353 26.29 -14.26 34.66
C GLU B 353 25.42 -13.10 35.10
N THR B 354 24.09 -13.25 34.96
CA THR B 354 23.18 -12.22 35.40
C THR B 354 23.27 -12.00 36.91
N VAL B 355 23.41 -13.09 37.65
CA VAL B 355 23.53 -12.98 39.11
C VAL B 355 24.78 -12.19 39.47
N GLN B 356 25.89 -12.48 38.82
CA GLN B 356 27.13 -11.76 39.11
C GLN B 356 27.01 -10.29 38.69
N ILE B 357 26.35 -10.04 37.57
CA ILE B 357 26.14 -8.65 37.12
C ILE B 357 25.36 -7.88 38.16
N ILE B 358 24.30 -8.49 38.69
CA ILE B 358 23.49 -7.81 39.70
C ILE B 358 24.29 -7.63 40.97
N ASN B 359 25.12 -8.62 41.33
CA ASN B 359 25.99 -8.48 42.49
C ASN B 359 26.90 -7.26 42.34
N GLY B 360 27.50 -7.10 41.17
CA GLY B 360 28.39 -5.97 40.94
C GLY B 360 27.67 -4.63 40.86
N LEU B 361 26.44 -4.61 40.37
CA LEU B 361 25.71 -3.36 40.23
C LEU B 361 24.96 -2.96 41.48
N LYS B 362 24.76 -3.90 42.41
CA LYS B 362 23.97 -3.65 43.63
C LYS B 362 24.38 -2.42 44.42
N PRO B 363 25.66 -2.16 44.71
CA PRO B 363 25.99 -1.02 45.58
C PRO B 363 25.45 0.32 45.10
N LYS B 364 25.41 0.54 43.79
CA LYS B 364 24.86 1.79 43.28
C LYS B 364 23.36 1.89 43.55
N TYR B 365 22.61 0.81 43.33
CA TYR B 365 21.19 0.83 43.64
C TYR B 365 20.95 0.96 45.13
N GLU B 366 21.85 0.41 45.94
CA GLU B 366 21.75 0.59 47.39
C GLU B 366 21.94 2.05 47.76
N ALA B 367 22.98 2.69 47.22
CA ALA B 367 23.21 4.10 47.50
C ALA B 367 22.03 4.95 47.01
N HIS B 368 21.42 4.55 45.90
CA HIS B 368 20.31 5.34 45.35
C HIS B 368 19.05 5.19 46.20
N HIS B 369 18.72 3.96 46.61
CA HIS B 369 17.49 3.71 47.33
C HIS B 369 17.67 3.64 48.85
N ASP B 370 18.92 3.59 49.33
CA ASP B 370 19.21 3.41 50.75
C ASP B 370 18.57 2.12 51.27
N VAL B 371 18.59 1.09 50.42
CA VAL B 371 18.03 -0.22 50.76
C VAL B 371 19.09 -1.27 50.40
N ARG B 372 19.02 -2.40 51.10
CA ARG B 372 20.00 -3.48 50.91
C ARG B 372 19.31 -4.72 50.38
N TYR B 373 20.02 -5.44 49.51
CA TYR B 373 19.51 -6.65 48.90
C TYR B 373 20.22 -7.87 49.47
N THR B 374 19.46 -8.92 49.76
CA THR B 374 20.03 -10.19 50.16
C THR B 374 20.33 -11.04 48.94
N ALA B 375 21.34 -11.90 49.08
CA ALA B 375 21.77 -12.73 47.95
C ALA B 375 20.64 -13.64 47.46
N LYS B 376 19.90 -14.24 48.40
CA LYS B 376 18.75 -15.05 48.02
C LYS B 376 17.73 -14.21 47.26
N ALA B 377 17.53 -12.95 47.67
CA ALA B 377 16.60 -12.09 46.95
C ALA B 377 17.07 -11.83 45.53
N VAL B 378 18.38 -11.65 45.34
CA VAL B 378 18.90 -11.40 44.00
C VAL B 378 18.71 -12.62 43.11
N ARG B 379 19.06 -13.80 43.63
CA ARG B 379 18.88 -15.02 42.85
C ARG B 379 17.41 -15.24 42.53
N ALA B 380 16.52 -14.96 43.49
CA ALA B 380 15.10 -15.11 43.23
C ALA B 380 14.63 -14.13 42.17
N ALA B 381 15.15 -12.90 42.20
CA ALA B 381 14.82 -11.94 41.16
C ALA B 381 15.21 -12.47 39.79
N VAL B 382 16.43 -12.98 39.67
CA VAL B 382 16.88 -13.52 38.38
C VAL B 382 15.97 -14.64 37.92
N GLU B 383 15.75 -15.63 38.79
CA GLU B 383 14.98 -16.81 38.39
C GLU B 383 13.55 -16.45 38.03
N LEU B 384 12.90 -15.62 38.84
CA LEU B 384 11.52 -15.24 38.56
C LEU B 384 11.43 -14.40 37.30
N ALA B 385 12.39 -13.50 37.07
CA ALA B 385 12.39 -12.71 35.85
C ALA B 385 12.52 -13.60 34.63
N VAL B 386 13.36 -14.63 34.71
CA VAL B 386 13.46 -15.57 33.60
C VAL B 386 12.14 -16.31 33.40
N LYS B 387 11.53 -16.73 34.50
CA LYS B 387 10.39 -17.63 34.39
C LYS B 387 9.14 -16.89 33.91
N TYR B 388 8.97 -15.63 34.29
CA TYR B 388 7.67 -14.99 34.18
C TYR B 388 7.62 -13.73 33.34
N ILE B 389 8.72 -13.01 33.19
CA ILE B 389 8.76 -11.81 32.35
C ILE B 389 9.29 -12.22 30.98
N ASN B 390 8.50 -11.96 29.93
CA ASN B 390 8.77 -12.52 28.63
C ASN B 390 9.12 -11.50 27.55
N ASP B 391 9.09 -10.20 27.86
CA ASP B 391 9.22 -9.19 26.82
C ASP B 391 10.57 -8.50 26.78
N ARG B 392 11.50 -8.87 27.66
CA ARG B 392 12.83 -8.26 27.67
C ARG B 392 13.88 -9.34 27.80
N HIS B 393 15.13 -8.90 27.89
CA HIS B 393 16.25 -9.81 27.97
C HIS B 393 16.98 -9.67 29.30
N LEU B 394 17.63 -10.76 29.71
CA LEU B 394 18.06 -10.96 31.11
C LEU B 394 18.74 -9.76 31.76
N PRO B 395 19.86 -9.25 31.27
CA PRO B 395 20.58 -8.23 32.04
C PRO B 395 19.87 -6.90 32.12
N ASP B 396 18.69 -6.78 31.52
CA ASP B 396 17.90 -5.55 31.63
C ASP B 396 16.56 -5.76 32.29
N LYS B 397 16.15 -7.00 32.49
CA LYS B 397 14.88 -7.19 33.19
C LYS B 397 15.06 -7.69 34.61
N ALA B 398 16.09 -8.49 34.88
CA ALA B 398 16.42 -8.81 36.25
C ALA B 398 16.83 -7.55 37.00
N ILE B 399 17.66 -6.72 36.38
CA ILE B 399 18.02 -5.44 36.97
C ILE B 399 16.79 -4.55 37.08
N ASP B 400 15.84 -4.68 36.16
CA ASP B 400 14.59 -3.94 36.29
C ASP B 400 13.85 -4.35 37.55
N VAL B 401 13.75 -5.65 37.82
CA VAL B 401 13.10 -6.11 39.04
C VAL B 401 13.85 -5.59 40.25
N ILE B 402 15.18 -5.62 40.21
CA ILE B 402 15.97 -5.13 41.34
C ILE B 402 15.68 -3.66 41.61
N ASP B 403 15.75 -2.84 40.56
CA ASP B 403 15.54 -1.41 40.73
C ASP B 403 14.13 -1.11 41.20
N GLU B 404 13.14 -1.81 40.66
CA GLU B 404 11.76 -1.51 41.04
C GLU B 404 11.48 -1.97 42.47
N ALA B 405 12.04 -3.12 42.87
CA ALA B 405 11.92 -3.55 44.25
C ALA B 405 12.56 -2.53 45.19
N GLY B 406 13.74 -2.03 44.83
CA GLY B 406 14.37 -1.00 45.64
C GLY B 406 13.54 0.26 45.73
N ALA B 407 12.97 0.69 44.60
CA ALA B 407 12.18 1.91 44.58
C ALA B 407 10.91 1.76 45.40
N ARG B 408 10.23 0.62 45.30
CA ARG B 408 9.01 0.43 46.06
C ARG B 408 9.31 0.26 47.55
N ALA B 409 10.39 -0.45 47.89
CA ALA B 409 10.79 -0.53 49.29
C ALA B 409 11.26 0.82 49.80
N ARG B 410 11.61 1.73 48.89
CA ARG B 410 11.87 3.11 49.27
C ARG B 410 10.59 3.89 49.48
N LEU B 411 9.47 3.38 48.96
CA LEU B 411 8.15 3.96 49.21
C LEU B 411 7.41 3.25 50.34
N MET B 412 8.01 2.22 50.92
CA MET B 412 7.50 1.58 52.11
C MET B 412 7.70 2.46 53.35
N PRO B 413 8.83 3.18 53.52
CA PRO B 413 8.97 4.03 54.71
C PRO B 413 8.11 5.28 54.67
N VAL B 414 6.84 5.11 54.35
CA VAL B 414 5.83 6.11 54.67
C VAL B 414 5.36 5.99 56.11
N SER B 415 5.37 4.78 56.68
CA SER B 415 5.36 4.57 58.12
C SER B 415 6.74 4.23 58.64
N LYS B 416 7.79 4.62 57.90
CA LYS B 416 9.18 4.33 58.25
C LYS B 416 9.42 2.82 58.35
N ARG B 417 8.95 2.08 57.35
CA ARG B 417 9.21 0.64 57.24
C ARG B 417 10.57 0.41 56.59
N LYS B 418 11.62 0.83 57.30
CA LYS B 418 12.97 0.62 56.84
C LYS B 418 13.30 -0.87 56.86
N LYS B 419 13.77 -1.38 55.73
CA LYS B 419 13.99 -2.81 55.60
C LYS B 419 14.95 -3.07 54.45
N THR B 420 15.53 -4.27 54.46
CA THR B 420 16.22 -4.80 53.30
C THR B 420 15.20 -5.45 52.36
N VAL B 421 15.62 -5.68 51.13
CA VAL B 421 14.79 -6.34 50.14
C VAL B 421 14.94 -7.84 50.33
N ASN B 422 13.90 -8.48 50.84
CA ASN B 422 13.85 -9.92 50.96
C ASN B 422 13.29 -10.52 49.68
N VAL B 423 13.13 -11.84 49.66
CA VAL B 423 12.54 -12.50 48.51
C VAL B 423 11.08 -12.10 48.35
N ALA B 424 10.43 -11.73 49.46
CA ALA B 424 9.01 -11.38 49.39
C ALA B 424 8.77 -10.13 48.53
N ASP B 425 9.58 -9.09 48.72
CA ASP B 425 9.43 -7.89 47.91
C ASP B 425 9.68 -8.18 46.44
N ILE B 426 10.72 -8.96 46.15
CA ILE B 426 11.02 -9.36 44.78
C ILE B 426 9.83 -10.09 44.18
N GLU B 427 9.21 -10.98 44.96
CA GLU B 427 8.06 -11.73 44.46
C GLU B 427 6.90 -10.79 44.18
N SER B 428 6.66 -9.82 45.05
CA SER B 428 5.61 -8.84 44.80
C SER B 428 5.88 -8.09 43.50
N VAL B 429 7.12 -7.68 43.27
CA VAL B 429 7.46 -6.92 42.07
C VAL B 429 7.22 -7.76 40.83
N VAL B 430 7.79 -8.97 40.79
CA VAL B 430 7.64 -9.80 39.60
C VAL B 430 6.18 -10.19 39.39
N ALA B 431 5.42 -10.28 40.48
CA ALA B 431 4.00 -10.57 40.36
C ALA B 431 3.25 -9.42 39.73
N ARG B 432 3.62 -8.18 40.06
CA ARG B 432 2.92 -7.03 39.48
C ARG B 432 2.95 -7.03 37.96
N ILE B 433 3.85 -7.80 37.35
CA ILE B 433 3.88 -7.97 35.91
C ILE B 433 3.35 -9.34 35.50
N ALA B 434 3.59 -10.36 36.32
CA ALA B 434 3.09 -11.70 36.02
C ALA B 434 1.65 -11.89 36.47
N ARG B 435 1.14 -10.98 37.30
CA ARG B 435 -0.25 -10.87 37.74
C ARG B 435 -0.64 -11.93 38.77
N ILE B 436 0.25 -12.84 39.14
CA ILE B 436 -0.08 -13.85 40.16
C ILE B 436 1.06 -13.98 41.15
N PRO B 437 0.92 -13.49 42.38
CA PRO B 437 1.98 -13.68 43.38
C PRO B 437 2.00 -15.11 43.89
N GLU B 438 3.21 -15.60 44.17
CA GLU B 438 3.38 -16.96 44.69
C GLU B 438 3.41 -17.01 46.21
N LYS B 439 3.94 -15.98 46.87
CA LYS B 439 4.10 -16.00 48.31
C LYS B 439 2.95 -15.30 49.04
N SER B 440 2.19 -14.44 48.37
CA SER B 440 1.09 -13.74 49.02
C SER B 440 -0.04 -14.68 49.41
N VAL B 441 0.01 -15.94 48.97
CA VAL B 441 -1.01 -16.91 49.33
C VAL B 441 -1.17 -17.08 50.84
N SER B 442 -0.15 -16.70 51.62
CA SER B 442 -0.26 -16.75 53.08
C SER B 442 -1.29 -15.77 53.63
N GLN B 443 -1.91 -14.97 52.76
CA GLN B 443 -2.97 -14.05 53.12
C GLN B 443 -4.32 -14.72 52.89
N SER B 444 -5.39 -13.92 52.94
CA SER B 444 -6.74 -14.39 52.70
C SER B 444 -6.89 -15.09 51.36
N ASP B 445 -5.92 -14.99 50.46
CA ASP B 445 -5.94 -15.80 49.25
C ASP B 445 -6.10 -17.28 49.56
N ARG B 446 -5.47 -17.73 50.66
CA ARG B 446 -5.70 -19.10 51.11
C ARG B 446 -7.19 -19.34 51.37
N ASP B 447 -7.86 -18.38 52.01
CA ASP B 447 -9.28 -18.54 52.28
C ASP B 447 -10.08 -18.57 51.00
N THR B 448 -9.81 -17.64 50.08
CA THR B 448 -10.50 -17.63 48.79
C THR B 448 -10.34 -18.96 48.08
N LEU B 449 -9.15 -19.54 48.14
CA LEU B 449 -8.94 -20.86 47.56
C LEU B 449 -9.77 -21.91 48.28
N LYS B 450 -9.78 -21.87 49.61
CA LYS B 450 -10.45 -22.90 50.38
C LYS B 450 -11.95 -22.90 50.15
N ASN B 451 -12.59 -21.73 50.24
CA ASN B 451 -14.03 -21.63 50.09
C ASN B 451 -14.48 -21.43 48.65
N LEU B 452 -13.55 -21.53 47.69
CA LEU B 452 -13.91 -21.31 46.29
C LEU B 452 -14.93 -22.34 45.83
N GLY B 453 -14.69 -23.62 46.14
CA GLY B 453 -15.61 -24.66 45.73
C GLY B 453 -17.02 -24.43 46.23
N ASP B 454 -17.17 -24.01 47.49
CA ASP B 454 -18.49 -23.73 48.01
C ASP B 454 -19.11 -22.50 47.37
N ARG B 455 -18.33 -21.42 47.24
CA ARG B 455 -18.84 -20.20 46.64
C ARG B 455 -19.30 -20.45 45.21
N LEU B 456 -18.74 -21.48 44.56
CA LEU B 456 -19.26 -21.89 43.26
C LEU B 456 -20.49 -22.77 43.41
N LYS B 457 -20.49 -23.65 44.41
CA LYS B 457 -21.61 -24.58 44.59
C LYS B 457 -22.89 -23.83 44.93
N MET B 458 -22.79 -22.70 45.62
CA MET B 458 -23.97 -21.87 45.86
C MET B 458 -24.48 -21.23 44.58
N LEU B 459 -23.71 -21.30 43.49
CA LEU B 459 -24.13 -20.75 42.21
C LEU B 459 -24.31 -21.80 41.14
N VAL B 460 -23.66 -22.96 41.26
CA VAL B 460 -23.84 -24.08 40.35
C VAL B 460 -24.25 -25.28 41.17
N PHE B 461 -25.47 -25.76 40.95
CA PHE B 461 -26.03 -26.85 41.72
C PHE B 461 -25.91 -28.15 40.94
N GLY B 462 -25.48 -29.20 41.63
CA GLY B 462 -25.08 -30.41 40.94
C GLY B 462 -23.78 -30.20 40.20
N GLN B 463 -23.42 -31.20 39.40
CA GLN B 463 -22.20 -31.16 38.60
C GLN B 463 -20.99 -30.79 39.45
N ASP B 464 -20.93 -31.38 40.66
CA ASP B 464 -19.86 -31.05 41.59
C ASP B 464 -18.49 -31.42 41.03
N LYS B 465 -18.42 -32.45 40.19
CA LYS B 465 -17.14 -32.89 39.66
C LYS B 465 -16.41 -31.76 38.95
N ALA B 466 -17.14 -30.91 38.23
CA ALA B 466 -16.52 -29.82 37.50
C ALA B 466 -15.89 -28.81 38.44
N ILE B 467 -16.64 -28.37 39.45
CA ILE B 467 -16.09 -27.42 40.42
C ILE B 467 -14.89 -28.01 41.12
N GLU B 468 -14.96 -29.31 41.45
CA GLU B 468 -13.84 -29.95 42.11
C GLU B 468 -12.60 -29.96 41.22
N ALA B 469 -12.77 -30.33 39.95
CA ALA B 469 -11.63 -30.35 39.04
C ALA B 469 -11.02 -28.96 38.86
N LEU B 470 -11.87 -27.95 38.67
CA LEU B 470 -11.36 -26.61 38.46
C LEU B 470 -10.63 -26.10 39.70
N THR B 471 -11.21 -26.31 40.88
CA THR B 471 -10.57 -25.86 42.11
C THR B 471 -9.25 -26.59 42.35
N GLU B 472 -9.21 -27.89 42.05
CA GLU B 472 -7.97 -28.64 42.22
C GLU B 472 -6.90 -28.11 41.28
N ALA B 473 -7.26 -27.85 40.03
CA ALA B 473 -6.29 -27.31 39.07
C ALA B 473 -5.76 -25.96 39.55
N ILE B 474 -6.66 -25.07 39.95
CA ILE B 474 -6.24 -23.74 40.37
C ILE B 474 -5.38 -23.81 41.62
N LYS B 475 -5.71 -24.73 42.54
CA LYS B 475 -4.92 -24.86 43.75
C LYS B 475 -3.53 -25.40 43.44
N MET B 476 -3.45 -26.42 42.59
CA MET B 476 -2.14 -26.93 42.19
C MET B 476 -1.31 -25.85 41.52
N ALA B 477 -1.96 -24.98 40.74
CA ALA B 477 -1.24 -23.88 40.13
C ALA B 477 -0.72 -22.91 41.19
N ARG B 478 -1.59 -22.47 42.09
CA ARG B 478 -1.20 -21.51 43.12
C ARG B 478 -0.29 -22.11 44.18
N ALA B 479 -0.27 -23.44 44.31
CA ALA B 479 0.64 -24.08 45.25
C ALA B 479 2.01 -24.36 44.66
N GLY B 480 2.24 -24.00 43.40
CA GLY B 480 3.51 -24.24 42.77
C GLY B 480 3.72 -25.63 42.25
N LEU B 481 2.71 -26.49 42.29
CA LEU B 481 2.81 -27.85 41.78
C LEU B 481 2.30 -27.99 40.36
N GLY B 482 1.80 -26.91 39.77
CA GLY B 482 1.29 -26.94 38.41
C GLY B 482 2.40 -27.16 37.40
N HIS B 483 2.02 -27.07 36.13
CA HIS B 483 2.97 -27.18 35.05
C HIS B 483 3.79 -25.89 34.94
N GLU B 484 5.04 -26.03 34.52
CA GLU B 484 5.92 -24.88 34.35
C GLU B 484 5.80 -24.24 32.98
N HIS B 485 5.21 -24.92 32.00
CA HIS B 485 5.10 -24.39 30.65
C HIS B 485 3.76 -24.72 30.02
N LYS B 486 2.72 -24.87 30.82
CA LYS B 486 1.39 -25.17 30.28
C LYS B 486 0.37 -24.21 30.88
N PRO B 487 -0.84 -24.12 30.31
CA PRO B 487 -1.89 -23.33 30.97
C PRO B 487 -2.19 -23.89 32.34
N VAL B 488 -2.86 -23.07 33.15
CA VAL B 488 -3.27 -23.52 34.48
C VAL B 488 -4.11 -24.78 34.37
N GLY B 489 -5.05 -24.80 33.44
CA GLY B 489 -5.88 -25.98 33.22
C GLY B 489 -6.48 -25.95 31.84
N SER B 490 -6.58 -27.14 31.25
CA SER B 490 -7.17 -27.31 29.93
C SER B 490 -8.27 -28.36 30.05
N PHE B 491 -9.52 -27.92 30.10
CA PHE B 491 -10.64 -28.81 30.36
C PHE B 491 -11.64 -28.76 29.23
N LEU B 492 -12.14 -29.93 28.85
CA LEU B 492 -13.20 -30.06 27.86
C LEU B 492 -14.49 -30.41 28.58
N PHE B 493 -15.43 -29.49 28.60
CA PHE B 493 -16.72 -29.69 29.25
C PHE B 493 -17.73 -30.16 28.23
N ALA B 494 -18.33 -31.33 28.47
CA ALA B 494 -19.27 -31.91 27.54
C ALA B 494 -20.48 -32.43 28.29
N GLY B 495 -21.64 -32.27 27.68
CA GLY B 495 -22.89 -32.68 28.28
C GLY B 495 -24.07 -31.98 27.62
N PRO B 496 -25.27 -32.28 28.09
CA PRO B 496 -26.47 -31.69 27.47
C PRO B 496 -26.53 -30.18 27.70
N THR B 497 -27.47 -29.55 27.02
CA THR B 497 -27.58 -28.10 27.06
C THR B 497 -28.10 -27.63 28.43
N GLY B 498 -27.85 -26.37 28.72
CA GLY B 498 -28.41 -25.74 29.91
C GLY B 498 -28.07 -26.41 31.22
N VAL B 499 -26.92 -27.07 31.31
CA VAL B 499 -26.52 -27.76 32.52
C VAL B 499 -25.47 -26.97 33.30
N GLY B 500 -25.19 -25.74 32.88
CA GLY B 500 -24.23 -24.92 33.59
C GLY B 500 -22.83 -24.94 33.04
N LYS B 501 -22.63 -25.45 31.82
CA LYS B 501 -21.28 -25.53 31.26
C LYS B 501 -20.68 -24.14 31.07
N THR B 502 -21.47 -23.20 30.54
CA THR B 502 -21.01 -21.84 30.39
C THR B 502 -21.17 -21.01 31.66
N GLU B 503 -22.17 -21.33 32.48
CA GLU B 503 -22.40 -20.53 33.68
C GLU B 503 -21.30 -20.74 34.71
N VAL B 504 -20.82 -21.97 34.85
CA VAL B 504 -19.81 -22.26 35.86
C VAL B 504 -18.52 -21.49 35.57
N THR B 505 -18.18 -21.31 34.30
CA THR B 505 -16.94 -20.61 33.97
C THR B 505 -17.07 -19.12 34.23
N VAL B 506 -18.21 -18.53 33.87
CA VAL B 506 -18.46 -17.13 34.17
C VAL B 506 -18.39 -16.90 35.68
N GLN B 507 -19.02 -17.80 36.44
CA GLN B 507 -19.03 -17.64 37.89
C GLN B 507 -17.63 -17.85 38.46
N LEU B 508 -16.84 -18.73 37.87
CA LEU B 508 -15.46 -18.90 38.32
C LEU B 508 -14.64 -17.64 38.08
N SER B 509 -14.78 -17.05 36.89
CA SER B 509 -14.12 -15.79 36.61
C SER B 509 -14.56 -14.71 37.59
N LYS B 510 -15.84 -14.66 37.94
CA LYS B 510 -16.31 -13.69 38.90
C LYS B 510 -15.71 -13.93 40.29
N ALA B 511 -15.70 -15.19 40.73
CA ALA B 511 -15.25 -15.50 42.08
C ALA B 511 -13.75 -15.27 42.22
N LEU B 512 -12.99 -15.46 41.15
CA LEU B 512 -11.56 -15.25 41.21
C LEU B 512 -11.15 -13.81 40.96
N GLY B 513 -12.04 -13.00 40.40
CA GLY B 513 -11.68 -11.63 40.09
C GLY B 513 -10.83 -11.47 38.86
N ILE B 514 -10.97 -12.37 37.88
CA ILE B 514 -10.17 -12.34 36.67
C ILE B 514 -11.09 -12.18 35.48
N GLU B 515 -10.54 -11.66 34.38
CA GLU B 515 -11.33 -11.40 33.19
C GLU B 515 -11.71 -12.71 32.51
N LEU B 516 -12.85 -12.69 31.83
CA LEU B 516 -13.31 -13.83 31.04
C LEU B 516 -13.03 -13.56 29.58
N LEU B 517 -11.97 -14.18 29.06
CA LEU B 517 -11.65 -14.11 27.64
C LEU B 517 -12.57 -15.10 26.94
N ARG B 518 -13.65 -14.59 26.37
CA ARG B 518 -14.75 -15.41 25.86
C ARG B 518 -14.72 -15.40 24.33
N PHE B 519 -14.65 -16.59 23.75
CA PHE B 519 -14.67 -16.75 22.30
C PHE B 519 -15.72 -17.78 21.93
N ASP B 520 -16.56 -17.44 20.96
CA ASP B 520 -17.59 -18.35 20.47
C ASP B 520 -17.05 -19.05 19.22
N MET B 521 -16.88 -20.37 19.32
CA MET B 521 -16.34 -21.13 18.21
C MET B 521 -17.34 -21.30 17.07
N SER B 522 -18.58 -20.83 17.23
CA SER B 522 -19.49 -20.85 16.10
C SER B 522 -19.15 -19.79 15.07
N GLU B 523 -18.43 -18.74 15.46
CA GLU B 523 -17.97 -17.72 14.53
C GLU B 523 -16.76 -18.18 13.73
N TYR B 524 -16.06 -19.21 14.17
CA TYR B 524 -14.88 -19.73 13.50
C TYR B 524 -15.19 -21.08 12.85
N MET B 525 -16.38 -21.19 12.27
CA MET B 525 -16.82 -22.42 11.64
C MET B 525 -16.04 -22.74 10.37
N GLU B 526 -15.20 -21.84 9.89
CA GLU B 526 -14.48 -22.04 8.65
C GLU B 526 -12.97 -22.04 8.90
N ARG B 527 -12.27 -22.81 8.07
CA ARG B 527 -10.83 -23.02 8.26
C ARG B 527 -10.08 -21.70 8.28
N HIS B 528 -10.35 -20.83 7.31
CA HIS B 528 -9.57 -19.61 7.15
C HIS B 528 -9.82 -18.60 8.28
N THR B 529 -10.78 -18.84 9.15
CA THR B 529 -11.09 -17.90 10.22
C THR B 529 -10.00 -17.84 11.29
N VAL B 530 -9.06 -18.80 11.29
CA VAL B 530 -8.00 -18.79 12.29
C VAL B 530 -7.20 -17.49 12.21
N SER B 531 -7.12 -16.91 11.02
CA SER B 531 -6.46 -15.63 10.85
C SER B 531 -7.07 -14.55 11.73
N ARG B 532 -8.33 -14.70 12.14
CA ARG B 532 -8.86 -13.80 13.15
C ARG B 532 -8.14 -13.98 14.48
N LEU B 533 -7.84 -15.22 14.83
CA LEU B 533 -7.22 -15.50 16.13
C LEU B 533 -5.75 -15.13 16.15
N ILE B 534 -5.01 -15.42 15.09
CA ILE B 534 -3.57 -15.22 15.09
C ILE B 534 -3.12 -14.06 14.21
N GLY B 535 -3.95 -13.58 13.30
CA GLY B 535 -3.55 -12.49 12.43
C GLY B 535 -3.28 -12.97 11.02
N ALA B 536 -3.20 -12.00 10.10
CA ALA B 536 -2.91 -12.32 8.72
C ALA B 536 -1.41 -12.27 8.47
N PRO B 537 -0.91 -13.04 7.50
CA PRO B 537 0.51 -12.98 7.20
C PRO B 537 0.88 -11.60 6.70
N PRO B 538 2.15 -11.22 6.81
CA PRO B 538 2.57 -9.91 6.31
C PRO B 538 2.33 -9.80 4.81
N GLY B 539 2.06 -8.58 4.37
CA GLY B 539 1.71 -8.32 2.99
C GLY B 539 0.24 -8.43 2.67
N TYR B 540 -0.59 -8.73 3.66
CA TYR B 540 -2.02 -8.88 3.44
C TYR B 540 -2.80 -7.85 4.23
N VAL B 541 -4.08 -7.69 3.87
CA VAL B 541 -4.83 -6.49 4.22
C VAL B 541 -4.96 -6.30 5.72
N GLY B 542 -5.18 -7.38 6.46
CA GLY B 542 -5.36 -7.29 7.89
C GLY B 542 -4.10 -7.42 8.72
N PHE B 543 -2.93 -7.22 8.12
CA PHE B 543 -1.68 -7.53 8.82
C PHE B 543 -1.52 -6.67 10.06
N ASP B 544 -1.58 -5.36 9.92
CA ASP B 544 -1.32 -4.43 11.02
C ASP B 544 -2.30 -4.59 12.18
N GLN B 545 -3.36 -5.38 12.01
CA GLN B 545 -4.33 -5.55 13.07
C GLN B 545 -3.84 -6.53 14.14
N GLY B 546 -3.20 -7.61 13.73
CA GLY B 546 -2.81 -8.64 14.68
C GLY B 546 -3.90 -9.66 14.87
N GLY B 547 -3.68 -10.54 15.84
CA GLY B 547 -4.61 -11.60 16.16
C GLY B 547 -5.47 -11.26 17.36
N LEU B 548 -6.75 -11.63 17.29
CA LEU B 548 -7.65 -11.38 18.41
C LEU B 548 -7.21 -12.13 19.65
N LEU B 549 -7.05 -13.45 19.53
CA LEU B 549 -6.78 -14.28 20.70
C LEU B 549 -5.45 -13.94 21.35
N THR B 550 -4.38 -13.86 20.55
CA THR B 550 -3.07 -13.57 21.11
C THR B 550 -3.03 -12.20 21.76
N ASP B 551 -3.65 -11.20 21.15
CA ASP B 551 -3.65 -9.87 21.74
C ASP B 551 -4.46 -9.83 23.03
N ALA B 552 -5.60 -10.53 23.05
CA ALA B 552 -6.39 -10.61 24.27
C ALA B 552 -5.59 -11.27 25.39
N VAL B 553 -4.84 -12.32 25.06
CA VAL B 553 -4.04 -13.01 26.07
C VAL B 553 -2.91 -12.10 26.56
N ILE B 554 -2.28 -11.37 25.65
CA ILE B 554 -1.17 -10.49 26.04
C ILE B 554 -1.68 -9.36 26.92
N LYS B 555 -2.85 -8.81 26.59
CA LYS B 555 -3.41 -7.75 27.43
C LYS B 555 -3.84 -8.29 28.78
N HIS B 556 -4.29 -9.53 28.85
CA HIS B 556 -4.76 -10.16 30.08
C HIS B 556 -3.97 -11.43 30.32
N PRO B 557 -2.78 -11.31 30.90
CA PRO B 557 -1.95 -12.50 31.14
C PRO B 557 -2.57 -13.48 32.10
N HIS B 558 -3.37 -13.00 33.06
CA HIS B 558 -4.05 -13.86 34.03
C HIS B 558 -5.54 -13.73 33.80
N ALA B 559 -6.14 -14.78 33.26
CA ALA B 559 -7.57 -14.78 32.96
C ALA B 559 -8.01 -16.21 32.69
N VAL B 560 -9.30 -16.39 32.45
CA VAL B 560 -9.87 -17.67 32.08
C VAL B 560 -10.29 -17.59 30.62
N LEU B 561 -9.87 -18.58 29.83
CA LEU B 561 -10.17 -18.61 28.40
C LEU B 561 -11.33 -19.56 28.16
N LEU B 562 -12.43 -19.03 27.62
CA LEU B 562 -13.65 -19.79 27.41
C LEU B 562 -13.89 -19.95 25.91
N LEU B 563 -14.05 -21.18 25.47
CA LEU B 563 -14.32 -21.49 24.07
C LEU B 563 -15.71 -22.09 23.97
N ASP B 564 -16.71 -21.23 23.81
CA ASP B 564 -18.08 -21.69 23.69
C ASP B 564 -18.26 -22.52 22.42
N GLU B 565 -18.96 -23.65 22.55
CA GLU B 565 -19.35 -24.48 21.42
C GLU B 565 -18.15 -24.84 20.54
N ILE B 566 -17.15 -25.46 21.16
CA ILE B 566 -15.92 -25.77 20.43
C ILE B 566 -16.20 -26.69 19.26
N GLU B 567 -17.24 -27.52 19.35
CA GLU B 567 -17.60 -28.39 18.24
C GLU B 567 -18.04 -27.62 17.00
N LYS B 568 -18.30 -26.32 17.12
CA LYS B 568 -18.74 -25.50 16.00
C LYS B 568 -17.60 -24.95 15.17
N ALA B 569 -16.41 -24.83 15.74
CA ALA B 569 -15.26 -24.35 14.97
C ALA B 569 -14.84 -25.40 13.96
N HIS B 570 -14.27 -24.92 12.85
CA HIS B 570 -13.78 -25.84 11.84
C HIS B 570 -12.71 -26.75 12.45
N PRO B 571 -12.75 -28.05 12.15
CA PRO B 571 -11.84 -28.99 12.83
C PRO B 571 -10.38 -28.59 12.81
N ASP B 572 -9.95 -27.79 11.83
CA ASP B 572 -8.55 -27.39 11.77
C ASP B 572 -8.17 -26.45 12.90
N VAL B 573 -9.10 -25.64 13.39
CA VAL B 573 -8.76 -24.62 14.38
C VAL B 573 -8.27 -25.22 15.69
N PHE B 574 -8.57 -26.50 15.94
CA PHE B 574 -8.02 -27.16 17.12
C PHE B 574 -6.51 -27.27 17.07
N ASN B 575 -5.92 -27.14 15.89
CA ASN B 575 -4.48 -27.31 15.77
C ASN B 575 -3.72 -26.17 16.41
N ILE B 576 -4.33 -24.99 16.50
CA ILE B 576 -3.74 -23.93 17.30
C ILE B 576 -3.75 -24.31 18.78
N LEU B 577 -4.91 -24.75 19.27
CA LEU B 577 -5.02 -25.18 20.66
C LEU B 577 -4.03 -26.29 20.98
N LEU B 578 -3.62 -27.05 19.96
CA LEU B 578 -2.58 -28.06 20.19
C LEU B 578 -1.38 -27.46 20.89
N GLN B 579 -0.70 -26.51 20.25
CA GLN B 579 0.46 -25.90 20.88
C GLN B 579 0.06 -24.95 22.01
N VAL B 580 -1.16 -24.43 22.02
CA VAL B 580 -1.60 -23.65 23.16
C VAL B 580 -1.54 -24.48 24.43
N MET B 581 -2.10 -25.70 24.38
CA MET B 581 -2.09 -26.58 25.53
C MET B 581 -0.70 -27.14 25.77
N ASP B 582 0.07 -27.37 24.70
CA ASP B 582 1.35 -28.04 24.86
C ASP B 582 2.41 -27.13 25.48
N ASN B 583 2.54 -25.91 24.98
CA ASN B 583 3.59 -25.01 25.44
C ASN B 583 3.09 -23.75 26.13
N GLY B 584 1.77 -23.54 26.17
CA GLY B 584 1.26 -22.30 26.73
C GLY B 584 1.77 -21.07 26.02
N THR B 585 2.15 -21.21 24.76
CA THR B 585 2.76 -20.13 23.99
C THR B 585 2.16 -20.11 22.59
N LEU B 586 1.78 -18.92 22.15
CA LEU B 586 1.29 -18.72 20.79
C LEU B 586 1.95 -17.47 20.22
N THR B 587 2.45 -17.59 19.00
CA THR B 587 3.14 -16.50 18.33
C THR B 587 2.23 -15.93 17.24
N ASP B 588 1.95 -14.63 17.32
CA ASP B 588 1.12 -13.97 16.33
C ASP B 588 1.93 -13.72 15.06
N ASN B 589 1.33 -13.01 14.12
CA ASN B 589 1.98 -12.75 12.84
C ASN B 589 3.08 -11.70 12.94
N ASN B 590 3.30 -11.12 14.12
CA ASN B 590 4.37 -10.15 14.32
C ASN B 590 5.56 -10.74 15.05
N GLY B 591 5.59 -12.06 15.24
CA GLY B 591 6.68 -12.68 15.95
C GLY B 591 6.66 -12.49 17.44
N ARG B 592 5.54 -12.04 18.00
CA ARG B 592 5.42 -11.86 19.44
C ARG B 592 4.73 -13.08 20.05
N LYS B 593 5.14 -13.41 21.27
CA LYS B 593 4.71 -14.64 21.92
C LYS B 593 3.65 -14.33 22.97
N ALA B 594 2.56 -15.09 22.95
CA ALA B 594 1.50 -14.96 23.94
C ALA B 594 1.70 -16.02 25.02
N ASP B 595 1.70 -15.59 26.27
CA ASP B 595 1.97 -16.48 27.40
C ASP B 595 0.64 -16.97 27.95
N PHE B 596 0.46 -18.29 28.00
CA PHE B 596 -0.77 -18.90 28.46
C PHE B 596 -0.64 -19.56 29.82
N ARG B 597 0.50 -19.41 30.48
CA ARG B 597 0.73 -20.16 31.72
C ARG B 597 -0.20 -19.73 32.84
N ASN B 598 -0.62 -18.48 32.87
CA ASN B 598 -1.52 -17.98 33.89
C ASN B 598 -2.98 -17.97 33.44
N VAL B 599 -3.30 -18.68 32.36
CA VAL B 599 -4.62 -18.66 31.75
C VAL B 599 -5.25 -20.03 31.89
N VAL B 600 -6.50 -20.06 32.32
CA VAL B 600 -7.27 -21.29 32.40
C VAL B 600 -7.99 -21.49 31.08
N LEU B 601 -7.75 -22.63 30.44
CA LEU B 601 -8.38 -22.95 29.17
C LEU B 601 -9.58 -23.86 29.43
N VAL B 602 -10.76 -23.38 29.08
CA VAL B 602 -11.99 -24.15 29.21
C VAL B 602 -12.70 -24.15 27.87
N MET B 603 -13.09 -25.34 27.42
CA MET B 603 -13.83 -25.50 26.18
C MET B 603 -15.10 -26.29 26.44
N THR B 604 -16.22 -25.78 25.94
CA THR B 604 -17.54 -26.34 26.21
C THR B 604 -18.13 -26.92 24.94
N THR B 605 -18.88 -28.01 25.10
CA THR B 605 -19.47 -28.68 23.95
C THR B 605 -20.61 -29.57 24.41
N ASN B 606 -21.38 -30.04 23.42
CA ASN B 606 -22.42 -31.04 23.65
C ASN B 606 -22.30 -32.19 22.64
N ALA B 607 -21.07 -32.61 22.34
CA ALA B 607 -20.83 -33.45 21.17
C ALA B 607 -21.50 -34.81 21.30
N GLY B 608 -21.36 -35.47 22.45
CA GLY B 608 -21.83 -36.83 22.62
C GLY B 608 -23.19 -36.98 23.24
N VAL B 609 -23.95 -35.90 23.43
CA VAL B 609 -25.22 -35.99 24.12
C VAL B 609 -26.22 -36.84 23.35
N ARG B 610 -26.20 -36.75 22.02
CA ARG B 610 -27.15 -37.50 21.21
C ARG B 610 -26.96 -39.01 21.34
N GLU B 611 -25.77 -39.45 21.75
CA GLU B 611 -25.50 -40.88 21.87
C GLU B 611 -25.96 -41.47 23.20
N THR B 612 -26.17 -40.64 24.22
CA THR B 612 -26.60 -41.12 25.54
C THR B 612 -28.10 -40.96 25.76
N GLU B 613 -28.83 -40.43 24.78
CA GLU B 613 -30.26 -40.20 24.91
C GLU B 613 -31.10 -41.39 24.45
N ARG B 614 -30.48 -42.48 24.02
CA ARG B 614 -31.22 -43.62 23.52
C ARG B 614 -30.57 -44.90 24.02
N LYS B 615 -31.39 -45.94 24.15
CA LYS B 615 -30.90 -47.27 24.49
C LYS B 615 -30.60 -48.05 23.22
N SER B 616 -30.04 -49.24 23.41
CA SER B 616 -29.64 -50.07 22.29
C SER B 616 -30.87 -50.67 21.59
N ILE B 617 -30.65 -51.14 20.37
CA ILE B 617 -31.69 -51.82 19.61
C ILE B 617 -31.44 -53.32 19.70
N GLY B 618 -32.41 -54.05 20.23
CA GLY B 618 -32.30 -55.49 20.24
C GLY B 618 -33.06 -56.10 21.39
N LEU B 619 -33.24 -57.41 21.29
CA LEU B 619 -33.92 -58.14 22.35
C LEU B 619 -33.12 -58.12 23.65
N ILE B 620 -31.79 -58.17 23.54
CA ILE B 620 -30.92 -58.14 24.69
C ILE B 620 -30.26 -56.77 24.74
N HIS B 621 -30.38 -56.11 25.89
CA HIS B 621 -29.87 -54.76 26.03
C HIS B 621 -28.35 -54.76 26.12
N GLN B 622 -27.72 -53.84 25.39
CA GLN B 622 -26.29 -53.67 25.48
C GLN B 622 -25.95 -52.82 26.72
N ASP B 623 -24.70 -52.38 26.80
CA ASP B 623 -24.30 -51.53 27.91
C ASP B 623 -24.35 -50.05 27.53
N ASN B 624 -23.77 -49.69 26.39
CA ASN B 624 -23.68 -48.31 25.92
C ASN B 624 -23.02 -47.40 26.95
N SER B 625 -22.18 -47.98 27.81
CA SER B 625 -21.43 -47.21 28.79
C SER B 625 -20.06 -46.78 28.27
N THR B 626 -19.39 -47.63 27.51
CA THR B 626 -18.18 -47.22 26.80
C THR B 626 -18.46 -46.21 25.71
N ASP B 627 -19.68 -46.20 25.17
CA ASP B 627 -20.10 -45.21 24.18
C ASP B 627 -20.68 -43.97 24.83
N ALA B 628 -20.42 -43.76 26.12
CA ALA B 628 -20.99 -42.61 26.82
C ALA B 628 -20.30 -41.34 26.35
N MET B 629 -20.80 -40.76 25.26
CA MET B 629 -20.25 -39.55 24.68
C MET B 629 -18.78 -39.74 24.31
N GLU B 630 -18.42 -40.96 23.94
CA GLU B 630 -17.05 -41.28 23.58
C GLU B 630 -16.82 -41.33 22.08
N GLU B 631 -17.73 -40.74 21.30
CA GLU B 631 -17.41 -40.34 19.94
C GLU B 631 -16.77 -38.95 19.90
N ILE B 632 -16.67 -38.31 21.06
CA ILE B 632 -15.78 -37.16 21.23
C ILE B 632 -14.37 -37.53 20.80
N LYS B 633 -14.01 -38.82 20.87
CA LYS B 633 -12.71 -39.26 20.36
C LYS B 633 -12.65 -39.12 18.84
N LYS B 634 -13.78 -39.28 18.16
CA LYS B 634 -13.81 -39.02 16.73
C LYS B 634 -13.91 -37.53 16.44
N ILE B 635 -14.53 -36.77 17.34
CA ILE B 635 -14.57 -35.32 17.18
C ILE B 635 -13.19 -34.72 17.37
N PHE B 636 -12.50 -35.14 18.43
CA PHE B 636 -11.21 -34.56 18.80
C PHE B 636 -10.12 -35.60 18.61
N THR B 637 -9.12 -35.26 17.78
CA THR B 637 -8.01 -36.14 17.44
C THR B 637 -7.23 -36.53 18.69
N PRO B 638 -6.62 -37.72 18.70
CA PRO B 638 -5.87 -38.15 19.89
C PRO B 638 -4.77 -37.19 20.32
N GLU B 639 -4.10 -36.54 19.37
CA GLU B 639 -3.08 -35.56 19.74
C GLU B 639 -3.68 -34.42 20.55
N PHE B 640 -4.93 -34.09 20.29
CA PHE B 640 -5.61 -33.07 21.09
C PHE B 640 -5.98 -33.62 22.46
N ARG B 641 -6.66 -34.77 22.50
CA ARG B 641 -7.16 -35.28 23.76
C ARG B 641 -6.03 -35.63 24.72
N ASN B 642 -4.89 -36.07 24.20
CA ASN B 642 -3.74 -36.40 25.04
C ASN B 642 -3.23 -35.21 25.83
N ARG B 643 -3.57 -34.00 25.44
CA ARG B 643 -3.17 -32.79 26.16
C ARG B 643 -4.22 -32.33 27.15
N LEU B 644 -5.45 -32.81 27.03
CA LEU B 644 -6.54 -32.39 27.91
C LEU B 644 -6.29 -32.85 29.33
N ASP B 645 -6.34 -31.88 30.26
CA ASP B 645 -6.13 -32.21 31.66
C ASP B 645 -7.22 -33.15 32.18
N ASN B 646 -8.46 -32.93 31.77
CA ASN B 646 -9.55 -33.83 32.12
C ASN B 646 -10.77 -33.48 31.29
N ILE B 647 -11.57 -34.49 30.99
CA ILE B 647 -12.83 -34.32 30.27
C ILE B 647 -13.96 -34.50 31.28
N ILE B 648 -14.58 -33.39 31.68
CA ILE B 648 -15.61 -33.38 32.70
C ILE B 648 -16.95 -33.60 32.02
N TRP B 649 -17.70 -34.59 32.50
CA TRP B 649 -19.05 -34.82 32.02
C TRP B 649 -20.05 -34.06 32.88
N PHE B 650 -20.96 -33.34 32.23
CA PHE B 650 -22.04 -32.65 32.90
C PHE B 650 -23.30 -33.48 32.75
N ASP B 651 -23.91 -33.86 33.87
CA ASP B 651 -25.05 -34.74 33.85
C ASP B 651 -26.36 -33.95 33.83
N HIS B 652 -27.45 -34.65 33.56
CA HIS B 652 -28.76 -34.02 33.56
C HIS B 652 -29.11 -33.52 34.95
N LEU B 653 -30.04 -32.57 35.02
CA LEU B 653 -30.43 -31.96 36.28
C LEU B 653 -31.57 -32.75 36.91
N SER B 654 -31.46 -32.98 38.22
CA SER B 654 -32.51 -33.66 38.96
C SER B 654 -33.61 -32.67 39.35
N THR B 655 -34.68 -33.21 39.92
CA THR B 655 -35.80 -32.37 40.33
C THR B 655 -35.39 -31.41 41.45
N ASP B 656 -34.65 -31.89 42.45
CA ASP B 656 -34.15 -31.00 43.50
C ASP B 656 -33.23 -29.95 42.92
N VAL B 657 -32.36 -30.35 42.00
CA VAL B 657 -31.50 -29.38 41.33
C VAL B 657 -32.34 -28.35 40.58
N ILE B 658 -33.44 -28.80 39.96
CA ILE B 658 -34.33 -27.88 39.27
C ILE B 658 -34.93 -26.89 40.25
N HIS B 659 -35.35 -27.37 41.42
CA HIS B 659 -35.93 -26.48 42.42
C HIS B 659 -34.90 -25.46 42.89
N GLN B 660 -33.64 -25.89 43.04
CA GLN B 660 -32.59 -24.94 43.40
C GLN B 660 -32.39 -23.91 42.29
N VAL B 661 -32.50 -24.34 41.04
CA VAL B 661 -32.40 -23.41 39.92
C VAL B 661 -33.52 -22.38 39.97
N VAL B 662 -34.73 -22.82 40.30
CA VAL B 662 -35.86 -21.90 40.41
C VAL B 662 -35.64 -20.94 41.56
N ASP B 663 -35.09 -21.43 42.67
CA ASP B 663 -34.77 -20.55 43.79
C ASP B 663 -33.75 -19.51 43.37
N LYS B 664 -32.75 -19.91 42.59
CA LYS B 664 -31.75 -18.96 42.11
C LYS B 664 -32.36 -17.91 41.20
N PHE B 665 -33.20 -18.35 40.25
CA PHE B 665 -33.91 -17.40 39.39
C PHE B 665 -34.75 -16.44 40.22
N ILE B 666 -35.39 -16.95 41.27
CA ILE B 666 -36.30 -16.13 42.06
C ILE B 666 -35.53 -15.10 42.88
N VAL B 667 -34.38 -15.50 43.45
CA VAL B 667 -33.61 -14.53 44.21
C VAL B 667 -32.96 -13.51 43.29
N GLU B 668 -32.61 -13.92 42.07
CA GLU B 668 -32.14 -12.95 41.08
C GLU B 668 -33.22 -11.94 40.76
N LEU B 669 -34.45 -12.40 40.51
CA LEU B 669 -35.55 -11.48 40.28
C LEU B 669 -35.81 -10.61 41.51
N GLN B 670 -35.59 -11.17 42.71
CA GLN B 670 -35.82 -10.43 43.93
C GLN B 670 -34.87 -9.25 44.03
N VAL B 671 -33.57 -9.48 43.78
CA VAL B 671 -32.63 -8.37 43.84
C VAL B 671 -32.85 -7.42 42.67
N GLN B 672 -33.27 -7.95 41.51
CA GLN B 672 -33.57 -7.10 40.37
C GLN B 672 -34.72 -6.17 40.67
N LEU B 673 -35.65 -6.59 41.53
CA LEU B 673 -36.74 -5.70 41.92
C LEU B 673 -36.31 -4.79 43.05
N ASP B 674 -35.56 -5.31 44.02
CA ASP B 674 -35.09 -4.49 45.13
C ASP B 674 -34.23 -3.32 44.64
N GLN B 675 -33.55 -3.48 43.50
CA GLN B 675 -32.80 -2.37 42.94
C GLN B 675 -33.70 -1.17 42.66
N LYS B 676 -35.01 -1.37 42.55
CA LYS B 676 -35.97 -0.29 42.44
C LYS B 676 -36.71 -0.04 43.75
N GLY B 677 -36.33 -0.73 44.82
CA GLY B 677 -36.95 -0.53 46.11
C GLY B 677 -38.27 -1.26 46.30
N VAL B 678 -38.52 -2.30 45.52
CA VAL B 678 -39.76 -3.06 45.60
C VAL B 678 -39.41 -4.51 45.90
N SER B 679 -40.09 -5.08 46.89
CA SER B 679 -39.83 -6.44 47.32
C SER B 679 -40.83 -7.41 46.70
N LEU B 680 -40.50 -8.69 46.76
CA LEU B 680 -41.33 -9.76 46.24
C LEU B 680 -41.30 -10.93 47.22
N GLU B 681 -42.47 -11.51 47.48
CA GLU B 681 -42.59 -12.71 48.27
C GLU B 681 -43.33 -13.77 47.47
N VAL B 682 -42.72 -14.94 47.33
CA VAL B 682 -43.26 -16.02 46.52
C VAL B 682 -43.55 -17.20 47.43
N SER B 683 -44.72 -17.81 47.26
CA SER B 683 -45.10 -18.95 48.07
C SER B 683 -44.30 -20.18 47.68
N GLN B 684 -44.20 -21.12 48.62
CA GLN B 684 -43.44 -22.34 48.36
C GLN B 684 -44.14 -23.21 47.33
N GLU B 685 -45.48 -23.31 47.40
CA GLU B 685 -46.20 -24.10 46.41
C GLU B 685 -46.16 -23.44 45.04
N ALA B 686 -46.06 -22.10 44.99
CA ALA B 686 -45.82 -21.45 43.72
C ALA B 686 -44.48 -21.86 43.13
N ARG B 687 -43.45 -21.95 43.98
CA ARG B 687 -42.15 -22.43 43.54
C ARG B 687 -42.25 -23.85 42.99
N ASN B 688 -42.91 -24.73 43.74
CA ASN B 688 -43.08 -26.11 43.28
C ASN B 688 -43.81 -26.15 41.95
N TRP B 689 -44.89 -25.38 41.81
CA TRP B 689 -45.68 -25.37 40.60
C TRP B 689 -44.87 -24.86 39.41
N LEU B 690 -44.08 -23.81 39.63
CA LEU B 690 -43.18 -23.32 38.59
C LEU B 690 -42.21 -24.40 38.15
N ALA B 691 -41.47 -24.97 39.11
CA ALA B 691 -40.48 -25.98 38.77
C ALA B 691 -41.12 -27.20 38.11
N GLU B 692 -42.38 -27.48 38.45
CA GLU B 692 -43.07 -28.62 37.86
C GLU B 692 -43.46 -28.33 36.42
N LYS B 693 -43.91 -27.10 36.14
CA LYS B 693 -44.29 -26.75 34.78
C LYS B 693 -43.09 -26.84 33.84
N GLY B 694 -42.03 -26.10 34.13
CA GLY B 694 -40.89 -25.99 33.25
C GLY B 694 -39.85 -27.08 33.38
N TYR B 695 -40.11 -28.13 34.14
CA TYR B 695 -39.13 -29.20 34.29
C TYR B 695 -38.93 -29.92 32.96
N ASP B 696 -37.67 -30.02 32.54
CA ASP B 696 -37.31 -30.84 31.40
C ASP B 696 -35.93 -31.41 31.63
N ARG B 697 -35.63 -32.50 30.94
CA ARG B 697 -34.35 -33.17 31.06
C ARG B 697 -33.54 -33.13 29.78
N ALA B 698 -34.20 -33.25 28.62
CA ALA B 698 -33.48 -33.16 27.35
C ALA B 698 -33.02 -31.74 27.08
N MET B 699 -33.79 -30.74 27.54
CA MET B 699 -33.45 -29.34 27.33
C MET B 699 -32.91 -28.68 28.60
N GLY B 700 -32.68 -29.45 29.66
CA GLY B 700 -32.06 -28.90 30.85
C GLY B 700 -32.86 -27.76 31.44
N ALA B 701 -32.14 -26.80 32.01
CA ALA B 701 -32.76 -25.66 32.67
C ALA B 701 -32.86 -24.43 31.77
N ARG B 702 -32.56 -24.57 30.49
CA ARG B 702 -32.63 -23.46 29.55
C ARG B 702 -34.02 -22.82 29.51
N PRO B 703 -35.11 -23.59 29.32
CA PRO B 703 -36.43 -22.93 29.26
C PRO B 703 -36.94 -22.47 30.62
N MET B 704 -36.24 -22.79 31.71
CA MET B 704 -36.70 -22.35 33.02
C MET B 704 -36.67 -20.84 33.15
N ALA B 705 -35.69 -20.18 32.55
CA ALA B 705 -35.66 -18.73 32.57
C ALA B 705 -36.88 -18.14 31.88
N ARG B 706 -37.24 -18.68 30.72
CA ARG B 706 -38.42 -18.18 30.02
C ARG B 706 -39.69 -18.49 30.79
N VAL B 707 -39.74 -19.63 31.47
CA VAL B 707 -40.91 -19.96 32.27
C VAL B 707 -41.07 -18.97 33.41
N ILE B 708 -39.99 -18.73 34.16
CA ILE B 708 -40.02 -17.73 35.23
C ILE B 708 -40.45 -16.38 34.67
N GLN B 709 -39.88 -15.99 33.54
CA GLN B 709 -40.25 -14.72 32.92
C GLN B 709 -41.74 -14.65 32.64
N ASP B 710 -42.25 -15.57 31.84
CA ASP B 710 -43.66 -15.56 31.47
C ASP B 710 -44.56 -15.55 32.70
N ASN B 711 -44.24 -16.36 33.71
CA ASN B 711 -45.16 -16.52 34.82
C ASN B 711 -45.09 -15.40 35.84
N LEU B 712 -43.95 -14.74 35.98
CA LEU B 712 -43.81 -13.71 37.00
C LEU B 712 -43.66 -12.31 36.45
N LYS B 713 -42.78 -12.10 35.47
CA LYS B 713 -42.37 -10.76 35.10
C LYS B 713 -43.48 -10.00 34.39
N LYS B 714 -44.22 -10.66 33.50
CA LYS B 714 -45.30 -9.98 32.79
C LYS B 714 -46.31 -9.33 33.72
N PRO B 715 -46.92 -10.03 34.68
CA PRO B 715 -47.80 -9.34 35.63
C PRO B 715 -47.08 -8.30 36.45
N LEU B 716 -45.85 -8.60 36.87
CA LEU B 716 -45.06 -7.61 37.59
C LEU B 716 -44.76 -6.40 36.73
N ALA B 717 -44.48 -6.64 35.44
CA ALA B 717 -44.23 -5.52 34.53
C ALA B 717 -45.46 -4.64 34.41
N ASN B 718 -46.64 -5.25 34.26
CA ASN B 718 -47.87 -4.47 34.17
C ASN B 718 -48.10 -3.68 35.44
N GLU B 719 -47.98 -4.32 36.61
CA GLU B 719 -48.22 -3.63 37.87
C GLU B 719 -47.18 -2.54 38.11
N LEU B 720 -45.99 -2.69 37.54
CA LEU B 720 -44.91 -1.74 37.81
C LEU B 720 -45.00 -0.52 36.90
N LEU B 721 -45.05 -0.77 35.59
CA LEU B 721 -45.13 0.35 34.65
C LEU B 721 -46.42 1.13 34.82
N PHE B 722 -47.56 0.45 34.87
CA PHE B 722 -48.85 1.11 34.92
C PHE B 722 -49.10 1.81 36.25
N GLY B 723 -48.14 1.80 37.16
CA GLY B 723 -48.24 2.55 38.39
C GLY B 723 -48.96 1.87 39.52
N SER B 724 -49.57 0.72 39.28
CA SER B 724 -50.27 0.01 40.35
C SER B 724 -49.32 -0.51 41.41
N LEU B 725 -48.12 -0.92 41.03
CA LEU B 725 -47.08 -1.33 41.97
C LEU B 725 -45.87 -0.44 41.73
N VAL B 726 -45.67 0.54 42.60
CA VAL B 726 -44.60 1.52 42.47
C VAL B 726 -43.71 1.44 43.70
N ASP B 727 -42.74 2.34 43.74
CA ASP B 727 -41.75 2.41 44.81
C ASP B 727 -42.41 2.33 46.18
N GLY B 728 -41.75 1.62 47.10
CA GLY B 728 -42.26 1.42 48.44
C GLY B 728 -43.19 0.23 48.59
N GLY B 729 -43.77 -0.24 47.50
CA GLY B 729 -44.69 -1.36 47.55
C GLY B 729 -43.97 -2.70 47.62
N GLN B 730 -44.76 -3.72 47.95
CA GLN B 730 -44.26 -5.09 48.04
C GLN B 730 -45.39 -6.03 47.64
N VAL B 731 -45.16 -6.80 46.58
CA VAL B 731 -46.17 -7.70 46.05
C VAL B 731 -45.87 -9.11 46.53
N THR B 732 -46.92 -9.86 46.85
CA THR B 732 -46.82 -11.23 47.33
C THR B 732 -47.62 -12.13 46.40
N VAL B 733 -47.04 -13.28 46.06
CA VAL B 733 -47.62 -14.17 45.06
C VAL B 733 -47.97 -15.51 45.71
N ALA B 734 -49.19 -15.97 45.44
CA ALA B 734 -49.64 -17.28 45.90
C ALA B 734 -50.26 -18.01 44.73
N LEU B 735 -50.36 -19.34 44.86
CA LEU B 735 -50.85 -20.19 43.78
C LEU B 735 -52.34 -20.50 43.99
N ASP B 736 -53.11 -20.40 42.90
CA ASP B 736 -54.50 -20.82 42.89
C ASP B 736 -54.55 -22.31 42.59
N LYS B 737 -55.02 -23.09 43.56
CA LYS B 737 -55.02 -24.55 43.41
C LYS B 737 -56.02 -25.03 42.39
N GLU B 738 -57.13 -24.31 42.21
CA GLU B 738 -58.18 -24.77 41.31
C GLU B 738 -57.76 -24.65 39.85
N LYS B 739 -57.29 -23.46 39.45
CA LYS B 739 -56.95 -23.19 38.05
C LYS B 739 -55.45 -23.13 37.79
N ASN B 740 -54.62 -23.44 38.78
CA ASN B 740 -53.16 -23.36 38.63
C ASN B 740 -52.74 -21.96 38.21
N GLU B 741 -53.12 -20.98 39.01
CA GLU B 741 -52.86 -19.58 38.71
C GLU B 741 -52.21 -18.91 39.90
N LEU B 742 -51.60 -17.75 39.63
CA LEU B 742 -50.94 -16.99 40.68
C LEU B 742 -51.78 -15.78 41.06
N THR B 743 -51.67 -15.40 42.33
CA THR B 743 -52.34 -14.22 42.86
C THR B 743 -51.30 -13.13 43.09
N TYR B 744 -51.70 -11.89 42.82
CA TYR B 744 -50.79 -10.76 42.94
C TYR B 744 -51.47 -9.62 43.67
N GLY B 745 -50.87 -9.20 44.78
CA GLY B 745 -51.36 -8.08 45.55
C GLY B 745 -50.23 -7.46 46.33
N PHE B 746 -50.32 -6.15 46.53
CA PHE B 746 -49.27 -5.42 47.22
C PHE B 746 -49.80 -4.76 48.49
N MET C 169 43.64 22.38 -4.94
CA MET C 169 44.64 21.34 -5.03
C MET C 169 45.59 21.39 -3.84
N GLU C 170 45.69 22.58 -3.23
CA GLU C 170 46.60 22.77 -2.12
C GLU C 170 46.23 21.87 -0.94
N ASN C 171 44.97 21.90 -0.51
CA ASN C 171 44.58 21.15 0.68
C ASN C 171 43.23 20.46 0.52
N PHE C 172 42.73 20.30 -0.71
CA PHE C 172 41.46 19.62 -0.94
C PHE C 172 41.61 18.25 -1.56
N THR C 173 42.74 17.96 -2.20
CA THR C 173 43.03 16.63 -2.71
C THR C 173 44.38 16.18 -2.17
N THR C 174 44.55 14.87 -2.11
CA THR C 174 45.77 14.26 -1.62
C THR C 174 46.55 13.68 -2.79
N ASN C 175 47.84 14.03 -2.87
CA ASN C 175 48.71 13.55 -3.94
C ASN C 175 48.97 12.07 -3.73
N LEU C 176 48.34 11.23 -4.56
CA LEU C 176 48.55 9.80 -4.46
C LEU C 176 49.96 9.38 -4.89
N ASN C 177 50.55 10.09 -5.86
CA ASN C 177 51.94 9.85 -6.18
C ASN C 177 52.83 10.12 -4.98
N GLN C 178 52.52 11.16 -4.20
CA GLN C 178 53.27 11.41 -2.97
C GLN C 178 53.11 10.25 -1.99
N LEU C 179 51.90 9.70 -1.89
CA LEU C 179 51.69 8.55 -1.03
C LEU C 179 52.54 7.36 -1.45
N ALA C 180 52.50 7.02 -2.75
CA ALA C 180 53.31 5.90 -3.23
C ALA C 180 54.80 6.19 -3.07
N ARG C 181 55.19 7.46 -3.15
CA ARG C 181 56.58 7.81 -2.90
C ARG C 181 56.95 7.62 -1.44
N VAL C 182 55.99 7.80 -0.53
CA VAL C 182 56.20 7.55 0.88
C VAL C 182 55.59 6.22 1.32
N GLY C 183 55.05 5.45 0.38
CA GLY C 183 54.51 4.14 0.71
C GLY C 183 53.16 4.16 1.38
N GLY C 184 52.39 5.22 1.21
CA GLY C 184 51.08 5.30 1.82
C GLY C 184 49.98 4.53 1.12
N ILE C 185 50.31 3.84 0.04
CA ILE C 185 49.34 3.08 -0.74
C ILE C 185 49.74 1.61 -0.72
N ASP C 186 48.79 0.74 -0.41
CA ASP C 186 49.05 -0.69 -0.48
C ASP C 186 49.21 -1.10 -1.94
N PRO C 187 50.12 -2.02 -2.24
CA PRO C 187 50.47 -2.29 -3.63
C PRO C 187 49.34 -3.00 -4.37
N LEU C 188 49.16 -2.60 -5.63
CA LEU C 188 48.17 -3.23 -6.51
C LEU C 188 48.80 -4.46 -7.15
N ILE C 189 48.11 -5.59 -7.04
CA ILE C 189 48.59 -6.87 -7.56
C ILE C 189 47.60 -7.37 -8.59
N GLY C 190 48.11 -7.77 -9.75
CA GLY C 190 47.23 -8.27 -10.78
C GLY C 190 46.35 -7.18 -11.35
N ARG C 191 45.09 -7.52 -11.61
CA ARG C 191 44.14 -6.60 -12.22
C ARG C 191 44.67 -6.07 -13.55
N GLU C 192 45.25 -6.98 -14.34
CA GLU C 192 45.94 -6.57 -15.56
C GLU C 192 44.97 -6.01 -16.59
N LYS C 193 43.95 -6.79 -16.95
CA LYS C 193 43.00 -6.34 -17.97
C LYS C 193 42.24 -5.11 -17.50
N GLU C 194 41.87 -5.07 -16.22
CA GLU C 194 41.13 -3.93 -15.70
C GLU C 194 41.95 -2.65 -15.80
N LEU C 195 43.20 -2.68 -15.34
CA LEU C 195 44.02 -1.47 -15.39
C LEU C 195 44.38 -1.12 -16.83
N GLU C 196 44.58 -2.13 -17.68
CA GLU C 196 44.86 -1.86 -19.09
C GLU C 196 43.69 -1.12 -19.73
N ARG C 197 42.46 -1.56 -19.46
CA ARG C 197 41.31 -0.89 -20.04
C ARG C 197 41.10 0.49 -19.41
N ALA C 198 41.43 0.64 -18.14
CA ALA C 198 41.36 1.96 -17.52
C ALA C 198 42.31 2.93 -18.22
N ILE C 199 43.50 2.46 -18.55
CA ILE C 199 44.43 3.29 -19.32
C ILE C 199 43.86 3.58 -20.69
N GLN C 200 43.35 2.56 -21.38
CA GLN C 200 42.74 2.76 -22.69
C GLN C 200 41.68 3.85 -22.66
N VAL C 201 40.83 3.82 -21.62
CA VAL C 201 39.81 4.86 -21.48
C VAL C 201 40.47 6.21 -21.24
N LEU C 202 41.49 6.24 -20.39
CA LEU C 202 42.19 7.50 -20.11
C LEU C 202 42.80 8.10 -21.38
N CYS C 203 43.08 7.27 -22.38
CA CYS C 203 43.72 7.74 -23.60
C CYS C 203 42.73 8.15 -24.68
N ARG C 204 41.43 8.14 -24.39
CA ARG C 204 40.46 8.59 -25.37
C ARG C 204 40.60 10.08 -25.61
N ARG C 205 40.04 10.56 -26.72
CA ARG C 205 40.09 11.99 -27.02
C ARG C 205 39.03 12.75 -26.22
N ARG C 206 37.81 12.24 -26.18
CA ARG C 206 36.72 12.87 -25.46
C ARG C 206 36.16 11.90 -24.43
N LYS C 207 35.73 12.45 -23.30
CA LYS C 207 35.16 11.66 -22.20
C LYS C 207 36.09 10.53 -21.78
N ASN C 208 37.39 10.84 -21.68
CA ASN C 208 38.38 9.89 -21.21
C ASN C 208 38.33 9.78 -19.68
N ASN C 209 37.18 9.31 -19.19
CA ASN C 209 36.89 9.28 -17.76
C ASN C 209 36.40 7.89 -17.38
N PRO C 210 37.31 7.04 -16.91
CA PRO C 210 36.89 5.68 -16.52
C PRO C 210 36.11 5.68 -15.23
N LEU C 211 35.10 4.82 -15.18
CA LEU C 211 34.26 4.65 -14.00
C LEU C 211 34.39 3.22 -13.52
N LEU C 212 34.98 3.05 -12.34
CA LEU C 212 35.19 1.73 -11.75
C LEU C 212 33.95 1.34 -10.97
N VAL C 213 33.13 0.47 -11.56
CA VAL C 213 31.93 -0.04 -10.91
C VAL C 213 32.18 -1.50 -10.57
N GLY C 214 31.64 -1.92 -9.42
CA GLY C 214 31.83 -3.29 -8.97
C GLY C 214 31.26 -3.46 -7.59
N GLU C 215 31.29 -4.70 -7.11
CA GLU C 215 30.83 -4.99 -5.77
C GLU C 215 31.68 -4.23 -4.75
N SER C 216 31.13 -4.10 -3.55
CA SER C 216 31.84 -3.38 -2.50
C SER C 216 33.04 -4.17 -2.01
N GLY C 217 34.17 -3.49 -1.92
CA GLY C 217 35.38 -4.11 -1.40
C GLY C 217 35.99 -5.18 -2.28
N VAL C 218 36.03 -4.94 -3.59
CA VAL C 218 36.68 -5.86 -4.52
C VAL C 218 37.98 -5.31 -5.08
N GLY C 219 38.40 -4.13 -4.65
CA GLY C 219 39.62 -3.53 -5.12
C GLY C 219 39.46 -2.33 -6.03
N LYS C 220 38.26 -1.74 -6.12
CA LYS C 220 38.07 -0.58 -6.97
C LYS C 220 38.96 0.58 -6.51
N THR C 221 38.81 1.00 -5.26
CA THR C 221 39.72 2.00 -4.71
C THR C 221 41.15 1.49 -4.73
N ALA C 222 41.34 0.19 -4.51
CA ALA C 222 42.68 -0.38 -4.58
C ALA C 222 43.27 -0.21 -5.97
N ILE C 223 42.47 -0.45 -7.02
CA ILE C 223 42.96 -0.26 -8.38
C ILE C 223 43.27 1.21 -8.64
N ALA C 224 42.37 2.09 -8.19
CA ALA C 224 42.54 3.51 -8.46
C ALA C 224 43.82 4.04 -7.83
N GLU C 225 44.12 3.64 -6.61
CA GLU C 225 45.36 4.10 -5.97
C GLU C 225 46.57 3.31 -6.45
N GLY C 226 46.36 2.07 -6.87
CA GLY C 226 47.47 1.28 -7.37
C GLY C 226 47.93 1.76 -8.74
N LEU C 227 47.07 2.47 -9.46
CA LEU C 227 47.53 3.10 -10.69
C LEU C 227 48.59 4.15 -10.40
N ALA C 228 48.35 5.02 -9.42
CA ALA C 228 49.36 6.00 -9.04
C ALA C 228 50.57 5.31 -8.41
N TRP C 229 50.34 4.24 -7.65
CA TRP C 229 51.44 3.47 -7.11
C TRP C 229 52.32 2.91 -8.22
N ARG C 230 51.71 2.40 -9.29
CA ARG C 230 52.47 1.89 -10.41
C ARG C 230 53.17 3.02 -11.15
N ILE C 231 52.53 4.18 -11.28
CA ILE C 231 53.18 5.33 -11.89
C ILE C 231 54.47 5.65 -11.13
N VAL C 232 54.39 5.69 -9.81
CA VAL C 232 55.59 5.91 -8.99
C VAL C 232 56.59 4.79 -9.21
N GLN C 233 56.11 3.55 -9.32
CA GLN C 233 57.00 2.45 -9.69
C GLN C 233 57.40 2.49 -11.16
N GLY C 234 56.66 3.24 -11.99
CA GLY C 234 57.01 3.36 -13.39
C GLY C 234 56.67 2.17 -14.25
N ASP C 235 55.98 1.18 -13.71
CA ASP C 235 55.58 0.00 -14.48
C ASP C 235 54.26 0.27 -15.21
N VAL C 236 54.27 1.34 -16.00
CA VAL C 236 53.08 1.75 -16.76
C VAL C 236 53.50 2.01 -18.20
N PRO C 237 52.56 1.91 -19.14
CA PRO C 237 52.87 2.29 -20.52
C PRO C 237 53.24 3.77 -20.59
N GLU C 238 54.13 4.09 -21.52
CA GLU C 238 54.74 5.42 -21.56
C GLU C 238 53.81 6.45 -22.20
N VAL C 239 52.58 6.46 -21.68
CA VAL C 239 51.65 7.55 -21.93
C VAL C 239 51.10 8.14 -20.65
N MET C 240 51.04 7.38 -19.56
CA MET C 240 50.60 7.87 -18.26
C MET C 240 51.76 8.19 -17.34
N ALA C 241 52.99 8.10 -17.84
CA ALA C 241 54.14 8.50 -17.04
C ALA C 241 54.05 9.98 -16.69
N ASP C 242 54.52 10.33 -15.50
CA ASP C 242 54.54 11.69 -14.97
C ASP C 242 53.14 12.25 -14.73
N CYS C 243 52.10 11.46 -14.95
CA CYS C 243 50.75 11.87 -14.56
C CYS C 243 50.51 11.59 -13.09
N THR C 244 49.91 12.56 -12.42
CA THR C 244 49.71 12.50 -10.97
C THR C 244 48.23 12.45 -10.65
N ILE C 245 47.81 11.36 -10.01
CA ILE C 245 46.42 11.14 -9.66
C ILE C 245 46.15 11.76 -8.29
N TYR C 246 45.07 12.52 -8.18
CA TYR C 246 44.68 13.16 -6.93
C TYR C 246 43.32 12.67 -6.48
N SER C 247 43.22 12.31 -5.20
CA SER C 247 41.97 11.86 -4.61
C SER C 247 41.24 13.06 -4.02
N LEU C 248 40.02 13.29 -4.50
CA LEU C 248 39.26 14.46 -4.11
C LEU C 248 38.61 14.24 -2.75
N ASP C 249 38.78 15.21 -1.85
CA ASP C 249 38.14 15.21 -0.54
C ASP C 249 36.94 16.16 -0.62
N ILE C 250 35.76 15.58 -0.88
CA ILE C 250 34.55 16.39 -0.96
C ILE C 250 34.22 17.00 0.40
N GLY C 251 34.54 16.28 1.48
CA GLY C 251 34.23 16.78 2.80
C GLY C 251 34.87 18.12 3.08
N SER C 252 36.20 18.19 2.97
CA SER C 252 36.88 19.47 3.18
C SER C 252 36.52 20.47 2.09
N LEU C 253 36.15 19.99 0.90
CA LEU C 253 35.76 20.90 -0.17
C LEU C 253 34.50 21.67 0.21
N LEU C 254 33.55 21.01 0.87
CA LEU C 254 32.29 21.65 1.23
C LEU C 254 32.33 22.34 2.58
N ALA C 255 33.49 22.40 3.24
CA ALA C 255 33.54 22.83 4.63
C ALA C 255 33.10 24.28 4.79
N GLY C 256 33.71 25.20 4.03
CA GLY C 256 33.49 26.61 4.20
C GLY C 256 32.54 27.26 3.23
N THR C 257 31.69 26.49 2.55
CA THR C 257 30.80 27.07 1.55
C THR C 257 29.54 27.62 2.20
N LYS C 258 29.70 28.45 3.23
CA LYS C 258 28.55 28.99 3.94
C LYS C 258 27.88 30.08 3.12
N TYR C 259 28.66 30.86 2.38
CA TYR C 259 28.14 31.99 1.62
C TYR C 259 27.89 31.61 0.17
N ARG C 260 27.00 32.38 -0.47
CA ARG C 260 26.64 32.14 -1.86
C ARG C 260 27.85 32.27 -2.76
N GLY C 261 28.16 31.21 -3.50
CA GLY C 261 29.22 31.22 -4.47
C GLY C 261 30.55 30.66 -4.00
N ASP C 262 30.76 30.53 -2.70
CA ASP C 262 32.04 30.02 -2.19
C ASP C 262 32.36 28.64 -2.77
N PHE C 263 31.41 27.72 -2.70
CA PHE C 263 31.60 26.39 -3.24
C PHE C 263 31.96 26.44 -4.72
N GLU C 264 31.17 27.18 -5.51
CA GLU C 264 31.45 27.27 -6.94
C GLU C 264 32.79 27.93 -7.19
N LYS C 265 33.13 28.96 -6.42
CA LYS C 265 34.41 29.63 -6.60
C LYS C 265 35.57 28.66 -6.42
N ARG C 266 35.61 27.98 -5.27
CA ARG C 266 36.72 27.07 -5.00
C ARG C 266 36.73 25.91 -5.99
N PHE C 267 35.55 25.40 -6.35
CA PHE C 267 35.49 24.27 -7.27
C PHE C 267 36.01 24.64 -8.64
N LYS C 268 35.60 25.80 -9.16
CA LYS C 268 36.04 26.21 -10.49
C LYS C 268 37.53 26.57 -10.47
N ALA C 269 38.01 27.11 -9.35
CA ALA C 269 39.45 27.36 -9.24
C ALA C 269 40.24 26.06 -9.32
N LEU C 270 39.81 25.05 -8.58
CA LEU C 270 40.45 23.74 -8.66
C LEU C 270 40.35 23.17 -10.07
N LEU C 271 39.19 23.38 -10.73
CA LEU C 271 39.01 22.88 -12.08
C LEU C 271 39.99 23.52 -13.05
N LYS C 272 40.16 24.84 -12.97
CA LYS C 272 41.09 25.49 -13.87
C LYS C 272 42.53 25.12 -13.55
N GLN C 273 42.85 24.86 -12.27
CA GLN C 273 44.16 24.33 -11.95
C GLN C 273 44.39 22.99 -12.63
N LEU C 274 43.41 22.09 -12.53
CA LEU C 274 43.52 20.80 -13.19
C LEU C 274 43.64 20.95 -14.70
N GLU C 275 42.94 21.92 -15.27
CA GLU C 275 43.05 22.17 -16.70
C GLU C 275 44.44 22.65 -17.08
N GLN C 276 45.03 23.51 -16.25
CA GLN C 276 46.36 24.02 -16.56
C GLN C 276 47.42 22.94 -16.41
N ASP C 277 47.22 22.00 -15.49
CA ASP C 277 48.22 20.96 -15.26
C ASP C 277 48.40 20.08 -16.49
N THR C 278 47.30 19.60 -17.06
CA THR C 278 47.27 18.78 -18.27
C THR C 278 47.92 17.42 -18.08
N ASN C 279 48.46 17.16 -16.88
CA ASN C 279 49.02 15.86 -16.56
C ASN C 279 48.28 15.17 -15.43
N SER C 280 47.65 15.92 -14.55
CA SER C 280 47.03 15.35 -13.36
C SER C 280 45.73 14.65 -13.71
N ILE C 281 45.39 13.66 -12.90
CA ILE C 281 44.11 12.97 -12.96
C ILE C 281 43.41 13.14 -11.62
N LEU C 282 42.13 13.47 -11.66
CA LEU C 282 41.33 13.61 -10.46
C LEU C 282 40.57 12.33 -10.19
N PHE C 283 40.92 11.64 -9.11
CA PHE C 283 40.23 10.44 -8.69
C PHE C 283 39.21 10.82 -7.62
N ILE C 284 37.93 10.61 -7.92
CA ILE C 284 36.85 10.91 -7.00
C ILE C 284 36.30 9.59 -6.49
N ASP C 285 36.69 9.20 -5.29
CA ASP C 285 36.13 8.00 -4.70
C ASP C 285 34.69 8.24 -4.30
N GLU C 286 33.87 7.21 -4.51
CA GLU C 286 32.43 7.29 -4.27
C GLU C 286 31.84 8.46 -5.06
N ILE C 287 32.10 8.45 -6.36
CA ILE C 287 31.68 9.56 -7.22
C ILE C 287 30.16 9.66 -7.29
N HIS C 288 29.44 8.63 -6.88
CA HIS C 288 27.99 8.70 -6.82
C HIS C 288 27.50 9.77 -5.85
N THR C 289 28.35 10.23 -4.93
CA THR C 289 27.98 11.33 -4.05
C THR C 289 27.83 12.65 -4.78
N ILE C 290 28.50 12.82 -5.93
CA ILE C 290 28.41 14.09 -6.67
C ILE C 290 27.22 13.93 -7.62
N ILE C 291 26.03 14.11 -7.05
CA ILE C 291 24.79 14.32 -7.80
C ILE C 291 24.16 15.50 -7.10
N GLY C 292 24.82 15.95 -6.03
CA GLY C 292 24.42 17.13 -5.30
C GLY C 292 25.53 17.58 -4.38
N ALA C 293 25.89 18.85 -4.46
CA ALA C 293 26.94 19.39 -3.60
C ALA C 293 26.54 20.76 -3.08
N GLY C 294 25.24 20.93 -2.82
CA GLY C 294 24.73 22.19 -2.32
C GLY C 294 23.81 22.89 -3.28
N ALA C 295 22.51 22.72 -3.06
CA ALA C 295 21.45 23.48 -3.69
C ALA C 295 20.65 24.21 -2.63
N ALA C 296 21.37 24.68 -1.61
CA ALA C 296 20.76 25.23 -0.42
C ALA C 296 19.95 26.47 -0.76
N SER C 297 18.63 26.34 -0.71
CA SER C 297 17.71 27.38 -1.17
C SER C 297 18.03 27.78 -2.60
N GLY C 298 18.27 26.77 -3.44
CA GLY C 298 18.62 27.01 -4.82
C GLY C 298 18.32 25.84 -5.73
N GLY C 299 18.81 25.89 -6.97
CA GLY C 299 18.57 24.86 -7.94
C GLY C 299 19.78 23.98 -8.19
N GLN C 300 19.72 23.25 -9.30
CA GLN C 300 20.75 22.27 -9.66
C GLN C 300 21.97 23.00 -10.22
N VAL C 301 22.67 23.68 -9.32
CA VAL C 301 23.81 24.52 -9.66
C VAL C 301 25.06 24.06 -8.90
N ASP C 302 25.03 22.84 -8.38
CA ASP C 302 26.14 22.30 -7.60
C ASP C 302 27.11 21.55 -8.51
N ALA C 303 28.01 20.78 -7.90
CA ALA C 303 29.08 20.13 -8.64
C ALA C 303 28.56 19.15 -9.68
N ALA C 304 27.30 18.73 -9.57
CA ALA C 304 26.74 17.80 -10.53
C ALA C 304 26.75 18.38 -11.95
N ASN C 305 26.66 19.71 -12.06
CA ASN C 305 26.65 20.36 -13.36
C ASN C 305 27.92 21.15 -13.65
N LEU C 306 28.63 21.60 -12.62
CA LEU C 306 29.89 22.29 -12.84
C LEU C 306 30.89 21.40 -13.54
N ILE C 307 30.84 20.09 -13.29
CA ILE C 307 31.83 19.18 -13.86
C ILE C 307 31.40 18.73 -15.26
N LYS C 308 30.11 18.85 -15.58
CA LYS C 308 29.59 18.31 -16.83
C LYS C 308 30.27 18.85 -18.08
N PRO C 309 30.42 20.17 -18.28
CA PRO C 309 30.99 20.65 -19.55
C PRO C 309 32.47 20.31 -19.73
N LEU C 310 33.23 20.21 -18.66
CA LEU C 310 34.66 19.93 -18.78
C LEU C 310 34.94 18.53 -19.29
N LEU C 311 34.12 17.55 -18.92
CA LEU C 311 34.36 16.18 -19.35
C LEU C 311 34.07 16.01 -20.84
N SER C 312 32.96 16.59 -21.32
CA SER C 312 32.61 16.46 -22.72
C SER C 312 33.62 17.11 -23.65
N SER C 313 34.47 18.00 -23.12
CA SER C 313 35.48 18.66 -23.92
C SER C 313 36.84 17.98 -23.83
N GLY C 314 36.99 16.96 -22.99
CA GLY C 314 38.22 16.21 -22.94
C GLY C 314 39.42 16.99 -22.41
N LYS C 315 39.18 18.02 -21.60
CA LYS C 315 40.29 18.78 -21.05
C LYS C 315 40.86 18.18 -19.78
N ILE C 316 40.04 17.48 -19.00
CA ILE C 316 40.49 16.88 -17.74
C ILE C 316 40.11 15.41 -17.74
N ARG C 317 40.75 14.67 -16.84
CA ARG C 317 40.56 13.22 -16.72
C ARG C 317 40.18 12.89 -15.29
N VAL C 318 39.08 12.18 -15.12
CA VAL C 318 38.57 11.81 -13.80
C VAL C 318 38.31 10.33 -13.76
N ILE C 319 38.65 9.69 -12.65
CA ILE C 319 38.39 8.27 -12.42
C ILE C 319 37.36 8.15 -11.31
N GLY C 320 36.28 7.43 -11.58
CA GLY C 320 35.21 7.24 -10.61
C GLY C 320 35.18 5.82 -10.05
N SER C 321 34.50 5.71 -8.91
CA SER C 321 34.40 4.43 -8.22
C SER C 321 33.09 4.40 -7.44
N THR C 322 32.29 3.36 -7.67
CA THR C 322 31.01 3.22 -6.98
C THR C 322 30.54 1.78 -7.08
N THR C 323 29.76 1.37 -6.09
CA THR C 323 29.18 0.03 -6.10
C THR C 323 28.04 -0.04 -7.11
N TYR C 324 27.67 -1.27 -7.47
CA TYR C 324 26.60 -1.45 -8.43
C TYR C 324 25.30 -0.81 -7.96
N GLN C 325 24.96 -0.98 -6.67
CA GLN C 325 23.69 -0.47 -6.18
C GLN C 325 23.68 1.05 -6.14
N GLU C 326 24.72 1.65 -5.55
CA GLU C 326 24.79 3.11 -5.52
C GLU C 326 24.82 3.68 -6.93
N PHE C 327 25.59 3.06 -7.82
CA PHE C 327 25.59 3.46 -9.22
C PHE C 327 24.18 3.47 -9.78
N SER C 328 23.52 2.31 -9.79
CA SER C 328 22.21 2.17 -10.42
C SER C 328 21.18 3.10 -9.79
N ASN C 329 21.30 3.38 -8.50
CA ASN C 329 20.27 4.14 -7.82
C ASN C 329 20.48 5.64 -7.85
N ILE C 330 21.73 6.10 -7.98
CA ILE C 330 22.06 7.52 -7.88
C ILE C 330 22.68 8.04 -9.17
N PHE C 331 23.71 7.38 -9.66
CA PHE C 331 24.50 7.91 -10.76
C PHE C 331 23.74 7.81 -12.08
N GLU C 332 23.10 6.68 -12.32
CA GLU C 332 22.33 6.48 -13.54
C GLU C 332 21.17 7.44 -13.67
N LYS C 333 20.76 8.09 -12.58
CA LYS C 333 19.62 9.01 -12.65
C LYS C 333 19.89 10.16 -13.62
N ASP C 334 21.07 10.77 -13.55
CA ASP C 334 21.46 11.85 -14.45
C ASP C 334 22.16 11.23 -15.65
N ARG C 335 21.40 11.00 -16.72
CA ARG C 335 21.96 10.40 -17.91
C ARG C 335 23.07 11.24 -18.51
N ALA C 336 22.94 12.57 -18.42
CA ALA C 336 23.97 13.46 -18.97
C ALA C 336 25.31 13.21 -18.32
N LEU C 337 25.36 13.13 -16.99
CA LEU C 337 26.61 12.82 -16.32
C LEU C 337 27.00 11.37 -16.51
N ALA C 338 26.01 10.47 -16.59
CA ALA C 338 26.29 9.05 -16.70
C ALA C 338 27.03 8.72 -17.99
N ARG C 339 26.62 9.35 -19.10
CA ARG C 339 27.25 9.03 -20.38
C ARG C 339 28.65 9.61 -20.52
N ARG C 340 29.04 10.54 -19.66
CA ARG C 340 30.37 11.13 -19.72
C ARG C 340 31.44 10.27 -19.09
N PHE C 341 31.06 9.13 -18.52
CA PHE C 341 32.01 8.20 -17.90
C PHE C 341 31.97 6.87 -18.63
N GLN C 342 33.07 6.12 -18.53
CA GLN C 342 33.18 4.80 -19.13
C GLN C 342 33.09 3.75 -18.03
N LYS C 343 32.00 2.99 -18.04
CA LYS C 343 31.75 2.01 -16.99
C LYS C 343 32.72 0.83 -17.13
N ILE C 344 33.42 0.53 -16.05
CA ILE C 344 34.40 -0.55 -16.01
C ILE C 344 34.06 -1.47 -14.85
N ASP C 345 33.87 -2.75 -15.13
CA ASP C 345 33.41 -3.71 -14.14
C ASP C 345 34.60 -4.38 -13.46
N ILE C 346 34.72 -4.18 -12.16
CA ILE C 346 35.76 -4.82 -11.35
C ILE C 346 35.12 -6.04 -10.69
N THR C 347 35.29 -7.20 -11.31
CA THR C 347 34.68 -8.42 -10.83
C THR C 347 35.46 -8.99 -9.64
N GLU C 348 34.81 -9.89 -8.93
CA GLU C 348 35.47 -10.57 -7.82
C GLU C 348 36.47 -11.59 -8.36
N PRO C 349 37.72 -11.54 -7.93
CA PRO C 349 38.72 -12.49 -8.42
C PRO C 349 38.44 -13.89 -7.93
N SER C 350 39.13 -14.85 -8.54
CA SER C 350 38.98 -16.25 -8.19
C SER C 350 39.93 -16.60 -7.04
N ILE C 351 40.10 -17.89 -6.76
CA ILE C 351 40.90 -18.32 -5.62
C ILE C 351 42.36 -17.93 -5.80
N GLU C 352 42.95 -18.33 -6.92
CA GLU C 352 44.38 -18.13 -7.12
C GLU C 352 44.76 -16.66 -7.10
N GLU C 353 43.94 -15.82 -7.73
CA GLU C 353 44.20 -14.38 -7.71
C GLU C 353 44.17 -13.86 -6.28
N THR C 354 43.23 -14.34 -5.47
CA THR C 354 43.12 -13.86 -4.10
C THR C 354 44.33 -14.29 -3.28
N VAL C 355 44.75 -15.55 -3.42
CA VAL C 355 45.88 -16.02 -2.61
C VAL C 355 47.16 -15.32 -3.05
N GLN C 356 47.27 -14.99 -4.34
CA GLN C 356 48.44 -14.24 -4.79
C GLN C 356 48.41 -12.81 -4.28
N ILE C 357 47.23 -12.19 -4.25
CA ILE C 357 47.09 -10.85 -3.68
C ILE C 357 47.51 -10.85 -2.23
N ILE C 358 47.09 -11.88 -1.49
CA ILE C 358 47.48 -11.96 -0.08
C ILE C 358 48.97 -12.20 0.04
N ASN C 359 49.54 -13.02 -0.86
CA ASN C 359 50.98 -13.24 -0.83
C ASN C 359 51.73 -11.93 -1.01
N GLY C 360 51.26 -11.09 -1.93
CA GLY C 360 51.91 -9.81 -2.14
C GLY C 360 51.63 -8.77 -1.08
N LEU C 361 50.53 -8.90 -0.36
CA LEU C 361 50.16 -7.89 0.64
C LEU C 361 50.66 -8.22 2.04
N LYS C 362 50.83 -9.50 2.36
CA LYS C 362 51.11 -9.91 3.73
C LYS C 362 52.42 -9.40 4.31
N PRO C 363 53.44 -9.01 3.54
CA PRO C 363 54.60 -8.34 4.17
C PRO C 363 54.21 -7.16 5.05
N LYS C 364 53.30 -6.31 4.58
CA LYS C 364 52.88 -5.16 5.38
C LYS C 364 52.18 -5.58 6.67
N TYR C 365 51.34 -6.62 6.61
CA TYR C 365 50.64 -7.05 7.82
C TYR C 365 51.58 -7.74 8.79
N GLU C 366 52.54 -8.50 8.27
CA GLU C 366 53.59 -9.07 9.12
C GLU C 366 54.38 -7.96 9.80
N ALA C 367 54.65 -6.89 9.08
CA ALA C 367 55.37 -5.76 9.68
C ALA C 367 54.53 -5.09 10.75
N HIS C 368 53.23 -4.90 10.49
CA HIS C 368 52.39 -4.16 11.41
C HIS C 368 52.10 -4.97 12.67
N HIS C 369 51.83 -6.25 12.52
CA HIS C 369 51.44 -7.09 13.65
C HIS C 369 52.59 -7.92 14.21
N ASP C 370 53.78 -7.85 13.61
CA ASP C 370 54.95 -8.57 14.09
C ASP C 370 54.71 -10.07 14.17
N VAL C 371 54.18 -10.64 13.07
CA VAL C 371 53.86 -12.05 13.00
C VAL C 371 54.42 -12.60 11.69
N ARG C 372 54.27 -13.91 11.52
CA ARG C 372 54.65 -14.61 10.30
C ARG C 372 53.49 -15.49 9.85
N TYR C 373 53.17 -15.43 8.56
CA TYR C 373 52.13 -16.26 8.00
C TYR C 373 52.73 -17.37 7.14
N THR C 374 52.32 -18.60 7.41
CA THR C 374 52.70 -19.70 6.54
C THR C 374 51.86 -19.67 5.27
N ALA C 375 52.40 -20.31 4.22
CA ALA C 375 51.65 -20.37 2.96
C ALA C 375 50.35 -21.16 3.15
N LYS C 376 50.41 -22.26 3.88
CA LYS C 376 49.21 -23.03 4.17
C LYS C 376 48.20 -22.19 4.95
N ALA C 377 48.69 -21.33 5.84
CA ALA C 377 47.79 -20.44 6.57
C ALA C 377 47.01 -19.55 5.62
N VAL C 378 47.69 -18.99 4.61
CA VAL C 378 47.04 -18.10 3.66
C VAL C 378 46.04 -18.87 2.80
N ARG C 379 46.44 -20.04 2.32
CA ARG C 379 45.54 -20.84 1.50
C ARG C 379 44.30 -21.26 2.28
N ALA C 380 44.48 -21.63 3.55
CA ALA C 380 43.35 -21.99 4.39
C ALA C 380 42.46 -20.78 4.63
N ALA C 381 43.06 -19.61 4.87
CA ALA C 381 42.26 -18.40 5.02
C ALA C 381 41.38 -18.18 3.79
N VAL C 382 41.96 -18.31 2.60
CA VAL C 382 41.18 -18.11 1.38
C VAL C 382 40.03 -19.10 1.30
N GLU C 383 40.33 -20.40 1.44
CA GLU C 383 39.30 -21.40 1.23
C GLU C 383 38.19 -21.30 2.28
N LEU C 384 38.57 -21.04 3.54
CA LEU C 384 37.57 -20.95 4.60
C LEU C 384 36.72 -19.69 4.46
N ALA C 385 37.35 -18.56 4.12
CA ALA C 385 36.57 -17.34 3.89
C ALA C 385 35.62 -17.52 2.71
N VAL C 386 36.02 -18.34 1.74
CA VAL C 386 35.12 -18.62 0.62
C VAL C 386 33.93 -19.43 1.10
N LYS C 387 34.17 -20.55 1.77
CA LYS C 387 33.09 -21.48 2.01
C LYS C 387 32.30 -21.22 3.29
N TYR C 388 32.73 -20.26 4.12
CA TYR C 388 32.08 -20.04 5.40
C TYR C 388 31.54 -18.63 5.61
N ILE C 389 32.09 -17.63 4.94
CA ILE C 389 31.64 -16.26 5.09
C ILE C 389 30.98 -15.85 3.78
N ASN C 390 29.65 -15.69 3.80
CA ASN C 390 28.89 -15.29 2.63
C ASN C 390 28.37 -13.86 2.74
N ASP C 391 28.89 -13.10 3.71
CA ASP C 391 28.51 -11.70 3.88
C ASP C 391 29.27 -10.80 2.92
N ARG C 392 30.56 -11.03 2.72
CA ARG C 392 31.41 -10.10 2.00
C ARG C 392 32.04 -10.80 0.80
N HIS C 393 32.90 -10.08 0.10
CA HIS C 393 33.51 -10.58 -1.12
C HIS C 393 34.99 -10.84 -0.92
N LEU C 394 35.56 -11.66 -1.81
CA LEU C 394 36.83 -12.33 -1.57
C LEU C 394 37.98 -11.39 -1.21
N PRO C 395 38.41 -10.47 -2.07
CA PRO C 395 39.69 -9.79 -1.80
C PRO C 395 39.67 -8.93 -0.57
N ASP C 396 38.50 -8.73 0.05
CA ASP C 396 38.46 -8.00 1.31
C ASP C 396 38.24 -8.92 2.50
N LYS C 397 37.37 -9.92 2.36
CA LYS C 397 37.12 -10.81 3.50
C LYS C 397 38.33 -11.68 3.80
N ALA C 398 39.07 -12.10 2.77
CA ALA C 398 40.28 -12.86 3.02
C ALA C 398 41.30 -12.04 3.80
N ILE C 399 41.54 -10.80 3.37
CA ILE C 399 42.50 -9.95 4.07
C ILE C 399 41.96 -9.54 5.43
N ASP C 400 40.64 -9.56 5.61
CA ASP C 400 40.09 -9.31 6.94
C ASP C 400 40.39 -10.45 7.88
N VAL C 401 40.21 -11.69 7.40
CA VAL C 401 40.67 -12.85 8.16
C VAL C 401 42.13 -12.71 8.53
N ILE C 402 42.96 -12.31 7.55
CA ILE C 402 44.39 -12.19 7.79
C ILE C 402 44.67 -11.13 8.85
N ASP C 403 44.03 -9.96 8.73
CA ASP C 403 44.27 -8.87 9.67
C ASP C 403 43.85 -9.24 11.08
N GLU C 404 42.70 -9.90 11.22
CA GLU C 404 42.26 -10.27 12.56
C GLU C 404 43.14 -11.37 13.15
N ALA C 405 43.61 -12.31 12.31
CA ALA C 405 44.55 -13.30 12.79
C ALA C 405 45.83 -12.62 13.27
N GLY C 406 46.32 -11.65 12.50
CA GLY C 406 47.50 -10.91 12.91
C GLY C 406 47.30 -10.20 14.24
N ALA C 407 46.16 -9.54 14.39
CA ALA C 407 45.89 -8.81 15.63
C ALA C 407 45.79 -9.75 16.82
N ARG C 408 45.10 -10.88 16.65
CA ARG C 408 44.95 -11.82 17.75
C ARG C 408 46.30 -12.39 18.15
N ALA C 409 47.07 -12.89 17.18
CA ALA C 409 48.38 -13.44 17.49
C ALA C 409 49.34 -12.36 17.99
N ARG C 410 49.04 -11.09 17.69
CA ARG C 410 49.85 -9.99 18.19
C ARG C 410 49.52 -9.68 19.64
N LEU C 411 48.27 -9.92 20.05
CA LEU C 411 47.88 -9.73 21.44
C LEU C 411 48.29 -10.89 22.34
N MET C 412 48.78 -11.97 21.77
CA MET C 412 49.23 -13.14 22.52
C MET C 412 50.57 -12.95 23.22
N PRO C 413 51.54 -12.19 22.64
CA PRO C 413 52.83 -11.98 23.33
C PRO C 413 52.74 -11.40 24.74
N VAL C 414 51.54 -11.11 25.25
CA VAL C 414 51.40 -10.90 26.68
C VAL C 414 51.92 -12.10 27.44
N SER C 415 51.86 -13.30 26.84
CA SER C 415 52.56 -14.48 27.32
C SER C 415 53.76 -14.83 26.45
N LYS C 416 54.27 -13.86 25.70
CA LYS C 416 55.44 -14.02 24.84
C LYS C 416 55.20 -15.07 23.76
N ARG C 417 54.08 -14.94 23.04
CA ARG C 417 53.78 -15.80 21.90
C ARG C 417 54.30 -15.15 20.62
N LYS C 418 55.62 -15.03 20.55
CA LYS C 418 56.29 -14.57 19.34
C LYS C 418 56.50 -15.77 18.44
N LYS C 419 55.62 -15.93 17.46
CA LYS C 419 55.65 -17.10 16.59
C LYS C 419 54.86 -16.81 15.33
N THR C 420 54.88 -17.76 14.41
CA THR C 420 54.12 -17.64 13.18
C THR C 420 52.65 -17.97 13.44
N VAL C 421 51.80 -17.53 12.52
CA VAL C 421 50.36 -17.75 12.58
C VAL C 421 50.04 -18.93 11.70
N ASN C 422 49.85 -20.10 12.31
CA ASN C 422 49.63 -21.33 11.59
C ASN C 422 48.18 -21.45 11.13
N VAL C 423 47.81 -22.63 10.66
CA VAL C 423 46.47 -22.85 10.14
C VAL C 423 45.45 -22.83 11.26
N ALA C 424 45.82 -23.37 12.42
CA ALA C 424 44.88 -23.45 13.54
C ALA C 424 44.39 -22.07 13.95
N ASP C 425 45.29 -21.09 13.99
CA ASP C 425 44.87 -19.74 14.35
C ASP C 425 43.92 -19.16 13.30
N ILE C 426 44.19 -19.42 12.03
CA ILE C 426 43.30 -18.97 10.96
C ILE C 426 41.91 -19.55 11.16
N GLU C 427 41.84 -20.84 11.50
CA GLU C 427 40.53 -21.45 11.75
C GLU C 427 39.87 -20.87 12.99
N SER C 428 40.64 -20.50 14.00
CA SER C 428 40.07 -19.80 15.14
C SER C 428 39.40 -18.51 14.70
N VAL C 429 40.12 -17.69 13.93
CA VAL C 429 39.57 -16.43 13.46
C VAL C 429 38.30 -16.66 12.65
N VAL C 430 38.34 -17.63 11.74
CA VAL C 430 37.20 -17.89 10.87
C VAL C 430 36.00 -18.33 11.69
N ALA C 431 36.22 -19.19 12.69
CA ALA C 431 35.10 -19.67 13.50
C ALA C 431 34.53 -18.57 14.37
N ARG C 432 35.40 -17.73 14.95
CA ARG C 432 34.90 -16.66 15.81
C ARG C 432 34.20 -15.59 14.99
N ILE C 433 34.54 -15.45 13.71
CA ILE C 433 33.84 -14.49 12.86
C ILE C 433 32.51 -15.07 12.41
N ALA C 434 32.53 -16.24 11.80
CA ALA C 434 31.32 -16.84 11.25
C ALA C 434 30.45 -17.52 12.32
N ARG C 435 30.94 -17.58 13.56
CA ARG C 435 30.19 -18.19 14.67
C ARG C 435 29.83 -19.64 14.36
N ILE C 436 30.85 -20.46 14.15
CA ILE C 436 30.66 -21.86 13.81
C ILE C 436 31.52 -22.69 14.75
N PRO C 437 31.06 -23.90 15.04
CA PRO C 437 31.78 -24.81 15.94
C PRO C 437 32.96 -25.47 15.24
N GLU C 438 34.03 -24.71 15.02
CA GLU C 438 35.22 -25.22 14.37
C GLU C 438 36.36 -25.41 15.37
N LYS C 439 37.60 -25.31 14.88
CA LYS C 439 38.77 -25.47 15.72
C LYS C 439 38.90 -26.91 16.22
N SER C 440 38.50 -27.86 15.37
CA SER C 440 38.56 -29.25 15.72
C SER C 440 37.95 -29.40 17.07
N VAL C 441 37.38 -30.56 17.32
CA VAL C 441 36.75 -30.83 18.58
C VAL C 441 37.61 -30.37 19.74
N SER C 442 38.51 -31.23 20.18
CA SER C 442 39.44 -30.89 21.26
C SER C 442 38.96 -31.01 22.71
N GLN C 443 39.71 -30.31 23.56
CA GLN C 443 39.54 -30.21 25.00
C GLN C 443 38.57 -31.18 25.61
N SER C 444 37.34 -30.68 25.75
CA SER C 444 36.22 -31.43 26.31
C SER C 444 35.10 -31.44 25.27
N ASP C 445 35.22 -30.59 24.26
CA ASP C 445 34.23 -30.59 23.21
C ASP C 445 34.07 -32.05 22.78
N ARG C 446 35.15 -32.81 22.94
CA ARG C 446 35.18 -34.23 22.62
C ARG C 446 34.41 -34.98 23.70
N ASP C 447 34.67 -34.68 24.98
CA ASP C 447 33.94 -35.38 26.03
C ASP C 447 32.44 -35.20 25.86
N THR C 448 32.00 -33.95 25.67
CA THR C 448 30.57 -33.67 25.53
C THR C 448 29.95 -34.45 24.37
N LEU C 449 30.63 -34.47 23.23
CA LEU C 449 30.12 -35.24 22.10
C LEU C 449 30.15 -36.73 22.38
N LYS C 450 31.10 -37.18 23.22
CA LYS C 450 31.25 -38.61 23.46
C LYS C 450 30.04 -39.17 24.20
N ASN C 451 29.68 -38.57 25.33
CA ASN C 451 28.59 -39.06 26.15
C ASN C 451 27.30 -38.29 25.94
N LEU C 452 27.11 -37.69 24.76
CA LEU C 452 25.87 -37.01 24.46
C LEU C 452 24.70 -38.00 24.40
N GLY C 453 24.91 -39.12 23.72
CA GLY C 453 23.88 -40.16 23.69
C GLY C 453 23.49 -40.61 25.08
N ASP C 454 24.44 -40.66 26.00
CA ASP C 454 24.13 -41.01 27.38
C ASP C 454 23.29 -39.91 28.05
N ARG C 455 23.73 -38.66 27.95
CA ARG C 455 23.01 -37.58 28.61
C ARG C 455 21.60 -37.43 28.07
N LEU C 456 21.37 -37.88 26.83
CA LEU C 456 20.02 -37.87 26.31
C LEU C 456 19.25 -39.10 26.74
N LYS C 457 19.89 -40.27 26.74
CA LYS C 457 19.19 -41.50 27.08
C LYS C 457 18.74 -41.50 28.54
N MET C 458 19.43 -40.74 29.39
CA MET C 458 19.01 -40.62 30.78
C MET C 458 17.84 -39.68 30.96
N LEU C 459 17.50 -38.89 29.95
CA LEU C 459 16.35 -38.00 30.01
C LEU C 459 15.23 -38.40 29.06
N VAL C 460 15.55 -39.16 28.02
CA VAL C 460 14.55 -39.70 27.10
C VAL C 460 14.68 -41.21 27.13
N PHE C 461 13.63 -41.88 27.59
CA PHE C 461 13.65 -43.32 27.77
C PHE C 461 12.97 -43.99 26.58
N GLY C 462 13.59 -45.04 26.06
CA GLY C 462 13.16 -45.61 24.80
C GLY C 462 13.50 -44.66 23.67
N GLN C 463 13.14 -45.09 22.45
CA GLN C 463 13.42 -44.34 21.23
C GLN C 463 14.89 -43.95 21.16
N ASP C 464 15.77 -44.91 21.46
CA ASP C 464 17.19 -44.61 21.53
C ASP C 464 17.80 -44.41 20.15
N LYS C 465 17.24 -45.06 19.12
CA LYS C 465 17.82 -44.94 17.79
C LYS C 465 17.67 -43.53 17.24
N ALA C 466 16.65 -42.80 17.68
CA ALA C 466 16.57 -41.38 17.33
C ALA C 466 17.74 -40.60 17.90
N ILE C 467 18.06 -40.84 19.16
CA ILE C 467 19.24 -40.20 19.76
C ILE C 467 20.49 -40.63 19.03
N GLU C 468 20.55 -41.90 18.60
CA GLU C 468 21.69 -42.37 17.84
C GLU C 468 21.85 -41.58 16.55
N ALA C 469 20.78 -41.42 15.79
CA ALA C 469 20.85 -40.69 14.52
C ALA C 469 21.25 -39.23 14.75
N LEU C 470 20.62 -38.58 15.74
CA LEU C 470 20.97 -37.19 16.03
C LEU C 470 22.44 -37.05 16.39
N THR C 471 22.94 -37.90 17.29
CA THR C 471 24.33 -37.83 17.70
C THR C 471 25.28 -38.13 16.55
N GLU C 472 24.93 -39.10 15.69
CA GLU C 472 25.77 -39.39 14.54
C GLU C 472 25.87 -38.19 13.63
N ALA C 473 24.74 -37.53 13.35
CA ALA C 473 24.78 -36.35 12.50
C ALA C 473 25.62 -35.25 13.12
N ILE C 474 25.44 -35.00 14.42
CA ILE C 474 26.20 -33.94 15.08
C ILE C 474 27.68 -34.25 15.06
N LYS C 475 28.05 -35.51 15.32
CA LYS C 475 29.46 -35.88 15.29
C LYS C 475 30.05 -35.71 13.90
N MET C 476 29.36 -36.22 12.88
CA MET C 476 29.82 -36.03 11.50
C MET C 476 30.04 -34.56 11.20
N ALA C 477 29.16 -33.70 11.69
CA ALA C 477 29.37 -32.27 11.53
C ALA C 477 30.65 -31.82 12.21
N ARG C 478 30.82 -32.16 13.48
CA ARG C 478 32.01 -31.71 14.20
C ARG C 478 33.27 -32.43 13.73
N ALA C 479 33.13 -33.66 13.23
CA ALA C 479 34.29 -34.41 12.76
C ALA C 479 34.72 -34.00 11.36
N GLY C 480 34.10 -32.98 10.79
CA GLY C 480 34.50 -32.53 9.46
C GLY C 480 34.06 -33.43 8.34
N LEU C 481 33.13 -34.35 8.59
CA LEU C 481 32.61 -35.22 7.55
C LEU C 481 31.19 -34.83 7.14
N GLY C 482 30.74 -33.64 7.52
CA GLY C 482 29.42 -33.17 7.16
C GLY C 482 29.29 -32.98 5.66
N HIS C 483 28.14 -32.43 5.28
CA HIS C 483 27.89 -32.18 3.87
C HIS C 483 28.58 -30.91 3.42
N GLU C 484 28.79 -30.82 2.11
CA GLU C 484 29.41 -29.62 1.54
C GLU C 484 28.60 -28.37 1.86
N HIS C 485 27.30 -28.40 1.58
CA HIS C 485 26.41 -27.32 1.99
C HIS C 485 25.02 -27.85 2.25
N LYS C 486 24.76 -28.23 3.49
CA LYS C 486 23.46 -28.74 3.90
C LYS C 486 23.32 -28.49 5.39
N PRO C 487 22.10 -28.54 5.92
CA PRO C 487 21.95 -28.49 7.38
C PRO C 487 22.69 -29.65 8.03
N VAL C 488 23.09 -29.44 9.28
CA VAL C 488 23.77 -30.50 10.03
C VAL C 488 22.97 -31.79 9.97
N GLY C 489 21.66 -31.68 10.17
CA GLY C 489 20.78 -32.83 10.05
C GLY C 489 19.39 -32.39 9.67
N SER C 490 18.76 -33.21 8.83
CA SER C 490 17.38 -32.99 8.39
C SER C 490 16.59 -34.24 8.70
N PHE C 491 15.85 -34.22 9.80
CA PHE C 491 15.21 -35.42 10.33
C PHE C 491 13.70 -35.24 10.42
N LEU C 492 12.98 -36.31 10.10
CA LEU C 492 11.54 -36.38 10.26
C LEU C 492 11.21 -37.39 11.34
N PHE C 493 10.80 -36.91 12.51
CA PHE C 493 10.43 -37.77 13.62
C PHE C 493 8.93 -37.99 13.60
N ALA C 494 8.51 -39.22 13.36
CA ALA C 494 7.10 -39.57 13.25
C ALA C 494 6.77 -40.67 14.24
N GLY C 495 5.60 -40.55 14.86
CA GLY C 495 5.16 -41.52 15.82
C GLY C 495 3.97 -41.05 16.64
N PRO C 496 3.44 -41.95 17.48
CA PRO C 496 2.26 -41.61 18.28
C PRO C 496 2.56 -40.51 19.28
N THR C 497 1.49 -39.89 19.77
CA THR C 497 1.64 -38.76 20.69
C THR C 497 2.26 -39.22 21.99
N GLY C 498 2.99 -38.31 22.63
CA GLY C 498 3.54 -38.56 23.95
C GLY C 498 4.60 -39.63 24.01
N VAL C 499 5.42 -39.76 22.97
CA VAL C 499 6.50 -40.74 22.96
C VAL C 499 7.86 -40.05 22.97
N GLY C 500 7.91 -38.74 23.18
CA GLY C 500 9.16 -38.03 23.29
C GLY C 500 9.66 -37.37 22.02
N LYS C 501 8.78 -37.13 21.04
CA LYS C 501 9.24 -36.61 19.76
C LYS C 501 9.82 -35.21 19.89
N THR C 502 9.08 -34.31 20.55
CA THR C 502 9.61 -32.98 20.80
C THR C 502 10.54 -32.93 22.00
N GLU C 503 10.37 -33.85 22.95
CA GLU C 503 11.19 -33.81 24.16
C GLU C 503 12.65 -34.15 23.85
N VAL C 504 12.88 -35.15 23.00
CA VAL C 504 14.26 -35.49 22.65
C VAL C 504 14.94 -34.30 21.99
N THR C 505 14.20 -33.54 21.17
CA THR C 505 14.79 -32.39 20.51
C THR C 505 15.09 -31.28 21.49
N VAL C 506 14.14 -30.97 22.38
CA VAL C 506 14.38 -29.92 23.36
C VAL C 506 15.55 -30.29 24.26
N GLN C 507 15.63 -31.55 24.67
CA GLN C 507 16.74 -31.97 25.52
C GLN C 507 18.06 -31.98 24.76
N LEU C 508 18.02 -32.27 23.46
CA LEU C 508 19.23 -32.15 22.65
C LEU C 508 19.72 -30.71 22.63
N SER C 509 18.79 -29.78 22.45
CA SER C 509 19.15 -28.36 22.49
C SER C 509 19.77 -28.00 23.83
N LYS C 510 19.15 -28.46 24.93
CA LYS C 510 19.67 -28.12 26.25
C LYS C 510 21.03 -28.76 26.51
N ALA C 511 21.24 -29.96 25.98
CA ALA C 511 22.51 -30.64 26.17
C ALA C 511 23.63 -29.96 25.40
N LEU C 512 23.37 -29.57 24.17
CA LEU C 512 24.39 -28.89 23.38
C LEU C 512 24.64 -27.47 23.85
N GLY C 513 23.72 -26.90 24.62
CA GLY C 513 23.89 -25.53 25.09
C GLY C 513 23.75 -24.49 24.01
N ILE C 514 22.93 -24.76 22.98
CA ILE C 514 22.73 -23.83 21.88
C ILE C 514 21.27 -23.44 21.83
N GLU C 515 20.94 -22.55 20.90
CA GLU C 515 19.60 -22.00 20.80
C GLU C 515 18.65 -23.03 20.19
N LEU C 516 17.41 -23.02 20.68
CA LEU C 516 16.35 -23.82 20.11
C LEU C 516 15.40 -22.90 19.34
N LEU C 517 15.24 -23.16 18.05
CA LEU C 517 14.34 -22.40 17.21
C LEU C 517 13.07 -23.23 17.02
N ARG C 518 12.07 -22.97 17.84
CA ARG C 518 10.81 -23.71 17.80
C ARG C 518 9.84 -22.99 16.89
N PHE C 519 9.26 -23.71 15.95
CA PHE C 519 8.24 -23.19 15.07
C PHE C 519 7.05 -24.14 15.07
N ASP C 520 5.86 -23.57 15.22
CA ASP C 520 4.62 -24.35 15.33
C ASP C 520 3.95 -24.36 13.97
N MET C 521 4.22 -25.42 13.18
CA MET C 521 3.68 -25.51 11.84
C MET C 521 2.16 -25.55 11.80
N SER C 522 1.50 -25.68 12.96
CA SER C 522 0.05 -25.61 12.98
C SER C 522 -0.45 -24.20 12.65
N GLU C 523 0.36 -23.17 12.88
CA GLU C 523 -0.02 -21.81 12.55
C GLU C 523 0.12 -21.49 11.07
N TYR C 524 0.58 -22.45 10.27
CA TYR C 524 0.82 -22.24 8.85
C TYR C 524 -0.11 -23.11 8.01
N MET C 525 -1.39 -23.15 8.41
CA MET C 525 -2.36 -23.98 7.71
C MET C 525 -2.58 -23.52 6.27
N GLU C 526 -2.48 -22.22 6.01
CA GLU C 526 -2.83 -21.66 4.73
C GLU C 526 -1.60 -21.46 3.86
N ARG C 527 -1.79 -21.59 2.55
CA ARG C 527 -0.68 -21.43 1.61
C ARG C 527 -0.03 -20.06 1.74
N HIS C 528 -0.83 -19.02 1.87
CA HIS C 528 -0.30 -17.66 1.90
C HIS C 528 0.40 -17.30 3.20
N THR C 529 0.58 -18.26 4.11
CA THR C 529 1.31 -17.95 5.33
C THR C 529 2.82 -18.02 5.13
N VAL C 530 3.28 -18.44 3.94
CA VAL C 530 4.71 -18.50 3.67
C VAL C 530 5.35 -17.13 3.89
N SER C 531 4.64 -16.07 3.51
CA SER C 531 5.15 -14.73 3.73
C SER C 531 5.43 -14.46 5.19
N ARG C 532 4.76 -15.17 6.10
CA ARG C 532 5.12 -15.05 7.52
C ARG C 532 6.48 -15.66 7.79
N LEU C 533 6.86 -16.69 7.03
CA LEU C 533 8.17 -17.29 7.20
C LEU C 533 9.27 -16.46 6.58
N ILE C 534 9.09 -16.03 5.32
CA ILE C 534 10.16 -15.42 4.56
C ILE C 534 9.96 -13.93 4.30
N GLY C 535 8.85 -13.35 4.73
CA GLY C 535 8.69 -11.92 4.52
C GLY C 535 7.81 -11.61 3.34
N ALA C 536 7.25 -10.41 3.34
CA ALA C 536 6.38 -9.97 2.26
C ALA C 536 7.19 -9.38 1.12
N PRO C 537 6.75 -9.56 -0.12
CA PRO C 537 7.45 -8.97 -1.26
C PRO C 537 7.54 -7.46 -1.11
N PRO C 538 8.49 -6.81 -1.80
CA PRO C 538 8.65 -5.38 -1.65
C PRO C 538 7.44 -4.61 -2.14
N GLY C 539 7.19 -3.45 -1.52
CA GLY C 539 6.06 -2.62 -1.84
C GLY C 539 4.81 -2.93 -1.04
N TYR C 540 4.84 -3.93 -0.18
CA TYR C 540 3.66 -4.34 0.57
C TYR C 540 3.80 -3.97 2.04
N VAL C 541 2.73 -4.22 2.79
CA VAL C 541 2.60 -3.63 4.12
C VAL C 541 3.62 -4.21 5.09
N GLY C 542 3.86 -5.51 5.04
CA GLY C 542 4.76 -6.15 5.97
C GLY C 542 6.19 -6.27 5.50
N PHE C 543 6.63 -5.45 4.55
CA PHE C 543 7.96 -5.60 3.99
C PHE C 543 9.04 -5.32 5.02
N ASP C 544 8.84 -4.29 5.85
CA ASP C 544 9.85 -3.88 6.81
C ASP C 544 10.09 -4.89 7.92
N GLN C 545 9.31 -5.97 7.98
CA GLN C 545 9.47 -6.96 9.05
C GLN C 545 10.39 -8.10 8.66
N GLY C 546 10.63 -8.31 7.38
CA GLY C 546 11.37 -9.50 7.00
C GLY C 546 10.53 -10.75 7.25
N GLY C 547 11.22 -11.88 7.31
CA GLY C 547 10.59 -13.15 7.60
C GLY C 547 11.08 -13.68 8.94
N LEU C 548 10.22 -14.45 9.60
CA LEU C 548 10.56 -14.94 10.94
C LEU C 548 11.63 -16.02 10.88
N LEU C 549 11.47 -16.99 9.98
CA LEU C 549 12.40 -18.11 9.91
C LEU C 549 13.82 -17.64 9.59
N THR C 550 13.98 -16.88 8.51
CA THR C 550 15.30 -16.44 8.10
C THR C 550 15.91 -15.48 9.11
N ASP C 551 15.09 -14.63 9.72
CA ASP C 551 15.64 -13.73 10.73
C ASP C 551 16.14 -14.50 11.94
N ALA C 552 15.39 -15.51 12.38
CA ALA C 552 15.85 -16.34 13.49
C ALA C 552 17.14 -17.06 13.13
N VAL C 553 17.23 -17.60 11.92
CA VAL C 553 18.43 -18.33 11.53
C VAL C 553 19.63 -17.39 11.46
N ILE C 554 19.42 -16.18 10.93
CA ILE C 554 20.52 -15.22 10.83
C ILE C 554 20.98 -14.78 12.22
N LYS C 555 20.03 -14.60 13.14
CA LYS C 555 20.41 -14.22 14.50
C LYS C 555 21.17 -15.35 15.19
N HIS C 556 20.76 -16.60 14.95
CA HIS C 556 21.37 -17.77 15.58
C HIS C 556 21.77 -18.76 14.49
N PRO C 557 22.96 -18.58 13.91
CA PRO C 557 23.39 -19.49 12.85
C PRO C 557 23.69 -20.89 13.34
N HIS C 558 24.11 -21.05 14.58
CA HIS C 558 24.34 -22.35 15.19
C HIS C 558 23.23 -22.61 16.19
N ALA C 559 22.26 -23.43 15.79
CA ALA C 559 21.10 -23.71 16.62
C ALA C 559 20.43 -24.97 16.09
N VAL C 560 19.38 -25.39 16.78
CA VAL C 560 18.57 -26.54 16.36
C VAL C 560 17.21 -26.03 15.96
N LEU C 561 16.77 -26.38 14.76
CA LEU C 561 15.52 -25.88 14.20
C LEU C 561 14.44 -26.92 14.37
N LEU C 562 13.45 -26.61 15.20
CA LEU C 562 12.38 -27.53 15.53
C LEU C 562 11.09 -27.06 14.87
N LEU C 563 10.51 -27.93 14.04
CA LEU C 563 9.26 -27.65 13.34
C LEU C 563 8.20 -28.61 13.85
N ASP C 564 7.38 -28.15 14.78
CA ASP C 564 6.37 -28.99 15.40
C ASP C 564 5.21 -29.24 14.45
N GLU C 565 4.90 -30.51 14.24
CA GLU C 565 3.69 -30.95 13.55
C GLU C 565 3.61 -30.34 12.15
N ILE C 566 4.57 -30.73 11.32
CA ILE C 566 4.64 -30.17 9.96
C ILE C 566 3.50 -30.67 9.10
N GLU C 567 2.88 -31.79 9.44
CA GLU C 567 1.74 -32.25 8.68
C GLU C 567 0.53 -31.34 8.83
N LYS C 568 0.55 -30.44 9.80
CA LYS C 568 -0.54 -29.49 10.01
C LYS C 568 -0.44 -28.26 9.12
N ALA C 569 0.74 -27.95 8.60
CA ALA C 569 0.88 -26.80 7.72
C ALA C 569 0.33 -27.12 6.34
N HIS C 570 0.17 -26.07 5.53
CA HIS C 570 -0.31 -26.26 4.17
C HIS C 570 0.69 -27.12 3.39
N PRO C 571 0.22 -28.11 2.64
CA PRO C 571 1.15 -29.01 1.93
C PRO C 571 2.09 -28.28 1.00
N ASP C 572 1.80 -27.05 0.61
CA ASP C 572 2.69 -26.29 -0.25
C ASP C 572 3.85 -25.67 0.49
N VAL C 573 3.70 -25.39 1.78
CA VAL C 573 4.76 -24.73 2.54
C VAL C 573 6.01 -25.61 2.60
N PHE C 574 5.85 -26.92 2.44
CA PHE C 574 6.99 -27.84 2.47
C PHE C 574 8.06 -27.46 1.46
N ASN C 575 7.70 -26.74 0.40
CA ASN C 575 8.65 -26.42 -0.64
C ASN C 575 9.71 -25.42 -0.19
N ILE C 576 9.50 -24.72 0.92
CA ILE C 576 10.56 -23.90 1.49
C ILE C 576 11.64 -24.79 2.10
N LEU C 577 11.22 -25.71 2.98
CA LEU C 577 12.15 -26.66 3.55
C LEU C 577 12.80 -27.50 2.46
N LEU C 578 12.14 -27.65 1.31
CA LEU C 578 12.77 -28.33 0.18
C LEU C 578 14.14 -27.75 -0.12
N GLN C 579 14.15 -26.47 -0.47
CA GLN C 579 15.39 -25.77 -0.77
C GLN C 579 16.30 -25.65 0.45
N VAL C 580 15.71 -25.53 1.64
CA VAL C 580 16.53 -25.42 2.85
C VAL C 580 17.34 -26.69 3.07
N MET C 581 16.71 -27.84 2.90
CA MET C 581 17.41 -29.11 3.07
C MET C 581 18.41 -29.33 1.94
N ASP C 582 18.04 -28.96 0.71
CA ASP C 582 18.92 -29.25 -0.40
C ASP C 582 20.19 -28.40 -0.38
N ASN C 583 20.06 -27.10 -0.09
CA ASN C 583 21.21 -26.21 -0.21
C ASN C 583 21.63 -25.55 1.09
N GLY C 584 20.84 -25.65 2.14
CA GLY C 584 21.18 -24.99 3.39
C GLY C 584 21.09 -23.49 3.35
N THR C 585 20.43 -22.93 2.34
CA THR C 585 20.25 -21.49 2.24
C THR C 585 18.79 -21.18 1.98
N LEU C 586 18.35 -20.04 2.48
CA LEU C 586 16.99 -19.56 2.28
C LEU C 586 17.05 -18.04 2.15
N THR C 587 16.43 -17.51 1.10
CA THR C 587 16.50 -16.09 0.79
C THR C 587 15.21 -15.40 1.19
N ASP C 588 15.31 -14.42 2.08
CA ASP C 588 14.14 -13.66 2.49
C ASP C 588 13.82 -12.60 1.44
N ASN C 589 12.91 -11.69 1.78
CA ASN C 589 12.43 -10.71 0.81
C ASN C 589 13.47 -9.65 0.46
N ASN C 590 14.51 -9.49 1.27
CA ASN C 590 15.54 -8.50 1.03
C ASN C 590 16.71 -9.05 0.23
N GLY C 591 16.60 -10.25 -0.32
CA GLY C 591 17.72 -10.88 -0.98
C GLY C 591 18.75 -11.46 -0.05
N ARG C 592 18.64 -11.22 1.25
CA ARG C 592 19.54 -11.80 2.23
C ARG C 592 19.35 -13.30 2.28
N LYS C 593 20.44 -14.01 2.56
CA LYS C 593 20.43 -15.47 2.60
C LYS C 593 20.81 -15.96 3.98
N ALA C 594 19.95 -16.81 4.54
CA ALA C 594 20.22 -17.42 5.84
C ALA C 594 21.04 -18.69 5.64
N ASP C 595 21.97 -18.93 6.55
CA ASP C 595 22.89 -20.07 6.47
C ASP C 595 22.38 -21.17 7.37
N PHE C 596 21.93 -22.27 6.77
CA PHE C 596 21.41 -23.40 7.50
C PHE C 596 22.43 -24.49 7.72
N ARG C 597 23.66 -24.32 7.23
CA ARG C 597 24.65 -25.38 7.30
C ARG C 597 25.09 -25.69 8.73
N ASN C 598 24.73 -24.87 9.71
CA ASN C 598 25.10 -25.11 11.09
C ASN C 598 23.89 -25.36 11.98
N VAL C 599 22.76 -25.77 11.39
CA VAL C 599 21.55 -26.05 12.16
C VAL C 599 21.14 -27.49 11.92
N VAL C 600 20.46 -28.06 12.91
CA VAL C 600 19.88 -29.39 12.82
C VAL C 600 18.40 -29.24 12.60
N LEU C 601 17.94 -29.54 11.39
CA LEU C 601 16.53 -29.46 11.05
C LEU C 601 15.85 -30.73 11.50
N VAL C 602 14.96 -30.62 12.49
CA VAL C 602 14.21 -31.74 13.01
C VAL C 602 12.73 -31.41 12.93
N MET C 603 11.96 -32.29 12.31
CA MET C 603 10.53 -32.10 12.11
C MET C 603 9.77 -33.25 12.72
N THR C 604 8.77 -32.92 13.54
CA THR C 604 7.95 -33.90 14.22
C THR C 604 6.58 -33.96 13.56
N THR C 605 5.97 -35.14 13.61
CA THR C 605 4.66 -35.34 13.02
C THR C 605 4.01 -36.59 13.59
N ASN C 606 2.68 -36.63 13.53
CA ASN C 606 1.91 -37.81 13.86
C ASN C 606 1.30 -38.45 12.61
N ALA C 607 2.05 -38.46 11.51
CA ALA C 607 1.47 -38.83 10.22
C ALA C 607 1.01 -40.28 10.19
N GLY C 608 1.92 -41.22 10.42
CA GLY C 608 1.60 -42.62 10.31
C GLY C 608 0.85 -43.22 11.47
N VAL C 609 0.34 -42.39 12.39
CA VAL C 609 -0.28 -42.92 13.60
C VAL C 609 -1.61 -43.58 13.28
N ARG C 610 -2.55 -42.82 12.71
CA ARG C 610 -3.91 -43.31 12.53
C ARG C 610 -3.95 -44.52 11.62
N GLU C 611 -3.01 -44.61 10.67
CA GLU C 611 -3.01 -45.74 9.75
C GLU C 611 -2.46 -47.01 10.42
N THR C 612 -1.47 -46.85 11.30
CA THR C 612 -0.94 -48.01 12.01
C THR C 612 -1.89 -48.53 13.07
N GLU C 613 -2.69 -47.65 13.68
CA GLU C 613 -3.66 -48.06 14.69
C GLU C 613 -5.01 -48.30 14.05
N ARG C 614 -5.03 -49.32 13.18
CA ARG C 614 -6.24 -49.74 12.49
C ARG C 614 -6.51 -51.20 12.80
N LYS C 615 -7.74 -51.62 12.56
CA LYS C 615 -8.16 -52.99 12.80
C LYS C 615 -8.33 -53.72 11.48
N SER C 616 -7.56 -54.78 11.29
CA SER C 616 -7.73 -55.62 10.11
C SER C 616 -9.05 -56.37 10.19
N ILE C 617 -9.67 -56.58 9.04
CA ILE C 617 -10.90 -57.35 8.95
C ILE C 617 -10.59 -58.63 8.18
N GLY C 618 -10.90 -59.76 8.79
CA GLY C 618 -10.63 -61.04 8.17
C GLY C 618 -10.11 -62.06 9.14
N LEU C 619 -9.92 -63.29 8.68
CA LEU C 619 -9.46 -64.35 9.56
C LEU C 619 -7.99 -64.21 9.92
N ILE C 620 -7.23 -63.49 9.11
CA ILE C 620 -5.78 -63.38 9.30
C ILE C 620 -5.41 -61.91 9.45
N HIS C 621 -4.83 -61.57 10.59
CA HIS C 621 -4.31 -60.22 10.79
C HIS C 621 -3.09 -60.02 9.91
N GLN C 622 -3.04 -58.87 9.26
CA GLN C 622 -1.97 -58.56 8.32
C GLN C 622 -0.90 -57.70 8.99
N ASP C 623 0.28 -57.72 8.40
CA ASP C 623 1.37 -56.85 8.85
C ASP C 623 1.06 -55.43 8.39
N ASN C 624 0.84 -54.53 9.34
CA ASN C 624 0.59 -53.13 9.05
C ASN C 624 1.78 -52.24 9.39
N SER C 625 2.98 -52.82 9.44
CA SER C 625 4.17 -52.03 9.71
C SER C 625 4.47 -51.02 8.61
N THR C 626 4.23 -51.38 7.36
CA THR C 626 4.53 -50.50 6.23
C THR C 626 3.54 -49.36 6.08
N ASP C 627 2.47 -49.34 6.87
CA ASP C 627 1.44 -48.33 6.67
C ASP C 627 1.87 -46.94 7.13
N ALA C 628 2.71 -46.87 8.16
CA ALA C 628 3.27 -45.57 8.53
C ALA C 628 4.05 -44.97 7.38
N MET C 629 4.91 -45.77 6.75
CA MET C 629 5.65 -45.30 5.59
C MET C 629 4.72 -44.97 4.42
N GLU C 630 3.68 -45.77 4.22
CA GLU C 630 2.72 -45.47 3.16
C GLU C 630 2.07 -44.10 3.38
N GLU C 631 1.62 -43.84 4.60
CA GLU C 631 1.00 -42.55 4.89
C GLU C 631 1.99 -41.41 4.72
N ILE C 632 3.23 -41.59 5.21
CA ILE C 632 4.21 -40.51 5.10
C ILE C 632 4.53 -40.23 3.64
N LYS C 633 4.61 -41.28 2.82
CA LYS C 633 4.84 -41.09 1.39
C LYS C 633 3.66 -40.40 0.73
N LYS C 634 2.43 -40.72 1.16
CA LYS C 634 1.27 -40.04 0.62
C LYS C 634 1.22 -38.57 1.01
N ILE C 635 1.79 -38.22 2.16
CA ILE C 635 1.74 -36.83 2.61
C ILE C 635 2.88 -36.01 2.01
N PHE C 636 4.08 -36.56 1.95
CA PHE C 636 5.27 -35.80 1.59
C PHE C 636 5.71 -36.17 0.19
N THR C 637 5.94 -35.15 -0.64
CA THR C 637 6.34 -35.36 -2.02
C THR C 637 7.64 -36.16 -2.07
N PRO C 638 7.84 -36.99 -3.11
CA PRO C 638 9.08 -37.78 -3.18
C PRO C 638 10.34 -36.96 -3.07
N GLU C 639 10.37 -35.77 -3.66
CA GLU C 639 11.56 -34.93 -3.58
C GLU C 639 11.76 -34.34 -2.20
N PHE C 640 10.69 -34.20 -1.41
CA PHE C 640 10.84 -33.75 -0.04
C PHE C 640 11.43 -34.86 0.83
N ARG C 641 10.91 -36.07 0.68
CA ARG C 641 11.46 -37.20 1.42
C ARG C 641 12.89 -37.50 0.99
N ASN C 642 13.20 -37.29 -0.28
CA ASN C 642 14.52 -37.61 -0.82
C ASN C 642 15.60 -36.68 -0.30
N ARG C 643 15.27 -35.68 0.51
CA ARG C 643 16.28 -34.81 1.08
C ARG C 643 16.40 -34.96 2.60
N LEU C 644 15.60 -35.84 3.20
CA LEU C 644 15.70 -36.10 4.62
C LEU C 644 16.89 -37.00 4.91
N ASP C 645 17.62 -36.66 5.98
CA ASP C 645 18.72 -37.51 6.40
C ASP C 645 18.21 -38.90 6.78
N ASN C 646 17.15 -38.97 7.57
CA ASN C 646 16.50 -40.23 7.88
C ASN C 646 15.14 -39.93 8.51
N ILE C 647 14.23 -40.88 8.37
CA ILE C 647 12.90 -40.80 8.98
C ILE C 647 12.87 -41.78 10.14
N ILE C 648 12.92 -41.26 11.36
CA ILE C 648 12.99 -42.07 12.57
C ILE C 648 11.57 -42.32 13.05
N TRP C 649 11.04 -43.49 12.75
CA TRP C 649 9.69 -43.85 13.16
C TRP C 649 9.71 -44.24 14.63
N PHE C 650 9.03 -43.45 15.46
CA PHE C 650 8.95 -43.71 16.89
C PHE C 650 7.93 -44.79 17.17
N ASP C 651 8.23 -45.63 18.16
CA ASP C 651 7.28 -46.64 18.60
C ASP C 651 6.68 -46.23 19.96
N HIS C 652 5.63 -46.92 20.36
CA HIS C 652 4.98 -46.62 21.63
C HIS C 652 5.91 -46.95 22.79
N LEU C 653 5.60 -46.36 23.94
CA LEU C 653 6.38 -46.62 25.14
C LEU C 653 5.97 -47.95 25.77
N SER C 654 6.96 -48.73 26.17
CA SER C 654 6.71 -49.98 26.86
C SER C 654 6.56 -49.73 28.36
N THR C 655 6.13 -50.77 29.07
CA THR C 655 5.80 -50.62 30.49
C THR C 655 7.01 -50.30 31.35
N ASP C 656 8.17 -50.88 31.05
CA ASP C 656 9.38 -50.51 31.78
C ASP C 656 9.75 -49.06 31.49
N VAL C 657 9.62 -48.65 30.23
CA VAL C 657 9.75 -47.24 29.88
C VAL C 657 8.75 -46.41 30.66
N ILE C 658 7.57 -46.98 30.91
CA ILE C 658 6.56 -46.26 31.68
C ILE C 658 7.02 -46.08 33.12
N HIS C 659 7.64 -47.10 33.70
CA HIS C 659 8.19 -46.99 35.04
C HIS C 659 9.25 -45.90 35.09
N GLN C 660 10.14 -45.88 34.09
CA GLN C 660 11.18 -44.86 34.07
C GLN C 660 10.59 -43.47 33.90
N VAL C 661 9.53 -43.35 33.11
CA VAL C 661 8.87 -42.06 32.93
C VAL C 661 8.23 -41.61 34.24
N VAL C 662 7.61 -42.54 34.96
CA VAL C 662 7.03 -42.22 36.25
C VAL C 662 8.12 -41.73 37.20
N ASP C 663 9.28 -42.39 37.15
CA ASP C 663 10.39 -41.96 38.01
C ASP C 663 10.86 -40.56 37.64
N LYS C 664 10.95 -40.26 36.34
CA LYS C 664 11.33 -38.92 35.91
C LYS C 664 10.34 -37.88 36.40
N PHE C 665 9.05 -38.18 36.29
CA PHE C 665 8.04 -37.24 36.77
C PHE C 665 8.10 -37.10 38.29
N ILE C 666 8.42 -38.19 39.00
CA ILE C 666 8.59 -38.10 40.45
C ILE C 666 9.75 -37.18 40.78
N VAL C 667 10.83 -37.25 40.00
CA VAL C 667 11.96 -36.37 40.25
C VAL C 667 11.58 -34.92 39.97
N GLU C 668 10.81 -34.69 38.91
CA GLU C 668 10.32 -33.34 38.64
C GLU C 668 9.49 -32.82 39.81
N LEU C 669 8.55 -33.63 40.30
CA LEU C 669 7.73 -33.22 41.42
C LEU C 669 8.57 -32.98 42.67
N GLN C 670 9.57 -33.82 42.89
CA GLN C 670 10.45 -33.64 44.02
C GLN C 670 11.19 -32.31 43.93
N VAL C 671 11.65 -31.95 42.73
CA VAL C 671 12.30 -30.66 42.55
C VAL C 671 11.33 -29.53 42.87
N GLN C 672 10.11 -29.62 42.34
CA GLN C 672 9.10 -28.60 42.64
C GLN C 672 8.87 -28.47 44.13
N LEU C 673 8.90 -29.59 44.85
CA LEU C 673 8.66 -29.55 46.29
C LEU C 673 9.86 -28.99 47.05
N ASP C 674 11.08 -29.36 46.62
CA ASP C 674 12.28 -28.80 47.21
C ASP C 674 12.31 -27.29 47.05
N GLN C 675 11.77 -26.79 45.94
CA GLN C 675 11.57 -25.36 45.80
C GLN C 675 10.71 -24.82 46.94
N LYS C 676 9.71 -25.58 47.37
CA LYS C 676 8.92 -25.22 48.54
C LYS C 676 9.54 -25.68 49.85
N GLY C 677 10.66 -26.40 49.79
CA GLY C 677 11.35 -26.80 51.00
C GLY C 677 10.83 -28.03 51.68
N VAL C 678 10.02 -28.84 50.99
CA VAL C 678 9.52 -30.09 51.55
C VAL C 678 10.07 -31.24 50.71
N SER C 679 10.24 -32.38 51.37
CA SER C 679 10.76 -33.58 50.74
C SER C 679 9.66 -34.61 50.56
N LEU C 680 9.78 -35.41 49.51
CA LEU C 680 8.81 -36.45 49.21
C LEU C 680 9.53 -37.76 48.97
N GLU C 681 9.03 -38.81 49.59
CA GLU C 681 9.46 -40.17 49.30
C GLU C 681 8.24 -41.00 48.90
N VAL C 682 8.37 -41.76 47.83
CA VAL C 682 7.30 -42.62 47.34
C VAL C 682 7.80 -44.05 47.34
N SER C 683 7.08 -44.92 48.03
CA SER C 683 7.48 -46.33 48.10
C SER C 683 7.49 -46.95 46.71
N GLN C 684 8.31 -48.00 46.56
CA GLN C 684 8.50 -48.61 45.26
C GLN C 684 7.21 -49.24 44.74
N GLU C 685 6.49 -49.95 45.61
CA GLU C 685 5.23 -50.53 45.18
C GLU C 685 4.20 -49.44 44.85
N ALA C 686 4.32 -48.26 45.47
CA ALA C 686 3.47 -47.14 45.07
C ALA C 686 3.77 -46.70 43.65
N ARG C 687 5.06 -46.61 43.31
CA ARG C 687 5.44 -46.31 41.94
C ARG C 687 4.88 -47.36 40.97
N ASN C 688 5.00 -48.63 41.33
CA ASN C 688 4.49 -49.69 40.48
C ASN C 688 2.98 -49.55 40.30
N TRP C 689 2.26 -49.25 41.37
CA TRP C 689 0.81 -49.11 41.27
C TRP C 689 0.43 -47.93 40.40
N LEU C 690 1.16 -46.81 40.55
CA LEU C 690 0.90 -45.66 39.70
C LEU C 690 1.12 -46.00 38.23
N ALA C 691 2.21 -46.71 37.94
CA ALA C 691 2.47 -47.11 36.56
C ALA C 691 1.38 -48.02 36.02
N GLU C 692 0.94 -48.99 36.82
CA GLU C 692 -0.11 -49.90 36.36
C GLU C 692 -1.43 -49.18 36.22
N LYS C 693 -1.62 -48.09 36.98
CA LYS C 693 -2.88 -47.37 36.92
C LYS C 693 -2.95 -46.46 35.71
N GLY C 694 -1.85 -45.77 35.41
CA GLY C 694 -1.88 -44.77 34.36
C GLY C 694 -1.49 -45.23 32.98
N TYR C 695 -0.97 -46.45 32.83
CA TYR C 695 -0.44 -46.88 31.55
C TYR C 695 -1.55 -46.98 30.50
N ASP C 696 -1.34 -46.28 29.38
CA ASP C 696 -2.24 -46.37 28.23
C ASP C 696 -1.35 -46.40 26.99
N ARG C 697 -1.28 -47.56 26.34
CA ARG C 697 -0.35 -47.72 25.22
C ARG C 697 -0.67 -46.75 24.09
N ALA C 698 -1.95 -46.48 23.85
CA ALA C 698 -2.33 -45.66 22.71
C ALA C 698 -1.99 -44.18 22.92
N MET C 699 -1.72 -43.78 24.17
CA MET C 699 -1.52 -42.37 24.48
C MET C 699 -0.15 -42.07 25.04
N GLY C 700 0.78 -43.01 24.99
CA GLY C 700 2.16 -42.69 25.34
C GLY C 700 2.33 -42.34 26.81
N ALA C 701 2.98 -41.20 27.06
CA ALA C 701 3.43 -40.87 28.40
C ALA C 701 2.63 -39.78 29.08
N ARG C 702 1.87 -38.99 28.34
CA ARG C 702 1.09 -37.93 28.97
C ARG C 702 0.09 -38.44 30.00
N PRO C 703 -0.63 -39.55 29.78
CA PRO C 703 -1.48 -40.08 30.87
C PRO C 703 -0.72 -40.36 32.14
N MET C 704 0.56 -40.74 32.05
CA MET C 704 1.34 -40.90 33.27
C MET C 704 1.47 -39.59 34.02
N ALA C 705 1.79 -38.51 33.33
CA ALA C 705 1.85 -37.20 33.98
C ALA C 705 0.50 -36.85 34.59
N ARG C 706 -0.59 -37.15 33.89
CA ARG C 706 -1.91 -36.81 34.41
C ARG C 706 -2.23 -37.59 35.67
N VAL C 707 -1.97 -38.90 35.66
CA VAL C 707 -2.29 -39.72 36.82
C VAL C 707 -1.40 -39.37 38.00
N ILE C 708 -0.13 -39.03 37.74
CA ILE C 708 0.76 -38.65 38.81
C ILE C 708 0.31 -37.33 39.42
N GLN C 709 -0.01 -36.36 38.57
CA GLN C 709 -0.58 -35.10 39.06
C GLN C 709 -1.78 -35.37 39.95
N ASP C 710 -2.79 -36.05 39.41
CA ASP C 710 -4.04 -36.26 40.13
C ASP C 710 -3.80 -36.97 41.46
N ASN C 711 -2.94 -37.99 41.48
CA ASN C 711 -2.79 -38.80 42.68
C ASN C 711 -1.91 -38.13 43.73
N LEU C 712 -0.88 -37.40 43.33
CA LEU C 712 0.07 -36.84 44.29
C LEU C 712 -0.09 -35.34 44.49
N LYS C 713 -0.09 -34.55 43.42
CA LYS C 713 -0.07 -33.10 43.58
C LYS C 713 -1.31 -32.60 44.30
N LYS C 714 -2.49 -33.09 43.91
CA LYS C 714 -3.73 -32.62 44.53
C LYS C 714 -3.74 -32.84 46.04
N PRO C 715 -3.49 -34.06 46.55
CA PRO C 715 -3.34 -34.19 48.01
C PRO C 715 -2.22 -33.34 48.57
N LEU C 716 -1.09 -33.27 47.86
CA LEU C 716 0.00 -32.43 48.31
C LEU C 716 -0.39 -30.95 48.29
N ALA C 717 -1.10 -30.53 47.25
CA ALA C 717 -1.55 -29.14 47.18
C ALA C 717 -2.45 -28.81 48.37
N ASN C 718 -3.42 -29.68 48.66
CA ASN C 718 -4.29 -29.45 49.81
C ASN C 718 -3.49 -29.46 51.11
N GLU C 719 -2.50 -30.34 51.22
CA GLU C 719 -1.77 -30.48 52.47
C GLU C 719 -0.89 -29.26 52.74
N LEU C 720 -0.24 -28.73 51.69
CA LEU C 720 0.68 -27.63 51.91
C LEU C 720 -0.01 -26.27 51.81
N LEU C 721 -1.20 -26.21 51.22
CA LEU C 721 -1.91 -24.95 51.14
C LEU C 721 -2.65 -24.62 52.44
N PHE C 722 -3.04 -25.64 53.20
CA PHE C 722 -3.94 -25.46 54.32
C PHE C 722 -3.34 -25.91 55.65
N GLY C 723 -2.02 -25.83 55.81
CA GLY C 723 -1.38 -25.92 57.11
C GLY C 723 -0.52 -27.14 57.34
N SER C 724 -0.95 -28.33 56.90
CA SER C 724 -0.27 -29.54 57.31
C SER C 724 1.15 -29.62 56.77
N LEU C 725 1.42 -28.94 55.65
CA LEU C 725 2.75 -28.94 55.07
C LEU C 725 3.27 -27.53 54.80
N VAL C 726 2.67 -26.51 55.40
CA VAL C 726 3.20 -25.16 55.31
C VAL C 726 4.58 -25.12 55.95
N ASP C 727 5.60 -24.87 55.14
CA ASP C 727 7.00 -25.03 55.56
C ASP C 727 7.23 -26.46 56.06
N GLY C 728 6.57 -27.41 55.42
CA GLY C 728 6.55 -28.77 55.88
C GLY C 728 7.85 -29.51 55.66
N GLY C 729 7.84 -30.78 56.02
CA GLY C 729 9.02 -31.62 55.89
C GLY C 729 8.80 -32.78 54.96
N GLN C 730 8.92 -34.00 55.48
CA GLN C 730 8.87 -35.20 54.68
C GLN C 730 7.43 -35.58 54.37
N VAL C 731 7.16 -35.91 53.11
CA VAL C 731 5.88 -36.46 52.72
C VAL C 731 5.98 -37.97 52.71
N THR C 732 5.07 -38.63 53.40
CA THR C 732 5.10 -40.08 53.63
C THR C 732 4.07 -40.74 52.72
N VAL C 733 4.48 -41.15 51.53
CA VAL C 733 3.59 -41.77 50.57
C VAL C 733 3.97 -43.24 50.42
N ALA C 734 3.04 -44.12 50.75
CA ALA C 734 3.20 -45.54 50.56
C ALA C 734 1.85 -46.14 50.17
N LEU C 735 1.88 -47.38 49.70
CA LEU C 735 0.67 -48.04 49.21
C LEU C 735 0.24 -49.16 50.15
N ASP C 736 -1.05 -49.23 50.43
CA ASP C 736 -1.62 -50.37 51.10
C ASP C 736 -2.14 -51.36 50.06
N LYS C 737 -2.49 -52.56 50.51
CA LYS C 737 -2.89 -53.62 49.60
C LYS C 737 -4.39 -53.86 49.55
N GLU C 738 -5.12 -53.55 50.62
CA GLU C 738 -6.55 -53.83 50.64
C GLU C 738 -7.32 -52.92 49.71
N LYS C 739 -6.93 -51.66 49.60
CA LYS C 739 -7.64 -50.70 48.75
C LYS C 739 -6.77 -50.04 47.70
N ASN C 740 -5.47 -50.37 47.62
CA ASN C 740 -4.56 -49.73 46.68
C ASN C 740 -4.55 -48.22 46.90
N GLU C 741 -4.45 -47.81 48.16
CA GLU C 741 -4.49 -46.41 48.53
C GLU C 741 -3.11 -45.93 48.94
N LEU C 742 -2.95 -44.62 48.96
CA LEU C 742 -1.68 -44.00 49.31
C LEU C 742 -1.74 -43.40 50.71
N THR C 743 -0.60 -43.42 51.38
CA THR C 743 -0.46 -42.81 52.69
C THR C 743 0.06 -41.39 52.56
N TYR C 744 -0.12 -40.60 53.62
CA TYR C 744 0.29 -39.21 53.65
C TYR C 744 0.64 -38.81 55.08
N GLY C 745 1.39 -37.73 55.22
CA GLY C 745 1.71 -37.23 56.53
C GLY C 745 2.78 -36.17 56.49
N PHE C 746 3.24 -35.80 57.69
CA PHE C 746 4.32 -34.82 57.85
C PHE C 746 5.64 -35.53 58.13
N MET D 169 30.67 40.01 -20.63
CA MET D 169 30.88 38.92 -21.56
C MET D 169 32.37 38.70 -21.77
N GLU D 170 33.15 39.11 -20.77
CA GLU D 170 34.60 38.96 -20.85
C GLU D 170 35.03 37.54 -20.47
N ASN D 171 34.55 37.05 -19.33
CA ASN D 171 34.95 35.74 -18.84
C ASN D 171 33.76 34.89 -18.41
N PHE D 172 32.58 35.49 -18.24
CA PHE D 172 31.39 34.75 -17.86
C PHE D 172 30.73 34.07 -19.05
N THR D 173 31.36 34.13 -20.22
CA THR D 173 30.89 33.41 -21.39
C THR D 173 32.06 33.25 -22.35
N THR D 174 31.93 32.29 -23.25
CA THR D 174 32.92 32.05 -24.29
C THR D 174 32.34 32.43 -25.63
N ASN D 175 33.10 33.18 -26.42
CA ASN D 175 32.72 33.48 -27.79
C ASN D 175 32.81 32.19 -28.59
N LEU D 176 31.65 31.58 -28.86
CA LEU D 176 31.65 30.33 -29.63
C LEU D 176 32.17 30.53 -31.03
N ASN D 177 32.02 31.74 -31.60
CA ASN D 177 32.65 32.03 -32.88
C ASN D 177 34.17 32.05 -32.75
N GLN D 178 34.69 32.62 -31.66
CA GLN D 178 36.13 32.64 -31.48
C GLN D 178 36.69 31.24 -31.26
N LEU D 179 35.96 30.40 -30.52
CA LEU D 179 36.40 29.02 -30.35
C LEU D 179 36.30 28.25 -31.65
N ALA D 180 35.29 28.56 -32.47
CA ALA D 180 35.14 27.87 -33.75
C ALA D 180 36.24 28.28 -34.72
N ARG D 181 36.68 29.53 -34.66
CA ARG D 181 37.69 30.02 -35.59
C ARG D 181 39.02 29.31 -35.39
N VAL D 182 39.33 28.91 -34.16
CA VAL D 182 40.57 28.20 -33.87
C VAL D 182 40.42 26.69 -34.03
N GLY D 183 39.25 26.23 -34.49
CA GLY D 183 39.05 24.82 -34.75
C GLY D 183 38.79 23.96 -33.53
N GLY D 184 38.24 24.55 -32.47
CA GLY D 184 37.95 23.78 -31.27
C GLY D 184 36.65 23.03 -31.27
N ILE D 185 35.80 23.26 -32.26
CA ILE D 185 34.51 22.60 -32.37
C ILE D 185 34.61 21.55 -33.47
N ASP D 186 34.29 20.31 -33.14
CA ASP D 186 34.26 19.25 -34.13
C ASP D 186 33.20 19.59 -35.19
N PRO D 187 33.43 19.22 -36.44
CA PRO D 187 32.51 19.63 -37.51
C PRO D 187 31.13 19.01 -37.35
N LEU D 188 30.11 19.87 -37.38
CA LEU D 188 28.73 19.40 -37.34
C LEU D 188 28.35 18.84 -38.70
N ILE D 189 28.06 17.54 -38.74
CA ILE D 189 27.75 16.84 -39.97
C ILE D 189 26.25 16.60 -40.02
N GLY D 190 25.61 17.07 -41.09
CA GLY D 190 24.18 16.87 -41.22
C GLY D 190 23.40 17.86 -40.38
N ARG D 191 22.20 17.43 -39.97
CA ARG D 191 21.31 18.24 -39.14
C ARG D 191 20.91 19.53 -39.85
N GLU D 192 20.57 19.41 -41.14
CA GLU D 192 20.20 20.59 -41.91
C GLU D 192 18.80 21.08 -41.54
N LYS D 193 17.85 20.16 -41.36
CA LYS D 193 16.50 20.56 -40.97
C LYS D 193 16.49 21.24 -39.62
N GLU D 194 17.29 20.73 -38.68
CA GLU D 194 17.33 21.30 -37.34
C GLU D 194 17.96 22.69 -37.37
N LEU D 195 19.03 22.85 -38.15
CA LEU D 195 19.62 24.19 -38.31
C LEU D 195 18.63 25.14 -38.96
N GLU D 196 17.88 24.66 -39.95
CA GLU D 196 16.85 25.49 -40.57
C GLU D 196 15.83 25.93 -39.54
N ARG D 197 15.36 25.02 -38.69
CA ARG D 197 14.39 25.37 -37.68
C ARG D 197 14.96 26.39 -36.69
N ALA D 198 16.21 26.20 -36.27
CA ALA D 198 16.82 27.11 -35.33
C ALA D 198 16.97 28.50 -35.92
N ILE D 199 17.42 28.58 -37.17
CA ILE D 199 17.55 29.89 -37.82
C ILE D 199 16.19 30.53 -38.00
N GLN D 200 15.17 29.72 -38.33
CA GLN D 200 13.82 30.24 -38.50
C GLN D 200 13.32 30.89 -37.22
N VAL D 201 13.45 30.18 -36.09
CA VAL D 201 12.91 30.71 -34.85
C VAL D 201 13.76 31.88 -34.35
N LEU D 202 15.06 31.85 -34.62
CA LEU D 202 15.92 32.95 -34.18
C LEU D 202 15.52 34.27 -34.83
N CYS D 203 14.93 34.23 -36.02
CA CYS D 203 14.58 35.45 -36.74
C CYS D 203 13.14 35.88 -36.55
N ARG D 204 12.36 35.19 -35.72
CA ARG D 204 11.01 35.61 -35.45
C ARG D 204 11.00 36.96 -34.75
N ARG D 205 9.90 37.70 -34.92
CA ARG D 205 9.76 38.98 -34.24
C ARG D 205 9.63 38.79 -32.74
N ARG D 206 8.91 37.76 -32.31
CA ARG D 206 8.77 37.43 -30.90
C ARG D 206 9.11 35.97 -30.70
N LYS D 207 9.46 35.63 -29.45
CA LYS D 207 9.85 34.27 -29.10
C LYS D 207 11.00 33.77 -29.96
N ASN D 208 11.96 34.66 -30.21
CA ASN D 208 13.15 34.32 -30.99
C ASN D 208 14.17 33.59 -30.14
N ASN D 209 13.75 32.48 -29.53
CA ASN D 209 14.60 31.73 -28.60
C ASN D 209 14.44 30.24 -28.87
N PRO D 210 15.32 29.66 -29.69
CA PRO D 210 15.23 28.22 -29.94
C PRO D 210 15.59 27.41 -28.71
N LEU D 211 14.72 26.45 -28.39
CA LEU D 211 14.93 25.53 -27.28
C LEU D 211 15.23 24.15 -27.84
N LEU D 212 16.51 23.81 -27.96
CA LEU D 212 16.93 22.50 -28.44
C LEU D 212 16.66 21.47 -27.35
N VAL D 213 15.63 20.65 -27.55
CA VAL D 213 15.29 19.57 -26.63
C VAL D 213 15.64 18.26 -27.30
N GLY D 214 16.23 17.35 -26.54
CA GLY D 214 16.65 16.10 -27.12
C GLY D 214 17.08 15.11 -26.06
N GLU D 215 17.92 14.18 -26.47
CA GLU D 215 18.43 13.14 -25.59
C GLU D 215 19.87 13.42 -25.20
N SER D 216 20.35 12.72 -24.19
CA SER D 216 21.74 12.85 -23.78
C SER D 216 22.66 12.30 -24.86
N GLY D 217 23.64 13.11 -25.26
CA GLY D 217 24.57 12.71 -26.29
C GLY D 217 23.98 12.68 -27.69
N VAL D 218 22.75 13.13 -27.86
CA VAL D 218 22.11 13.05 -29.18
C VAL D 218 22.62 14.12 -30.13
N GLY D 219 23.21 15.18 -29.61
CA GLY D 219 23.72 16.25 -30.45
C GLY D 219 23.07 17.61 -30.25
N LYS D 220 22.47 17.87 -29.07
CA LYS D 220 21.91 19.18 -28.82
C LYS D 220 22.98 20.26 -28.86
N THR D 221 23.94 20.20 -27.95
CA THR D 221 25.09 21.10 -27.99
C THR D 221 25.94 20.91 -29.23
N ALA D 222 25.95 19.71 -29.81
CA ALA D 222 26.62 19.54 -31.09
C ALA D 222 26.06 20.48 -32.13
N ILE D 223 24.73 20.57 -32.24
CA ILE D 223 24.12 21.50 -33.20
C ILE D 223 24.32 22.93 -32.74
N ALA D 224 24.18 23.19 -31.43
CA ALA D 224 24.30 24.55 -30.93
C ALA D 224 25.69 25.11 -31.19
N GLU D 225 26.71 24.24 -31.25
CA GLU D 225 28.05 24.70 -31.54
C GLU D 225 28.35 24.65 -33.03
N GLY D 226 27.78 23.69 -33.74
CA GLY D 226 27.94 23.65 -35.18
C GLY D 226 27.32 24.84 -35.87
N LEU D 227 26.34 25.48 -35.23
CA LEU D 227 25.80 26.70 -35.79
C LEU D 227 26.86 27.80 -35.83
N ALA D 228 27.54 28.04 -34.70
CA ALA D 228 28.62 29.01 -34.69
C ALA D 228 29.76 28.57 -35.60
N TRP D 229 30.02 27.26 -35.67
CA TRP D 229 31.11 26.76 -36.51
C TRP D 229 30.79 26.97 -37.99
N ARG D 230 29.52 26.89 -38.37
CA ARG D 230 29.12 27.15 -39.74
C ARG D 230 29.10 28.64 -40.03
N ILE D 231 28.72 29.46 -39.05
CA ILE D 231 28.82 30.91 -39.21
C ILE D 231 30.26 31.32 -39.47
N VAL D 232 31.20 30.73 -38.71
CA VAL D 232 32.61 30.91 -39.00
C VAL D 232 32.94 30.37 -40.38
N GLN D 233 32.38 29.22 -40.73
CA GLN D 233 32.56 28.66 -42.07
C GLN D 233 31.93 29.54 -43.13
N GLY D 234 30.82 30.21 -42.80
CA GLY D 234 30.21 31.14 -43.72
C GLY D 234 29.19 30.56 -44.67
N ASP D 235 28.74 29.33 -44.44
CA ASP D 235 27.70 28.73 -45.27
C ASP D 235 26.33 28.82 -44.61
N VAL D 236 26.14 29.78 -43.71
CA VAL D 236 24.84 30.05 -43.10
C VAL D 236 24.17 31.14 -43.92
N PRO D 237 22.85 31.32 -43.81
CA PRO D 237 22.22 32.48 -44.43
C PRO D 237 22.85 33.77 -43.93
N GLU D 238 22.91 34.77 -44.82
CA GLU D 238 23.61 36.01 -44.53
C GLU D 238 23.10 36.70 -43.27
N VAL D 239 21.86 36.44 -42.87
CA VAL D 239 21.35 37.01 -41.62
C VAL D 239 22.14 36.46 -40.45
N MET D 240 22.45 35.17 -40.47
CA MET D 240 23.20 34.52 -39.41
C MET D 240 24.70 34.72 -39.55
N ALA D 241 25.15 35.39 -40.60
CA ALA D 241 26.54 35.81 -40.65
C ALA D 241 26.77 36.95 -39.65
N ASP D 242 27.93 36.94 -39.01
CA ASP D 242 28.37 37.93 -38.04
C ASP D 242 27.56 37.90 -36.74
N CYS D 243 26.56 37.04 -36.62
CA CYS D 243 25.89 36.90 -35.34
C CYS D 243 26.73 36.03 -34.43
N THR D 244 27.11 36.56 -33.27
CA THR D 244 28.07 35.93 -32.40
C THR D 244 27.37 35.11 -31.33
N ILE D 245 27.66 33.81 -31.29
CA ILE D 245 27.07 32.91 -30.31
C ILE D 245 27.97 32.88 -29.09
N TYR D 246 27.38 33.11 -27.92
CA TYR D 246 28.11 33.08 -26.66
C TYR D 246 27.56 31.96 -25.79
N SER D 247 28.47 31.17 -25.23
CA SER D 247 28.13 30.06 -24.35
C SER D 247 28.31 30.51 -22.91
N LEU D 248 27.20 30.61 -22.18
CA LEU D 248 27.25 31.11 -20.81
C LEU D 248 27.91 30.09 -19.89
N ASP D 249 28.85 30.54 -19.08
CA ASP D 249 29.48 29.73 -18.05
C ASP D 249 28.68 29.94 -16.76
N ILE D 250 27.76 29.02 -16.49
CA ILE D 250 26.90 29.16 -15.31
C ILE D 250 27.75 29.18 -14.05
N GLY D 251 28.84 28.41 -14.03
CA GLY D 251 29.68 28.33 -12.85
C GLY D 251 30.24 29.65 -12.39
N SER D 252 31.13 30.25 -13.18
CA SER D 252 31.76 31.50 -12.77
C SER D 252 30.74 32.62 -12.62
N LEU D 253 29.69 32.61 -13.43
CA LEU D 253 28.61 33.59 -13.26
C LEU D 253 28.01 33.47 -11.87
N LEU D 254 27.70 32.25 -11.43
CA LEU D 254 27.16 32.05 -10.10
C LEU D 254 28.22 32.21 -9.02
N ALA D 255 29.50 32.21 -9.42
CA ALA D 255 30.59 32.39 -8.46
C ALA D 255 30.66 33.83 -8.02
N GLY D 256 29.62 34.30 -7.33
CA GLY D 256 29.57 35.66 -6.84
C GLY D 256 30.13 35.78 -5.44
N THR D 257 30.12 37.01 -4.93
CA THR D 257 30.70 37.33 -3.64
C THR D 257 29.75 36.97 -2.52
N LYS D 258 30.19 37.20 -1.29
CA LYS D 258 29.36 36.94 -0.12
C LYS D 258 28.30 38.01 0.09
N TYR D 259 28.18 38.97 -0.82
CA TYR D 259 27.24 40.07 -0.62
C TYR D 259 25.98 39.86 -1.45
N ARG D 260 24.91 40.52 -1.04
CA ARG D 260 23.63 40.35 -1.70
C ARG D 260 23.50 41.34 -2.86
N GLY D 261 22.79 40.92 -3.91
CA GLY D 261 22.49 41.76 -5.04
C GLY D 261 23.61 41.88 -6.05
N ASP D 262 24.87 41.76 -5.63
CA ASP D 262 25.98 41.96 -6.56
C ASP D 262 26.10 40.82 -7.57
N PHE D 263 25.62 39.62 -7.25
CA PHE D 263 25.44 38.62 -8.29
C PHE D 263 24.46 39.12 -9.34
N GLU D 264 23.31 39.63 -8.90
CA GLU D 264 22.35 40.24 -9.81
C GLU D 264 22.97 41.43 -10.53
N LYS D 265 23.84 42.18 -9.85
CA LYS D 265 24.51 43.31 -10.49
C LYS D 265 25.39 42.85 -11.65
N ARG D 266 26.26 41.88 -11.40
CA ARG D 266 27.10 41.34 -12.46
C ARG D 266 26.27 40.75 -13.58
N PHE D 267 25.19 40.05 -13.23
CA PHE D 267 24.35 39.42 -14.25
C PHE D 267 23.67 40.46 -15.12
N LYS D 268 23.20 41.55 -14.51
CA LYS D 268 22.56 42.60 -15.29
C LYS D 268 23.57 43.37 -16.12
N ALA D 269 24.81 43.49 -15.63
CA ALA D 269 25.86 44.09 -16.45
C ALA D 269 26.14 43.24 -17.69
N LEU D 270 26.20 41.92 -17.52
CA LEU D 270 26.38 41.04 -18.67
C LEU D 270 25.18 41.15 -19.61
N LEU D 271 23.97 41.24 -19.05
CA LEU D 271 22.78 41.46 -19.86
C LEU D 271 22.90 42.74 -20.67
N LYS D 272 23.43 43.80 -20.06
CA LYS D 272 23.53 45.08 -20.76
C LYS D 272 24.59 45.03 -21.86
N GLN D 273 25.68 44.29 -21.62
CA GLN D 273 26.64 44.07 -22.70
C GLN D 273 25.98 43.32 -23.86
N LEU D 274 25.23 42.27 -23.55
CA LEU D 274 24.51 41.52 -24.57
C LEU D 274 23.54 42.41 -25.34
N GLU D 275 22.87 43.33 -24.63
CA GLU D 275 21.93 44.24 -25.28
C GLU D 275 22.65 45.24 -26.17
N GLN D 276 23.79 45.75 -25.71
CA GLN D 276 24.54 46.73 -26.48
C GLN D 276 25.10 46.11 -27.76
N ASP D 277 25.48 44.83 -27.70
CA ASP D 277 25.94 44.17 -28.91
C ASP D 277 24.80 43.97 -29.90
N THR D 278 23.80 43.16 -29.51
CA THR D 278 22.52 42.98 -30.19
C THR D 278 22.66 42.22 -31.52
N ASN D 279 23.88 42.11 -32.04
CA ASN D 279 24.16 41.13 -33.09
C ASN D 279 24.87 39.91 -32.50
N SER D 280 24.23 39.31 -31.51
CA SER D 280 24.84 38.23 -30.78
C SER D 280 23.78 37.40 -30.10
N ILE D 281 24.04 36.10 -30.00
CA ILE D 281 23.13 35.16 -29.38
C ILE D 281 23.82 34.56 -28.16
N LEU D 282 23.09 34.50 -27.05
CA LEU D 282 23.59 33.92 -25.81
C LEU D 282 23.04 32.51 -25.67
N PHE D 283 23.88 31.52 -25.91
CA PHE D 283 23.49 30.13 -25.79
C PHE D 283 23.86 29.60 -24.42
N ILE D 284 22.94 28.89 -23.78
CA ILE D 284 23.14 28.37 -22.44
C ILE D 284 22.90 26.87 -22.46
N ASP D 285 23.97 26.09 -22.31
CA ASP D 285 23.84 24.67 -22.07
C ASP D 285 23.17 24.43 -20.72
N GLU D 286 22.37 23.37 -20.66
CA GLU D 286 21.65 23.01 -19.43
C GLU D 286 20.79 24.19 -18.97
N ILE D 287 19.96 24.68 -19.88
CA ILE D 287 19.22 25.93 -19.64
C ILE D 287 18.22 25.77 -18.50
N HIS D 288 17.66 24.57 -18.33
CA HIS D 288 16.74 24.31 -17.23
C HIS D 288 17.40 24.55 -15.87
N THR D 289 18.71 24.38 -15.78
CA THR D 289 19.42 24.63 -14.53
C THR D 289 19.46 26.10 -14.15
N ILE D 290 19.18 27.00 -15.10
CA ILE D 290 19.12 28.41 -14.76
C ILE D 290 17.89 28.72 -13.92
N ILE D 291 16.87 27.86 -13.96
CA ILE D 291 15.70 28.03 -13.12
C ILE D 291 16.12 27.80 -11.67
N GLY D 292 15.84 28.78 -10.81
CA GLY D 292 16.29 28.71 -9.45
C GLY D 292 17.76 28.93 -9.25
N ALA D 293 18.47 29.44 -10.27
CA ALA D 293 19.89 29.69 -10.14
C ALA D 293 20.20 30.69 -9.04
N GLY D 294 19.29 31.63 -8.77
CA GLY D 294 19.50 32.56 -7.68
C GLY D 294 19.29 31.91 -6.33
N ALA D 295 19.88 32.55 -5.31
CA ALA D 295 19.85 32.03 -3.96
C ALA D 295 20.06 33.19 -3.00
N ALA D 296 20.40 32.85 -1.75
CA ALA D 296 20.70 33.86 -0.74
C ALA D 296 19.51 34.80 -0.56
N SER D 297 18.40 34.26 -0.06
CA SER D 297 17.13 34.98 0.02
C SER D 297 17.30 36.34 0.71
N GLY D 298 16.35 37.23 0.43
CA GLY D 298 16.46 38.61 0.85
C GLY D 298 16.58 39.56 -0.33
N GLY D 299 17.77 40.12 -0.53
CA GLY D 299 18.01 41.03 -1.63
C GLY D 299 18.63 40.43 -2.87
N GLN D 300 18.98 39.14 -2.87
CA GLN D 300 19.55 38.48 -4.02
C GLN D 300 18.43 37.80 -4.79
N VAL D 301 18.00 38.43 -5.88
CA VAL D 301 16.85 37.91 -6.64
C VAL D 301 17.26 36.67 -7.42
N ASP D 302 16.30 35.76 -7.58
CA ASP D 302 16.52 34.52 -8.30
C ASP D 302 16.72 34.79 -9.79
N ALA D 303 17.65 34.05 -10.38
CA ALA D 303 17.81 34.07 -11.82
C ALA D 303 16.65 33.34 -12.50
N ALA D 304 16.56 33.52 -13.81
CA ALA D 304 15.47 33.01 -14.64
C ALA D 304 14.19 33.78 -14.36
N ASN D 305 14.22 34.63 -13.34
CA ASN D 305 13.24 35.70 -13.20
C ASN D 305 13.76 36.99 -13.80
N LEU D 306 15.08 37.14 -13.88
CA LEU D 306 15.74 38.29 -14.50
C LEU D 306 15.74 38.22 -16.02
N ILE D 307 15.66 37.02 -16.59
CA ILE D 307 15.71 36.83 -18.02
C ILE D 307 14.36 37.09 -18.69
N LYS D 308 13.27 36.67 -18.03
CA LYS D 308 11.92 36.85 -18.56
C LYS D 308 11.62 38.26 -19.05
N PRO D 309 12.00 39.34 -18.36
CA PRO D 309 11.77 40.68 -18.92
C PRO D 309 12.44 40.90 -20.27
N LEU D 310 13.60 40.28 -20.51
CA LEU D 310 14.26 40.42 -21.80
C LEU D 310 13.72 39.49 -22.87
N LEU D 311 13.13 38.36 -22.48
CA LEU D 311 12.47 37.51 -23.46
C LEU D 311 11.10 38.03 -23.84
N SER D 312 10.47 38.79 -22.95
CA SER D 312 9.19 39.41 -23.29
C SER D 312 9.37 40.53 -24.30
N SER D 313 10.47 41.28 -24.21
CA SER D 313 10.71 42.39 -25.12
C SER D 313 11.37 41.96 -26.41
N GLY D 314 12.03 40.80 -26.43
CA GLY D 314 12.77 40.37 -27.60
C GLY D 314 14.09 41.08 -27.80
N LYS D 315 14.57 41.82 -26.81
CA LYS D 315 15.82 42.56 -26.97
C LYS D 315 17.00 41.61 -27.16
N ILE D 316 16.96 40.44 -26.54
CA ILE D 316 18.06 39.49 -26.62
C ILE D 316 17.54 38.19 -27.25
N ARG D 317 18.49 37.41 -27.77
CA ARG D 317 18.20 36.13 -28.40
C ARG D 317 19.01 35.04 -27.71
N VAL D 318 18.33 33.94 -27.38
CA VAL D 318 18.88 32.89 -26.52
C VAL D 318 18.64 31.54 -27.16
N ILE D 319 19.60 30.63 -26.97
CA ILE D 319 19.48 29.23 -27.37
C ILE D 319 19.62 28.36 -26.14
N GLY D 320 18.74 27.37 -26.00
CA GLY D 320 18.76 26.46 -24.89
C GLY D 320 19.02 25.02 -25.30
N SER D 321 19.40 24.22 -24.31
CA SER D 321 19.65 22.80 -24.52
C SER D 321 19.29 22.07 -23.23
N THR D 322 18.34 21.14 -23.33
CA THR D 322 17.90 20.37 -22.17
C THR D 322 17.30 19.07 -22.66
N THR D 323 17.45 18.02 -21.85
CA THR D 323 16.91 16.72 -22.19
C THR D 323 15.40 16.70 -21.97
N TYR D 324 14.74 15.70 -22.57
CA TYR D 324 13.30 15.56 -22.43
C TYR D 324 12.90 15.49 -20.97
N GLN D 325 13.61 14.67 -20.19
CA GLN D 325 13.25 14.49 -18.78
C GLN D 325 13.45 15.77 -17.99
N GLU D 326 14.64 16.35 -18.05
CA GLU D 326 14.91 17.60 -17.34
C GLU D 326 13.91 18.67 -17.74
N PHE D 327 13.69 18.83 -19.04
CA PHE D 327 12.72 19.83 -19.51
C PHE D 327 11.36 19.58 -18.89
N SER D 328 10.77 18.42 -19.16
CA SER D 328 9.41 18.13 -18.72
C SER D 328 9.26 18.21 -17.21
N ASN D 329 10.33 17.95 -16.47
CA ASN D 329 10.21 17.94 -15.01
C ASN D 329 10.45 19.28 -14.37
N ILE D 330 11.32 20.12 -14.95
CA ILE D 330 11.72 21.38 -14.34
C ILE D 330 11.35 22.57 -15.21
N PHE D 331 11.76 22.55 -16.48
CA PHE D 331 11.60 23.71 -17.34
C PHE D 331 10.12 23.98 -17.61
N GLU D 332 9.32 22.92 -17.73
CA GLU D 332 7.90 23.07 -18.00
C GLU D 332 7.17 23.84 -16.91
N LYS D 333 7.73 23.94 -15.71
CA LYS D 333 7.04 24.60 -14.61
C LYS D 333 6.78 26.07 -14.90
N ASP D 334 7.78 26.79 -15.39
CA ASP D 334 7.61 28.20 -15.78
C ASP D 334 6.94 28.22 -17.15
N ARG D 335 5.61 28.33 -17.15
CA ARG D 335 4.89 28.41 -18.41
C ARG D 335 5.22 29.69 -19.16
N ALA D 336 5.53 30.78 -18.44
CA ALA D 336 5.89 32.03 -19.10
C ALA D 336 7.18 31.88 -19.88
N LEU D 337 8.22 31.30 -19.27
CA LEU D 337 9.46 31.06 -20.00
C LEU D 337 9.27 30.02 -21.09
N ALA D 338 8.39 29.04 -20.86
CA ALA D 338 8.10 28.06 -21.90
C ALA D 338 7.48 28.71 -23.12
N ARG D 339 6.70 29.76 -22.89
CA ARG D 339 6.07 30.50 -23.98
C ARG D 339 7.10 31.36 -24.74
N ARG D 340 8.20 31.70 -24.07
CA ARG D 340 9.23 32.51 -24.69
C ARG D 340 10.14 31.71 -25.62
N PHE D 341 9.98 30.39 -25.67
CA PHE D 341 10.84 29.52 -26.46
C PHE D 341 10.02 28.67 -27.41
N GLN D 342 10.60 28.38 -28.57
CA GLN D 342 10.03 27.44 -29.52
C GLN D 342 10.67 26.08 -29.27
N LYS D 343 9.86 25.13 -28.80
CA LYS D 343 10.35 23.80 -28.48
C LYS D 343 10.82 23.09 -29.75
N ILE D 344 12.12 22.89 -29.87
CA ILE D 344 12.71 22.18 -31.01
C ILE D 344 13.27 20.86 -30.51
N ASP D 345 12.71 19.77 -31.00
CA ASP D 345 13.06 18.44 -30.52
C ASP D 345 14.17 17.85 -31.39
N ILE D 346 15.31 17.59 -30.77
CA ILE D 346 16.44 16.94 -31.43
C ILE D 346 16.20 15.44 -31.36
N THR D 347 16.12 14.79 -32.52
CA THR D 347 15.84 13.36 -32.59
C THR D 347 17.13 12.57 -32.76
N GLU D 348 17.08 11.31 -32.38
CA GLU D 348 18.24 10.45 -32.51
C GLU D 348 18.54 10.19 -33.98
N PRO D 349 19.76 10.45 -34.44
CA PRO D 349 20.09 10.17 -35.84
C PRO D 349 20.06 8.68 -36.11
N SER D 350 19.76 8.35 -37.37
CA SER D 350 19.59 6.97 -37.77
C SER D 350 20.96 6.38 -38.14
N ILE D 351 20.96 5.21 -38.79
CA ILE D 351 22.21 4.52 -39.09
C ILE D 351 23.07 5.34 -40.05
N GLU D 352 22.51 5.67 -41.22
CA GLU D 352 23.32 6.32 -42.25
C GLU D 352 23.75 7.73 -41.84
N GLU D 353 22.86 8.48 -41.19
CA GLU D 353 23.24 9.79 -40.69
C GLU D 353 24.42 9.69 -39.74
N THR D 354 24.40 8.70 -38.84
CA THR D 354 25.50 8.52 -37.92
C THR D 354 26.77 8.09 -38.64
N VAL D 355 26.64 7.26 -39.67
CA VAL D 355 27.81 6.87 -40.44
C VAL D 355 28.46 8.08 -41.07
N GLN D 356 27.65 8.97 -41.65
CA GLN D 356 28.19 10.19 -42.24
C GLN D 356 28.81 11.09 -41.18
N ILE D 357 28.19 11.17 -40.01
CA ILE D 357 28.75 11.98 -38.92
C ILE D 357 30.11 11.45 -38.52
N ILE D 358 30.24 10.12 -38.43
CA ILE D 358 31.53 9.53 -38.08
C ILE D 358 32.55 9.83 -39.15
N ASN D 359 32.15 9.71 -40.42
CA ASN D 359 33.10 9.99 -41.50
C ASN D 359 33.56 11.43 -41.47
N GLY D 360 32.67 12.35 -41.05
CA GLY D 360 33.06 13.74 -40.93
C GLY D 360 33.99 13.98 -39.76
N LEU D 361 33.73 13.33 -38.63
CA LEU D 361 34.53 13.54 -37.44
C LEU D 361 35.85 12.77 -37.45
N LYS D 362 35.96 11.77 -38.31
CA LYS D 362 37.11 10.87 -38.32
C LYS D 362 38.47 11.55 -38.43
N PRO D 363 38.66 12.61 -39.23
CA PRO D 363 39.98 13.25 -39.26
C PRO D 363 40.46 13.71 -37.89
N LYS D 364 39.58 14.28 -37.07
CA LYS D 364 40.00 14.74 -35.75
C LYS D 364 40.52 13.60 -34.90
N TYR D 365 39.77 12.51 -34.81
CA TYR D 365 40.18 11.41 -33.95
C TYR D 365 41.33 10.63 -34.54
N GLU D 366 41.49 10.65 -35.86
CA GLU D 366 42.67 10.07 -36.47
C GLU D 366 43.91 10.90 -36.16
N ALA D 367 43.76 12.22 -36.16
CA ALA D 367 44.88 13.08 -35.77
C ALA D 367 45.24 12.87 -34.31
N HIS D 368 44.23 12.69 -33.46
CA HIS D 368 44.51 12.51 -32.04
C HIS D 368 45.14 11.15 -31.77
N HIS D 369 44.62 10.10 -32.40
CA HIS D 369 45.06 8.74 -32.12
C HIS D 369 46.08 8.22 -33.12
N ASP D 370 46.29 8.91 -34.25
CA ASP D 370 47.25 8.50 -35.26
C ASP D 370 46.91 7.12 -35.83
N VAL D 371 45.65 6.97 -36.24
CA VAL D 371 45.13 5.72 -36.77
C VAL D 371 44.41 6.01 -38.08
N ARG D 372 44.09 4.94 -38.80
CA ARG D 372 43.30 5.01 -40.02
C ARG D 372 42.16 4.00 -39.92
N TYR D 373 40.97 4.40 -40.35
CA TYR D 373 39.79 3.55 -40.25
C TYR D 373 39.29 3.16 -41.63
N THR D 374 38.83 1.92 -41.75
CA THR D 374 38.16 1.47 -42.95
C THR D 374 36.68 1.86 -42.91
N ALA D 375 36.07 1.95 -44.08
CA ALA D 375 34.62 2.15 -44.14
C ALA D 375 33.89 0.97 -43.50
N LYS D 376 34.42 -0.24 -43.71
CA LYS D 376 33.88 -1.41 -43.02
C LYS D 376 33.97 -1.25 -41.52
N ALA D 377 35.05 -0.64 -41.02
CA ALA D 377 35.18 -0.41 -39.59
C ALA D 377 34.08 0.52 -39.09
N VAL D 378 33.80 1.59 -39.83
CA VAL D 378 32.73 2.50 -39.44
C VAL D 378 31.39 1.79 -39.42
N ARG D 379 31.09 1.05 -40.49
CA ARG D 379 29.81 0.36 -40.57
C ARG D 379 29.66 -0.66 -39.46
N ALA D 380 30.73 -1.41 -39.16
CA ALA D 380 30.67 -2.42 -38.11
C ALA D 380 30.51 -1.75 -36.74
N ALA D 381 31.22 -0.66 -36.51
CA ALA D 381 31.06 0.07 -35.26
C ALA D 381 29.61 0.50 -35.07
N VAL D 382 29.01 1.08 -36.12
CA VAL D 382 27.62 1.50 -36.02
C VAL D 382 26.71 0.31 -35.72
N GLU D 383 26.81 -0.75 -36.52
CA GLU D 383 25.91 -1.89 -36.37
C GLU D 383 26.04 -2.53 -35.00
N LEU D 384 27.27 -2.74 -34.54
CA LEU D 384 27.47 -3.43 -33.27
C LEU D 384 27.12 -2.54 -32.08
N ALA D 385 27.40 -1.24 -32.16
CA ALA D 385 27.00 -0.34 -31.09
C ALA D 385 25.48 -0.25 -31.00
N VAL D 386 24.79 -0.40 -32.13
CA VAL D 386 23.34 -0.50 -32.10
C VAL D 386 22.90 -1.80 -31.44
N LYS D 387 23.47 -2.92 -31.88
CA LYS D 387 22.93 -4.22 -31.53
C LYS D 387 23.26 -4.61 -30.10
N TYR D 388 24.39 -4.14 -29.57
CA TYR D 388 24.89 -4.66 -28.30
C TYR D 388 25.11 -3.60 -27.23
N ILE D 389 24.95 -2.32 -27.53
CA ILE D 389 24.93 -1.28 -26.52
C ILE D 389 23.54 -0.66 -26.53
N ASN D 390 22.87 -0.68 -25.38
CA ASN D 390 21.53 -0.13 -25.26
C ASN D 390 21.43 0.86 -24.09
N ASP D 391 22.56 1.42 -23.67
CA ASP D 391 22.57 2.36 -22.56
C ASP D 391 22.69 3.81 -23.01
N ARG D 392 23.24 4.06 -24.20
CA ARG D 392 23.42 5.41 -24.70
C ARG D 392 22.72 5.55 -26.04
N HIS D 393 22.86 6.73 -26.63
CA HIS D 393 22.23 7.01 -27.92
C HIS D 393 23.26 6.96 -29.04
N LEU D 394 22.76 6.62 -30.23
CA LEU D 394 23.63 6.25 -31.35
C LEU D 394 24.76 7.23 -31.66
N PRO D 395 24.51 8.53 -31.83
CA PRO D 395 25.62 9.43 -32.19
C PRO D 395 26.72 9.46 -31.16
N ASP D 396 26.45 9.08 -29.92
CA ASP D 396 27.49 8.99 -28.90
C ASP D 396 28.04 7.58 -28.79
N LYS D 397 27.18 6.56 -28.95
CA LYS D 397 27.65 5.18 -28.90
C LYS D 397 28.72 4.94 -29.96
N ALA D 398 28.45 5.33 -31.20
CA ALA D 398 29.41 5.08 -32.27
C ALA D 398 30.69 5.89 -32.07
N ILE D 399 30.56 7.15 -31.63
CA ILE D 399 31.74 7.96 -31.37
C ILE D 399 32.60 7.32 -30.29
N ASP D 400 31.97 6.80 -29.24
CA ASP D 400 32.73 6.19 -28.16
C ASP D 400 33.41 4.92 -28.64
N VAL D 401 32.72 4.10 -29.44
CA VAL D 401 33.35 2.93 -30.02
C VAL D 401 34.60 3.32 -30.81
N ILE D 402 34.47 4.31 -31.69
CA ILE D 402 35.59 4.70 -32.54
C ILE D 402 36.72 5.28 -31.71
N ASP D 403 36.38 6.10 -30.71
CA ASP D 403 37.40 6.75 -29.90
C ASP D 403 38.17 5.73 -29.07
N GLU D 404 37.47 4.75 -28.50
CA GLU D 404 38.17 3.73 -27.74
C GLU D 404 39.01 2.85 -28.64
N ALA D 405 38.52 2.55 -29.85
CA ALA D 405 39.33 1.79 -30.79
C ALA D 405 40.60 2.56 -31.14
N GLY D 406 40.48 3.87 -31.32
CA GLY D 406 41.66 4.68 -31.61
C GLY D 406 42.64 4.70 -30.45
N ALA D 407 42.13 4.86 -29.23
CA ALA D 407 43.01 4.86 -28.07
C ALA D 407 43.69 3.51 -27.89
N ARG D 408 42.96 2.42 -28.18
CA ARG D 408 43.55 1.09 -28.05
C ARG D 408 44.63 0.87 -29.10
N ALA D 409 44.37 1.28 -30.34
CA ALA D 409 45.38 1.15 -31.38
C ALA D 409 46.52 2.14 -31.18
N ARG D 410 46.32 3.16 -30.34
CA ARG D 410 47.39 4.10 -30.03
C ARG D 410 48.23 3.62 -28.86
N LEU D 411 47.65 2.80 -27.99
CA LEU D 411 48.41 2.15 -26.94
C LEU D 411 49.08 0.87 -27.40
N MET D 412 48.58 0.25 -28.46
CA MET D 412 49.23 -0.91 -29.05
C MET D 412 50.70 -0.66 -29.42
N PRO D 413 51.09 0.49 -30.01
CA PRO D 413 52.49 0.64 -30.42
C PRO D 413 53.44 0.96 -29.27
N VAL D 414 53.34 0.21 -28.17
CA VAL D 414 54.48 0.15 -27.25
C VAL D 414 55.60 -0.62 -27.91
N SER D 415 55.26 -1.47 -28.88
CA SER D 415 56.21 -2.10 -29.79
C SER D 415 56.10 -1.53 -31.20
N LYS D 416 55.61 -0.29 -31.33
CA LYS D 416 55.48 0.43 -32.58
C LYS D 416 54.54 -0.24 -33.57
N ARG D 417 53.43 -0.82 -33.09
CA ARG D 417 52.41 -1.37 -33.96
C ARG D 417 51.31 -0.33 -34.21
N LYS D 418 51.72 0.80 -34.76
CA LYS D 418 50.76 1.79 -35.24
C LYS D 418 50.09 1.26 -36.49
N LYS D 419 48.81 0.91 -36.39
CA LYS D 419 48.12 0.22 -37.46
C LYS D 419 46.81 0.92 -37.77
N THR D 420 46.17 0.48 -38.84
CA THR D 420 44.79 0.84 -39.10
C THR D 420 43.86 0.02 -38.21
N VAL D 421 42.64 0.51 -38.04
CA VAL D 421 41.64 -0.16 -37.23
C VAL D 421 40.88 -1.11 -38.14
N ASN D 422 41.04 -2.42 -37.91
CA ASN D 422 40.33 -3.42 -38.69
C ASN D 422 39.00 -3.75 -38.02
N VAL D 423 38.21 -4.60 -38.68
CA VAL D 423 36.90 -4.97 -38.14
C VAL D 423 37.07 -5.79 -36.88
N ALA D 424 38.16 -6.56 -36.80
CA ALA D 424 38.41 -7.37 -35.60
C ALA D 424 38.62 -6.49 -34.38
N ASP D 425 39.35 -5.38 -34.54
CA ASP D 425 39.56 -4.47 -33.42
C ASP D 425 38.26 -3.84 -32.95
N ILE D 426 37.41 -3.39 -33.90
CA ILE D 426 36.12 -2.82 -33.52
C ILE D 426 35.27 -3.86 -32.81
N GLU D 427 35.28 -5.10 -33.31
CA GLU D 427 34.51 -6.16 -32.67
C GLU D 427 34.98 -6.40 -31.25
N SER D 428 36.31 -6.47 -31.05
CA SER D 428 36.83 -6.65 -29.70
C SER D 428 36.45 -5.49 -28.79
N VAL D 429 36.52 -4.26 -29.30
CA VAL D 429 36.21 -3.09 -28.47
C VAL D 429 34.75 -3.13 -28.04
N VAL D 430 33.83 -3.39 -28.98
CA VAL D 430 32.42 -3.39 -28.61
C VAL D 430 32.10 -4.56 -27.70
N ALA D 431 32.75 -5.71 -27.91
CA ALA D 431 32.51 -6.85 -27.04
C ALA D 431 32.98 -6.57 -25.62
N ARG D 432 34.10 -5.85 -25.48
CA ARG D 432 34.54 -5.47 -24.14
C ARG D 432 33.62 -4.40 -23.54
N ILE D 433 33.07 -3.53 -24.38
CA ILE D 433 32.15 -2.52 -23.87
C ILE D 433 30.82 -3.14 -23.47
N ALA D 434 30.26 -3.99 -24.34
CA ALA D 434 29.01 -4.66 -24.05
C ALA D 434 29.17 -5.80 -23.04
N ARG D 435 30.39 -6.08 -22.59
CA ARG D 435 30.67 -7.16 -21.65
C ARG D 435 30.17 -8.51 -22.17
N ILE D 436 30.34 -8.72 -23.47
CA ILE D 436 29.85 -9.95 -24.11
C ILE D 436 31.02 -10.64 -24.78
N PRO D 437 30.94 -11.95 -24.96
CA PRO D 437 32.03 -12.68 -25.60
C PRO D 437 32.19 -12.30 -27.07
N GLU D 438 33.44 -12.25 -27.51
CA GLU D 438 33.78 -11.96 -28.90
C GLU D 438 34.14 -13.26 -29.61
N LYS D 439 34.60 -13.13 -30.85
CA LYS D 439 35.04 -14.29 -31.61
C LYS D 439 36.34 -14.83 -31.03
N SER D 440 36.31 -16.09 -30.59
CA SER D 440 37.42 -16.68 -29.85
C SER D 440 37.68 -18.10 -30.34
N VAL D 441 37.67 -18.31 -31.65
CA VAL D 441 37.84 -19.64 -32.22
C VAL D 441 39.28 -20.14 -32.09
N SER D 442 40.18 -19.33 -31.53
CA SER D 442 41.58 -19.71 -31.43
C SER D 442 42.10 -19.73 -30.00
N GLN D 443 41.47 -19.01 -29.08
CA GLN D 443 42.00 -18.87 -27.74
C GLN D 443 41.79 -20.17 -26.94
N SER D 444 42.19 -20.12 -25.67
CA SER D 444 42.02 -21.27 -24.79
C SER D 444 40.57 -21.65 -24.61
N ASP D 445 39.66 -20.68 -24.61
CA ASP D 445 38.25 -20.99 -24.44
C ASP D 445 37.69 -21.78 -25.63
N ARG D 446 38.32 -21.70 -26.80
CA ARG D 446 37.93 -22.62 -27.86
C ARG D 446 38.15 -24.07 -27.45
N ASP D 447 39.29 -24.36 -26.81
CA ASP D 447 39.52 -25.69 -26.29
C ASP D 447 38.59 -26.00 -25.12
N THR D 448 38.33 -25.00 -24.26
CA THR D 448 37.38 -25.19 -23.17
C THR D 448 36.03 -25.65 -23.72
N LEU D 449 35.57 -25.03 -24.80
CA LEU D 449 34.33 -25.45 -25.44
C LEU D 449 34.50 -26.79 -26.15
N LYS D 450 35.72 -27.09 -26.59
CA LYS D 450 35.96 -28.35 -27.29
C LYS D 450 35.74 -29.54 -26.36
N ASN D 451 36.27 -29.47 -25.14
CA ASN D 451 36.22 -30.57 -24.19
C ASN D 451 35.19 -30.35 -23.09
N LEU D 452 34.25 -29.43 -23.30
CA LEU D 452 33.27 -29.14 -22.26
C LEU D 452 32.35 -30.33 -22.00
N GLY D 453 31.86 -30.95 -23.07
CA GLY D 453 30.96 -32.08 -22.90
C GLY D 453 31.57 -33.22 -22.10
N ASP D 454 32.86 -33.49 -22.33
CA ASP D 454 33.51 -34.56 -21.59
C ASP D 454 33.86 -34.14 -20.17
N ARG D 455 34.29 -32.89 -19.97
CA ARG D 455 34.58 -32.43 -18.62
C ARG D 455 33.31 -32.33 -17.79
N LEU D 456 32.14 -32.35 -18.43
CA LEU D 456 30.90 -32.44 -17.69
C LEU D 456 30.46 -33.88 -17.50
N LYS D 457 30.63 -34.72 -18.52
CA LYS D 457 30.21 -36.11 -18.42
C LYS D 457 30.96 -36.84 -17.31
N MET D 458 32.16 -36.41 -16.99
CA MET D 458 32.90 -37.02 -15.88
C MET D 458 32.29 -36.67 -14.52
N LEU D 459 31.39 -35.70 -14.47
CA LEU D 459 30.74 -35.31 -13.23
C LEU D 459 29.28 -35.69 -13.18
N VAL D 460 28.60 -35.74 -14.32
CA VAL D 460 27.20 -36.16 -14.39
C VAL D 460 27.14 -37.39 -15.30
N PHE D 461 26.87 -38.54 -14.71
CA PHE D 461 26.86 -39.80 -15.44
C PHE D 461 25.47 -40.09 -15.97
N GLY D 462 25.42 -40.68 -17.17
CA GLY D 462 24.15 -40.82 -17.83
C GLY D 462 23.61 -39.45 -18.22
N GLN D 463 22.40 -39.47 -18.78
CA GLN D 463 21.70 -38.24 -19.18
C GLN D 463 22.59 -37.39 -20.08
N ASP D 464 23.22 -38.05 -21.05
CA ASP D 464 24.17 -37.35 -21.92
C ASP D 464 23.49 -36.30 -22.78
N LYS D 465 22.23 -36.51 -23.15
CA LYS D 465 21.56 -35.60 -24.07
C LYS D 465 21.43 -34.20 -23.50
N ALA D 466 21.26 -34.09 -22.17
CA ALA D 466 21.20 -32.76 -21.56
C ALA D 466 22.52 -32.02 -21.73
N ILE D 467 23.63 -32.69 -21.44
CA ILE D 467 24.95 -32.08 -21.60
C ILE D 467 25.17 -31.72 -23.06
N GLU D 468 24.74 -32.59 -23.98
CA GLU D 468 24.90 -32.32 -25.40
C GLU D 468 24.14 -31.06 -25.81
N ALA D 469 22.87 -30.97 -25.39
CA ALA D 469 22.07 -29.80 -25.72
C ALA D 469 22.69 -28.53 -25.16
N LEU D 470 23.11 -28.57 -23.89
CA LEU D 470 23.71 -27.39 -23.28
C LEU D 470 24.98 -26.96 -24.00
N THR D 471 25.88 -27.91 -24.26
CA THR D 471 27.13 -27.58 -24.94
C THR D 471 26.87 -27.05 -26.34
N GLU D 472 25.91 -27.64 -27.07
CA GLU D 472 25.64 -27.18 -28.41
C GLU D 472 25.05 -25.77 -28.41
N ALA D 473 24.19 -25.47 -27.43
CA ALA D 473 23.67 -24.12 -27.33
C ALA D 473 24.78 -23.12 -27.04
N ILE D 474 25.65 -23.46 -26.10
CA ILE D 474 26.76 -22.56 -25.75
C ILE D 474 27.67 -22.37 -26.97
N LYS D 475 27.88 -23.42 -27.75
CA LYS D 475 28.72 -23.31 -28.93
C LYS D 475 28.07 -22.40 -29.97
N MET D 476 26.81 -22.67 -30.31
CA MET D 476 26.12 -21.83 -31.28
C MET D 476 26.12 -20.37 -30.88
N ALA D 477 26.03 -20.10 -29.58
CA ALA D 477 26.13 -18.72 -29.12
C ALA D 477 27.53 -18.18 -29.30
N ARG D 478 28.55 -18.96 -28.91
CA ARG D 478 29.91 -18.49 -29.02
C ARG D 478 30.37 -18.44 -30.47
N ALA D 479 29.91 -19.37 -31.31
CA ALA D 479 30.25 -19.34 -32.73
C ALA D 479 29.66 -18.13 -33.44
N GLY D 480 28.90 -17.29 -32.73
CA GLY D 480 28.21 -16.18 -33.34
C GLY D 480 26.96 -16.57 -34.08
N LEU D 481 26.76 -17.87 -34.34
CA LEU D 481 25.59 -18.35 -35.06
C LEU D 481 24.45 -18.63 -34.07
N GLY D 482 24.18 -17.65 -33.23
CA GLY D 482 23.24 -17.78 -32.15
C GLY D 482 21.85 -17.29 -32.51
N HIS D 483 21.06 -17.02 -31.48
CA HIS D 483 19.72 -16.49 -31.65
C HIS D 483 19.78 -14.98 -31.84
N GLU D 484 18.68 -14.43 -32.35
CA GLU D 484 18.65 -13.03 -32.74
C GLU D 484 18.90 -12.12 -31.54
N HIS D 485 17.94 -12.05 -30.61
CA HIS D 485 18.17 -11.35 -29.36
C HIS D 485 17.55 -12.14 -28.20
N LYS D 486 17.66 -13.45 -28.27
CA LYS D 486 17.20 -14.36 -27.24
C LYS D 486 18.34 -14.73 -26.30
N PRO D 487 18.03 -15.31 -25.15
CA PRO D 487 19.09 -15.86 -24.29
C PRO D 487 19.89 -16.94 -25.02
N VAL D 488 21.08 -17.20 -24.49
CA VAL D 488 21.93 -18.28 -25.01
C VAL D 488 21.13 -19.55 -25.20
N GLY D 489 20.46 -20.00 -24.15
CA GLY D 489 19.61 -21.17 -24.24
C GLY D 489 18.56 -21.14 -23.16
N SER D 490 17.37 -21.59 -23.55
CA SER D 490 16.23 -21.64 -22.63
C SER D 490 15.79 -23.09 -22.54
N PHE D 491 16.17 -23.76 -21.46
CA PHE D 491 15.98 -25.19 -21.35
C PHE D 491 15.15 -25.52 -20.11
N LEU D 492 14.20 -26.44 -20.28
CA LEU D 492 13.39 -26.95 -19.19
C LEU D 492 13.81 -28.38 -18.90
N PHE D 493 14.33 -28.61 -17.72
CA PHE D 493 14.79 -29.93 -17.29
C PHE D 493 13.74 -30.56 -16.40
N ALA D 494 13.23 -31.71 -16.82
CA ALA D 494 12.20 -32.42 -16.06
C ALA D 494 12.59 -33.87 -15.93
N GLY D 495 12.20 -34.49 -14.82
CA GLY D 495 12.50 -35.87 -14.57
C GLY D 495 12.41 -36.21 -13.10
N PRO D 496 12.61 -37.49 -12.77
CA PRO D 496 12.53 -37.91 -11.37
C PRO D 496 13.55 -37.19 -10.51
N THR D 497 13.26 -37.13 -9.22
CA THR D 497 14.13 -36.40 -8.30
C THR D 497 15.42 -37.15 -8.07
N GLY D 498 16.40 -36.44 -7.49
CA GLY D 498 17.66 -37.05 -7.14
C GLY D 498 18.57 -37.35 -8.31
N VAL D 499 18.24 -36.86 -9.50
CA VAL D 499 19.13 -36.99 -10.65
C VAL D 499 19.78 -35.64 -10.90
N GLY D 500 20.77 -35.64 -11.79
CA GLY D 500 21.57 -34.45 -12.00
C GLY D 500 20.91 -33.38 -12.83
N LYS D 501 19.73 -32.92 -12.43
CA LYS D 501 19.12 -31.80 -13.13
C LYS D 501 19.73 -30.47 -12.70
N THR D 502 19.85 -30.24 -11.40
CA THR D 502 20.52 -29.05 -10.90
C THR D 502 22.03 -29.21 -10.81
N GLU D 503 22.50 -30.43 -10.61
CA GLU D 503 23.94 -30.65 -10.49
C GLU D 503 24.64 -30.41 -11.81
N VAL D 504 24.03 -30.83 -12.92
CA VAL D 504 24.63 -30.57 -14.22
C VAL D 504 24.72 -29.07 -14.46
N THR D 505 23.76 -28.31 -13.95
CA THR D 505 23.80 -26.86 -14.13
C THR D 505 24.90 -26.23 -13.28
N VAL D 506 25.02 -26.67 -12.03
CA VAL D 506 26.09 -26.15 -11.18
C VAL D 506 27.46 -26.46 -11.80
N GLN D 507 27.64 -27.70 -12.28
CA GLN D 507 28.91 -28.06 -12.87
C GLN D 507 29.14 -27.38 -14.21
N LEU D 508 28.08 -27.01 -14.91
CA LEU D 508 28.24 -26.25 -16.14
C LEU D 508 28.68 -24.83 -15.83
N SER D 509 28.10 -24.24 -14.79
CA SER D 509 28.57 -22.92 -14.35
C SER D 509 30.02 -22.97 -13.92
N LYS D 510 30.43 -24.05 -13.26
CA LYS D 510 31.83 -24.15 -12.84
C LYS D 510 32.75 -24.37 -14.03
N ALA D 511 32.35 -25.22 -14.97
CA ALA D 511 33.22 -25.57 -16.09
C ALA D 511 33.43 -24.38 -17.01
N LEU D 512 32.46 -23.49 -17.12
CA LEU D 512 32.62 -22.26 -17.89
C LEU D 512 33.24 -21.14 -17.09
N GLY D 513 33.31 -21.26 -15.77
CA GLY D 513 33.86 -20.21 -14.94
C GLY D 513 33.04 -18.94 -14.96
N ILE D 514 31.73 -19.05 -15.14
CA ILE D 514 30.85 -17.89 -15.17
C ILE D 514 29.91 -17.95 -13.97
N GLU D 515 29.36 -16.79 -13.62
CA GLU D 515 28.54 -16.67 -12.43
C GLU D 515 27.31 -17.55 -12.53
N LEU D 516 26.90 -18.13 -11.41
CA LEU D 516 25.70 -18.94 -11.32
C LEU D 516 24.66 -18.19 -10.50
N LEU D 517 23.52 -17.91 -11.11
CA LEU D 517 22.42 -17.24 -10.43
C LEU D 517 21.34 -18.28 -10.12
N ARG D 518 21.17 -18.59 -8.84
CA ARG D 518 20.21 -19.58 -8.39
C ARG D 518 18.97 -18.88 -7.86
N PHE D 519 17.81 -19.32 -8.33
CA PHE D 519 16.54 -18.85 -7.81
C PHE D 519 15.65 -20.05 -7.53
N ASP D 520 15.29 -20.22 -6.28
CA ASP D 520 14.41 -21.30 -5.84
C ASP D 520 12.98 -20.80 -5.95
N MET D 521 12.29 -21.21 -7.02
CA MET D 521 10.94 -20.71 -7.27
C MET D 521 9.96 -21.09 -6.17
N SER D 522 10.33 -21.99 -5.27
CA SER D 522 9.49 -22.29 -4.12
C SER D 522 9.29 -21.08 -3.22
N GLU D 523 10.20 -20.11 -3.23
CA GLU D 523 10.00 -18.87 -2.50
C GLU D 523 9.00 -17.95 -3.18
N TYR D 524 8.42 -18.37 -4.29
CA TYR D 524 7.53 -17.51 -5.07
C TYR D 524 6.19 -18.19 -5.29
N MET D 525 5.60 -18.70 -4.21
CA MET D 525 4.31 -19.36 -4.29
C MET D 525 3.16 -18.41 -4.56
N GLU D 526 3.21 -17.20 -4.03
CA GLU D 526 2.15 -16.23 -4.27
C GLU D 526 2.38 -15.49 -5.57
N ARG D 527 1.29 -15.02 -6.17
CA ARG D 527 1.40 -14.31 -7.44
C ARG D 527 1.99 -12.92 -7.25
N HIS D 528 1.84 -12.33 -6.07
CA HIS D 528 2.35 -10.99 -5.84
C HIS D 528 3.83 -10.97 -5.47
N THR D 529 4.51 -12.12 -5.53
CA THR D 529 5.95 -12.12 -5.33
C THR D 529 6.72 -11.73 -6.58
N VAL D 530 6.03 -11.52 -7.71
CA VAL D 530 6.70 -11.00 -8.90
C VAL D 530 7.36 -9.67 -8.58
N SER D 531 6.75 -8.88 -7.70
CA SER D 531 7.37 -7.66 -7.21
C SER D 531 8.71 -7.93 -6.57
N ARG D 532 8.92 -9.12 -6.03
CA ARG D 532 10.24 -9.47 -5.49
C ARG D 532 11.24 -9.73 -6.60
N LEU D 533 10.77 -10.30 -7.71
CA LEU D 533 11.65 -10.55 -8.85
C LEU D 533 12.06 -9.26 -9.54
N ILE D 534 11.10 -8.38 -9.84
CA ILE D 534 11.36 -7.22 -10.69
C ILE D 534 11.29 -5.90 -9.94
N GLY D 535 10.97 -5.91 -8.66
CA GLY D 535 10.99 -4.66 -7.92
C GLY D 535 9.59 -4.09 -7.72
N ALA D 536 9.46 -3.22 -6.72
CA ALA D 536 8.18 -2.60 -6.46
C ALA D 536 7.96 -1.40 -7.38
N PRO D 537 6.75 -1.20 -7.85
CA PRO D 537 6.46 -0.05 -8.71
C PRO D 537 6.78 1.25 -8.00
N PRO D 538 7.06 2.32 -8.74
CA PRO D 538 7.38 3.59 -8.10
C PRO D 538 6.22 4.09 -7.25
N GLY D 539 6.56 4.73 -6.14
CA GLY D 539 5.58 5.13 -5.16
C GLY D 539 5.19 4.03 -4.19
N TYR D 540 6.12 3.18 -3.81
CA TYR D 540 5.88 2.11 -2.85
C TYR D 540 7.15 1.83 -2.05
N VAL D 541 6.97 1.22 -0.87
CA VAL D 541 8.05 1.14 0.12
C VAL D 541 9.26 0.40 -0.42
N GLY D 542 9.04 -0.68 -1.17
CA GLY D 542 10.15 -1.47 -1.67
C GLY D 542 10.72 -1.04 -3.01
N PHE D 543 10.51 0.23 -3.40
CA PHE D 543 10.94 0.67 -4.71
C PHE D 543 12.46 0.78 -4.80
N ASP D 544 13.08 1.43 -3.82
CA ASP D 544 14.50 1.74 -3.85
C ASP D 544 15.39 0.51 -3.79
N GLN D 545 14.84 -0.68 -3.58
CA GLN D 545 15.66 -1.87 -3.56
C GLN D 545 15.82 -2.47 -4.95
N GLY D 546 14.79 -2.38 -5.79
CA GLY D 546 14.84 -2.99 -7.10
C GLY D 546 14.66 -4.49 -7.04
N GLY D 547 14.35 -5.06 -8.20
CA GLY D 547 14.14 -6.48 -8.30
C GLY D 547 15.44 -7.26 -8.19
N LEU D 548 15.32 -8.51 -7.72
CA LEU D 548 16.51 -9.33 -7.55
C LEU D 548 16.96 -9.98 -8.85
N LEU D 549 16.02 -10.49 -9.65
CA LEU D 549 16.39 -11.12 -10.92
C LEU D 549 17.04 -10.12 -11.86
N THR D 550 16.40 -8.98 -12.07
CA THR D 550 16.95 -7.97 -12.98
C THR D 550 18.27 -7.42 -12.46
N ASP D 551 18.39 -7.17 -11.15
CA ASP D 551 19.64 -6.67 -10.61
C ASP D 551 20.76 -7.69 -10.79
N ALA D 552 20.48 -8.96 -10.54
CA ALA D 552 21.49 -9.99 -10.73
C ALA D 552 21.93 -10.07 -12.17
N VAL D 553 20.98 -10.06 -13.11
CA VAL D 553 21.35 -10.16 -14.52
C VAL D 553 22.12 -8.93 -14.96
N ILE D 554 21.79 -7.76 -14.41
CA ILE D 554 22.57 -6.56 -14.68
C ILE D 554 24.00 -6.73 -14.19
N LYS D 555 24.17 -7.34 -13.01
CA LYS D 555 25.51 -7.51 -12.47
C LYS D 555 26.32 -8.53 -13.27
N HIS D 556 25.67 -9.53 -13.84
CA HIS D 556 26.35 -10.59 -14.59
C HIS D 556 25.62 -10.85 -15.90
N PRO D 557 25.89 -10.05 -16.93
CA PRO D 557 25.22 -10.28 -18.22
C PRO D 557 25.59 -11.60 -18.87
N HIS D 558 26.73 -12.17 -18.52
CA HIS D 558 27.16 -13.47 -19.00
C HIS D 558 27.17 -14.43 -17.82
N ALA D 559 26.15 -15.26 -17.72
CA ALA D 559 25.99 -16.14 -16.57
C ALA D 559 25.01 -17.25 -16.92
N VAL D 560 24.93 -18.24 -16.03
CA VAL D 560 23.94 -19.30 -16.13
C VAL D 560 22.87 -19.02 -15.09
N LEU D 561 21.63 -18.91 -15.55
CA LEU D 561 20.50 -18.61 -14.67
C LEU D 561 19.77 -19.90 -14.36
N LEU D 562 19.70 -20.24 -13.08
CA LEU D 562 19.06 -21.47 -12.62
C LEU D 562 17.80 -21.13 -11.84
N LEU D 563 16.66 -21.54 -12.35
CA LEU D 563 15.37 -21.37 -11.69
C LEU D 563 14.89 -22.75 -11.25
N ASP D 564 15.00 -23.02 -9.95
CA ASP D 564 14.70 -24.33 -9.42
C ASP D 564 13.22 -24.45 -9.10
N GLU D 565 12.63 -25.57 -9.52
CA GLU D 565 11.25 -25.92 -9.16
C GLU D 565 10.27 -24.82 -9.59
N ILE D 566 10.30 -24.49 -10.87
CA ILE D 566 9.45 -23.41 -11.36
C ILE D 566 7.97 -23.78 -11.29
N GLU D 567 7.65 -25.06 -11.41
CA GLU D 567 6.25 -25.46 -11.29
C GLU D 567 5.71 -25.27 -9.88
N LYS D 568 6.58 -25.03 -8.90
CA LYS D 568 6.16 -24.75 -7.54
C LYS D 568 6.00 -23.26 -7.28
N ALA D 569 6.41 -22.41 -8.21
CA ALA D 569 6.09 -21.00 -8.11
C ALA D 569 4.67 -20.76 -8.61
N HIS D 570 4.17 -19.56 -8.36
CA HIS D 570 2.83 -19.22 -8.81
C HIS D 570 2.78 -19.19 -10.33
N PRO D 571 1.80 -19.84 -10.95
CA PRO D 571 1.75 -19.86 -12.42
C PRO D 571 1.69 -18.48 -13.06
N ASP D 572 1.35 -17.45 -12.29
CA ASP D 572 1.40 -16.10 -12.83
C ASP D 572 2.82 -15.63 -13.08
N VAL D 573 3.80 -16.20 -12.37
CA VAL D 573 5.19 -15.80 -12.54
C VAL D 573 5.72 -16.19 -13.92
N PHE D 574 5.16 -17.24 -14.54
CA PHE D 574 5.68 -17.74 -15.81
C PHE D 574 5.63 -16.71 -16.93
N ASN D 575 4.82 -15.66 -16.78
CA ASN D 575 4.70 -14.69 -17.87
C ASN D 575 5.95 -13.82 -17.98
N ILE D 576 6.60 -13.54 -16.84
CA ILE D 576 7.89 -12.87 -16.89
C ILE D 576 8.87 -13.68 -17.73
N LEU D 577 8.91 -14.99 -17.52
CA LEU D 577 9.77 -15.85 -18.31
C LEU D 577 9.32 -15.88 -19.77
N LEU D 578 8.02 -15.77 -20.02
CA LEU D 578 7.55 -15.61 -21.40
C LEU D 578 8.24 -14.43 -22.07
N GLN D 579 8.10 -13.25 -21.46
CA GLN D 579 8.71 -12.05 -22.02
C GLN D 579 10.20 -12.22 -22.22
N VAL D 580 10.90 -12.73 -21.20
CA VAL D 580 12.34 -12.88 -21.28
C VAL D 580 12.73 -13.83 -22.40
N MET D 581 12.18 -15.05 -22.37
CA MET D 581 12.53 -16.05 -23.38
C MET D 581 12.28 -15.56 -24.79
N ASP D 582 11.22 -14.76 -24.98
CA ASP D 582 10.96 -14.32 -26.35
C ASP D 582 11.85 -13.17 -26.77
N ASN D 583 12.15 -12.24 -25.86
CA ASN D 583 12.89 -11.04 -26.24
C ASN D 583 14.26 -10.93 -25.59
N GLY D 584 14.60 -11.77 -24.64
CA GLY D 584 15.87 -11.65 -23.97
C GLY D 584 16.05 -10.36 -23.20
N THR D 585 15.00 -9.59 -23.00
CA THR D 585 15.07 -8.35 -22.24
C THR D 585 14.01 -8.37 -21.15
N LEU D 586 14.24 -7.56 -20.12
CA LEU D 586 13.34 -7.50 -18.98
C LEU D 586 13.45 -6.12 -18.35
N THR D 587 12.31 -5.45 -18.16
CA THR D 587 12.27 -4.11 -17.61
C THR D 587 11.93 -4.17 -16.13
N ASP D 588 12.84 -3.68 -15.30
CA ASP D 588 12.61 -3.66 -13.85
C ASP D 588 11.72 -2.48 -13.49
N ASN D 589 11.64 -2.17 -12.19
CA ASN D 589 10.79 -1.09 -11.73
C ASN D 589 11.31 0.28 -12.12
N ASN D 590 12.60 0.43 -12.37
CA ASN D 590 13.19 1.71 -12.74
C ASN D 590 13.16 1.95 -14.24
N GLY D 591 12.31 1.26 -14.97
CA GLY D 591 12.35 1.33 -16.42
C GLY D 591 13.63 0.81 -17.02
N ARG D 592 14.55 0.29 -16.22
CA ARG D 592 15.82 -0.23 -16.68
C ARG D 592 15.61 -1.61 -17.29
N LYS D 593 16.28 -1.87 -18.40
CA LYS D 593 16.11 -3.10 -19.15
C LYS D 593 17.31 -4.01 -18.92
N ALA D 594 17.06 -5.21 -18.42
CA ALA D 594 18.12 -6.20 -18.27
C ALA D 594 18.27 -6.98 -19.58
N ASP D 595 19.52 -7.30 -19.91
CA ASP D 595 19.84 -7.96 -21.17
C ASP D 595 20.15 -9.44 -20.88
N PHE D 596 19.30 -10.32 -21.39
CA PHE D 596 19.43 -11.74 -21.15
C PHE D 596 20.06 -12.48 -22.32
N ARG D 597 20.55 -11.75 -23.33
CA ARG D 597 21.04 -12.40 -24.53
C ARG D 597 22.25 -13.27 -24.27
N ASN D 598 23.00 -13.00 -23.21
CA ASN D 598 24.20 -13.77 -22.89
C ASN D 598 24.03 -14.59 -21.61
N VAL D 599 22.81 -14.93 -21.25
CA VAL D 599 22.52 -15.71 -20.06
C VAL D 599 21.84 -17.00 -20.48
N VAL D 600 22.35 -18.13 -20.01
CA VAL D 600 21.74 -19.43 -20.26
C VAL D 600 20.63 -19.63 -19.24
N LEU D 601 19.43 -19.89 -19.72
CA LEU D 601 18.25 -20.03 -18.87
C LEU D 601 17.91 -21.51 -18.72
N VAL D 602 18.14 -22.05 -17.53
CA VAL D 602 17.86 -23.45 -17.24
C VAL D 602 16.91 -23.51 -16.05
N MET D 603 15.79 -24.20 -16.23
CA MET D 603 14.79 -24.36 -15.19
C MET D 603 14.55 -25.85 -14.95
N THR D 604 14.59 -26.23 -13.67
CA THR D 604 14.49 -27.62 -13.26
C THR D 604 13.17 -27.86 -12.56
N THR D 605 12.47 -28.92 -12.94
CA THR D 605 11.18 -29.24 -12.37
C THR D 605 11.13 -30.72 -12.00
N ASN D 606 10.20 -31.04 -11.11
CA ASN D 606 9.82 -32.43 -10.83
C ASN D 606 8.40 -32.70 -11.28
N ALA D 607 7.92 -31.98 -12.29
CA ALA D 607 6.56 -32.16 -12.76
C ALA D 607 6.44 -33.45 -13.56
N GLY D 608 5.22 -33.96 -13.65
CA GLY D 608 4.95 -35.15 -14.43
C GLY D 608 5.59 -36.42 -13.93
N VAL D 609 6.35 -36.38 -12.84
CA VAL D 609 7.04 -37.57 -12.38
C VAL D 609 6.05 -38.57 -11.78
N ARG D 610 4.98 -38.07 -11.15
CA ARG D 610 4.03 -38.96 -10.50
C ARG D 610 3.46 -39.98 -11.47
N GLU D 611 3.08 -39.53 -12.66
CA GLU D 611 2.48 -40.43 -13.64
C GLU D 611 3.50 -41.44 -14.14
N THR D 612 4.72 -40.98 -14.46
CA THR D 612 5.73 -41.87 -14.99
C THR D 612 6.03 -43.02 -14.03
N GLU D 613 6.07 -42.73 -12.73
CA GLU D 613 6.27 -43.76 -11.73
C GLU D 613 4.98 -44.35 -11.22
N ARG D 614 3.83 -43.82 -11.62
CA ARG D 614 2.57 -44.41 -11.19
C ARG D 614 2.33 -45.73 -11.90
N LYS D 615 1.94 -46.74 -11.12
CA LYS D 615 1.69 -48.06 -11.66
C LYS D 615 0.29 -48.13 -12.25
N SER D 616 0.20 -48.55 -13.50
CA SER D 616 -1.09 -48.82 -14.10
C SER D 616 -1.66 -50.11 -13.53
N ILE D 617 -2.96 -50.31 -13.72
CA ILE D 617 -3.65 -51.50 -13.25
C ILE D 617 -3.85 -52.44 -14.42
N GLY D 618 -3.28 -53.62 -14.33
CA GLY D 618 -3.41 -54.60 -15.39
C GLY D 618 -2.18 -55.47 -15.46
N LEU D 619 -2.21 -56.39 -16.43
CA LEU D 619 -1.10 -57.30 -16.63
C LEU D 619 0.12 -56.60 -17.22
N ILE D 620 -0.08 -55.53 -17.97
CA ILE D 620 0.98 -54.83 -18.68
C ILE D 620 0.95 -53.37 -18.29
N HIS D 621 2.12 -52.82 -18.00
CA HIS D 621 2.24 -51.41 -17.69
C HIS D 621 2.52 -50.60 -18.95
N GLN D 622 2.08 -49.35 -18.93
CA GLN D 622 2.19 -48.46 -20.08
C GLN D 622 3.34 -47.48 -19.85
N ASP D 623 3.83 -46.93 -20.96
CA ASP D 623 4.76 -45.81 -20.89
C ASP D 623 3.95 -44.56 -20.55
N ASN D 624 4.12 -44.06 -19.34
CA ASN D 624 3.43 -42.87 -18.89
C ASN D 624 4.13 -41.58 -19.30
N SER D 625 5.10 -41.65 -20.21
CA SER D 625 5.74 -40.44 -20.70
C SER D 625 4.74 -39.53 -21.40
N THR D 626 3.73 -40.13 -22.03
CA THR D 626 2.64 -39.32 -22.58
C THR D 626 1.93 -38.55 -21.49
N ASP D 627 1.76 -39.17 -20.32
CA ASP D 627 1.18 -38.45 -19.19
C ASP D 627 2.11 -37.39 -18.65
N ALA D 628 3.43 -37.64 -18.67
CA ALA D 628 4.37 -36.60 -18.30
C ALA D 628 4.21 -35.38 -19.20
N MET D 629 4.11 -35.61 -20.50
CA MET D 629 3.90 -34.52 -21.44
C MET D 629 2.57 -33.83 -21.18
N GLU D 630 1.52 -34.61 -20.92
CA GLU D 630 0.21 -34.02 -20.64
C GLU D 630 0.27 -33.14 -19.40
N GLU D 631 0.95 -33.60 -18.35
CA GLU D 631 1.07 -32.81 -17.13
C GLU D 631 1.86 -31.54 -17.38
N ILE D 632 2.98 -31.64 -18.10
CA ILE D 632 3.77 -30.45 -18.39
C ILE D 632 2.96 -29.45 -19.19
N LYS D 633 2.18 -29.92 -20.16
CA LYS D 633 1.34 -29.02 -20.93
C LYS D 633 0.26 -28.41 -20.06
N LYS D 634 -0.26 -29.18 -19.09
CA LYS D 634 -1.22 -28.63 -18.15
C LYS D 634 -0.61 -27.49 -17.36
N ILE D 635 0.65 -27.65 -16.93
CA ILE D 635 1.24 -26.65 -16.06
C ILE D 635 1.74 -25.45 -16.85
N PHE D 636 2.25 -25.67 -18.06
CA PHE D 636 2.88 -24.62 -18.85
C PHE D 636 2.02 -24.34 -20.08
N THR D 637 1.56 -23.09 -20.19
CA THR D 637 0.72 -22.63 -21.29
C THR D 637 1.41 -22.88 -22.63
N PRO D 638 0.65 -23.09 -23.71
CA PRO D 638 1.28 -23.44 -24.99
C PRO D 638 2.37 -22.50 -25.46
N GLU D 639 2.22 -21.19 -25.26
CA GLU D 639 3.28 -20.29 -25.69
C GLU D 639 4.53 -20.41 -24.84
N PHE D 640 4.38 -20.74 -23.55
CA PHE D 640 5.55 -20.99 -22.71
C PHE D 640 6.33 -22.18 -23.23
N ARG D 641 5.63 -23.26 -23.58
CA ARG D 641 6.31 -24.40 -24.19
C ARG D 641 6.87 -24.03 -25.56
N ASN D 642 6.25 -23.07 -26.24
CA ASN D 642 6.74 -22.63 -27.54
C ASN D 642 7.99 -21.77 -27.45
N ARG D 643 8.23 -21.12 -26.31
CA ARG D 643 9.40 -20.26 -26.16
C ARG D 643 10.57 -20.99 -25.52
N LEU D 644 10.53 -22.31 -25.43
CA LEU D 644 11.64 -23.09 -24.91
C LEU D 644 12.52 -23.60 -26.03
N ASP D 645 13.82 -23.69 -25.76
CA ASP D 645 14.71 -24.31 -26.72
C ASP D 645 14.46 -25.82 -26.79
N ASN D 646 14.33 -26.47 -25.64
CA ASN D 646 13.98 -27.88 -25.59
C ASN D 646 13.61 -28.24 -24.15
N ILE D 647 12.83 -29.31 -24.02
CA ILE D 647 12.52 -29.92 -22.74
C ILE D 647 13.26 -31.24 -22.66
N ILE D 648 14.29 -31.30 -21.84
CA ILE D 648 15.14 -32.47 -21.72
C ILE D 648 14.58 -33.36 -20.62
N TRP D 649 14.04 -34.51 -21.02
CA TRP D 649 13.47 -35.46 -20.07
C TRP D 649 14.58 -36.33 -19.50
N PHE D 650 14.94 -36.08 -18.25
CA PHE D 650 15.96 -36.87 -17.58
C PHE D 650 15.42 -38.25 -17.24
N ASP D 651 16.28 -39.25 -17.38
CA ASP D 651 15.90 -40.63 -17.09
C ASP D 651 16.35 -41.01 -15.68
N HIS D 652 15.93 -42.19 -15.24
CA HIS D 652 16.41 -42.72 -13.97
C HIS D 652 17.87 -43.12 -14.09
N LEU D 653 18.47 -43.52 -12.98
CA LEU D 653 19.86 -43.92 -12.95
C LEU D 653 19.97 -45.44 -12.94
N SER D 654 20.77 -45.97 -13.87
CA SER D 654 20.97 -47.41 -13.95
C SER D 654 21.98 -47.86 -12.90
N THR D 655 22.15 -49.18 -12.81
CA THR D 655 23.00 -49.76 -11.78
C THR D 655 24.48 -49.40 -11.98
N ASP D 656 24.99 -49.49 -13.21
CA ASP D 656 26.36 -49.06 -13.46
C ASP D 656 26.52 -47.57 -13.20
N VAL D 657 25.50 -46.78 -13.55
CA VAL D 657 25.49 -45.37 -13.18
C VAL D 657 25.54 -45.23 -11.67
N ILE D 658 24.87 -46.13 -10.95
CA ILE D 658 24.93 -46.11 -9.49
C ILE D 658 26.35 -46.38 -9.01
N HIS D 659 27.03 -47.34 -9.65
CA HIS D 659 28.41 -47.62 -9.29
C HIS D 659 29.29 -46.39 -9.49
N GLN D 660 29.12 -45.71 -10.61
CA GLN D 660 29.91 -44.51 -10.88
C GLN D 660 29.60 -43.42 -9.86
N VAL D 661 28.33 -43.28 -9.50
CA VAL D 661 27.95 -42.30 -8.49
C VAL D 661 28.61 -42.63 -7.16
N VAL D 662 28.65 -43.91 -6.81
CA VAL D 662 29.31 -44.33 -5.57
C VAL D 662 30.78 -43.97 -5.62
N ASP D 663 31.43 -44.21 -6.76
CA ASP D 663 32.83 -43.82 -6.91
C ASP D 663 33.00 -42.33 -6.70
N LYS D 664 32.13 -41.52 -7.30
CA LYS D 664 32.21 -40.08 -7.16
C LYS D 664 32.09 -39.65 -5.70
N PHE D 665 31.09 -40.19 -5.01
CA PHE D 665 30.91 -39.82 -3.61
C PHE D 665 32.05 -40.29 -2.74
N ILE D 666 32.62 -41.46 -3.05
CA ILE D 666 33.77 -41.94 -2.28
C ILE D 666 34.97 -41.04 -2.50
N VAL D 667 35.13 -40.55 -3.73
CA VAL D 667 36.23 -39.62 -4.00
C VAL D 667 36.04 -38.33 -3.19
N GLU D 668 34.80 -37.82 -3.15
CA GLU D 668 34.54 -36.63 -2.36
C GLU D 668 34.82 -36.87 -0.88
N LEU D 669 34.41 -38.03 -0.37
CA LEU D 669 34.68 -38.38 1.01
C LEU D 669 36.19 -38.47 1.27
N GLN D 670 36.94 -39.02 0.31
CA GLN D 670 38.38 -39.10 0.45
C GLN D 670 39.00 -37.71 0.52
N VAL D 671 38.48 -36.78 -0.29
CA VAL D 671 38.96 -35.40 -0.21
C VAL D 671 38.68 -34.82 1.17
N GLN D 672 37.46 -35.03 1.67
CA GLN D 672 37.12 -34.57 3.01
C GLN D 672 38.08 -35.12 4.05
N LEU D 673 38.42 -36.40 3.94
CA LEU D 673 39.32 -37.02 4.92
C LEU D 673 40.73 -36.48 4.79
N ASP D 674 41.20 -36.28 3.55
CA ASP D 674 42.53 -35.72 3.34
C ASP D 674 42.63 -34.32 3.92
N GLN D 675 41.53 -33.57 3.90
CA GLN D 675 41.51 -32.29 4.60
C GLN D 675 41.87 -32.47 6.08
N LYS D 676 41.49 -33.60 6.66
CA LYS D 676 41.87 -33.93 8.04
C LYS D 676 43.16 -34.72 8.11
N GLY D 677 43.78 -35.03 6.97
CA GLY D 677 45.01 -35.79 6.98
C GLY D 677 44.83 -37.29 7.11
N VAL D 678 43.77 -37.83 6.55
CA VAL D 678 43.46 -39.25 6.68
C VAL D 678 43.29 -39.81 5.27
N SER D 679 44.22 -40.68 4.86
CA SER D 679 44.04 -41.42 3.63
C SER D 679 43.04 -42.55 3.85
N LEU D 680 42.34 -42.91 2.78
CA LEU D 680 41.33 -43.96 2.86
C LEU D 680 41.38 -44.81 1.61
N GLU D 681 41.27 -46.13 1.80
CA GLU D 681 41.16 -47.07 0.70
C GLU D 681 39.89 -47.89 0.88
N VAL D 682 39.08 -47.96 -0.18
CA VAL D 682 37.88 -48.77 -0.20
C VAL D 682 38.04 -49.81 -1.29
N SER D 683 37.78 -51.07 -0.96
CA SER D 683 37.92 -52.15 -1.92
C SER D 683 36.88 -52.03 -3.03
N GLN D 684 37.02 -52.90 -4.03
CA GLN D 684 36.10 -52.89 -5.15
C GLN D 684 34.79 -53.58 -4.80
N GLU D 685 34.87 -54.75 -4.16
CA GLU D 685 33.64 -55.44 -3.78
C GLU D 685 32.90 -54.67 -2.69
N ALA D 686 33.61 -53.89 -1.87
CA ALA D 686 32.93 -53.01 -0.94
C ALA D 686 32.12 -51.96 -1.69
N ARG D 687 32.68 -51.40 -2.76
CA ARG D 687 31.94 -50.47 -3.60
C ARG D 687 30.70 -51.15 -4.20
N ASN D 688 30.87 -52.35 -4.72
CA ASN D 688 29.74 -53.07 -5.28
C ASN D 688 28.67 -53.31 -4.23
N TRP D 689 29.06 -53.67 -3.02
CA TRP D 689 28.09 -53.92 -1.96
C TRP D 689 27.37 -52.65 -1.56
N LEU D 690 28.09 -51.53 -1.46
CA LEU D 690 27.45 -50.26 -1.18
C LEU D 690 26.41 -49.93 -2.24
N ALA D 691 26.78 -50.12 -3.51
CA ALA D 691 25.84 -49.84 -4.60
C ALA D 691 24.62 -50.74 -4.52
N GLU D 692 24.81 -52.02 -4.21
CA GLU D 692 23.69 -52.94 -4.11
C GLU D 692 22.79 -52.58 -2.93
N LYS D 693 23.39 -52.10 -1.84
CA LYS D 693 22.61 -51.75 -0.66
C LYS D 693 21.82 -50.47 -0.87
N GLY D 694 22.39 -49.51 -1.59
CA GLY D 694 21.76 -48.22 -1.73
C GLY D 694 20.93 -47.99 -2.97
N TYR D 695 20.97 -48.90 -3.95
CA TYR D 695 20.28 -48.66 -5.21
C TYR D 695 18.77 -48.51 -4.98
N ASP D 696 18.25 -47.34 -5.34
CA ASP D 696 16.83 -47.05 -5.25
C ASP D 696 16.43 -46.32 -6.52
N ARG D 697 15.72 -47.01 -7.40
CA ARG D 697 15.37 -46.43 -8.70
C ARG D 697 14.51 -45.19 -8.53
N ALA D 698 13.59 -45.21 -7.57
CA ALA D 698 12.63 -44.12 -7.44
C ALA D 698 13.28 -42.83 -6.98
N MET D 699 14.40 -42.90 -6.27
CA MET D 699 15.01 -41.73 -5.67
C MET D 699 16.34 -41.34 -6.32
N GLY D 700 16.75 -42.04 -7.37
CA GLY D 700 17.94 -41.62 -8.09
C GLY D 700 19.21 -41.81 -7.28
N ALA D 701 20.03 -40.76 -7.25
CA ALA D 701 21.36 -40.84 -6.66
C ALA D 701 21.42 -40.40 -5.21
N ARG D 702 20.38 -39.72 -4.71
CA ARG D 702 20.42 -39.22 -3.34
C ARG D 702 20.53 -40.31 -2.28
N PRO D 703 19.89 -41.48 -2.40
CA PRO D 703 20.08 -42.50 -1.36
C PRO D 703 21.51 -42.97 -1.21
N MET D 704 22.31 -42.91 -2.27
CA MET D 704 23.70 -43.31 -2.16
C MET D 704 24.45 -42.44 -1.17
N ALA D 705 24.12 -41.15 -1.10
CA ALA D 705 24.75 -40.28 -0.13
C ALA D 705 24.51 -40.78 1.29
N ARG D 706 23.25 -41.11 1.62
CA ARG D 706 22.95 -41.60 2.95
C ARG D 706 23.61 -42.95 3.21
N VAL D 707 23.60 -43.84 2.22
CA VAL D 707 24.19 -45.16 2.41
C VAL D 707 25.67 -45.03 2.72
N ILE D 708 26.40 -44.29 1.89
CA ILE D 708 27.82 -44.07 2.14
C ILE D 708 28.01 -43.38 3.49
N GLN D 709 27.16 -42.40 3.80
CA GLN D 709 27.25 -41.71 5.08
C GLN D 709 27.22 -42.69 6.23
N ASP D 710 26.13 -43.46 6.37
CA ASP D 710 26.02 -44.35 7.51
C ASP D 710 27.08 -45.44 7.49
N ASN D 711 27.39 -46.00 6.32
CA ASN D 711 28.28 -47.14 6.27
C ASN D 711 29.74 -46.76 6.50
N LEU D 712 30.13 -45.52 6.21
CA LEU D 712 31.52 -45.12 6.34
C LEU D 712 31.76 -44.03 7.37
N LYS D 713 31.03 -42.91 7.29
CA LYS D 713 31.34 -41.77 8.14
C LYS D 713 31.13 -42.08 9.60
N LYS D 714 30.11 -42.88 9.95
CA LYS D 714 29.85 -43.21 11.35
C LYS D 714 31.08 -43.81 12.02
N PRO D 715 31.61 -44.96 11.59
CA PRO D 715 32.84 -45.45 12.22
C PRO D 715 34.00 -44.49 12.01
N LEU D 716 34.05 -43.83 10.86
CA LEU D 716 35.10 -42.86 10.62
C LEU D 716 34.98 -41.67 11.56
N ALA D 717 33.75 -41.19 11.81
CA ALA D 717 33.59 -40.10 12.74
C ALA D 717 34.01 -40.52 14.15
N ASN D 718 33.65 -41.74 14.55
CA ASN D 718 34.07 -42.21 15.87
C ASN D 718 35.58 -42.31 15.97
N GLU D 719 36.24 -42.82 14.93
CA GLU D 719 37.69 -42.97 14.97
C GLU D 719 38.40 -41.62 14.85
N LEU D 720 37.76 -40.63 14.24
CA LEU D 720 38.35 -39.30 14.13
C LEU D 720 38.13 -38.49 15.39
N LEU D 721 37.10 -38.81 16.17
CA LEU D 721 36.84 -38.10 17.41
C LEU D 721 37.47 -38.76 18.63
N PHE D 722 37.17 -40.04 18.87
CA PHE D 722 37.64 -40.74 20.07
C PHE D 722 38.16 -42.12 19.66
N GLY D 723 38.98 -42.16 18.61
CA GLY D 723 39.42 -43.44 18.10
C GLY D 723 40.83 -43.39 17.57
N SER D 724 41.14 -44.36 16.72
CA SER D 724 42.49 -44.53 16.19
C SER D 724 42.87 -43.45 15.20
N LEU D 725 41.92 -42.94 14.42
CA LEU D 725 42.24 -42.01 13.33
C LEU D 725 42.26 -40.57 13.81
N VAL D 726 43.02 -40.30 14.86
CA VAL D 726 43.29 -38.93 15.30
C VAL D 726 44.69 -38.57 14.83
N ASP D 727 44.77 -37.74 13.81
CA ASP D 727 46.04 -37.37 13.17
C ASP D 727 46.73 -38.61 12.60
N GLY D 728 45.99 -39.35 11.78
CA GLY D 728 46.53 -40.55 11.15
C GLY D 728 45.47 -41.17 10.28
N GLY D 729 45.93 -41.93 9.30
CA GLY D 729 45.02 -42.50 8.32
C GLY D 729 45.19 -43.99 8.10
N GLN D 730 45.34 -44.38 6.84
CA GLN D 730 45.53 -45.78 6.45
C GLN D 730 44.34 -46.64 6.85
N VAL D 731 43.15 -46.06 6.81
CA VAL D 731 41.94 -46.80 7.10
C VAL D 731 41.55 -47.62 5.88
N THR D 732 41.43 -48.93 6.07
CA THR D 732 41.09 -49.85 4.99
C THR D 732 39.70 -50.41 5.25
N VAL D 733 38.86 -50.40 4.21
CA VAL D 733 37.52 -50.93 4.29
C VAL D 733 37.39 -52.06 3.27
N ALA D 734 37.09 -53.26 3.75
CA ALA D 734 36.91 -54.41 2.89
C ALA D 734 35.68 -55.18 3.34
N LEU D 735 35.12 -55.94 2.41
CA LEU D 735 33.87 -56.65 2.63
C LEU D 735 34.12 -58.14 2.77
N ASP D 736 33.60 -58.73 3.84
CA ASP D 736 33.60 -60.18 3.93
C ASP D 736 32.35 -60.73 3.24
N LYS D 737 32.27 -62.04 3.11
CA LYS D 737 31.14 -62.66 2.45
C LYS D 737 30.22 -63.41 3.40
N GLU D 738 30.68 -63.69 4.62
CA GLU D 738 29.82 -64.38 5.59
C GLU D 738 28.82 -63.44 6.21
N LYS D 739 29.22 -62.19 6.47
CA LYS D 739 28.36 -61.21 7.09
C LYS D 739 28.18 -59.93 6.29
N ASN D 740 28.87 -59.79 5.15
CA ASN D 740 28.80 -58.59 4.32
C ASN D 740 29.13 -57.35 5.14
N GLU D 741 30.15 -57.44 5.97
CA GLU D 741 30.55 -56.36 6.86
C GLU D 741 31.83 -55.71 6.37
N LEU D 742 32.20 -54.61 7.02
CA LEU D 742 33.30 -53.78 6.58
C LEU D 742 34.47 -53.84 7.56
N THR D 743 35.68 -53.81 7.01
CA THR D 743 36.90 -53.71 7.80
C THR D 743 37.24 -52.25 8.05
N TYR D 744 38.08 -52.01 9.06
CA TYR D 744 38.44 -50.65 9.44
C TYR D 744 39.84 -50.67 10.05
N GLY D 745 40.21 -49.56 10.69
CA GLY D 745 41.43 -49.49 11.46
C GLY D 745 42.63 -49.07 10.63
N PHE D 746 43.72 -48.77 11.34
CA PHE D 746 44.99 -48.38 10.74
C PHE D 746 45.45 -49.38 9.69
N MET E 169 0.06 54.40 -9.24
CA MET E 169 1.15 55.31 -9.56
C MET E 169 1.40 55.37 -11.05
N GLU E 170 1.15 56.55 -11.64
CA GLU E 170 1.32 56.73 -13.08
C GLU E 170 2.75 56.50 -13.52
N ASN E 171 3.73 56.64 -12.62
CA ASN E 171 5.12 56.38 -12.99
C ASN E 171 5.35 54.91 -13.31
N PHE E 172 4.50 54.02 -12.80
CA PHE E 172 4.67 52.58 -13.00
C PHE E 172 3.43 51.88 -13.51
N THR E 173 2.34 52.58 -13.77
CA THR E 173 1.11 51.98 -14.28
C THR E 173 0.85 52.51 -15.69
N THR E 174 0.71 51.58 -16.64
CA THR E 174 0.48 51.94 -18.03
C THR E 174 -1.01 52.14 -18.27
N ASN E 175 -1.37 53.34 -18.72
CA ASN E 175 -2.76 53.68 -18.97
C ASN E 175 -3.19 53.06 -20.29
N LEU E 176 -3.73 51.84 -20.22
CA LEU E 176 -4.27 51.21 -21.42
C LEU E 176 -5.45 51.99 -21.98
N ASN E 177 -6.18 52.72 -21.13
CA ASN E 177 -7.26 53.56 -21.62
C ASN E 177 -6.71 54.71 -22.45
N GLN E 178 -5.57 55.27 -22.04
CA GLN E 178 -4.97 56.35 -22.81
C GLN E 178 -4.30 55.83 -24.08
N LEU E 179 -3.66 54.66 -23.99
CA LEU E 179 -3.07 54.06 -25.19
C LEU E 179 -4.14 53.73 -26.22
N ALA E 180 -5.22 53.07 -25.79
CA ALA E 180 -6.33 52.79 -26.70
C ALA E 180 -7.00 54.07 -27.17
N ARG E 181 -7.00 55.10 -26.32
CA ARG E 181 -7.55 56.39 -26.73
C ARG E 181 -6.77 56.99 -27.89
N VAL E 182 -5.47 56.72 -27.97
CA VAL E 182 -4.64 57.22 -29.05
C VAL E 182 -4.27 56.11 -30.04
N GLY E 183 -4.96 54.97 -29.99
CA GLY E 183 -4.67 53.88 -30.89
C GLY E 183 -4.02 52.69 -30.19
N GLY E 184 -2.87 52.26 -30.68
CA GLY E 184 -2.11 51.23 -30.00
C GLY E 184 -2.74 49.85 -30.08
N ILE E 185 -4.03 49.77 -29.78
CA ILE E 185 -4.77 48.52 -29.71
C ILE E 185 -5.41 48.26 -31.07
N ASP E 186 -5.29 47.03 -31.55
CA ASP E 186 -5.99 46.63 -32.76
C ASP E 186 -7.47 46.41 -32.47
N PRO E 187 -8.33 46.47 -33.49
CA PRO E 187 -9.76 46.30 -33.25
C PRO E 187 -10.08 44.91 -32.71
N LEU E 188 -11.00 44.88 -31.75
CA LEU E 188 -11.47 43.63 -31.17
C LEU E 188 -12.29 42.87 -32.19
N ILE E 189 -12.18 41.54 -32.16
CA ILE E 189 -12.79 40.68 -33.17
C ILE E 189 -13.72 39.70 -32.48
N GLY E 190 -15.00 40.08 -32.37
CA GLY E 190 -16.02 39.16 -31.90
C GLY E 190 -16.01 38.85 -30.43
N ARG E 191 -15.73 39.83 -29.58
CA ARG E 191 -15.64 39.61 -28.14
C ARG E 191 -16.55 40.56 -27.36
N GLU E 192 -17.64 41.02 -27.99
CA GLU E 192 -18.55 41.93 -27.32
C GLU E 192 -19.37 41.21 -26.25
N LYS E 193 -19.52 39.89 -26.39
CA LYS E 193 -20.28 39.12 -25.41
C LYS E 193 -19.53 39.01 -24.09
N GLU E 194 -18.23 38.73 -24.17
CA GLU E 194 -17.43 38.66 -22.95
C GLU E 194 -17.23 40.04 -22.34
N LEU E 195 -17.17 41.07 -23.19
CA LEU E 195 -17.17 42.43 -22.67
C LEU E 195 -18.46 42.74 -21.92
N GLU E 196 -19.60 42.34 -22.49
CA GLU E 196 -20.87 42.46 -21.81
C GLU E 196 -20.84 41.77 -20.44
N ARG E 197 -20.38 40.52 -20.42
CA ARG E 197 -20.35 39.78 -19.15
C ARG E 197 -19.43 40.45 -18.14
N ALA E 198 -18.27 40.92 -18.59
CA ALA E 198 -17.31 41.52 -17.67
C ALA E 198 -17.83 42.85 -17.12
N ILE E 199 -18.32 43.72 -17.98
CA ILE E 199 -18.89 44.98 -17.50
C ILE E 199 -20.10 44.72 -16.61
N GLN E 200 -20.83 43.63 -16.87
CA GLN E 200 -21.93 43.24 -16.00
C GLN E 200 -21.42 42.86 -14.63
N VAL E 201 -20.31 42.14 -14.56
CA VAL E 201 -19.71 41.81 -13.29
C VAL E 201 -19.28 43.08 -12.55
N LEU E 202 -18.64 44.01 -13.27
CA LEU E 202 -18.10 45.21 -12.64
C LEU E 202 -19.17 46.01 -11.91
N CYS E 203 -20.33 46.22 -12.53
CA CYS E 203 -21.36 47.04 -11.92
C CYS E 203 -22.08 46.36 -10.76
N ARG E 204 -21.77 45.10 -10.48
CA ARG E 204 -22.33 44.43 -9.31
C ARG E 204 -21.77 45.06 -8.03
N ARG E 205 -22.43 44.76 -6.91
CA ARG E 205 -21.94 45.25 -5.64
C ARG E 205 -20.83 44.38 -5.08
N ARG E 206 -21.02 43.06 -5.11
CA ARG E 206 -20.02 42.12 -4.62
C ARG E 206 -19.63 41.16 -5.73
N LYS E 207 -18.44 40.58 -5.59
CA LYS E 207 -17.85 39.74 -6.64
C LYS E 207 -17.70 40.52 -7.95
N ASN E 208 -17.57 41.84 -7.84
CA ASN E 208 -17.48 42.71 -9.01
C ASN E 208 -16.04 42.83 -9.50
N ASN E 209 -15.40 41.69 -9.71
CA ASN E 209 -14.03 41.63 -10.22
C ASN E 209 -13.96 40.54 -11.27
N PRO E 210 -14.12 40.89 -12.55
CA PRO E 210 -14.16 39.88 -13.61
C PRO E 210 -12.86 39.09 -13.68
N LEU E 211 -12.97 37.79 -13.43
CA LEU E 211 -11.85 36.87 -13.49
C LEU E 211 -11.83 36.20 -14.86
N LEU E 212 -11.11 36.80 -15.81
CA LEU E 212 -10.94 36.21 -17.13
C LEU E 212 -9.99 35.03 -17.02
N VAL E 213 -10.56 33.83 -16.87
CA VAL E 213 -9.78 32.62 -16.78
C VAL E 213 -9.80 31.93 -18.14
N GLY E 214 -8.62 31.82 -18.75
CA GLY E 214 -8.53 31.24 -20.08
C GLY E 214 -7.22 30.49 -20.25
N GLU E 215 -7.17 29.69 -21.30
CA GLU E 215 -5.97 28.94 -21.62
C GLU E 215 -4.88 29.86 -22.14
N SER E 216 -3.76 29.27 -22.55
CA SER E 216 -2.67 30.03 -23.13
C SER E 216 -2.93 30.23 -24.63
N GLY E 217 -2.49 31.37 -25.13
CA GLY E 217 -2.66 31.67 -26.54
C GLY E 217 -4.09 31.79 -27.00
N VAL E 218 -4.97 32.28 -26.14
CA VAL E 218 -6.38 32.44 -26.46
C VAL E 218 -6.75 33.90 -26.66
N GLY E 219 -6.26 34.78 -25.82
CA GLY E 219 -6.53 36.19 -25.93
C GLY E 219 -7.24 36.86 -24.76
N LYS E 220 -7.01 36.42 -23.52
CA LYS E 220 -7.60 37.10 -22.38
C LYS E 220 -7.05 38.51 -22.23
N THR E 221 -5.73 38.67 -22.30
CA THR E 221 -5.15 40.00 -22.36
C THR E 221 -5.68 40.75 -23.59
N ALA E 222 -5.88 40.03 -24.69
CA ALA E 222 -6.50 40.64 -25.86
C ALA E 222 -7.92 41.09 -25.56
N ILE E 223 -8.64 40.36 -24.71
CA ILE E 223 -10.00 40.76 -24.36
C ILE E 223 -9.96 42.02 -23.51
N ALA E 224 -8.98 42.13 -22.62
CA ALA E 224 -8.83 43.37 -21.85
C ALA E 224 -8.49 44.55 -22.75
N GLU E 225 -7.58 44.33 -23.71
CA GLU E 225 -7.28 45.36 -24.69
C GLU E 225 -8.53 45.77 -25.47
N GLY E 226 -9.36 44.79 -25.85
CA GLY E 226 -10.59 45.10 -26.54
C GLY E 226 -11.57 45.87 -25.68
N LEU E 227 -11.61 45.58 -24.38
CA LEU E 227 -12.44 46.35 -23.48
C LEU E 227 -11.99 47.81 -23.43
N ALA E 228 -10.68 48.03 -23.30
CA ALA E 228 -10.17 49.40 -23.30
C ALA E 228 -10.48 50.09 -24.64
N TRP E 229 -10.32 49.37 -25.74
CA TRP E 229 -10.55 49.95 -27.06
C TRP E 229 -12.02 50.29 -27.27
N ARG E 230 -12.92 49.45 -26.76
CA ARG E 230 -14.34 49.74 -26.87
C ARG E 230 -14.77 50.86 -25.94
N ILE E 231 -14.09 50.99 -24.79
CA ILE E 231 -14.37 52.12 -23.90
C ILE E 231 -13.99 53.43 -24.59
N VAL E 232 -12.78 53.49 -25.15
CA VAL E 232 -12.37 54.71 -25.83
C VAL E 232 -13.11 54.88 -27.15
N GLN E 233 -13.72 53.81 -27.66
CA GLN E 233 -14.43 53.90 -28.92
C GLN E 233 -15.82 54.48 -28.75
N GLY E 234 -16.43 54.27 -27.60
CA GLY E 234 -17.77 54.73 -27.34
C GLY E 234 -18.86 53.67 -27.45
N ASP E 235 -18.57 52.43 -27.06
CA ASP E 235 -19.54 51.35 -27.15
C ASP E 235 -19.89 50.78 -25.78
N VAL E 236 -19.81 51.58 -24.74
CA VAL E 236 -20.21 51.20 -23.38
C VAL E 236 -20.83 52.43 -22.73
N PRO E 237 -21.96 52.28 -22.02
CA PRO E 237 -22.61 53.47 -21.46
C PRO E 237 -21.82 54.06 -20.31
N GLU E 238 -22.19 55.29 -19.92
CA GLU E 238 -21.42 56.07 -18.97
C GLU E 238 -21.51 55.56 -17.54
N VAL E 239 -22.27 54.49 -17.30
CA VAL E 239 -22.30 53.91 -15.96
C VAL E 239 -20.92 53.45 -15.54
N MET E 240 -20.06 53.12 -16.51
CA MET E 240 -18.68 52.77 -16.25
C MET E 240 -17.69 53.38 -17.25
N ALA E 241 -18.18 53.98 -18.33
CA ALA E 241 -17.32 54.36 -19.45
C ALA E 241 -16.22 55.30 -19.02
N ASP E 242 -15.05 55.15 -19.64
CA ASP E 242 -13.88 56.02 -19.49
C ASP E 242 -13.23 55.91 -18.12
N CYS E 243 -13.57 54.90 -17.33
CA CYS E 243 -12.81 54.61 -16.12
C CYS E 243 -11.38 54.25 -16.50
N THR E 244 -10.42 55.01 -16.00
CA THR E 244 -9.05 54.88 -16.47
C THR E 244 -8.45 53.54 -16.06
N ILE E 245 -8.11 52.73 -17.06
CA ILE E 245 -7.57 51.38 -16.87
C ILE E 245 -6.08 51.53 -16.60
N TYR E 246 -5.60 50.78 -15.60
CA TYR E 246 -4.19 50.80 -15.23
C TYR E 246 -3.65 49.37 -15.20
N SER E 247 -2.43 49.21 -15.72
CA SER E 247 -1.72 47.94 -15.72
C SER E 247 -0.50 48.06 -14.83
N LEU E 248 -0.25 47.03 -14.02
CA LEU E 248 0.79 47.09 -12.99
C LEU E 248 2.10 46.51 -13.51
N ASP E 249 3.16 47.31 -13.44
CA ASP E 249 4.51 46.85 -13.73
C ASP E 249 5.06 46.20 -12.46
N ILE E 250 5.11 44.87 -12.46
CA ILE E 250 5.55 44.15 -11.27
C ILE E 250 7.05 44.36 -11.04
N GLY E 251 7.85 44.27 -12.11
CA GLY E 251 9.29 44.43 -11.96
C GLY E 251 9.69 45.77 -11.38
N SER E 252 8.93 46.83 -11.69
CA SER E 252 9.24 48.14 -11.13
C SER E 252 9.19 48.12 -9.61
N LEU E 253 8.23 47.39 -9.04
CA LEU E 253 8.15 47.28 -7.59
C LEU E 253 9.16 46.29 -7.06
N LEU E 254 9.42 45.21 -7.80
CA LEU E 254 10.47 44.26 -7.41
C LEU E 254 11.84 44.92 -7.41
N ALA E 255 11.98 46.08 -8.07
CA ALA E 255 13.26 46.75 -8.22
C ALA E 255 13.79 47.36 -6.94
N GLY E 256 13.22 47.03 -5.77
CA GLY E 256 13.81 47.48 -4.52
C GLY E 256 15.26 47.06 -4.38
N THR E 257 15.52 45.75 -4.42
CA THR E 257 16.83 45.11 -4.58
C THR E 257 17.81 45.35 -3.43
N LYS E 258 17.45 46.13 -2.40
CA LYS E 258 18.42 46.43 -1.36
C LYS E 258 17.71 46.96 -0.12
N TYR E 259 18.40 46.86 1.01
CA TYR E 259 17.89 47.33 2.29
C TYR E 259 16.52 46.73 2.57
N ARG E 260 16.50 45.41 2.78
CA ARG E 260 15.26 44.65 2.92
C ARG E 260 14.22 45.39 3.74
N GLY E 261 13.03 45.54 3.16
CA GLY E 261 11.95 46.33 3.74
C GLY E 261 11.47 47.45 2.84
N ASP E 262 12.34 47.93 1.94
CA ASP E 262 11.98 49.02 1.05
C ASP E 262 10.93 48.61 0.03
N PHE E 263 10.98 47.36 -0.42
CA PHE E 263 9.99 46.85 -1.36
C PHE E 263 8.58 47.04 -0.85
N GLU E 264 8.33 46.62 0.39
CA GLU E 264 6.99 46.70 0.96
C GLU E 264 6.57 48.15 1.14
N LYS E 265 7.51 49.03 1.46
CA LYS E 265 7.16 50.45 1.61
C LYS E 265 6.76 51.05 0.27
N ARG E 266 7.49 50.72 -0.80
CA ARG E 266 7.11 51.22 -2.11
C ARG E 266 5.77 50.65 -2.55
N PHE E 267 5.50 49.39 -2.22
CA PHE E 267 4.19 48.81 -2.57
C PHE E 267 3.07 49.48 -1.79
N LYS E 268 3.32 49.80 -0.51
CA LYS E 268 2.33 50.54 0.27
C LYS E 268 2.10 51.92 -0.31
N ALA E 269 3.17 52.56 -0.79
CA ALA E 269 3.02 53.85 -1.45
C ALA E 269 2.15 53.74 -2.69
N LEU E 270 2.38 52.71 -3.49
CA LEU E 270 1.54 52.48 -4.67
C LEU E 270 0.08 52.27 -4.28
N LEU E 271 -0.15 51.47 -3.24
CA LEU E 271 -1.51 51.18 -2.81
C LEU E 271 -2.21 52.43 -2.29
N LYS E 272 -1.49 53.26 -1.53
CA LYS E 272 -2.07 54.50 -1.04
C LYS E 272 -2.37 55.44 -2.19
N GLN E 273 -1.48 55.50 -3.19
CA GLN E 273 -1.74 56.33 -4.36
C GLN E 273 -2.98 55.86 -5.11
N LEU E 274 -3.14 54.54 -5.25
CA LEU E 274 -4.30 54.01 -5.95
C LEU E 274 -5.59 54.26 -5.17
N GLU E 275 -5.52 54.17 -3.84
CA GLU E 275 -6.70 54.48 -3.02
C GLU E 275 -7.04 55.96 -3.11
N GLN E 276 -6.01 56.81 -3.20
CA GLN E 276 -6.26 58.25 -3.35
C GLN E 276 -6.80 58.57 -4.73
N ASP E 277 -6.50 57.74 -5.73
CA ASP E 277 -7.09 57.92 -7.05
C ASP E 277 -8.62 57.84 -6.98
N THR E 278 -9.14 56.76 -6.41
CA THR E 278 -10.56 56.58 -6.13
C THR E 278 -11.37 56.38 -7.41
N ASN E 279 -10.71 56.55 -8.56
CA ASN E 279 -11.28 56.14 -9.85
C ASN E 279 -10.20 55.40 -10.64
N SER E 280 -10.14 54.09 -10.38
CA SER E 280 -9.09 53.25 -10.93
C SER E 280 -9.63 51.85 -11.16
N ILE E 281 -9.50 51.38 -12.40
CA ILE E 281 -9.84 50.01 -12.76
C ILE E 281 -8.54 49.32 -13.17
N LEU E 282 -8.02 48.47 -12.29
CA LEU E 282 -6.69 47.91 -12.42
C LEU E 282 -6.74 46.58 -13.17
N PHE E 283 -6.03 46.51 -14.29
CA PHE E 283 -5.90 45.28 -15.06
C PHE E 283 -4.54 44.67 -14.78
N ILE E 284 -4.52 43.39 -14.42
CA ILE E 284 -3.31 42.68 -14.07
C ILE E 284 -3.22 41.42 -14.92
N ASP E 285 -2.15 41.30 -15.70
CA ASP E 285 -1.89 40.08 -16.45
C ASP E 285 -1.19 39.05 -15.57
N GLU E 286 -1.63 37.80 -15.69
CA GLU E 286 -1.06 36.69 -14.93
C GLU E 286 -1.11 36.98 -13.43
N ILE E 287 -2.30 37.35 -12.96
CA ILE E 287 -2.47 37.72 -11.55
C ILE E 287 -2.24 36.53 -10.64
N HIS E 288 -2.32 35.30 -11.16
CA HIS E 288 -2.05 34.13 -10.33
C HIS E 288 -0.62 34.12 -9.81
N THR E 289 0.34 34.61 -10.60
CA THR E 289 1.70 34.75 -10.10
C THR E 289 1.85 35.90 -9.12
N ILE E 290 0.91 36.84 -9.09
CA ILE E 290 1.02 37.97 -8.18
C ILE E 290 0.60 37.57 -6.78
N ILE E 291 -0.36 36.67 -6.66
CA ILE E 291 -0.74 36.09 -5.38
C ILE E 291 0.32 35.07 -5.00
N GLY E 292 0.98 35.27 -3.86
CA GLY E 292 2.10 34.45 -3.51
C GLY E 292 3.31 34.69 -4.39
N ALA E 303 0.74 39.63 -1.30
CA ALA E 303 -0.02 40.62 -2.08
C ALA E 303 -1.52 40.43 -1.89
N ALA E 304 -1.95 39.20 -1.59
CA ALA E 304 -3.36 38.95 -1.32
C ALA E 304 -3.87 39.82 -0.18
N ASN E 305 -3.19 39.82 0.96
CA ASN E 305 -3.62 40.63 2.09
C ASN E 305 -3.18 42.07 1.99
N LEU E 306 -2.60 42.47 0.85
CA LEU E 306 -2.36 43.88 0.59
C LEU E 306 -3.43 44.45 -0.33
N ILE E 307 -3.96 43.63 -1.23
CA ILE E 307 -5.07 44.02 -2.08
C ILE E 307 -6.40 43.89 -1.34
N LYS E 308 -6.47 42.92 -0.42
CA LYS E 308 -7.74 42.62 0.25
C LYS E 308 -8.31 43.76 1.09
N PRO E 309 -7.54 44.42 1.97
CA PRO E 309 -8.15 45.51 2.76
C PRO E 309 -8.75 46.61 1.91
N LEU E 310 -8.38 46.70 0.63
CA LEU E 310 -8.98 47.64 -0.29
C LEU E 310 -9.98 46.98 -1.22
N LEU E 311 -9.81 45.70 -1.53
CA LEU E 311 -10.67 45.03 -2.49
C LEU E 311 -11.95 44.50 -1.84
N SER E 312 -11.80 43.73 -0.75
CA SER E 312 -12.97 43.24 -0.03
C SER E 312 -13.87 44.36 0.45
N SER E 313 -13.31 45.55 0.66
CA SER E 313 -14.10 46.74 0.94
C SER E 313 -14.73 47.34 -0.32
N GLY E 314 -14.41 46.80 -1.49
CA GLY E 314 -15.03 47.27 -2.72
C GLY E 314 -14.63 48.67 -3.14
N LYS E 315 -13.37 49.05 -2.93
CA LYS E 315 -12.93 50.39 -3.26
C LYS E 315 -12.17 50.46 -4.58
N ILE E 316 -11.62 49.34 -5.04
CA ILE E 316 -10.89 49.28 -6.30
C ILE E 316 -11.53 48.23 -7.18
N ARG E 317 -11.32 48.37 -8.49
CA ARG E 317 -11.81 47.45 -9.49
C ARG E 317 -10.64 46.79 -10.19
N VAL E 318 -10.68 45.46 -10.30
CA VAL E 318 -9.58 44.70 -10.87
C VAL E 318 -10.12 43.69 -11.87
N ILE E 319 -9.31 43.40 -12.89
CA ILE E 319 -9.61 42.37 -13.88
C ILE E 319 -8.56 41.28 -13.75
N GLY E 320 -9.00 40.04 -13.62
CA GLY E 320 -8.08 38.94 -13.50
C GLY E 320 -7.81 38.24 -14.82
N SER E 321 -6.65 37.62 -14.90
CA SER E 321 -6.26 36.88 -16.10
C SER E 321 -5.34 35.74 -15.67
N THR E 322 -5.88 34.53 -15.60
CA THR E 322 -5.10 33.35 -15.23
C THR E 322 -5.45 32.23 -16.19
N THR E 323 -5.02 31.01 -15.86
CA THR E 323 -5.39 29.80 -16.57
C THR E 323 -6.22 28.93 -15.65
N TYR E 324 -6.97 28.01 -16.28
CA TYR E 324 -7.84 27.13 -15.50
C TYR E 324 -7.07 26.29 -14.51
N GLN E 325 -5.87 25.85 -14.89
CA GLN E 325 -5.01 25.14 -13.95
C GLN E 325 -4.65 26.02 -12.77
N GLU E 326 -4.09 27.19 -13.03
CA GLU E 326 -3.75 28.11 -11.95
C GLU E 326 -4.98 28.59 -11.21
N PHE E 327 -6.11 28.74 -11.91
CA PHE E 327 -7.35 29.09 -11.24
C PHE E 327 -7.73 28.04 -10.22
N SER E 328 -7.62 26.76 -10.60
CA SER E 328 -7.90 25.68 -9.65
C SER E 328 -6.87 25.66 -8.51
N ASN E 329 -5.61 25.95 -8.83
CA ASN E 329 -4.57 25.90 -7.81
C ASN E 329 -4.69 27.04 -6.80
N ILE E 330 -5.28 28.17 -7.18
CA ILE E 330 -5.25 29.34 -6.32
C ILE E 330 -6.65 29.80 -5.93
N PHE E 331 -7.46 30.14 -6.93
CA PHE E 331 -8.71 30.84 -6.64
C PHE E 331 -9.83 29.90 -6.21
N GLU E 332 -9.72 28.61 -6.51
CA GLU E 332 -10.79 27.68 -6.17
C GLU E 332 -10.82 27.31 -4.69
N LYS E 333 -9.81 27.71 -3.92
CA LYS E 333 -9.73 27.36 -2.50
C LYS E 333 -9.88 28.55 -1.58
N ASP E 334 -9.31 29.70 -1.93
CA ASP E 334 -9.31 30.87 -1.05
C ASP E 334 -10.66 31.57 -1.17
N ARG E 335 -11.33 31.72 -0.02
CA ARG E 335 -12.63 32.39 -0.01
C ARG E 335 -12.52 33.88 -0.30
N ALA E 336 -11.43 34.52 0.12
CA ALA E 336 -11.23 35.93 -0.18
C ALA E 336 -11.22 36.18 -1.68
N LEU E 337 -10.58 35.28 -2.45
CA LEU E 337 -10.66 35.34 -3.89
C LEU E 337 -12.03 34.93 -4.39
N ALA E 338 -12.72 34.04 -3.66
CA ALA E 338 -14.07 33.65 -4.05
C ALA E 338 -15.09 34.73 -3.71
N ARG E 339 -14.87 35.46 -2.62
CA ARG E 339 -15.83 36.45 -2.15
C ARG E 339 -15.70 37.80 -2.84
N ARG E 340 -14.76 37.96 -3.76
CA ARG E 340 -14.58 39.22 -4.47
C ARG E 340 -14.45 39.08 -5.97
N PHE E 341 -14.16 37.88 -6.47
CA PHE E 341 -13.89 37.67 -7.88
C PHE E 341 -14.95 36.76 -8.50
N GLN E 342 -15.34 37.07 -9.73
CA GLN E 342 -16.27 36.26 -10.50
C GLN E 342 -15.56 35.75 -11.74
N LYS E 343 -15.54 34.42 -11.91
CA LYS E 343 -14.88 33.84 -13.07
C LYS E 343 -15.58 34.26 -14.35
N ILE E 344 -14.80 34.43 -15.41
CA ILE E 344 -15.31 34.78 -16.73
C ILE E 344 -14.91 33.66 -17.68
N ASP E 345 -15.85 33.22 -18.51
CA ASP E 345 -15.60 32.17 -19.47
C ASP E 345 -14.78 32.73 -20.63
N ILE E 346 -13.55 32.24 -20.78
CA ILE E 346 -12.68 32.63 -21.88
C ILE E 346 -12.51 31.44 -22.81
N THR E 347 -12.90 31.61 -24.06
CA THR E 347 -12.90 30.55 -25.07
C THR E 347 -12.14 31.04 -26.30
N GLU E 348 -11.67 30.09 -27.09
CA GLU E 348 -10.95 30.42 -28.32
C GLU E 348 -11.86 31.11 -29.32
N PRO E 349 -11.29 31.85 -30.27
CA PRO E 349 -12.07 32.33 -31.41
C PRO E 349 -12.31 31.18 -32.40
N SER E 350 -13.06 31.50 -33.45
CA SER E 350 -13.35 30.54 -34.50
C SER E 350 -12.45 30.79 -35.71
N ILE E 351 -12.65 30.02 -36.77
CA ILE E 351 -11.78 30.08 -37.93
C ILE E 351 -11.79 31.47 -38.55
N GLU E 352 -12.99 32.02 -38.80
CA GLU E 352 -13.08 33.31 -39.46
C GLU E 352 -12.60 34.44 -38.55
N GLU E 353 -12.95 34.38 -37.27
CA GLU E 353 -12.46 35.40 -36.34
C GLU E 353 -10.94 35.34 -36.22
N THR E 354 -10.37 34.14 -36.26
CA THR E 354 -8.91 34.03 -36.23
C THR E 354 -8.29 34.59 -37.50
N VAL E 355 -8.93 34.36 -38.65
CA VAL E 355 -8.44 34.92 -39.90
C VAL E 355 -8.46 36.45 -39.83
N GLN E 356 -9.51 37.02 -39.24
CA GLN E 356 -9.59 38.47 -39.12
C GLN E 356 -8.53 38.99 -38.16
N ILE E 357 -8.31 38.31 -37.03
CA ILE E 357 -7.26 38.72 -36.11
C ILE E 357 -5.90 38.66 -36.80
N ILE E 358 -5.65 37.60 -37.58
CA ILE E 358 -4.44 37.54 -38.37
C ILE E 358 -4.31 38.77 -39.24
N ASN E 359 -5.24 38.95 -40.18
CA ASN E 359 -5.15 40.05 -41.12
C ASN E 359 -5.01 41.40 -40.41
N GLY E 360 -5.48 41.50 -39.17
CA GLY E 360 -5.25 42.72 -38.40
C GLY E 360 -3.81 42.85 -37.94
N LEU E 361 -3.21 41.73 -37.51
CA LEU E 361 -1.85 41.78 -36.98
C LEU E 361 -0.78 41.69 -38.06
N LYS E 362 -1.14 41.13 -39.20
CA LYS E 362 -0.32 40.77 -40.36
C LYS E 362 0.71 41.83 -40.77
N PRO E 363 0.33 43.11 -40.92
CA PRO E 363 1.31 44.10 -41.40
C PRO E 363 2.52 44.25 -40.51
N LYS E 364 2.38 44.03 -39.20
CA LYS E 364 3.54 44.14 -38.31
C LYS E 364 4.61 43.14 -38.68
N TYR E 365 4.27 41.86 -38.72
CA TYR E 365 5.24 40.83 -39.07
C TYR E 365 5.64 40.91 -40.54
N GLU E 366 4.76 41.44 -41.39
CA GLU E 366 5.14 41.69 -42.77
C GLU E 366 6.29 42.69 -42.84
N ALA E 367 6.14 43.84 -42.20
CA ALA E 367 7.19 44.85 -42.21
C ALA E 367 8.42 44.37 -41.47
N HIS E 368 8.24 43.52 -40.45
CA HIS E 368 9.39 42.98 -39.73
C HIS E 368 10.21 42.07 -40.63
N HIS E 369 9.56 41.18 -41.37
CA HIS E 369 10.24 40.22 -42.22
C HIS E 369 10.37 40.68 -43.67
N ASP E 370 9.72 41.78 -44.04
CA ASP E 370 9.74 42.29 -45.42
C ASP E 370 9.14 41.24 -46.37
N VAL E 371 7.99 40.69 -45.98
CA VAL E 371 7.32 39.63 -46.69
C VAL E 371 5.83 39.99 -46.76
N ARG E 372 5.11 39.35 -47.69
CA ARG E 372 3.69 39.63 -47.90
C ARG E 372 2.92 38.33 -48.02
N TYR E 373 1.91 38.15 -47.16
CA TYR E 373 1.15 36.91 -47.10
C TYR E 373 -0.10 37.02 -47.96
N THR E 374 -0.41 35.93 -48.67
CA THR E 374 -1.69 35.83 -49.37
C THR E 374 -2.78 35.43 -48.38
N ALA E 375 -4.02 35.79 -48.72
CA ALA E 375 -5.15 35.33 -47.91
C ALA E 375 -5.29 33.82 -47.95
N LYS E 376 -4.94 33.20 -49.08
CA LYS E 376 -4.87 31.74 -49.14
C LYS E 376 -3.86 31.21 -48.15
N ALA E 377 -2.74 31.92 -47.97
CA ALA E 377 -1.78 31.51 -46.96
C ALA E 377 -2.37 31.61 -45.56
N VAL E 378 -3.16 32.65 -45.30
CA VAL E 378 -3.82 32.79 -44.01
C VAL E 378 -4.77 31.63 -43.76
N ARG E 379 -5.56 31.26 -44.77
CA ARG E 379 -6.54 30.19 -44.60
C ARG E 379 -5.85 28.84 -44.42
N ALA E 380 -4.85 28.56 -45.26
CA ALA E 380 -4.09 27.33 -45.08
C ALA E 380 -3.43 27.29 -43.71
N ALA E 381 -2.96 28.45 -43.22
CA ALA E 381 -2.37 28.52 -41.89
C ALA E 381 -3.36 28.14 -40.81
N VAL E 382 -4.56 28.73 -40.84
CA VAL E 382 -5.53 28.41 -39.80
C VAL E 382 -5.94 26.94 -39.87
N GLU E 383 -6.17 26.43 -41.08
CA GLU E 383 -6.62 25.04 -41.21
C GLU E 383 -5.54 24.06 -40.75
N LEU E 384 -4.28 24.31 -41.12
CA LEU E 384 -3.22 23.37 -40.74
C LEU E 384 -2.86 23.51 -39.27
N ALA E 385 -3.02 24.72 -38.70
CA ALA E 385 -2.86 24.86 -37.26
C ALA E 385 -3.93 24.06 -36.51
N VAL E 386 -5.13 24.00 -37.08
CA VAL E 386 -6.16 23.14 -36.49
C VAL E 386 -5.75 21.67 -36.64
N LYS E 387 -5.33 21.26 -37.83
CA LYS E 387 -5.16 19.85 -38.13
C LYS E 387 -3.92 19.25 -37.45
N TYR E 388 -2.74 19.80 -37.75
CA TYR E 388 -1.49 19.15 -37.40
C TYR E 388 -0.89 19.59 -36.08
N ILE E 389 -1.29 20.72 -35.53
CA ILE E 389 -0.73 21.25 -34.28
C ILE E 389 -1.82 21.25 -33.23
N ASN E 390 -1.52 20.66 -32.07
CA ASN E 390 -2.50 20.52 -30.99
C ASN E 390 -1.88 20.77 -29.63
N ASP E 391 -0.87 21.63 -29.55
CA ASP E 391 -0.21 21.95 -28.28
C ASP E 391 -0.52 23.37 -27.82
N ARG E 392 -1.05 24.20 -28.69
CA ARG E 392 -1.40 25.58 -28.37
C ARG E 392 -2.86 25.79 -28.73
N HIS E 393 -3.25 27.06 -28.78
CA HIS E 393 -4.62 27.37 -29.16
C HIS E 393 -4.66 28.21 -30.43
N LEU E 394 -5.77 28.06 -31.18
CA LEU E 394 -5.94 28.49 -32.56
C LEU E 394 -5.38 29.88 -32.89
N PRO E 395 -5.74 30.94 -32.16
CA PRO E 395 -5.26 32.28 -32.59
C PRO E 395 -3.75 32.41 -32.52
N ASP E 396 -3.12 32.02 -31.41
CA ASP E 396 -1.68 32.11 -31.33
C ASP E 396 -1.00 31.04 -32.17
N LYS E 397 -1.65 29.88 -32.35
CA LYS E 397 -1.20 28.92 -33.35
C LYS E 397 -0.98 29.59 -34.70
N ALA E 398 -2.04 30.25 -35.20
CA ALA E 398 -1.97 30.87 -36.52
C ALA E 398 -1.02 32.06 -36.53
N ILE E 399 -0.97 32.80 -35.42
CA ILE E 399 0.00 33.89 -35.33
C ILE E 399 1.41 33.37 -35.50
N ASP E 400 1.73 32.26 -34.84
CA ASP E 400 3.08 31.70 -34.91
C ASP E 400 3.36 31.12 -36.29
N VAL E 401 2.36 30.49 -36.93
CA VAL E 401 2.64 29.96 -38.26
C VAL E 401 2.85 31.09 -39.26
N ILE E 402 2.10 32.19 -39.11
CA ILE E 402 2.34 33.36 -39.97
C ILE E 402 3.74 33.91 -39.74
N ASP E 403 4.12 34.09 -38.47
CA ASP E 403 5.42 34.67 -38.15
C ASP E 403 6.55 33.77 -38.63
N GLU E 404 6.39 32.45 -38.50
CA GLU E 404 7.46 31.55 -38.90
C GLU E 404 7.54 31.39 -40.41
N ALA E 405 6.38 31.43 -41.10
CA ALA E 405 6.42 31.44 -42.55
C ALA E 405 7.09 32.70 -43.07
N GLY E 406 6.85 33.85 -42.41
CA GLY E 406 7.55 35.06 -42.79
C GLY E 406 9.03 34.95 -42.55
N ALA E 407 9.42 34.41 -41.39
CA ALA E 407 10.84 34.20 -41.10
C ALA E 407 11.48 33.29 -42.14
N ARG E 408 10.79 32.22 -42.54
CA ARG E 408 11.33 31.31 -43.54
C ARG E 408 11.50 32.02 -44.87
N ALA E 409 10.43 32.65 -45.38
CA ALA E 409 10.52 33.39 -46.63
C ALA E 409 11.61 34.44 -46.56
N ARG E 410 11.92 34.93 -45.36
CA ARG E 410 13.06 35.83 -45.19
C ARG E 410 14.38 35.07 -45.32
N LEU E 411 14.39 33.81 -44.89
CA LEU E 411 15.65 33.06 -44.82
C LEU E 411 15.75 31.96 -45.87
N MET E 412 14.64 31.36 -46.28
CA MET E 412 14.65 30.25 -47.23
C MET E 412 15.43 30.59 -48.49
N PRO E 413 15.17 31.71 -49.17
CA PRO E 413 15.94 32.03 -50.36
C PRO E 413 17.28 32.67 -50.02
N VAL E 414 18.10 32.84 -51.06
CA VAL E 414 19.41 33.47 -50.87
C VAL E 414 19.29 34.99 -50.85
N SER E 415 18.35 35.53 -51.62
CA SER E 415 18.04 36.95 -51.60
C SER E 415 16.69 37.18 -50.95
N LYS E 416 16.40 38.44 -50.64
CA LYS E 416 15.13 38.81 -50.01
C LYS E 416 14.05 38.76 -51.10
N ARG E 417 13.71 37.55 -51.53
CA ARG E 417 12.75 37.34 -52.58
C ARG E 417 11.62 36.45 -52.08
N LYS E 418 10.68 36.15 -52.97
CA LYS E 418 9.46 35.43 -52.64
C LYS E 418 8.71 36.13 -51.52
N LYS E 419 8.60 37.46 -51.62
CA LYS E 419 7.84 38.22 -50.63
C LYS E 419 6.39 37.76 -50.59
N THR E 420 5.87 37.26 -51.70
CA THR E 420 4.57 36.61 -51.68
C THR E 420 4.67 35.28 -50.95
N VAL E 421 3.77 35.05 -50.01
CA VAL E 421 3.74 33.82 -49.22
C VAL E 421 2.76 32.86 -49.85
N ASN E 422 3.28 31.79 -50.45
CA ASN E 422 2.46 30.73 -51.00
C ASN E 422 2.16 29.71 -49.92
N VAL E 423 1.46 28.64 -50.32
CA VAL E 423 1.12 27.58 -49.37
C VAL E 423 2.37 26.77 -49.00
N ALA E 424 3.45 26.96 -49.75
CA ALA E 424 4.67 26.21 -49.48
C ALA E 424 5.23 26.52 -48.10
N ASP E 425 5.44 27.81 -47.79
CA ASP E 425 5.90 28.20 -46.47
C ASP E 425 4.95 27.74 -45.38
N ILE E 426 3.65 27.92 -45.58
CA ILE E 426 2.66 27.52 -44.59
C ILE E 426 2.79 26.03 -44.27
N GLU E 427 2.78 25.19 -45.30
CA GLU E 427 2.80 23.75 -45.10
C GLU E 427 4.12 23.30 -44.49
N SER E 428 5.24 23.83 -44.98
CA SER E 428 6.53 23.49 -44.40
C SER E 428 6.58 23.86 -42.93
N VAL E 429 6.07 25.04 -42.57
CA VAL E 429 6.12 25.50 -41.19
C VAL E 429 5.26 24.60 -40.30
N VAL E 430 4.03 24.30 -40.73
CA VAL E 430 3.16 23.50 -39.87
C VAL E 430 3.70 22.07 -39.75
N ALA E 431 4.30 21.55 -40.82
CA ALA E 431 4.84 20.19 -40.75
C ALA E 431 6.06 20.13 -39.83
N ARG E 432 6.92 21.15 -39.89
CA ARG E 432 8.11 21.14 -39.06
C ARG E 432 7.79 21.41 -37.60
N ILE E 433 6.87 22.35 -37.34
CA ILE E 433 6.47 22.63 -35.97
C ILE E 433 5.76 21.43 -35.36
N ALA E 434 4.95 20.73 -36.17
CA ALA E 434 4.31 19.51 -35.70
C ALA E 434 5.23 18.31 -35.74
N ARG E 435 6.49 18.49 -36.16
CA ARG E 435 7.48 17.41 -36.21
C ARG E 435 6.99 16.26 -37.09
N ILE E 436 6.59 16.58 -38.31
CA ILE E 436 6.01 15.58 -39.22
C ILE E 436 6.65 15.73 -40.59
N PRO E 437 7.14 14.65 -41.20
CA PRO E 437 7.80 14.74 -42.50
C PRO E 437 6.82 14.87 -43.66
N GLU E 438 6.15 16.02 -43.74
CA GLU E 438 5.30 16.39 -44.87
C GLU E 438 4.21 15.34 -45.11
N LYS E 439 3.28 15.28 -44.15
CA LYS E 439 2.29 14.21 -44.13
C LYS E 439 1.26 14.37 -45.23
N SER E 440 1.67 14.08 -46.47
CA SER E 440 0.76 13.87 -47.59
C SER E 440 1.40 12.77 -48.43
N VAL E 441 1.03 11.52 -48.14
CA VAL E 441 1.68 10.40 -48.80
C VAL E 441 1.25 10.31 -50.26
N SER E 442 -0.01 10.68 -50.56
CA SER E 442 -0.44 10.73 -51.95
C SER E 442 0.35 11.76 -52.75
N GLN E 443 1.04 12.67 -52.06
CA GLN E 443 1.92 13.62 -52.74
C GLN E 443 3.26 12.97 -53.07
N SER E 444 3.97 12.45 -52.07
CA SER E 444 5.29 11.88 -52.34
C SER E 444 5.60 10.61 -51.55
N ASP E 445 4.67 10.06 -50.77
CA ASP E 445 4.99 8.94 -49.90
C ASP E 445 3.95 7.83 -49.95
N ARG E 446 3.10 7.80 -50.98
CA ARG E 446 2.08 6.76 -51.07
C ARG E 446 2.71 5.39 -51.23
N ASP E 447 3.88 5.32 -51.86
CA ASP E 447 4.55 4.02 -52.03
C ASP E 447 4.78 3.31 -50.71
N THR E 448 4.76 4.03 -49.59
CA THR E 448 4.88 3.39 -48.29
C THR E 448 3.53 2.95 -47.75
N LEU E 449 2.56 3.87 -47.75
CA LEU E 449 1.27 3.55 -47.16
C LEU E 449 0.52 2.50 -47.97
N LYS E 450 0.41 2.71 -49.28
CA LYS E 450 -0.29 1.76 -50.14
C LYS E 450 0.40 0.41 -50.21
N ASN E 451 1.71 0.35 -49.94
CA ASN E 451 2.45 -0.90 -50.01
C ASN E 451 2.83 -1.44 -48.64
N LEU E 452 2.28 -0.87 -47.58
CA LEU E 452 2.33 -1.54 -46.28
C LEU E 452 1.93 -3.00 -46.42
N GLY E 453 0.81 -3.27 -47.09
CA GLY E 453 0.36 -4.64 -47.26
C GLY E 453 1.38 -5.49 -48.00
N ASP E 454 1.93 -4.96 -49.09
CA ASP E 454 2.90 -5.72 -49.88
C ASP E 454 4.15 -6.04 -49.06
N ARG E 455 4.69 -5.05 -48.36
CA ARG E 455 5.91 -5.27 -47.59
C ARG E 455 5.67 -6.23 -46.44
N LEU E 456 4.55 -6.08 -45.73
CA LEU E 456 4.26 -6.99 -44.62
C LEU E 456 3.97 -8.39 -45.11
N LYS E 457 3.39 -8.52 -46.31
CA LYS E 457 3.22 -9.85 -46.90
C LYS E 457 4.55 -10.45 -47.29
N MET E 458 5.51 -9.62 -47.71
CA MET E 458 6.85 -10.11 -47.98
C MET E 458 7.54 -10.59 -46.71
N LEU E 459 7.39 -9.85 -45.61
CA LEU E 459 8.10 -10.21 -44.38
C LEU E 459 7.36 -11.30 -43.61
N VAL E 460 6.03 -11.20 -43.54
CA VAL E 460 5.22 -12.16 -42.79
C VAL E 460 4.38 -12.95 -43.79
N PHE E 461 4.50 -14.27 -43.73
CA PHE E 461 3.80 -15.14 -44.65
C PHE E 461 2.47 -15.59 -44.03
N GLY E 462 1.47 -15.77 -44.88
CA GLY E 462 0.14 -16.05 -44.38
C GLY E 462 -0.44 -14.85 -43.67
N GLN E 463 -1.60 -15.07 -43.06
CA GLN E 463 -2.33 -14.01 -42.34
C GLN E 463 -2.55 -12.79 -43.23
N ASP E 464 -2.72 -13.05 -44.52
CA ASP E 464 -2.79 -11.95 -45.49
C ASP E 464 -4.03 -11.09 -45.29
N LYS E 465 -5.18 -11.71 -45.02
CA LYS E 465 -6.38 -10.92 -44.78
C LYS E 465 -6.25 -10.07 -43.52
N ALA E 466 -5.49 -10.52 -42.54
CA ALA E 466 -5.24 -9.70 -41.35
C ALA E 466 -4.44 -8.46 -41.71
N ILE E 467 -3.38 -8.64 -42.50
CA ILE E 467 -2.60 -7.50 -42.99
C ILE E 467 -3.49 -6.57 -43.79
N GLU E 468 -4.38 -7.13 -44.60
CA GLU E 468 -5.29 -6.31 -45.38
C GLU E 468 -6.18 -5.45 -44.48
N ALA E 469 -6.79 -6.07 -43.47
CA ALA E 469 -7.65 -5.31 -42.57
C ALA E 469 -6.87 -4.23 -41.84
N LEU E 470 -5.67 -4.57 -41.36
CA LEU E 470 -4.85 -3.59 -40.66
C LEU E 470 -4.53 -2.41 -41.58
N THR E 471 -4.06 -2.69 -42.78
CA THR E 471 -3.69 -1.62 -43.71
C THR E 471 -4.91 -0.78 -44.10
N GLU E 472 -6.06 -1.42 -44.28
CA GLU E 472 -7.27 -0.67 -44.62
C GLU E 472 -7.66 0.28 -43.50
N ALA E 473 -7.53 -0.18 -42.25
CA ALA E 473 -7.83 0.71 -41.12
C ALA E 473 -6.84 1.85 -41.05
N ILE E 474 -5.55 1.57 -41.28
CA ILE E 474 -4.55 2.63 -41.28
C ILE E 474 -4.85 3.64 -42.38
N LYS E 475 -5.30 3.16 -43.53
CA LYS E 475 -5.61 4.06 -44.63
C LYS E 475 -6.82 4.92 -44.32
N MET E 476 -7.86 4.32 -43.73
CA MET E 476 -8.99 5.13 -43.28
C MET E 476 -8.53 6.19 -42.28
N ALA E 477 -7.56 5.86 -41.43
CA ALA E 477 -7.03 6.85 -40.52
C ALA E 477 -6.31 7.96 -41.27
N ARG E 478 -5.48 7.60 -42.25
CA ARG E 478 -4.75 8.61 -43.02
C ARG E 478 -5.68 9.40 -43.94
N ALA E 479 -6.80 8.78 -44.34
CA ALA E 479 -7.76 9.50 -45.17
C ALA E 479 -8.64 10.44 -44.37
N GLY E 480 -8.59 10.38 -43.04
CA GLY E 480 -9.43 11.22 -42.20
C GLY E 480 -10.78 10.64 -41.89
N LEU E 481 -11.05 9.40 -42.29
CA LEU E 481 -12.36 8.77 -42.06
C LEU E 481 -12.42 8.18 -40.65
N GLY E 482 -12.13 9.02 -39.67
CA GLY E 482 -12.15 8.60 -38.28
C GLY E 482 -12.64 9.67 -37.35
N HIS E 483 -11.90 9.92 -36.27
CA HIS E 483 -12.25 10.95 -35.31
C HIS E 483 -10.98 11.63 -34.84
N GLU E 484 -11.10 12.92 -34.51
CA GLU E 484 -9.92 13.71 -34.19
C GLU E 484 -9.34 13.38 -32.82
N HIS E 485 -10.15 12.84 -31.90
CA HIS E 485 -9.70 12.57 -30.55
C HIS E 485 -9.44 11.09 -30.30
N LYS E 486 -9.26 10.32 -31.37
CA LYS E 486 -8.85 8.93 -31.27
C LYS E 486 -7.39 8.79 -31.68
N PRO E 487 -6.70 7.77 -31.17
CA PRO E 487 -5.41 7.40 -31.76
C PRO E 487 -5.60 6.95 -33.20
N VAL E 488 -4.47 6.80 -33.90
CA VAL E 488 -4.52 6.45 -35.31
C VAL E 488 -5.33 5.18 -35.52
N GLY E 489 -5.07 4.16 -34.71
CA GLY E 489 -5.84 2.93 -34.80
C GLY E 489 -5.57 1.99 -33.64
N SER E 490 -6.64 1.52 -33.00
CA SER E 490 -6.54 0.62 -31.87
C SER E 490 -6.90 -0.78 -32.33
N PHE E 491 -5.92 -1.68 -32.29
CA PHE E 491 -6.09 -3.02 -32.84
C PHE E 491 -5.75 -4.07 -31.80
N LEU E 492 -6.57 -5.12 -31.76
CA LEU E 492 -6.31 -6.28 -30.91
C LEU E 492 -5.95 -7.46 -31.78
N PHE E 493 -4.74 -7.97 -31.61
CA PHE E 493 -4.26 -9.10 -32.39
C PHE E 493 -4.52 -10.39 -31.61
N ALA E 494 -5.51 -11.16 -32.05
CA ALA E 494 -5.85 -12.42 -31.41
C ALA E 494 -5.51 -13.57 -32.36
N GLY E 495 -5.00 -14.65 -31.78
CA GLY E 495 -4.63 -15.81 -32.55
C GLY E 495 -3.72 -16.75 -31.76
N PRO E 496 -3.31 -17.84 -32.40
CA PRO E 496 -2.43 -18.78 -31.72
C PRO E 496 -1.04 -18.20 -31.49
N THR E 497 -0.20 -18.97 -30.82
CA THR E 497 1.17 -18.53 -30.58
C THR E 497 2.02 -18.74 -31.83
N GLY E 498 3.10 -17.97 -31.92
CA GLY E 498 4.04 -18.13 -33.01
C GLY E 498 3.45 -17.96 -34.39
N VAL E 499 2.54 -17.01 -34.56
CA VAL E 499 1.99 -16.70 -35.87
C VAL E 499 2.40 -15.32 -36.35
N GLY E 500 3.43 -14.74 -35.76
CA GLY E 500 3.97 -13.49 -36.24
C GLY E 500 3.27 -12.24 -35.79
N LYS E 501 2.37 -12.35 -34.80
CA LYS E 501 1.67 -11.17 -34.30
C LYS E 501 2.67 -10.08 -33.90
N THR E 502 3.52 -10.38 -32.93
CA THR E 502 4.60 -9.47 -32.57
C THR E 502 5.49 -9.17 -33.76
N GLU E 503 5.78 -10.19 -34.59
CA GLU E 503 6.58 -9.96 -35.78
C GLU E 503 5.88 -8.98 -36.72
N VAL E 504 4.58 -9.15 -36.92
CA VAL E 504 3.84 -8.21 -37.76
C VAL E 504 3.95 -6.80 -37.20
N THR E 505 3.82 -6.66 -35.88
CA THR E 505 3.88 -5.33 -35.29
C THR E 505 5.25 -4.69 -35.46
N VAL E 506 6.32 -5.46 -35.26
CA VAL E 506 7.66 -4.89 -35.42
C VAL E 506 7.91 -4.51 -36.87
N GLN E 507 7.54 -5.39 -37.81
CA GLN E 507 7.72 -5.07 -39.22
C GLN E 507 6.87 -3.87 -39.63
N LEU E 508 5.72 -3.68 -38.99
CA LEU E 508 4.89 -2.53 -39.30
C LEU E 508 5.53 -1.25 -38.80
N SER E 509 5.99 -1.25 -37.54
CA SER E 509 6.68 -0.07 -37.03
C SER E 509 7.93 0.24 -37.84
N LYS E 510 8.57 -0.78 -38.40
CA LYS E 510 9.67 -0.54 -39.32
C LYS E 510 9.18 0.11 -40.61
N ALA E 511 8.11 -0.44 -41.19
CA ALA E 511 7.62 0.07 -42.46
C ALA E 511 7.11 1.50 -42.33
N LEU E 512 6.43 1.81 -41.23
CA LEU E 512 6.01 3.18 -40.99
C LEU E 512 7.16 4.08 -40.56
N GLY E 513 8.34 3.52 -40.31
CA GLY E 513 9.49 4.33 -39.97
C GLY E 513 9.37 5.12 -38.69
N ILE E 514 8.65 4.58 -37.70
CA ILE E 514 8.47 5.27 -36.43
C ILE E 514 8.85 4.33 -35.29
N GLU E 515 9.05 4.92 -34.11
CA GLU E 515 9.49 4.18 -32.96
C GLU E 515 8.47 3.11 -32.57
N LEU E 516 8.98 1.98 -32.10
CA LEU E 516 8.14 0.90 -31.59
C LEU E 516 8.29 0.82 -30.09
N LEU E 517 7.40 1.50 -29.36
CA LEU E 517 7.37 1.41 -27.91
C LEU E 517 6.79 0.06 -27.53
N ARG E 518 7.54 -0.70 -26.75
CA ARG E 518 7.13 -2.04 -26.33
C ARG E 518 6.86 -2.05 -24.84
N PHE E 519 5.69 -2.54 -24.48
CA PHE E 519 5.35 -2.81 -23.09
C PHE E 519 4.84 -4.24 -22.99
N ASP E 520 5.44 -5.03 -22.13
CA ASP E 520 5.03 -6.40 -21.89
C ASP E 520 4.11 -6.39 -20.68
N MET E 521 2.81 -6.59 -20.93
CA MET E 521 1.82 -6.53 -19.88
C MET E 521 2.00 -7.59 -18.81
N SER E 522 2.87 -8.58 -19.05
CA SER E 522 3.26 -9.52 -18.01
C SER E 522 3.75 -8.83 -16.74
N GLU E 523 4.46 -7.73 -16.88
CA GLU E 523 4.99 -7.01 -15.74
C GLU E 523 3.93 -6.20 -15.01
N TYR E 524 2.70 -6.16 -15.53
CA TYR E 524 1.65 -5.32 -14.99
C TYR E 524 0.45 -6.13 -14.56
N MET E 525 0.70 -7.29 -13.96
CA MET E 525 -0.36 -8.15 -13.45
C MET E 525 -0.93 -7.65 -12.13
N GLU E 526 -0.35 -6.61 -11.54
CA GLU E 526 -0.76 -6.12 -10.24
C GLU E 526 -1.49 -4.79 -10.39
N ARG E 527 -2.42 -4.53 -9.47
CA ARG E 527 -3.21 -3.31 -9.54
C ARG E 527 -2.36 -2.09 -9.24
N HIS E 528 -1.25 -2.25 -8.53
CA HIS E 528 -0.43 -1.10 -8.16
C HIS E 528 0.71 -0.85 -9.13
N THR E 529 0.85 -1.67 -10.18
CA THR E 529 1.87 -1.41 -11.19
C THR E 529 1.50 -0.27 -12.11
N VAL E 530 0.26 0.21 -12.08
CA VAL E 530 -0.14 1.33 -12.93
C VAL E 530 0.69 2.57 -12.64
N SER E 531 1.36 2.62 -11.49
CA SER E 531 2.30 3.70 -11.22
C SER E 531 3.53 3.62 -12.11
N ARG E 532 3.76 2.48 -12.76
CA ARG E 532 4.83 2.42 -13.76
C ARG E 532 4.43 3.07 -15.07
N LEU E 533 3.14 3.04 -15.39
CA LEU E 533 2.65 3.68 -16.61
C LEU E 533 2.32 5.16 -16.41
N ILE E 534 1.76 5.51 -15.27
CA ILE E 534 1.27 6.87 -15.06
C ILE E 534 2.28 7.66 -14.24
N GLY E 535 3.12 6.95 -13.49
CA GLY E 535 4.04 7.61 -12.60
C GLY E 535 3.47 7.76 -11.20
N ALA E 536 4.36 7.82 -10.23
CA ALA E 536 3.91 7.99 -8.87
C ALA E 536 3.45 9.42 -8.64
N PRO E 537 2.48 9.62 -7.75
CA PRO E 537 2.08 10.98 -7.39
C PRO E 537 3.22 11.69 -6.67
N PRO E 538 3.20 13.02 -6.66
CA PRO E 538 4.21 13.75 -5.89
C PRO E 538 4.10 13.45 -4.41
N GLY E 539 5.24 13.45 -3.73
CA GLY E 539 5.29 13.07 -2.33
C GLY E 539 5.38 11.58 -2.09
N TYR E 540 6.08 10.84 -2.95
CA TYR E 540 6.24 9.40 -2.82
C TYR E 540 7.71 9.06 -3.02
N VAL E 541 8.05 7.77 -2.82
CA VAL E 541 9.44 7.33 -2.83
C VAL E 541 10.15 7.74 -4.10
N GLY E 542 9.44 7.85 -5.21
CA GLY E 542 10.01 8.43 -6.42
C GLY E 542 8.96 8.72 -7.47
N PHE E 543 8.95 9.95 -7.97
CA PHE E 543 8.04 10.34 -9.02
C PHE E 543 8.80 11.07 -10.12
N ASP E 544 10.01 11.55 -9.78
CA ASP E 544 10.89 12.13 -10.78
C ASP E 544 11.03 11.25 -12.01
N GLN E 545 11.23 9.95 -11.81
CA GLN E 545 11.04 9.00 -12.89
C GLN E 545 9.55 8.83 -13.14
N GLY E 546 9.03 9.60 -14.10
CA GLY E 546 7.63 9.57 -14.41
C GLY E 546 7.19 8.23 -14.98
N GLY E 547 5.90 8.15 -15.31
CA GLY E 547 5.38 6.94 -15.91
C GLY E 547 6.09 6.58 -17.19
N LEU E 548 6.32 5.28 -17.39
CA LEU E 548 6.98 4.83 -18.60
C LEU E 548 6.19 5.20 -19.84
N LEU E 549 4.87 4.98 -19.81
CA LEU E 549 4.04 5.23 -20.98
C LEU E 549 4.01 6.70 -21.35
N THR E 550 3.88 7.58 -20.35
CA THR E 550 3.77 9.01 -20.63
C THR E 550 4.99 9.53 -21.37
N ASP E 551 6.18 9.29 -20.81
CA ASP E 551 7.40 9.75 -21.47
C ASP E 551 7.60 9.04 -22.80
N ALA E 552 7.33 7.73 -22.85
CA ALA E 552 7.54 6.98 -24.08
C ALA E 552 6.70 7.55 -25.22
N VAL E 553 5.49 8.02 -24.92
CA VAL E 553 4.63 8.51 -25.98
C VAL E 553 4.85 9.99 -26.23
N ILE E 554 5.34 10.73 -25.22
CA ILE E 554 5.55 12.16 -25.40
C ILE E 554 6.81 12.41 -26.22
N LYS E 555 7.87 11.65 -25.94
CA LYS E 555 9.09 11.79 -26.75
C LYS E 555 8.84 11.39 -28.19
N HIS E 556 7.91 10.47 -28.44
CA HIS E 556 7.63 9.94 -29.77
C HIS E 556 6.14 9.96 -30.02
N PRO E 557 5.55 11.15 -30.17
CA PRO E 557 4.09 11.22 -30.36
C PRO E 557 3.62 10.57 -31.64
N HIS E 558 4.50 10.33 -32.60
CA HIS E 558 4.17 9.64 -33.83
C HIS E 558 4.92 8.32 -33.85
N ALA E 559 4.29 7.27 -33.35
CA ALA E 559 4.95 5.99 -33.17
C ALA E 559 3.90 4.90 -33.06
N VAL E 560 4.37 3.65 -33.00
CA VAL E 560 3.53 2.49 -32.77
C VAL E 560 3.70 2.07 -31.33
N LEU E 561 2.58 1.84 -30.65
CA LEU E 561 2.58 1.43 -29.25
C LEU E 561 2.12 -0.02 -29.16
N LEU E 562 2.97 -0.87 -28.62
CA LEU E 562 2.73 -2.31 -28.58
C LEU E 562 2.64 -2.76 -27.13
N LEU E 563 1.55 -3.43 -26.79
CA LEU E 563 1.35 -4.02 -25.47
C LEU E 563 1.21 -5.53 -25.66
N ASP E 564 2.22 -6.27 -25.24
CA ASP E 564 2.22 -7.71 -25.44
C ASP E 564 1.48 -8.42 -24.33
N GLU E 565 0.57 -9.32 -24.72
CA GLU E 565 -0.17 -10.16 -23.79
C GLU E 565 -0.92 -9.31 -22.76
N ILE E 566 -1.85 -8.51 -23.26
CA ILE E 566 -2.62 -7.62 -22.39
C ILE E 566 -3.52 -8.39 -21.45
N GLU E 567 -3.92 -9.61 -21.82
CA GLU E 567 -4.76 -10.41 -20.95
C GLU E 567 -4.10 -10.74 -19.63
N LYS E 568 -2.77 -10.66 -19.55
CA LYS E 568 -2.05 -10.93 -18.32
C LYS E 568 -1.80 -9.68 -17.48
N ALA E 569 -2.21 -8.51 -17.98
CA ALA E 569 -2.14 -7.30 -17.18
C ALA E 569 -3.30 -7.25 -16.21
N HIS E 570 -3.14 -6.46 -15.15
CA HIS E 570 -4.21 -6.31 -14.19
C HIS E 570 -5.37 -5.54 -14.82
N PRO E 571 -6.61 -5.96 -14.59
CA PRO E 571 -7.76 -5.28 -15.22
C PRO E 571 -7.84 -3.80 -14.92
N ASP E 572 -7.10 -3.31 -13.91
CA ASP E 572 -7.05 -1.89 -13.65
C ASP E 572 -6.51 -1.11 -14.85
N VAL E 573 -5.45 -1.61 -15.48
CA VAL E 573 -4.85 -0.91 -16.61
C VAL E 573 -5.80 -0.84 -17.79
N PHE E 574 -6.82 -1.68 -17.83
CA PHE E 574 -7.82 -1.57 -18.89
C PHE E 574 -8.59 -0.27 -18.81
N ASN E 575 -8.77 0.29 -17.61
CA ASN E 575 -9.38 1.60 -17.51
C ASN E 575 -8.52 2.68 -18.15
N ILE E 576 -7.20 2.63 -17.93
CA ILE E 576 -6.31 3.58 -18.58
C ILE E 576 -6.35 3.39 -20.09
N LEU E 577 -6.31 2.14 -20.54
CA LEU E 577 -6.35 1.87 -21.98
C LEU E 577 -7.63 2.40 -22.60
N LEU E 578 -8.77 2.17 -21.93
CA LEU E 578 -10.05 2.65 -22.46
C LEU E 578 -10.10 4.17 -22.47
N GLN E 579 -9.61 4.81 -21.40
CA GLN E 579 -9.59 6.26 -21.37
C GLN E 579 -8.77 6.82 -22.52
N VAL E 580 -7.61 6.24 -22.78
CA VAL E 580 -6.77 6.70 -23.87
C VAL E 580 -7.46 6.48 -25.21
N MET E 581 -8.02 5.28 -25.42
CA MET E 581 -8.74 5.02 -26.66
C MET E 581 -9.94 5.95 -26.82
N ASP E 582 -10.47 6.47 -25.71
CA ASP E 582 -11.66 7.30 -25.78
C ASP E 582 -11.32 8.75 -26.11
N ASN E 583 -10.37 9.34 -25.38
CA ASN E 583 -10.07 10.75 -25.57
C ASN E 583 -8.68 11.01 -26.14
N GLY E 584 -7.94 9.97 -26.51
CA GLY E 584 -6.66 10.14 -27.18
C GLY E 584 -5.58 10.82 -26.36
N THR E 585 -5.88 11.25 -25.14
CA THR E 585 -4.90 11.94 -24.30
C THR E 585 -4.80 11.23 -22.96
N LEU E 586 -3.87 11.70 -22.14
CA LEU E 586 -3.68 11.16 -20.80
C LEU E 586 -2.88 12.16 -20.00
N THR E 587 -3.40 12.53 -18.83
CA THR E 587 -2.70 13.45 -17.93
C THR E 587 -1.73 12.68 -17.06
N ASP E 588 -0.47 13.08 -17.09
CA ASP E 588 0.54 12.47 -16.23
C ASP E 588 0.22 12.76 -14.77
N ASN E 589 0.76 11.91 -13.88
CA ASN E 589 0.61 12.16 -12.46
C ASN E 589 1.39 13.38 -11.99
N ASN E 590 2.14 14.03 -12.89
CA ASN E 590 2.81 15.28 -12.60
C ASN E 590 2.18 16.46 -13.33
N GLY E 591 1.01 16.28 -13.92
CA GLY E 591 0.30 17.35 -14.57
C GLY E 591 0.55 17.49 -16.06
N ARG E 592 1.39 16.64 -16.64
CA ARG E 592 1.65 16.72 -18.07
C ARG E 592 0.62 15.92 -18.85
N LYS E 593 0.34 16.35 -20.07
CA LYS E 593 -0.67 15.75 -20.92
C LYS E 593 -0.02 15.09 -22.11
N ALA E 594 -0.30 13.80 -22.31
CA ALA E 594 0.19 13.09 -23.48
C ALA E 594 -0.85 13.16 -24.61
N ASP E 595 -0.37 12.95 -25.83
CA ASP E 595 -1.21 13.01 -27.02
C ASP E 595 -1.00 11.74 -27.82
N PHE E 596 -2.04 10.93 -27.92
CA PHE E 596 -1.97 9.66 -28.63
C PHE E 596 -2.64 9.72 -30.00
N ARG E 597 -2.98 10.92 -30.48
CA ARG E 597 -3.66 11.03 -31.77
C ARG E 597 -2.85 10.42 -32.90
N ASN E 598 -1.52 10.55 -32.85
CA ASN E 598 -0.65 10.08 -33.91
C ASN E 598 -0.03 8.71 -33.61
N VAL E 599 -0.59 7.98 -32.65
CA VAL E 599 -0.03 6.71 -32.22
C VAL E 599 -0.93 5.57 -32.66
N VAL E 600 -0.35 4.59 -33.35
CA VAL E 600 -1.03 3.35 -33.67
C VAL E 600 -0.87 2.41 -32.48
N LEU E 601 -1.99 2.02 -31.88
CA LEU E 601 -1.99 1.22 -30.66
C LEU E 601 -2.38 -0.21 -30.99
N VAL E 602 -1.43 -1.13 -30.85
CA VAL E 602 -1.63 -2.54 -31.17
C VAL E 602 -1.44 -3.35 -29.91
N MET E 603 -2.41 -4.22 -29.62
CA MET E 603 -2.36 -5.10 -28.46
C MET E 603 -2.48 -6.55 -28.92
N THR E 604 -1.74 -7.44 -28.27
CA THR E 604 -1.69 -8.84 -28.66
C THR E 604 -2.31 -9.71 -27.57
N THR E 605 -2.80 -10.88 -27.97
CA THR E 605 -3.48 -11.78 -27.06
C THR E 605 -3.61 -13.14 -27.74
N ASN E 606 -3.49 -14.20 -26.93
CA ASN E 606 -3.69 -15.58 -27.40
C ASN E 606 -4.54 -16.38 -26.42
N ALA E 607 -5.47 -15.73 -25.72
CA ALA E 607 -6.12 -16.36 -24.57
C ALA E 607 -7.05 -17.49 -24.99
N GLY E 608 -7.61 -17.43 -26.19
CA GLY E 608 -8.63 -18.39 -26.58
C GLY E 608 -8.21 -19.44 -27.58
N VAL E 609 -7.02 -20.03 -27.42
CA VAL E 609 -6.53 -20.97 -28.43
C VAL E 609 -6.45 -22.38 -27.87
N ARG E 610 -6.37 -22.52 -26.55
CA ARG E 610 -6.09 -23.82 -25.94
C ARG E 610 -7.24 -24.80 -26.15
N GLU E 611 -8.47 -24.29 -26.30
CA GLU E 611 -9.64 -25.15 -26.24
C GLU E 611 -9.82 -26.00 -27.48
N THR E 612 -9.01 -25.82 -28.51
CA THR E 612 -9.11 -26.62 -29.73
C THR E 612 -8.21 -27.85 -29.71
N GLU E 613 -7.34 -27.98 -28.70
CA GLU E 613 -6.41 -29.09 -28.64
C GLU E 613 -7.08 -30.40 -28.24
N ARG E 614 -8.30 -30.35 -27.74
CA ARG E 614 -9.07 -31.57 -27.49
C ARG E 614 -9.67 -32.08 -28.79
N LYS E 615 -10.15 -33.31 -28.76
CA LYS E 615 -10.74 -33.95 -29.93
C LYS E 615 -12.14 -34.46 -29.63
N SER E 616 -12.93 -34.59 -30.68
CA SER E 616 -14.26 -35.17 -30.56
C SER E 616 -14.16 -36.69 -30.42
N ILE E 617 -15.27 -37.30 -30.04
CA ILE E 617 -15.35 -38.75 -29.86
C ILE E 617 -16.21 -39.31 -30.97
N GLY E 618 -15.69 -40.30 -31.67
CA GLY E 618 -16.39 -40.91 -32.78
C GLY E 618 -15.43 -41.15 -33.92
N LEU E 619 -15.99 -41.57 -35.04
CA LEU E 619 -15.20 -41.83 -36.23
C LEU E 619 -14.99 -40.59 -37.09
N ILE E 620 -15.55 -39.44 -36.70
CA ILE E 620 -15.45 -38.21 -37.47
C ILE E 620 -15.27 -37.05 -36.49
N HIS E 621 -14.57 -36.00 -36.92
CA HIS E 621 -14.22 -34.88 -36.07
C HIS E 621 -15.02 -33.63 -36.44
N GLN E 622 -15.01 -32.67 -35.51
CA GLN E 622 -15.67 -31.38 -35.70
C GLN E 622 -14.86 -30.29 -35.03
N ASP E 623 -15.34 -29.05 -35.16
CA ASP E 623 -14.67 -27.89 -34.59
C ASP E 623 -15.62 -27.11 -33.69
N ASN E 624 -15.03 -26.36 -32.75
CA ASN E 624 -15.78 -25.61 -31.74
C ASN E 624 -15.18 -24.23 -31.53
N SER E 625 -14.92 -23.51 -32.63
CA SER E 625 -14.06 -22.34 -32.59
C SER E 625 -14.72 -21.06 -32.10
N THR E 626 -16.06 -20.97 -32.09
CA THR E 626 -16.71 -19.73 -31.69
C THR E 626 -16.47 -19.43 -30.21
N ASP E 627 -16.10 -20.45 -29.43
CA ASP E 627 -15.74 -20.22 -28.05
C ASP E 627 -14.51 -19.33 -27.94
N ALA E 628 -13.69 -19.27 -28.98
CA ALA E 628 -12.56 -18.34 -28.98
C ALA E 628 -13.06 -16.90 -28.97
N MET E 629 -13.98 -16.57 -29.89
CA MET E 629 -14.59 -15.24 -29.86
C MET E 629 -15.26 -14.97 -28.53
N GLU E 630 -15.98 -15.96 -27.99
CA GLU E 630 -16.63 -15.76 -26.69
C GLU E 630 -15.60 -15.52 -25.59
N GLU E 631 -14.45 -16.18 -25.66
CA GLU E 631 -13.42 -15.99 -24.65
C GLU E 631 -12.81 -14.61 -24.74
N ILE E 632 -12.52 -14.14 -25.96
CA ILE E 632 -12.08 -12.76 -26.12
C ILE E 632 -13.14 -11.80 -25.57
N LYS E 633 -14.41 -12.14 -25.75
CA LYS E 633 -15.47 -11.28 -25.25
C LYS E 633 -15.53 -11.28 -23.73
N LYS E 634 -15.16 -12.40 -23.11
CA LYS E 634 -15.29 -12.50 -21.66
C LYS E 634 -14.06 -11.93 -20.94
N ILE E 635 -12.87 -12.09 -21.53
CA ILE E 635 -11.68 -11.56 -20.89
C ILE E 635 -11.73 -10.04 -20.82
N PHE E 636 -11.99 -9.40 -21.95
CA PHE E 636 -12.03 -7.94 -22.06
C PHE E 636 -13.47 -7.47 -21.98
N THR E 637 -13.69 -6.42 -21.18
CA THR E 637 -15.03 -5.92 -20.97
C THR E 637 -15.66 -5.46 -22.29
N PRO E 638 -16.99 -5.61 -22.42
CA PRO E 638 -17.62 -5.30 -23.72
C PRO E 638 -17.43 -3.87 -24.16
N GLU E 639 -17.60 -2.90 -23.26
CA GLU E 639 -17.39 -1.50 -23.64
C GLU E 639 -15.94 -1.24 -24.05
N PHE E 640 -15.01 -2.06 -23.58
CA PHE E 640 -13.63 -1.98 -24.06
C PHE E 640 -13.50 -2.54 -25.48
N ARG E 641 -14.21 -3.63 -25.77
CA ARG E 641 -14.21 -4.17 -27.13
C ARG E 641 -14.88 -3.20 -28.09
N ASN E 642 -15.80 -2.38 -27.59
CA ASN E 642 -16.48 -1.40 -28.42
C ASN E 642 -15.65 -0.15 -28.67
N ARG E 643 -14.57 0.05 -27.92
CA ARG E 643 -13.64 1.15 -28.17
C ARG E 643 -12.46 0.71 -29.03
N LEU E 644 -12.33 -0.57 -29.32
CA LEU E 644 -11.34 -1.06 -30.25
C LEU E 644 -11.79 -0.79 -31.68
N ASP E 645 -10.85 -0.37 -32.51
CA ASP E 645 -11.17 -0.14 -33.92
C ASP E 645 -11.50 -1.44 -34.63
N ASN E 646 -10.73 -2.50 -34.36
CA ASN E 646 -11.00 -3.80 -34.95
C ASN E 646 -10.29 -4.88 -34.15
N ILE E 647 -10.93 -6.04 -34.09
CA ILE E 647 -10.35 -7.23 -33.48
C ILE E 647 -9.88 -8.13 -34.61
N ILE E 648 -8.58 -8.17 -34.83
CA ILE E 648 -7.98 -8.82 -35.99
C ILE E 648 -7.61 -10.24 -35.61
N TRP E 649 -8.33 -11.21 -36.19
CA TRP E 649 -8.10 -12.61 -35.88
C TRP E 649 -7.04 -13.18 -36.80
N PHE E 650 -6.08 -13.90 -36.22
CA PHE E 650 -5.04 -14.58 -36.97
C PHE E 650 -5.34 -16.07 -37.05
N ASP E 651 -4.84 -16.72 -38.08
CA ASP E 651 -5.06 -18.15 -38.27
C ASP E 651 -3.75 -18.92 -38.12
N HIS E 652 -3.87 -20.25 -38.12
CA HIS E 652 -2.69 -21.10 -38.10
C HIS E 652 -1.95 -21.01 -39.43
N LEU E 653 -0.71 -21.47 -39.43
CA LEU E 653 0.13 -21.40 -40.61
C LEU E 653 -0.02 -22.67 -41.45
N SER E 654 -0.13 -22.49 -42.77
CA SER E 654 -0.24 -23.60 -43.69
C SER E 654 1.13 -24.19 -43.98
N THR E 655 1.13 -25.33 -44.70
CA THR E 655 2.37 -25.99 -45.04
C THR E 655 3.21 -25.16 -45.99
N ASP E 656 2.59 -24.54 -47.00
CA ASP E 656 3.33 -23.70 -47.94
C ASP E 656 3.84 -22.43 -47.26
N VAL E 657 3.00 -21.84 -46.40
CA VAL E 657 3.47 -20.75 -45.56
C VAL E 657 4.69 -21.21 -44.74
N ILE E 658 4.67 -22.46 -44.30
CA ILE E 658 5.79 -22.99 -43.54
C ILE E 658 7.03 -23.11 -44.43
N HIS E 659 6.85 -23.49 -45.69
CA HIS E 659 7.97 -23.49 -46.61
C HIS E 659 8.56 -22.10 -46.76
N GLN E 660 7.69 -21.09 -46.84
CA GLN E 660 8.16 -19.71 -46.92
C GLN E 660 8.93 -19.31 -45.67
N VAL E 661 8.45 -19.70 -44.49
CA VAL E 661 9.17 -19.32 -43.27
C VAL E 661 10.50 -20.07 -43.19
N VAL E 662 10.54 -21.30 -43.71
CA VAL E 662 11.80 -22.03 -43.78
C VAL E 662 12.79 -21.27 -44.65
N ASP E 663 12.33 -20.78 -45.80
CA ASP E 663 13.21 -20.02 -46.68
C ASP E 663 13.68 -18.74 -46.00
N LYS E 664 12.77 -18.04 -45.30
CA LYS E 664 13.16 -16.83 -44.58
C LYS E 664 14.25 -17.13 -43.56
N PHE E 665 14.07 -18.19 -42.78
CA PHE E 665 15.05 -18.54 -41.76
C PHE E 665 16.37 -18.96 -42.40
N ILE E 666 16.31 -19.59 -43.58
CA ILE E 666 17.53 -19.97 -44.26
C ILE E 666 18.30 -18.73 -44.71
N VAL E 667 17.58 -17.73 -45.22
CA VAL E 667 18.25 -16.49 -45.60
C VAL E 667 18.85 -15.82 -44.37
N GLU E 668 18.15 -15.87 -43.25
CA GLU E 668 18.70 -15.30 -42.02
C GLU E 668 19.97 -16.04 -41.58
N LEU E 669 19.95 -17.36 -41.68
CA LEU E 669 21.13 -18.16 -41.38
C LEU E 669 22.29 -17.77 -42.29
N GLN E 670 22.02 -17.58 -43.58
CA GLN E 670 23.06 -17.15 -44.50
C GLN E 670 23.60 -15.79 -44.12
N VAL E 671 22.72 -14.87 -43.71
CA VAL E 671 23.16 -13.55 -43.29
C VAL E 671 24.09 -13.66 -42.09
N GLN E 672 23.73 -14.49 -41.12
CA GLN E 672 24.58 -14.67 -39.95
C GLN E 672 25.92 -15.30 -40.32
N LEU E 673 25.90 -16.23 -41.28
CA LEU E 673 27.15 -16.83 -41.76
C LEU E 673 28.02 -15.80 -42.45
N ASP E 674 27.41 -14.83 -43.13
CA ASP E 674 28.18 -13.82 -43.86
C ASP E 674 29.08 -13.01 -42.93
N GLN E 675 28.77 -12.96 -41.64
CA GLN E 675 29.67 -12.32 -40.69
C GLN E 675 30.96 -13.10 -40.49
N LYS E 676 31.02 -14.34 -40.98
CA LYS E 676 32.21 -15.17 -40.89
C LYS E 676 32.85 -15.43 -42.25
N GLY E 677 32.27 -14.91 -43.33
CA GLY E 677 32.77 -15.22 -44.65
C GLY E 677 32.45 -16.62 -45.11
N VAL E 678 31.25 -17.11 -44.82
CA VAL E 678 30.86 -18.47 -45.14
C VAL E 678 29.58 -18.42 -45.96
N SER E 679 29.57 -19.13 -47.07
CA SER E 679 28.37 -19.27 -47.88
C SER E 679 27.54 -20.44 -47.37
N LEU E 680 26.35 -20.59 -47.95
CA LEU E 680 25.47 -21.69 -47.57
C LEU E 680 24.62 -22.10 -48.75
N GLU E 681 24.69 -23.37 -49.12
CA GLU E 681 23.81 -23.96 -50.11
C GLU E 681 22.85 -24.91 -49.40
N VAL E 682 21.58 -24.83 -49.77
CA VAL E 682 20.56 -25.73 -49.26
C VAL E 682 19.76 -26.27 -50.44
N SER E 683 19.73 -27.59 -50.58
CA SER E 683 18.90 -28.20 -51.60
C SER E 683 17.43 -27.98 -51.29
N GLN E 684 16.64 -27.79 -52.35
CA GLN E 684 15.21 -27.61 -52.17
C GLN E 684 14.57 -28.84 -51.54
N GLU E 685 15.11 -30.04 -51.83
CA GLU E 685 14.63 -31.24 -51.17
C GLU E 685 14.94 -31.20 -49.68
N ALA E 686 16.13 -30.72 -49.32
CA ALA E 686 16.43 -30.52 -47.91
C ALA E 686 15.52 -29.48 -47.29
N ARG E 687 15.14 -28.47 -48.06
CA ARG E 687 14.18 -27.48 -47.57
C ARG E 687 12.85 -28.14 -47.26
N ASN E 688 12.34 -28.96 -48.18
CA ASN E 688 11.06 -29.63 -47.96
C ASN E 688 11.15 -30.60 -46.79
N TRP E 689 12.30 -31.26 -46.62
CA TRP E 689 12.45 -32.19 -45.52
C TRP E 689 12.48 -31.47 -44.19
N LEU E 690 13.21 -30.36 -44.11
CA LEU E 690 13.19 -29.54 -42.91
C LEU E 690 11.80 -29.04 -42.60
N ALA E 691 11.06 -28.63 -43.63
CA ALA E 691 9.70 -28.14 -43.42
C ALA E 691 8.79 -29.25 -42.91
N GLU E 692 8.98 -30.47 -43.42
CA GLU E 692 8.12 -31.58 -43.02
C GLU E 692 8.42 -32.03 -41.61
N LYS E 693 9.71 -32.14 -41.26
CA LYS E 693 10.08 -32.72 -39.97
C LYS E 693 9.83 -31.78 -38.81
N GLY E 694 9.93 -30.47 -39.02
CA GLY E 694 9.90 -29.55 -37.92
C GLY E 694 8.68 -28.67 -37.81
N TYR E 695 7.55 -29.04 -38.41
CA TYR E 695 6.37 -28.19 -38.41
C TYR E 695 5.33 -28.72 -37.43
N ASP E 696 4.61 -27.79 -36.82
CA ASP E 696 3.43 -28.11 -36.01
C ASP E 696 2.54 -26.88 -36.00
N ARG E 697 1.35 -27.02 -36.60
CA ARG E 697 0.44 -25.88 -36.67
C ARG E 697 0.01 -25.40 -35.29
N ALA E 698 0.02 -26.29 -34.31
CA ALA E 698 -0.42 -25.90 -32.97
C ALA E 698 0.57 -24.96 -32.30
N MET E 699 1.86 -25.10 -32.60
CA MET E 699 2.89 -24.28 -31.98
C MET E 699 3.43 -23.21 -32.91
N GLY E 700 2.77 -22.98 -34.05
CA GLY E 700 3.19 -21.87 -34.90
C GLY E 700 4.44 -22.19 -35.69
N ALA E 701 5.31 -21.18 -35.81
CA ALA E 701 6.48 -21.31 -36.68
C ALA E 701 7.76 -21.58 -35.89
N ARG E 702 7.77 -21.30 -34.59
CA ARG E 702 8.96 -21.55 -33.79
C ARG E 702 9.50 -22.97 -33.89
N PRO E 703 8.68 -24.02 -34.02
CA PRO E 703 9.24 -25.34 -34.34
C PRO E 703 10.14 -25.34 -35.57
N MET E 704 9.84 -24.50 -36.57
CA MET E 704 10.76 -24.39 -37.70
C MET E 704 12.09 -23.80 -37.27
N ALA E 705 12.07 -22.75 -36.44
CA ALA E 705 13.32 -22.21 -35.92
C ALA E 705 14.12 -23.29 -35.20
N ARG E 706 13.45 -24.11 -34.40
CA ARG E 706 14.14 -25.15 -33.65
C ARG E 706 14.74 -26.20 -34.58
N VAL E 707 13.96 -26.66 -35.56
CA VAL E 707 14.44 -27.72 -36.44
C VAL E 707 15.61 -27.22 -37.28
N ILE E 708 15.52 -25.97 -37.76
CA ILE E 708 16.62 -25.39 -38.53
C ILE E 708 17.85 -25.27 -37.64
N GLN E 709 17.67 -24.78 -36.42
CA GLN E 709 18.78 -24.69 -35.48
C GLN E 709 19.47 -26.03 -35.33
N ASP E 710 18.74 -27.04 -34.85
CA ASP E 710 19.37 -28.32 -34.52
C ASP E 710 19.98 -28.98 -35.75
N ASN E 711 19.31 -28.89 -36.90
CA ASN E 711 19.79 -29.63 -38.06
C ASN E 711 20.92 -28.91 -38.79
N LEU E 712 21.02 -27.59 -38.67
CA LEU E 712 22.02 -26.84 -39.41
C LEU E 712 23.06 -26.16 -38.54
N LYS E 713 22.63 -25.34 -37.58
CA LYS E 713 23.58 -24.51 -36.84
C LYS E 713 24.55 -25.36 -36.03
N LYS E 714 24.06 -26.44 -35.41
CA LYS E 714 24.91 -27.25 -34.55
C LYS E 714 26.06 -27.89 -35.32
N PRO E 715 25.83 -28.59 -36.44
CA PRO E 715 26.98 -29.01 -37.26
C PRO E 715 27.77 -27.81 -37.77
N LEU E 716 27.09 -26.73 -38.13
CA LEU E 716 27.77 -25.53 -38.58
C LEU E 716 28.62 -24.94 -37.47
N ALA E 717 28.13 -24.93 -36.24
CA ALA E 717 28.92 -24.43 -35.12
C ALA E 717 30.12 -25.32 -34.87
N ASN E 718 29.92 -26.64 -34.92
CA ASN E 718 31.04 -27.57 -34.78
C ASN E 718 32.11 -27.28 -35.81
N GLU E 719 31.72 -27.05 -37.06
CA GLU E 719 32.70 -26.83 -38.11
C GLU E 719 33.35 -25.45 -37.99
N LEU E 720 32.59 -24.45 -37.57
CA LEU E 720 33.15 -23.12 -37.43
C LEU E 720 34.16 -23.06 -36.29
N LEU E 721 33.94 -23.85 -35.23
CA LEU E 721 34.86 -23.81 -34.11
C LEU E 721 36.03 -24.77 -34.27
N PHE E 722 35.80 -25.94 -34.88
CA PHE E 722 36.81 -26.98 -34.95
C PHE E 722 36.96 -27.63 -36.31
N GLY E 723 36.12 -27.31 -37.29
CA GLY E 723 36.22 -27.92 -38.59
C GLY E 723 37.06 -27.13 -39.56
N SER E 724 36.76 -27.25 -40.86
CA SER E 724 37.52 -26.51 -41.87
C SER E 724 36.97 -25.13 -42.12
N LEU E 725 35.85 -24.77 -41.50
CA LEU E 725 35.22 -23.48 -41.70
C LEU E 725 35.69 -22.42 -40.71
N VAL E 726 36.81 -22.66 -40.01
CA VAL E 726 37.26 -21.71 -39.01
C VAL E 726 37.68 -20.39 -39.67
N ASP E 727 38.03 -20.45 -40.97
CA ASP E 727 38.49 -19.29 -41.71
C ASP E 727 37.50 -18.87 -42.79
N GLY E 728 36.28 -19.37 -42.74
CA GLY E 728 35.32 -19.19 -43.81
C GLY E 728 35.37 -20.32 -44.81
N GLY E 729 34.44 -20.28 -45.75
CA GLY E 729 34.35 -21.30 -46.77
C GLY E 729 33.00 -21.28 -47.43
N GLN E 730 32.67 -22.40 -48.07
CA GLN E 730 31.42 -22.56 -48.79
C GLN E 730 30.75 -23.83 -48.30
N VAL E 731 29.51 -23.71 -47.85
CA VAL E 731 28.76 -24.82 -47.26
C VAL E 731 27.68 -25.25 -48.23
N THR E 732 27.53 -26.55 -48.43
CA THR E 732 26.49 -27.11 -49.28
C THR E 732 25.79 -28.22 -48.52
N VAL E 733 24.46 -28.27 -48.65
CA VAL E 733 23.63 -29.24 -47.94
C VAL E 733 22.65 -29.84 -48.94
N ALA E 734 22.54 -31.16 -48.92
CA ALA E 734 21.58 -31.88 -49.75
C ALA E 734 20.89 -32.95 -48.91
N LEU E 735 19.85 -33.54 -49.49
CA LEU E 735 19.07 -34.57 -48.82
C LEU E 735 19.02 -35.81 -49.70
N ASP E 736 19.48 -36.94 -49.15
CA ASP E 736 19.43 -38.20 -49.87
C ASP E 736 18.22 -39.01 -49.39
N LYS E 737 18.13 -40.27 -49.81
CA LYS E 737 17.07 -41.14 -49.33
C LYS E 737 17.19 -41.44 -47.85
N GLU E 738 18.37 -41.25 -47.26
CA GLU E 738 18.57 -41.48 -45.84
C GLU E 738 18.20 -40.27 -44.98
N LYS E 739 17.62 -39.23 -45.57
CA LYS E 739 17.21 -38.03 -44.84
C LYS E 739 18.40 -37.42 -44.12
N ASN E 740 19.51 -37.28 -44.84
CA ASN E 740 20.78 -36.94 -44.23
C ASN E 740 21.03 -35.43 -44.30
N GLU E 741 22.23 -35.02 -43.92
CA GLU E 741 22.72 -33.65 -44.12
C GLU E 741 24.11 -33.78 -44.76
N LEU E 742 24.25 -33.26 -45.96
CA LEU E 742 25.55 -33.22 -46.59
C LEU E 742 26.36 -32.08 -45.99
N THR E 743 27.67 -32.13 -46.16
CA THR E 743 28.56 -31.15 -45.55
C THR E 743 29.21 -30.27 -46.62
N TYR E 744 30.09 -29.39 -46.16
CA TYR E 744 30.67 -28.36 -47.00
C TYR E 744 31.86 -28.89 -47.79
N GLY E 745 32.54 -27.97 -48.47
CA GLY E 745 33.77 -28.24 -49.17
C GLY E 745 34.94 -27.55 -48.51
N PHE E 746 35.35 -26.42 -49.06
CA PHE E 746 36.40 -25.61 -48.44
C PHE E 746 35.88 -24.96 -47.17
N MET F 169 -4.50 46.55 18.28
CA MET F 169 -5.91 46.38 18.60
C MET F 169 -6.78 47.21 17.66
N GLU F 170 -6.37 48.44 17.40
CA GLU F 170 -7.17 49.32 16.54
C GLU F 170 -7.18 48.86 15.09
N ASN F 171 -6.12 48.18 14.65
CA ASN F 171 -5.94 47.84 13.25
C ASN F 171 -6.14 46.36 12.96
N PHE F 172 -6.39 45.54 13.97
CA PHE F 172 -6.56 44.11 13.76
C PHE F 172 -7.92 43.59 14.15
N THR F 173 -8.58 44.17 15.13
CA THR F 173 -9.91 43.74 15.53
C THR F 173 -10.93 44.83 15.25
N THR F 174 -12.00 44.44 14.56
CA THR F 174 -13.13 45.33 14.28
C THR F 174 -14.17 45.14 15.38
N ASN F 175 -14.42 46.20 16.14
CA ASN F 175 -15.36 46.13 17.25
C ASN F 175 -16.76 46.03 16.67
N LEU F 176 -17.25 44.80 16.50
CA LEU F 176 -18.57 44.57 15.93
C LEU F 176 -19.69 45.15 16.77
N ASN F 177 -19.45 45.42 18.06
CA ASN F 177 -20.44 46.15 18.82
C ASN F 177 -20.69 47.53 18.22
N GLN F 178 -19.62 48.26 17.91
CA GLN F 178 -19.78 49.56 17.28
C GLN F 178 -20.27 49.43 15.85
N LEU F 179 -19.74 48.44 15.12
CA LEU F 179 -20.11 48.29 13.71
C LEU F 179 -21.57 47.94 13.54
N ALA F 180 -22.13 47.17 14.49
CA ALA F 180 -23.55 46.83 14.42
C ALA F 180 -24.40 47.89 15.09
N ARG F 181 -23.81 48.67 16.00
CA ARG F 181 -24.56 49.75 16.65
C ARG F 181 -24.79 50.90 15.68
N VAL F 182 -23.77 51.25 14.89
CA VAL F 182 -23.93 52.29 13.88
C VAL F 182 -24.79 51.86 12.71
N GLY F 183 -24.89 50.56 12.46
CA GLY F 183 -25.64 50.07 11.32
C GLY F 183 -24.81 49.55 10.18
N GLY F 184 -23.62 49.03 10.45
CA GLY F 184 -22.80 48.42 9.42
C GLY F 184 -22.87 46.91 9.37
N ILE F 185 -23.85 46.32 10.04
CA ILE F 185 -24.02 44.87 10.11
C ILE F 185 -25.49 44.56 9.88
N ASP F 186 -25.78 43.53 9.10
CA ASP F 186 -27.16 43.16 8.79
C ASP F 186 -27.78 42.24 9.83
N PRO F 187 -29.04 42.48 10.17
CA PRO F 187 -29.73 41.64 11.15
C PRO F 187 -29.85 40.22 10.64
N LEU F 188 -29.76 39.26 11.56
CA LEU F 188 -29.81 37.87 11.18
C LEU F 188 -31.24 37.45 10.83
N ILE F 189 -31.40 36.91 9.64
CA ILE F 189 -32.70 36.46 9.15
C ILE F 189 -32.79 34.96 9.39
N GLY F 190 -33.48 34.58 10.46
CA GLY F 190 -33.62 33.17 10.77
C GLY F 190 -32.41 32.61 11.50
N ARG F 191 -32.33 31.28 11.48
CA ARG F 191 -31.22 30.54 12.10
C ARG F 191 -31.08 30.85 13.58
N GLU F 192 -32.23 30.90 14.27
CA GLU F 192 -32.20 31.19 15.70
C GLU F 192 -31.73 29.98 16.49
N LYS F 193 -31.93 28.77 15.97
CA LYS F 193 -31.49 27.59 16.69
C LYS F 193 -29.97 27.43 16.63
N GLU F 194 -29.34 27.88 15.54
CA GLU F 194 -27.88 27.91 15.51
C GLU F 194 -27.35 28.99 16.45
N LEU F 195 -28.05 30.11 16.55
CA LEU F 195 -27.75 31.09 17.59
C LEU F 195 -27.81 30.44 18.96
N GLU F 196 -28.85 29.63 19.20
CA GLU F 196 -29.02 28.99 20.50
C GLU F 196 -27.89 28.01 20.77
N ARG F 197 -27.51 27.20 19.79
CA ARG F 197 -26.41 26.27 19.96
C ARG F 197 -25.11 27.02 20.24
N ALA F 198 -24.83 28.06 19.46
CA ALA F 198 -23.61 28.83 19.67
C ALA F 198 -23.57 29.41 21.08
N ILE F 199 -24.63 30.09 21.50
CA ILE F 199 -24.68 30.66 22.84
C ILE F 199 -24.52 29.58 23.89
N GLN F 200 -25.22 28.45 23.72
CA GLN F 200 -25.04 27.30 24.60
C GLN F 200 -23.58 26.96 24.78
N VAL F 201 -22.83 26.86 23.67
CA VAL F 201 -21.42 26.52 23.78
C VAL F 201 -20.65 27.64 24.48
N LEU F 202 -21.00 28.89 24.21
CA LEU F 202 -20.30 30.02 24.82
C LEU F 202 -20.41 29.99 26.35
N CYS F 203 -21.50 29.45 26.88
CA CYS F 203 -21.72 29.48 28.32
C CYS F 203 -21.01 28.37 29.07
N ARG F 204 -20.33 27.45 28.37
CA ARG F 204 -19.75 26.30 29.03
C ARG F 204 -18.58 26.71 29.92
N ARG F 205 -18.11 25.75 30.72
CA ARG F 205 -16.92 25.96 31.53
C ARG F 205 -15.66 25.57 30.77
N ARG F 206 -15.62 24.35 30.25
CA ARG F 206 -14.54 23.88 29.40
C ARG F 206 -15.07 23.64 27.99
N LYS F 207 -14.16 23.70 27.02
CA LYS F 207 -14.49 23.44 25.62
C LYS F 207 -15.62 24.35 25.15
N ASN F 208 -15.59 25.58 25.64
CA ASN F 208 -16.66 26.55 25.42
C ASN F 208 -16.44 27.40 24.17
N ASN F 209 -15.67 26.88 23.21
CA ASN F 209 -15.40 27.58 21.96
C ASN F 209 -16.09 26.85 20.83
N PRO F 210 -17.23 27.34 20.36
CA PRO F 210 -17.97 26.61 19.32
C PRO F 210 -17.22 26.61 18.01
N LEU F 211 -17.40 25.51 17.26
CA LEU F 211 -16.82 25.37 15.93
C LEU F 211 -17.95 25.26 14.93
N LEU F 212 -18.10 26.28 14.10
CA LEU F 212 -19.06 26.27 13.01
C LEU F 212 -18.41 25.62 11.80
N VAL F 213 -19.02 24.55 11.30
CA VAL F 213 -18.55 23.88 10.09
C VAL F 213 -19.64 24.02 9.02
N GLY F 214 -19.24 24.32 7.81
CA GLY F 214 -20.19 24.53 6.73
C GLY F 214 -19.48 25.12 5.53
N GLU F 215 -20.22 25.20 4.42
CA GLU F 215 -19.64 25.72 3.20
C GLU F 215 -19.75 27.24 3.16
N SER F 216 -19.26 27.82 2.07
CA SER F 216 -19.29 29.27 1.92
C SER F 216 -20.68 29.74 1.51
N GLY F 217 -21.00 30.96 1.93
CA GLY F 217 -22.28 31.57 1.61
C GLY F 217 -23.50 30.79 2.06
N VAL F 218 -23.53 30.40 3.32
CA VAL F 218 -24.64 29.62 3.85
C VAL F 218 -25.14 30.25 5.13
N GLY F 219 -24.21 30.78 5.92
CA GLY F 219 -24.58 31.42 7.16
C GLY F 219 -23.49 31.65 8.19
N LYS F 220 -22.24 31.32 7.89
CA LYS F 220 -21.23 31.57 8.92
C LYS F 220 -20.76 33.01 9.04
N THR F 221 -20.40 33.65 7.93
CA THR F 221 -20.08 35.07 8.00
C THR F 221 -21.29 35.86 8.48
N ALA F 222 -22.40 35.73 7.76
CA ALA F 222 -23.63 36.43 8.11
C ALA F 222 -24.08 36.08 9.52
N ILE F 223 -23.85 34.83 9.92
CA ILE F 223 -24.23 34.37 11.25
C ILE F 223 -23.72 35.31 12.33
N ALA F 224 -22.55 35.90 12.09
CA ALA F 224 -21.96 36.84 13.03
C ALA F 224 -22.94 37.92 13.43
N GLU F 225 -23.81 38.31 12.50
CA GLU F 225 -24.81 39.34 12.74
C GLU F 225 -25.62 39.02 14.00
N GLY F 226 -26.09 37.78 14.11
CA GLY F 226 -26.87 37.36 15.25
C GLY F 226 -26.13 37.54 16.56
N LEU F 227 -24.89 37.07 16.60
CA LEU F 227 -24.07 37.19 17.80
C LEU F 227 -23.54 38.61 17.98
N ALA F 228 -23.16 39.23 16.85
CA ALA F 228 -22.64 40.59 16.88
C ALA F 228 -23.77 41.61 16.90
N TRP F 229 -24.74 41.44 16.02
CA TRP F 229 -25.88 42.35 15.93
C TRP F 229 -26.84 42.12 17.10
N ARG F 230 -27.18 40.87 17.37
CA ARG F 230 -28.05 40.67 18.49
C ARG F 230 -27.34 41.18 19.73
N ILE F 231 -26.05 40.89 19.86
CA ILE F 231 -25.34 41.34 21.05
C ILE F 231 -25.55 42.84 21.28
N VAL F 232 -25.49 43.63 20.20
CA VAL F 232 -25.72 45.06 20.38
C VAL F 232 -27.21 45.33 20.62
N GLN F 233 -28.07 44.38 20.26
CA GLN F 233 -29.47 44.47 20.62
C GLN F 233 -29.74 43.96 22.03
N GLY F 234 -28.75 43.35 22.69
CA GLY F 234 -28.91 42.91 24.06
C GLY F 234 -29.93 41.82 24.27
N ASP F 235 -30.14 40.96 23.27
CA ASP F 235 -31.11 39.87 23.36
C ASP F 235 -30.45 38.55 23.74
N VAL F 236 -29.39 38.61 24.54
CA VAL F 236 -28.66 37.42 24.96
C VAL F 236 -28.78 37.31 26.47
N PRO F 237 -28.49 36.12 27.03
CA PRO F 237 -28.47 36.00 28.49
C PRO F 237 -27.50 36.99 29.13
N GLU F 238 -27.72 37.25 30.42
CA GLU F 238 -26.96 38.28 31.11
C GLU F 238 -25.47 37.96 31.18
N VAL F 239 -25.11 36.68 31.12
CA VAL F 239 -23.70 36.31 31.13
C VAL F 239 -23.02 36.73 29.84
N MET F 240 -23.78 36.86 28.75
CA MET F 240 -23.28 37.42 27.50
C MET F 240 -23.73 38.84 27.25
N ALA F 241 -24.70 39.35 28.03
CA ALA F 241 -25.15 40.72 27.85
C ALA F 241 -24.06 41.72 28.21
N ASP F 242 -23.06 41.29 28.98
CA ASP F 242 -21.92 42.11 29.33
C ASP F 242 -20.64 41.68 28.61
N CYS F 243 -20.75 40.73 27.69
CA CYS F 243 -19.60 40.17 26.99
C CYS F 243 -19.59 40.71 25.56
N THR F 244 -18.53 41.40 25.20
CA THR F 244 -18.40 41.97 23.87
C THR F 244 -17.87 40.94 22.88
N ILE F 245 -17.93 41.29 21.60
CA ILE F 245 -17.53 40.40 20.52
C ILE F 245 -16.64 41.19 19.56
N TYR F 246 -15.63 40.51 19.02
CA TYR F 246 -14.67 41.11 18.10
C TYR F 246 -14.39 40.18 16.94
N SER F 247 -14.12 40.75 15.78
CA SER F 247 -13.66 40.01 14.62
C SER F 247 -12.21 40.38 14.34
N LEU F 248 -11.36 39.38 14.13
CA LEU F 248 -9.93 39.60 13.93
C LEU F 248 -9.63 39.64 12.45
N ASP F 249 -9.23 40.82 11.96
CA ASP F 249 -8.91 41.01 10.55
C ASP F 249 -7.59 40.31 10.26
N ILE F 250 -7.67 39.07 9.78
CA ILE F 250 -6.48 38.30 9.46
C ILE F 250 -5.62 39.03 8.45
N GLY F 251 -6.24 39.58 7.41
CA GLY F 251 -5.48 40.31 6.40
C GLY F 251 -4.76 41.51 6.98
N SER F 252 -5.39 42.21 7.91
CA SER F 252 -4.74 43.34 8.57
C SER F 252 -3.80 42.88 9.67
N LEU F 253 -4.14 41.76 10.33
CA LEU F 253 -3.27 41.22 11.36
C LEU F 253 -1.89 40.90 10.80
N LEU F 254 -1.82 40.49 9.53
CA LEU F 254 -0.56 40.24 8.87
C LEU F 254 -0.01 41.47 8.18
N ALA F 255 -0.74 42.57 8.16
CA ALA F 255 -0.33 43.75 7.42
C ALA F 255 0.67 44.58 8.22
N GLY F 256 1.57 45.23 7.49
CA GLY F 256 2.51 46.16 8.10
C GLY F 256 3.69 45.55 8.82
N THR F 257 3.56 44.30 9.28
CA THR F 257 4.64 43.67 10.01
C THR F 257 5.45 42.84 9.04
N LYS F 258 4.86 41.82 8.42
CA LYS F 258 5.53 40.89 7.51
C LYS F 258 6.83 40.34 8.08
N TYR F 259 6.96 40.31 9.41
CA TYR F 259 8.12 39.76 10.09
C TYR F 259 7.64 39.12 11.39
N ARG F 260 8.25 37.99 11.74
CA ARG F 260 7.76 37.20 12.88
C ARG F 260 7.85 37.99 14.17
N GLY F 261 8.89 38.81 14.33
CA GLY F 261 9.06 39.56 15.57
C GLY F 261 7.92 40.50 15.85
N ASP F 262 7.73 41.50 14.97
CA ASP F 262 6.69 42.50 15.20
C ASP F 262 5.30 41.87 15.13
N PHE F 263 5.09 40.93 14.22
CA PHE F 263 3.80 40.27 14.10
C PHE F 263 3.44 39.55 15.39
N GLU F 264 4.36 38.75 15.94
CA GLU F 264 4.06 38.03 17.17
C GLU F 264 3.99 38.97 18.37
N LYS F 265 4.75 40.08 18.33
CA LYS F 265 4.63 41.07 19.41
C LYS F 265 3.24 41.67 19.45
N ARG F 266 2.74 42.14 18.30
CA ARG F 266 1.41 42.72 18.25
C ARG F 266 0.35 41.67 18.51
N PHE F 267 0.61 40.42 18.14
CA PHE F 267 -0.36 39.35 18.41
C PHE F 267 -0.42 39.04 19.91
N LYS F 268 0.72 39.06 20.59
CA LYS F 268 0.73 38.82 22.02
C LYS F 268 0.06 39.97 22.77
N ALA F 269 0.38 41.21 22.39
CA ALA F 269 -0.33 42.36 22.96
C ALA F 269 -1.81 42.29 22.67
N LEU F 270 -2.17 41.74 21.50
CA LEU F 270 -3.57 41.57 21.13
C LEU F 270 -4.26 40.59 22.07
N LEU F 271 -3.64 39.44 22.29
CA LEU F 271 -4.23 38.45 23.20
C LEU F 271 -4.32 38.99 24.62
N LYS F 272 -3.31 39.73 25.06
CA LYS F 272 -3.34 40.30 26.41
C LYS F 272 -4.43 41.36 26.54
N GLN F 273 -4.59 42.22 25.53
CA GLN F 273 -5.63 43.24 25.59
C GLN F 273 -7.01 42.62 25.48
N LEU F 274 -7.14 41.51 24.76
CA LEU F 274 -8.40 40.80 24.72
C LEU F 274 -8.67 40.09 26.04
N GLU F 275 -7.61 39.74 26.77
CA GLU F 275 -7.76 39.23 28.13
C GLU F 275 -8.28 40.31 29.06
N GLN F 276 -7.67 41.49 29.02
CA GLN F 276 -8.14 42.61 29.83
C GLN F 276 -9.58 42.98 29.52
N ASP F 277 -10.09 42.56 28.36
CA ASP F 277 -11.48 42.80 28.02
C ASP F 277 -12.42 41.84 28.73
N THR F 278 -11.93 41.10 29.73
CA THR F 278 -12.74 40.23 30.58
C THR F 278 -13.51 39.18 29.79
N ASN F 279 -12.79 38.25 29.16
CA ASN F 279 -13.39 37.07 28.53
C ASN F 279 -14.30 37.46 27.37
N SER F 280 -14.00 38.58 26.72
CA SER F 280 -14.74 38.95 25.53
C SER F 280 -14.49 37.94 24.41
N ILE F 281 -15.45 37.82 23.52
CA ILE F 281 -15.45 36.82 22.46
C ILE F 281 -14.79 37.41 21.23
N LEU F 282 -13.95 36.62 20.57
CA LEU F 282 -13.39 36.98 19.28
C LEU F 282 -13.74 35.92 18.25
N PHE F 283 -14.16 36.36 17.07
CA PHE F 283 -14.52 35.47 15.98
C PHE F 283 -13.33 35.39 15.01
N ILE F 284 -13.03 34.19 14.55
CA ILE F 284 -11.99 33.97 13.56
C ILE F 284 -12.64 33.36 12.33
N ASP F 285 -12.88 34.19 11.32
CA ASP F 285 -13.32 33.70 10.04
C ASP F 285 -12.24 32.84 9.40
N GLU F 286 -12.63 31.68 8.87
CA GLU F 286 -11.72 30.76 8.22
C GLU F 286 -10.58 30.34 9.15
N ILE F 287 -10.97 29.89 10.35
CA ILE F 287 -9.97 29.49 11.34
C ILE F 287 -9.21 28.26 10.87
N HIS F 288 -9.83 27.43 10.02
CA HIS F 288 -9.14 26.30 9.43
C HIS F 288 -8.00 26.73 8.53
N THR F 289 -8.09 27.92 7.93
CA THR F 289 -7.00 28.45 7.12
C THR F 289 -5.93 29.12 7.96
N ILE F 290 -6.21 29.40 9.23
CA ILE F 290 -5.24 30.01 10.13
C ILE F 290 -4.47 28.97 10.92
N ILE F 291 -5.13 27.87 11.29
CA ILE F 291 -4.45 26.81 12.02
C ILE F 291 -3.59 25.98 11.06
N GLY F 292 -3.93 26.00 9.77
CA GLY F 292 -3.16 25.25 8.81
C GLY F 292 -1.77 25.81 8.60
N ALA F 303 1.47 30.92 13.26
CA ALA F 303 0.09 31.00 13.71
C ALA F 303 -0.59 29.65 13.82
N ALA F 304 0.02 28.60 13.26
CA ALA F 304 -0.60 27.27 13.27
C ALA F 304 -0.88 26.78 14.68
N ASN F 305 -0.09 27.21 15.66
CA ASN F 305 -0.23 26.75 17.03
C ASN F 305 -0.21 27.87 18.05
N LEU F 306 -0.40 29.12 17.63
CA LEU F 306 -0.47 30.24 18.56
C LEU F 306 -1.82 30.36 19.22
N ILE F 307 -2.84 29.67 18.71
CA ILE F 307 -4.12 29.64 19.39
C ILE F 307 -4.03 28.80 20.66
N LYS F 308 -3.03 27.92 20.74
CA LYS F 308 -2.93 26.99 21.87
C LYS F 308 -2.73 27.68 23.22
N PRO F 309 -1.88 28.69 23.38
CA PRO F 309 -1.85 29.39 24.68
C PRO F 309 -3.20 29.88 25.12
N LEU F 310 -3.99 30.48 24.22
CA LEU F 310 -5.24 31.09 24.64
C LEU F 310 -6.41 30.12 24.61
N LEU F 311 -6.39 29.09 23.75
CA LEU F 311 -7.40 28.04 23.90
C LEU F 311 -7.18 27.26 25.18
N SER F 312 -5.95 27.21 25.68
CA SER F 312 -5.70 26.50 26.92
C SER F 312 -6.04 27.37 28.12
N SER F 313 -5.59 28.62 28.11
CA SER F 313 -5.97 29.54 29.16
C SER F 313 -7.43 29.96 29.05
N GLY F 314 -8.02 29.83 27.85
CA GLY F 314 -9.44 30.08 27.66
C GLY F 314 -9.90 31.48 27.95
N LYS F 315 -9.00 32.46 28.06
CA LYS F 315 -9.40 33.79 28.48
C LYS F 315 -10.19 34.52 27.40
N ILE F 316 -10.16 34.03 26.16
CA ILE F 316 -10.98 34.56 25.09
C ILE F 316 -11.64 33.39 24.38
N ARG F 317 -12.95 33.26 24.53
CA ARG F 317 -13.70 32.28 23.78
C ARG F 317 -13.71 32.67 22.31
N VAL F 318 -13.31 31.73 21.46
CA VAL F 318 -13.05 32.01 20.04
C VAL F 318 -14.02 31.21 19.19
N ILE F 319 -14.61 31.87 18.21
CA ILE F 319 -15.54 31.24 17.27
C ILE F 319 -14.76 30.86 16.01
N GLY F 320 -15.10 29.70 15.44
CA GLY F 320 -14.45 29.23 14.24
C GLY F 320 -15.45 28.96 13.12
N SER F 321 -14.96 29.11 11.90
CA SER F 321 -15.76 28.87 10.70
C SER F 321 -14.93 28.05 9.72
N THR F 322 -15.39 26.85 9.42
CA THR F 322 -14.64 25.93 8.59
C THR F 322 -15.61 25.22 7.64
N THR F 323 -15.06 24.57 6.63
CA THR F 323 -15.81 23.68 5.75
C THR F 323 -15.73 22.26 6.26
N TYR F 324 -16.54 21.39 5.66
CA TYR F 324 -16.54 19.99 6.07
C TYR F 324 -15.20 19.32 5.81
N GLN F 325 -14.57 19.64 4.68
CA GLN F 325 -13.34 18.97 4.28
C GLN F 325 -12.16 19.37 5.16
N GLU F 326 -11.99 20.68 5.38
CA GLU F 326 -10.91 21.14 6.26
C GLU F 326 -11.17 20.74 7.70
N PHE F 327 -12.43 20.49 8.05
CA PHE F 327 -12.74 19.97 9.38
C PHE F 327 -12.33 18.51 9.50
N SER F 328 -12.64 17.71 8.48
CA SER F 328 -12.46 16.27 8.57
C SER F 328 -11.01 15.86 8.75
N ASN F 329 -10.07 16.62 8.18
CA ASN F 329 -8.67 16.24 8.20
C ASN F 329 -7.85 16.99 9.25
N ILE F 330 -8.50 17.72 10.15
CA ILE F 330 -7.75 18.48 11.15
C ILE F 330 -8.23 18.18 12.56
N PHE F 331 -9.53 18.36 12.80
CA PHE F 331 -10.01 18.53 14.17
C PHE F 331 -10.24 17.20 14.88
N GLU F 332 -10.72 16.18 14.16
CA GLU F 332 -10.99 14.91 14.81
C GLU F 332 -9.72 14.26 15.33
N LYS F 333 -8.62 14.35 14.59
CA LYS F 333 -7.38 13.69 14.95
C LYS F 333 -6.53 14.50 15.91
N ASP F 334 -6.88 15.76 16.18
CA ASP F 334 -6.13 16.61 17.09
C ASP F 334 -6.89 16.69 18.41
N ARG F 335 -6.27 16.19 19.47
CA ARG F 335 -6.88 16.30 20.80
C ARG F 335 -6.96 17.75 21.24
N ALA F 336 -5.88 18.51 21.05
CA ALA F 336 -5.84 19.92 21.43
C ALA F 336 -6.85 20.77 20.68
N LEU F 337 -7.62 20.18 19.76
CA LEU F 337 -8.72 20.84 19.09
C LEU F 337 -10.05 20.16 19.34
N ALA F 338 -10.05 18.83 19.48
CA ALA F 338 -11.28 18.13 19.83
C ALA F 338 -11.73 18.48 21.24
N ARG F 339 -10.79 18.86 22.10
CA ARG F 339 -11.09 19.24 23.47
C ARG F 339 -11.26 20.73 23.66
N ARG F 340 -11.20 21.51 22.59
CA ARG F 340 -11.42 22.94 22.65
C ARG F 340 -12.65 23.40 21.88
N PHE F 341 -12.87 22.88 20.69
CA PHE F 341 -13.92 23.35 19.81
C PHE F 341 -15.04 22.31 19.70
N GLN F 342 -16.27 22.77 19.88
CA GLN F 342 -17.46 21.95 19.73
C GLN F 342 -17.99 22.13 18.31
N LYS F 343 -18.12 21.01 17.58
CA LYS F 343 -18.55 21.08 16.20
C LYS F 343 -20.04 21.38 16.10
N ILE F 344 -20.40 22.27 15.19
CA ILE F 344 -21.79 22.62 14.91
C ILE F 344 -22.04 22.47 13.42
N ASP F 345 -22.96 21.57 13.05
CA ASP F 345 -23.25 21.31 11.65
C ASP F 345 -24.19 22.37 11.12
N ILE F 346 -23.94 22.81 9.89
CA ILE F 346 -24.72 23.85 9.24
C ILE F 346 -25.16 23.36 7.87
N THR F 347 -26.41 23.61 7.54
CA THR F 347 -26.95 23.32 6.22
C THR F 347 -27.77 24.52 5.74
N GLU F 348 -27.96 24.59 4.42
CA GLU F 348 -28.65 25.72 3.83
C GLU F 348 -30.12 25.75 4.25
N PRO F 349 -30.69 26.93 4.40
CA PRO F 349 -32.10 27.04 4.79
C PRO F 349 -33.03 26.76 3.61
N SER F 350 -34.32 26.88 3.87
CA SER F 350 -35.33 26.51 2.90
C SER F 350 -35.34 27.48 1.72
N ILE F 351 -36.18 27.16 0.73
CA ILE F 351 -36.30 28.01 -0.44
C ILE F 351 -36.97 29.33 -0.08
N GLU F 352 -38.06 29.28 0.69
CA GLU F 352 -38.76 30.49 1.05
C GLU F 352 -37.97 31.32 2.05
N GLU F 353 -37.19 30.65 2.91
CA GLU F 353 -36.29 31.41 3.79
C GLU F 353 -35.17 32.05 2.99
N THR F 354 -34.72 31.39 1.92
CA THR F 354 -33.76 32.02 1.02
C THR F 354 -34.36 33.25 0.35
N VAL F 355 -35.63 33.14 -0.08
CA VAL F 355 -36.31 34.28 -0.69
C VAL F 355 -36.48 35.40 0.32
N GLN F 356 -36.73 35.05 1.59
CA GLN F 356 -36.90 36.07 2.60
C GLN F 356 -35.58 36.75 2.93
N ILE F 357 -34.48 35.99 2.94
CA ILE F 357 -33.16 36.59 3.10
C ILE F 357 -32.86 37.52 1.94
N ILE F 358 -33.20 37.09 0.72
CA ILE F 358 -33.00 37.92 -0.46
C ILE F 358 -33.80 39.20 -0.34
N ASN F 359 -35.04 39.11 0.16
CA ASN F 359 -35.89 40.29 0.26
C ASN F 359 -35.47 41.20 1.40
N GLY F 360 -34.82 40.64 2.42
CA GLY F 360 -34.33 41.47 3.51
C GLY F 360 -32.98 42.10 3.21
N LEU F 361 -32.26 41.55 2.25
CA LEU F 361 -30.99 42.13 1.84
C LEU F 361 -31.09 42.93 0.55
N LYS F 362 -32.24 42.86 -0.13
CA LYS F 362 -32.46 43.55 -1.40
C LYS F 362 -32.27 45.07 -1.36
N PRO F 363 -32.69 45.81 -0.32
CA PRO F 363 -32.53 47.27 -0.36
C PRO F 363 -31.10 47.73 -0.59
N LYS F 364 -30.10 47.02 -0.06
CA LYS F 364 -28.71 47.39 -0.34
C LYS F 364 -28.39 47.20 -1.81
N TYR F 365 -28.81 46.09 -2.40
CA TYR F 365 -28.59 45.86 -3.82
C TYR F 365 -29.31 46.89 -4.67
N GLU F 366 -30.46 47.37 -4.21
CA GLU F 366 -31.18 48.41 -4.95
C GLU F 366 -30.48 49.75 -4.84
N ALA F 367 -30.01 50.11 -3.65
CA ALA F 367 -29.27 51.35 -3.48
C ALA F 367 -27.98 51.33 -4.30
N HIS F 368 -27.38 50.14 -4.46
CA HIS F 368 -26.17 50.03 -5.27
C HIS F 368 -26.49 50.06 -6.75
N HIS F 369 -27.60 49.45 -7.15
CA HIS F 369 -27.95 49.28 -8.55
C HIS F 369 -28.96 50.29 -9.07
N ASP F 370 -29.71 50.96 -8.17
CA ASP F 370 -30.79 51.85 -8.57
C ASP F 370 -31.82 51.11 -9.43
N VAL F 371 -32.10 49.87 -9.05
CA VAL F 371 -33.12 49.05 -9.68
C VAL F 371 -34.04 48.52 -8.59
N ARG F 372 -35.16 47.92 -9.01
CA ARG F 372 -36.15 47.39 -8.10
C ARG F 372 -36.41 45.92 -8.43
N TYR F 373 -37.00 45.21 -7.48
CA TYR F 373 -37.25 43.79 -7.64
C TYR F 373 -38.68 43.45 -7.19
N THR F 374 -39.39 42.75 -8.06
CA THR F 374 -40.69 42.22 -7.70
C THR F 374 -40.54 40.87 -7.00
N ALA F 375 -41.47 40.59 -6.10
CA ALA F 375 -41.42 39.33 -5.34
C ALA F 375 -41.60 38.12 -6.24
N LYS F 376 -42.44 38.23 -7.27
CA LYS F 376 -42.60 37.13 -8.22
C LYS F 376 -41.29 36.86 -8.95
N ALA F 377 -40.54 37.93 -9.26
CA ALA F 377 -39.27 37.75 -9.95
C ALA F 377 -38.29 36.96 -9.10
N VAL F 378 -38.19 37.28 -7.80
CA VAL F 378 -37.24 36.57 -6.95
C VAL F 378 -37.72 35.14 -6.70
N ARG F 379 -39.05 34.96 -6.59
CA ARG F 379 -39.59 33.60 -6.45
C ARG F 379 -39.21 32.74 -7.64
N ALA F 380 -39.47 33.22 -8.85
CA ALA F 380 -39.11 32.45 -10.04
C ALA F 380 -37.60 32.32 -10.17
N ALA F 381 -36.85 33.33 -9.71
CA ALA F 381 -35.40 33.25 -9.77
C ALA F 381 -34.88 32.09 -8.93
N VAL F 382 -35.41 31.91 -7.72
CA VAL F 382 -34.96 30.79 -6.91
C VAL F 382 -35.49 29.46 -7.45
N GLU F 383 -36.74 29.47 -7.94
CA GLU F 383 -37.31 28.24 -8.50
C GLU F 383 -36.56 27.79 -9.74
N LEU F 384 -35.87 28.71 -10.40
CA LEU F 384 -34.99 28.31 -11.50
C LEU F 384 -33.58 28.00 -11.02
N ALA F 385 -33.09 28.74 -10.03
CA ALA F 385 -31.75 28.53 -9.51
C ALA F 385 -31.59 27.12 -8.97
N VAL F 386 -32.62 26.59 -8.32
CA VAL F 386 -32.57 25.20 -7.89
C VAL F 386 -32.40 24.24 -9.07
N LYS F 387 -32.66 24.69 -10.29
CA LYS F 387 -32.56 23.85 -11.48
C LYS F 387 -31.28 24.05 -12.26
N TYR F 388 -30.59 25.19 -12.11
CA TYR F 388 -29.31 25.38 -12.80
C TYR F 388 -28.16 25.78 -11.90
N ILE F 389 -28.40 26.31 -10.71
CA ILE F 389 -27.33 26.62 -9.76
C ILE F 389 -27.01 25.36 -8.98
N ASN F 390 -25.78 24.87 -9.14
CA ASN F 390 -25.35 23.65 -8.46
C ASN F 390 -23.96 23.83 -7.87
N ASP F 391 -23.25 24.86 -8.33
CA ASP F 391 -21.87 25.06 -7.91
C ASP F 391 -21.78 25.44 -6.44
N ARG F 392 -22.72 26.26 -5.96
CA ARG F 392 -22.74 26.66 -4.56
C ARG F 392 -24.17 26.53 -4.02
N HIS F 393 -24.36 27.08 -2.83
CA HIS F 393 -25.63 26.90 -2.13
C HIS F 393 -26.56 28.09 -2.38
N LEU F 394 -27.85 27.79 -2.46
CA LEU F 394 -28.84 28.82 -2.77
C LEU F 394 -28.86 30.00 -1.80
N PRO F 395 -28.66 29.85 -0.48
CA PRO F 395 -28.66 31.03 0.39
C PRO F 395 -27.73 32.14 -0.07
N ASP F 396 -26.67 31.81 -0.79
CA ASP F 396 -25.81 32.83 -1.40
C ASP F 396 -25.81 32.72 -2.91
N LYS F 397 -25.76 31.51 -3.47
CA LYS F 397 -25.72 31.35 -4.92
C LYS F 397 -27.15 31.42 -5.48
N ALA F 398 -27.89 32.40 -4.98
CA ALA F 398 -29.10 32.88 -5.62
C ALA F 398 -29.08 34.40 -5.58
N ILE F 399 -28.19 34.96 -4.75
CA ILE F 399 -28.01 36.41 -4.69
C ILE F 399 -27.10 36.91 -5.80
N ASP F 400 -26.25 36.03 -6.36
CA ASP F 400 -25.53 36.38 -7.58
C ASP F 400 -26.50 36.70 -8.71
N VAL F 401 -27.53 35.88 -8.87
CA VAL F 401 -28.56 36.13 -9.86
C VAL F 401 -29.19 37.49 -9.63
N ILE F 402 -29.58 37.79 -8.39
CA ILE F 402 -30.22 39.05 -8.07
C ILE F 402 -29.31 40.23 -8.42
N ASP F 403 -28.07 40.18 -7.92
CA ASP F 403 -27.15 41.30 -8.12
C ASP F 403 -26.84 41.50 -9.60
N GLU F 404 -26.58 40.42 -10.34
CA GLU F 404 -26.22 40.57 -11.75
C GLU F 404 -27.40 40.98 -12.60
N ALA F 405 -28.60 40.49 -12.28
CA ALA F 405 -29.78 40.93 -13.01
C ALA F 405 -30.07 42.40 -12.76
N GLY F 406 -29.96 42.84 -11.50
CA GLY F 406 -30.13 44.25 -11.22
C GLY F 406 -29.10 45.11 -11.92
N ALA F 407 -27.86 44.64 -11.96
CA ALA F 407 -26.83 45.36 -12.70
C ALA F 407 -27.17 45.46 -14.18
N ARG F 408 -27.53 44.33 -14.79
CA ARG F 408 -27.77 44.31 -16.23
C ARG F 408 -29.00 45.13 -16.60
N ALA F 409 -29.95 45.24 -15.67
CA ALA F 409 -31.18 45.97 -15.95
C ALA F 409 -30.91 47.41 -16.37
N ARG F 410 -29.90 48.04 -15.79
CA ARG F 410 -29.51 49.40 -16.15
C ARG F 410 -28.31 49.43 -17.09
N LEU F 411 -27.84 48.29 -17.56
CA LEU F 411 -26.61 48.21 -18.34
C LEU F 411 -26.86 47.85 -19.81
N MET F 412 -27.56 46.75 -20.08
CA MET F 412 -27.81 46.38 -21.47
C MET F 412 -28.78 47.33 -22.17
N PRO F 413 -29.95 47.65 -21.61
CA PRO F 413 -30.83 48.61 -22.31
C PRO F 413 -30.41 50.05 -22.04
N VAL F 414 -30.48 50.86 -23.09
CA VAL F 414 -30.21 52.29 -22.99
C VAL F 414 -31.51 53.10 -23.04
N SER F 415 -32.47 52.65 -23.84
CA SER F 415 -33.77 53.32 -23.91
C SER F 415 -34.76 52.79 -22.88
N LYS F 416 -34.52 51.60 -22.33
CA LYS F 416 -35.37 51.03 -21.31
C LYS F 416 -34.71 51.16 -19.95
N ARG F 417 -35.52 51.52 -18.95
CA ARG F 417 -35.06 51.73 -17.58
C ARG F 417 -35.94 50.93 -16.63
N LYS F 418 -36.13 49.65 -16.96
CA LYS F 418 -37.03 48.78 -16.19
C LYS F 418 -36.38 48.49 -14.84
N LYS F 419 -36.54 49.44 -13.92
CA LYS F 419 -35.99 49.28 -12.58
C LYS F 419 -36.51 47.99 -11.94
N THR F 420 -37.83 47.80 -11.95
CA THR F 420 -38.43 46.57 -11.43
C THR F 420 -37.98 45.39 -12.28
N VAL F 421 -37.18 44.50 -11.69
CA VAL F 421 -36.72 43.31 -12.38
C VAL F 421 -37.88 42.32 -12.46
N ASN F 422 -38.14 41.82 -13.67
CA ASN F 422 -39.20 40.86 -13.89
C ASN F 422 -38.61 39.47 -14.09
N VAL F 423 -39.48 38.51 -14.46
CA VAL F 423 -39.03 37.15 -14.70
C VAL F 423 -38.13 37.08 -15.92
N ALA F 424 -38.36 37.96 -16.89
CA ALA F 424 -37.59 37.91 -18.13
C ALA F 424 -36.12 38.27 -17.91
N ASP F 425 -35.84 39.21 -17.01
CA ASP F 425 -34.44 39.53 -16.70
C ASP F 425 -33.73 38.33 -16.08
N ILE F 426 -34.39 37.64 -15.15
CA ILE F 426 -33.82 36.43 -14.59
C ILE F 426 -33.61 35.40 -15.67
N GLU F 427 -34.57 35.26 -16.60
CA GLU F 427 -34.41 34.32 -17.70
C GLU F 427 -33.15 34.63 -18.50
N SER F 428 -32.95 35.90 -18.85
CA SER F 428 -31.76 36.29 -19.61
C SER F 428 -30.49 36.00 -18.84
N VAL F 429 -30.46 36.33 -17.55
CA VAL F 429 -29.24 36.12 -16.77
C VAL F 429 -28.96 34.63 -16.59
N VAL F 430 -30.01 33.81 -16.53
CA VAL F 430 -29.82 32.36 -16.44
C VAL F 430 -29.26 31.84 -17.76
N ALA F 431 -29.77 32.36 -18.88
CA ALA F 431 -29.18 32.04 -20.17
C ALA F 431 -27.68 32.33 -20.18
N ARG F 432 -27.30 33.55 -19.76
CA ARG F 432 -25.91 33.95 -19.84
C ARG F 432 -25.04 33.19 -18.85
N ILE F 433 -25.60 32.74 -17.73
CA ILE F 433 -24.81 32.01 -16.75
C ILE F 433 -24.69 30.54 -17.13
N ALA F 434 -25.81 29.83 -17.21
CA ALA F 434 -25.79 28.40 -17.45
C ALA F 434 -25.64 28.02 -18.91
N ARG F 435 -25.49 29.01 -19.80
CA ARG F 435 -25.29 28.76 -21.23
C ARG F 435 -26.39 27.86 -21.79
N ILE F 436 -27.61 28.37 -21.72
CA ILE F 436 -28.80 27.61 -22.12
C ILE F 436 -29.55 28.38 -23.21
N PRO F 437 -30.43 27.74 -23.97
CA PRO F 437 -31.24 28.48 -24.95
C PRO F 437 -32.44 29.18 -24.34
N GLU F 438 -32.70 29.00 -23.04
CA GLU F 438 -33.77 29.68 -22.33
C GLU F 438 -35.16 29.21 -22.77
N LYS F 439 -35.20 28.31 -23.75
CA LYS F 439 -36.50 27.87 -24.28
C LYS F 439 -36.81 26.44 -23.88
N SER F 440 -35.81 25.68 -23.43
CA SER F 440 -35.99 24.27 -23.13
C SER F 440 -36.09 23.99 -21.64
N VAL F 441 -35.79 24.96 -20.78
CA VAL F 441 -35.83 24.77 -19.33
C VAL F 441 -36.81 25.73 -18.67
N SER F 442 -36.84 26.98 -19.12
CA SER F 442 -37.66 28.02 -18.49
C SER F 442 -38.97 28.27 -19.23
N GLN F 443 -39.23 27.54 -20.32
CA GLN F 443 -40.47 27.71 -21.06
C GLN F 443 -41.69 27.45 -20.18
N SER F 444 -41.72 26.30 -19.52
CA SER F 444 -42.84 25.92 -18.67
C SER F 444 -42.40 24.80 -17.76
N ASP F 445 -43.31 24.42 -16.85
CA ASP F 445 -43.15 23.22 -16.06
C ASP F 445 -43.96 22.05 -16.59
N ARG F 446 -45.06 22.33 -17.29
CA ARG F 446 -45.93 21.31 -17.85
C ARG F 446 -45.80 21.17 -19.35
N ASP F 447 -45.97 22.27 -20.10
CA ASP F 447 -45.92 22.21 -21.55
C ASP F 447 -44.54 21.87 -22.09
N THR F 448 -43.49 22.08 -21.29
CA THR F 448 -42.19 21.53 -21.65
C THR F 448 -42.21 20.02 -21.63
N LEU F 449 -43.18 19.43 -20.94
CA LEU F 449 -43.29 17.99 -20.77
C LEU F 449 -44.47 17.40 -21.52
N LYS F 450 -45.52 18.19 -21.76
CA LYS F 450 -46.73 17.66 -22.38
C LYS F 450 -46.46 17.13 -23.79
N ASN F 451 -45.44 17.67 -24.46
CA ASN F 451 -45.08 17.24 -25.81
C ASN F 451 -43.93 16.24 -25.81
N LEU F 452 -43.70 15.53 -24.72
CA LEU F 452 -42.54 14.65 -24.63
C LEU F 452 -42.68 13.43 -25.54
N GLY F 453 -43.88 12.84 -25.58
CA GLY F 453 -44.07 11.64 -26.38
C GLY F 453 -43.75 11.87 -27.84
N ASP F 454 -44.28 12.93 -28.42
CA ASP F 454 -43.95 13.27 -29.80
C ASP F 454 -42.48 13.65 -29.94
N ARG F 455 -41.93 14.39 -28.97
CA ARG F 455 -40.53 14.78 -29.03
C ARG F 455 -39.59 13.57 -29.02
N LEU F 456 -40.05 12.44 -28.51
CA LEU F 456 -39.24 11.23 -28.50
C LEU F 456 -39.51 10.34 -29.72
N LYS F 457 -40.78 10.13 -30.07
CA LYS F 457 -41.08 9.30 -31.23
C LYS F 457 -40.66 9.99 -32.53
N MET F 458 -40.51 11.32 -32.51
CA MET F 458 -39.99 12.01 -33.68
C MET F 458 -38.50 11.77 -33.86
N LEU F 459 -37.80 11.34 -32.82
CA LEU F 459 -36.38 11.08 -32.90
C LEU F 459 -36.05 9.59 -32.95
N VAL F 460 -36.64 8.80 -32.07
CA VAL F 460 -36.44 7.35 -32.06
C VAL F 460 -37.46 6.72 -33.01
N PHE F 461 -37.11 5.57 -33.57
CA PHE F 461 -37.98 4.84 -34.48
C PHE F 461 -38.37 3.53 -33.82
N GLY F 462 -39.66 3.36 -33.58
CA GLY F 462 -40.15 2.20 -32.86
C GLY F 462 -40.29 2.46 -31.39
N GLN F 463 -40.59 1.39 -30.65
CA GLN F 463 -40.85 1.46 -29.21
C GLN F 463 -41.93 2.47 -28.88
N ASP F 464 -42.91 2.62 -29.77
CA ASP F 464 -43.94 3.63 -29.58
C ASP F 464 -44.72 3.37 -28.31
N LYS F 465 -45.05 2.11 -28.03
CA LYS F 465 -45.72 1.80 -26.77
C LYS F 465 -44.78 1.97 -25.58
N ALA F 466 -43.49 1.68 -25.77
CA ALA F 466 -42.52 1.95 -24.73
C ALA F 466 -42.40 3.44 -24.49
N ILE F 467 -42.39 4.24 -25.57
CA ILE F 467 -42.40 5.68 -25.43
C ILE F 467 -43.62 6.14 -24.65
N GLU F 468 -44.79 5.58 -24.98
CA GLU F 468 -46.01 5.97 -24.30
C GLU F 468 -45.96 5.64 -22.82
N ALA F 469 -45.51 4.43 -22.49
CA ALA F 469 -45.39 4.04 -21.09
C ALA F 469 -44.43 4.96 -20.35
N LEU F 470 -43.32 5.32 -20.97
CA LEU F 470 -42.31 6.12 -20.28
C LEU F 470 -42.78 7.56 -20.10
N THR F 471 -43.43 8.13 -21.11
CA THR F 471 -44.00 9.47 -20.94
C THR F 471 -45.09 9.46 -19.87
N GLU F 472 -45.93 8.44 -19.88
CA GLU F 472 -46.95 8.35 -18.84
C GLU F 472 -46.32 8.23 -17.46
N ALA F 473 -45.20 7.54 -17.36
CA ALA F 473 -44.54 7.39 -16.07
C ALA F 473 -43.94 8.70 -15.59
N ILE F 474 -43.19 9.38 -16.46
CA ILE F 474 -42.58 10.65 -16.05
C ILE F 474 -43.66 11.67 -15.75
N LYS F 475 -44.80 11.61 -16.44
CA LYS F 475 -45.89 12.53 -16.16
C LYS F 475 -46.57 12.19 -14.84
N MET F 476 -46.80 10.90 -14.59
CA MET F 476 -47.30 10.44 -13.30
C MET F 476 -46.42 10.93 -12.16
N ALA F 477 -45.11 10.97 -12.39
CA ALA F 477 -44.20 11.40 -11.34
C ALA F 477 -44.20 12.91 -11.17
N ARG F 478 -44.23 13.65 -12.28
CA ARG F 478 -44.07 15.10 -12.21
C ARG F 478 -45.22 15.77 -11.49
N ALA F 479 -46.40 15.13 -11.47
CA ALA F 479 -47.54 15.70 -10.78
C ALA F 479 -47.31 15.84 -9.28
N GLY F 480 -46.37 15.10 -8.72
CA GLY F 480 -46.10 15.15 -7.30
C GLY F 480 -46.77 14.08 -6.48
N LEU F 481 -47.35 13.07 -7.12
CA LEU F 481 -48.01 11.97 -6.41
C LEU F 481 -46.97 10.93 -6.02
N GLY F 482 -46.03 11.36 -5.17
CA GLY F 482 -44.95 10.50 -4.75
C GLY F 482 -44.33 10.91 -3.43
N HIS F 483 -43.00 10.80 -3.33
CA HIS F 483 -42.30 11.09 -2.09
C HIS F 483 -41.08 11.97 -2.37
N GLU F 484 -40.83 12.89 -1.45
CA GLU F 484 -39.60 13.68 -1.52
C GLU F 484 -38.39 12.83 -1.18
N HIS F 485 -38.60 11.75 -0.42
CA HIS F 485 -37.55 10.77 -0.15
C HIS F 485 -37.53 9.66 -1.18
N LYS F 486 -38.14 9.87 -2.33
CA LYS F 486 -38.04 8.89 -3.41
C LYS F 486 -37.63 9.59 -4.71
N PRO F 487 -36.74 8.99 -5.49
CA PRO F 487 -36.41 9.55 -6.80
C PRO F 487 -37.64 9.73 -7.67
N VAL F 488 -37.46 10.50 -8.75
CA VAL F 488 -38.56 10.75 -9.68
C VAL F 488 -39.17 9.44 -10.16
N GLY F 489 -38.34 8.51 -10.61
CA GLY F 489 -38.82 7.23 -11.08
C GLY F 489 -37.68 6.27 -11.24
N SER F 490 -38.01 4.98 -11.12
CA SER F 490 -37.07 3.90 -11.33
C SER F 490 -37.70 2.92 -12.30
N PHE F 491 -37.10 2.76 -13.46
CA PHE F 491 -37.69 1.99 -14.55
C PHE F 491 -36.69 0.96 -15.06
N LEU F 492 -37.20 -0.22 -15.39
CA LEU F 492 -36.41 -1.30 -15.96
C LEU F 492 -36.70 -1.38 -17.45
N PHE F 493 -35.65 -1.44 -18.25
CA PHE F 493 -35.77 -1.60 -19.70
C PHE F 493 -35.50 -3.06 -20.04
N ALA F 494 -36.55 -3.80 -20.35
CA ALA F 494 -36.45 -5.20 -20.69
C ALA F 494 -36.60 -5.38 -22.20
N GLY F 495 -35.93 -6.41 -22.72
CA GLY F 495 -35.96 -6.68 -24.13
C GLY F 495 -34.56 -6.78 -24.70
N PRO F 496 -34.46 -7.05 -26.00
CA PRO F 496 -33.14 -7.15 -26.64
C PRO F 496 -32.38 -5.83 -26.56
N THR F 497 -31.06 -5.94 -26.66
CA THR F 497 -30.19 -4.77 -26.57
C THR F 497 -29.83 -4.26 -27.96
N GLY F 498 -29.26 -3.06 -28.01
CA GLY F 498 -28.95 -2.44 -29.28
C GLY F 498 -30.15 -2.01 -30.07
N VAL F 499 -31.29 -1.77 -29.40
CA VAL F 499 -32.53 -1.39 -30.06
C VAL F 499 -32.97 0.01 -29.69
N GLY F 500 -32.12 0.78 -29.02
CA GLY F 500 -32.42 2.16 -28.74
C GLY F 500 -32.63 2.52 -27.28
N LYS F 501 -32.41 1.59 -26.35
CA LYS F 501 -32.52 1.92 -24.93
C LYS F 501 -31.58 3.07 -24.57
N THR F 502 -30.29 2.91 -24.87
CA THR F 502 -29.38 4.03 -24.71
C THR F 502 -29.82 5.22 -25.55
N GLU F 503 -30.35 4.95 -26.75
CA GLU F 503 -30.79 6.03 -27.62
C GLU F 503 -31.98 6.78 -27.02
N VAL F 504 -32.98 6.05 -26.52
CA VAL F 504 -34.12 6.73 -25.94
C VAL F 504 -33.71 7.48 -24.68
N THR F 505 -32.74 6.93 -23.94
CA THR F 505 -32.32 7.62 -22.73
C THR F 505 -31.55 8.91 -23.05
N VAL F 506 -30.72 8.88 -24.09
CA VAL F 506 -30.00 10.11 -24.46
C VAL F 506 -30.97 11.14 -25.03
N GLN F 507 -31.95 10.69 -25.81
CA GLN F 507 -32.99 11.61 -26.28
C GLN F 507 -33.76 12.20 -25.11
N LEU F 508 -34.02 11.41 -24.08
CA LEU F 508 -34.80 11.90 -22.94
C LEU F 508 -33.98 12.88 -22.13
N SER F 509 -32.69 12.62 -21.95
CA SER F 509 -31.82 13.58 -21.27
C SER F 509 -31.72 14.87 -22.05
N LYS F 510 -31.70 14.80 -23.39
CA LYS F 510 -31.66 16.00 -24.20
C LYS F 510 -32.96 16.79 -24.09
N ALA F 511 -34.10 16.09 -24.17
CA ALA F 511 -35.39 16.77 -24.15
C ALA F 511 -35.66 17.39 -22.78
N LEU F 512 -35.37 16.65 -21.71
CA LEU F 512 -35.55 17.17 -20.37
C LEU F 512 -34.45 18.17 -20.00
N GLY F 513 -33.38 18.24 -20.78
CA GLY F 513 -32.33 19.19 -20.52
C GLY F 513 -31.60 18.98 -19.22
N ILE F 514 -31.42 17.73 -18.79
CA ILE F 514 -30.79 17.43 -17.51
C ILE F 514 -29.61 16.50 -17.76
N GLU F 515 -28.70 16.48 -16.80
CA GLU F 515 -27.44 15.74 -16.96
C GLU F 515 -27.69 14.25 -16.99
N LEU F 516 -27.01 13.55 -17.88
CA LEU F 516 -27.15 12.12 -18.05
C LEU F 516 -25.95 11.41 -17.43
N LEU F 517 -26.19 10.73 -16.31
CA LEU F 517 -25.14 9.98 -15.63
C LEU F 517 -25.29 8.50 -15.95
N ARG F 518 -24.18 7.88 -16.39
CA ARG F 518 -24.19 6.52 -16.88
C ARG F 518 -23.21 5.67 -16.08
N PHE F 519 -23.58 4.41 -15.85
CA PHE F 519 -22.72 3.42 -15.22
C PHE F 519 -23.04 2.04 -15.79
N ASP F 520 -21.99 1.30 -16.13
CA ASP F 520 -22.13 -0.10 -16.51
C ASP F 520 -21.88 -0.95 -15.28
N MET F 521 -22.79 -1.88 -15.01
CA MET F 521 -22.65 -2.74 -13.83
C MET F 521 -21.53 -3.74 -13.99
N SER F 522 -21.12 -4.05 -15.23
CA SER F 522 -20.00 -4.95 -15.44
C SER F 522 -18.71 -4.39 -14.87
N GLU F 523 -18.58 -3.07 -14.79
CA GLU F 523 -17.42 -2.46 -14.14
C GLU F 523 -17.50 -2.52 -12.63
N TYR F 524 -18.60 -3.00 -12.07
CA TYR F 524 -18.83 -3.00 -10.62
C TYR F 524 -19.40 -4.35 -10.19
N MET F 525 -18.75 -5.42 -10.63
CA MET F 525 -19.17 -6.77 -10.31
C MET F 525 -18.50 -7.33 -9.06
N GLU F 526 -17.81 -6.50 -8.28
CA GLU F 526 -17.13 -6.99 -7.09
C GLU F 526 -17.06 -5.90 -6.05
N ARG F 527 -16.89 -6.32 -4.79
CA ARG F 527 -16.99 -5.40 -3.66
C ARG F 527 -15.95 -4.30 -3.71
N HIS F 528 -14.73 -4.60 -4.13
CA HIS F 528 -13.72 -3.57 -4.24
C HIS F 528 -14.08 -2.50 -5.26
N THR F 529 -14.91 -2.82 -6.25
CA THR F 529 -15.39 -1.85 -7.21
C THR F 529 -16.63 -1.11 -6.74
N VAL F 530 -17.59 -1.82 -6.14
CA VAL F 530 -18.78 -1.14 -5.66
C VAL F 530 -18.42 -0.18 -4.53
N SER F 531 -17.34 -0.48 -3.79
CA SER F 531 -16.91 0.42 -2.74
C SER F 531 -16.55 1.79 -3.30
N ARG F 532 -15.86 1.84 -4.43
CA ARG F 532 -15.63 3.11 -5.09
C ARG F 532 -16.91 3.66 -5.72
N LEU F 533 -17.77 2.77 -6.21
CA LEU F 533 -19.01 3.21 -6.85
C LEU F 533 -19.91 3.95 -5.86
N ILE F 534 -19.83 3.60 -4.57
CA ILE F 534 -20.81 4.08 -3.61
C ILE F 534 -20.27 5.28 -2.83
N GLY F 535 -19.00 5.21 -2.42
CA GLY F 535 -18.43 6.24 -1.58
C GLY F 535 -18.45 5.94 -0.10
N ALA F 536 -18.40 4.68 0.29
CA ALA F 536 -18.31 4.33 1.70
C ALA F 536 -16.96 4.79 2.25
N PRO F 537 -16.89 5.08 3.54
CA PRO F 537 -15.63 5.53 4.15
C PRO F 537 -14.51 4.51 3.95
N PRO F 538 -14.72 3.21 4.22
CA PRO F 538 -13.63 2.26 3.99
C PRO F 538 -13.68 1.68 2.59
N GLY F 539 -12.53 1.13 2.17
CA GLY F 539 -12.46 0.37 0.94
C GLY F 539 -11.44 0.87 -0.08
N TYR F 540 -11.11 2.16 -0.08
CA TYR F 540 -10.22 2.69 -1.11
C TYR F 540 -9.51 3.92 -0.60
N VAL F 541 -8.54 4.39 -1.38
CA VAL F 541 -7.79 5.59 -1.06
C VAL F 541 -8.57 6.80 -1.57
N GLY F 542 -8.68 7.83 -0.73
CA GLY F 542 -9.37 9.04 -1.12
C GLY F 542 -10.84 9.06 -0.76
N PHE F 543 -11.19 8.49 0.39
CA PHE F 543 -12.58 8.52 0.84
C PHE F 543 -13.04 9.94 1.15
N ASP F 544 -12.09 10.85 1.41
CA ASP F 544 -12.43 12.25 1.66
C ASP F 544 -13.02 12.95 0.45
N GLN F 545 -12.99 12.32 -0.72
CA GLN F 545 -13.70 12.83 -1.88
C GLN F 545 -15.11 12.27 -1.99
N GLY F 546 -15.44 11.25 -1.21
CA GLY F 546 -16.70 10.58 -1.35
C GLY F 546 -16.74 9.73 -2.61
N GLY F 547 -17.95 9.27 -2.93
CA GLY F 547 -18.13 8.50 -4.14
C GLY F 547 -18.38 9.37 -5.36
N LEU F 548 -17.95 8.87 -6.50
CA LEU F 548 -18.21 9.57 -7.76
C LEU F 548 -19.70 9.74 -8.01
N LEU F 549 -20.50 8.74 -7.64
CA LEU F 549 -21.94 8.81 -7.88
C LEU F 549 -22.58 9.93 -7.06
N THR F 550 -22.33 9.96 -5.75
CA THR F 550 -23.00 10.93 -4.90
C THR F 550 -22.55 12.35 -5.21
N ASP F 551 -21.26 12.53 -5.51
CA ASP F 551 -20.80 13.88 -5.86
C ASP F 551 -21.33 14.31 -7.21
N ALA F 552 -21.36 13.39 -8.19
CA ALA F 552 -21.94 13.73 -9.49
C ALA F 552 -23.41 14.10 -9.37
N VAL F 553 -24.15 13.40 -8.51
CA VAL F 553 -25.56 13.72 -8.36
C VAL F 553 -25.75 15.02 -7.58
N ILE F 554 -24.83 15.32 -6.65
CA ILE F 554 -24.88 16.62 -5.98
C ILE F 554 -24.65 17.74 -6.98
N LYS F 555 -23.74 17.51 -7.94
CA LYS F 555 -23.47 18.55 -8.94
C LYS F 555 -24.60 18.66 -9.95
N HIS F 556 -25.49 17.67 -10.01
CA HIS F 556 -26.62 17.67 -10.93
C HIS F 556 -27.85 17.13 -10.20
N PRO F 557 -28.50 17.98 -9.40
CA PRO F 557 -29.65 17.50 -8.61
C PRO F 557 -30.83 17.06 -9.45
N HIS F 558 -30.95 17.52 -10.70
CA HIS F 558 -32.05 17.13 -11.58
C HIS F 558 -31.63 16.08 -12.59
N ALA F 559 -30.46 15.47 -12.42
CA ALA F 559 -29.91 14.60 -13.44
C ALA F 559 -30.76 13.35 -13.65
N VAL F 560 -30.55 12.72 -14.79
CA VAL F 560 -31.12 11.41 -15.10
C VAL F 560 -30.02 10.38 -14.96
N LEU F 561 -30.32 9.27 -14.30
CA LEU F 561 -29.33 8.24 -14.01
C LEU F 561 -29.66 6.97 -14.79
N LEU F 562 -28.66 6.45 -15.50
CA LEU F 562 -28.80 5.24 -16.28
C LEU F 562 -27.83 4.19 -15.73
N LEU F 563 -28.33 2.97 -15.54
CA LEU F 563 -27.52 1.85 -15.06
C LEU F 563 -27.52 0.77 -16.14
N ASP F 564 -26.36 0.54 -16.73
CA ASP F 564 -26.26 -0.35 -17.87
C ASP F 564 -26.03 -1.80 -17.43
N GLU F 565 -26.80 -2.71 -18.02
CA GLU F 565 -26.69 -4.15 -17.77
C GLU F 565 -26.77 -4.45 -16.29
N ILE F 566 -27.95 -4.19 -15.72
CA ILE F 566 -28.14 -4.28 -14.29
C ILE F 566 -28.05 -5.72 -13.79
N GLU F 567 -28.31 -6.69 -14.67
CA GLU F 567 -28.34 -8.09 -14.23
C GLU F 567 -26.97 -8.61 -13.83
N LYS F 568 -25.92 -7.83 -13.99
CA LYS F 568 -24.59 -8.22 -13.53
C LYS F 568 -24.12 -7.44 -12.31
N ALA F 569 -24.95 -6.53 -11.79
CA ALA F 569 -24.55 -5.72 -10.64
C ALA F 569 -24.33 -6.59 -9.42
N HIS F 570 -23.39 -6.17 -8.57
CA HIS F 570 -23.15 -6.88 -7.33
C HIS F 570 -24.32 -6.66 -6.38
N PRO F 571 -24.66 -7.63 -5.54
CA PRO F 571 -25.76 -7.42 -4.57
C PRO F 571 -25.58 -6.20 -3.70
N ASP F 572 -24.36 -5.69 -3.52
CA ASP F 572 -24.22 -4.41 -2.83
C ASP F 572 -24.73 -3.25 -3.66
N VAL F 573 -24.62 -3.32 -4.99
CA VAL F 573 -25.31 -2.35 -5.82
C VAL F 573 -26.80 -2.41 -5.58
N PHE F 574 -27.35 -3.63 -5.53
CA PHE F 574 -28.77 -3.79 -5.23
C PHE F 574 -29.12 -3.18 -3.90
N ASN F 575 -28.25 -3.36 -2.90
CA ASN F 575 -28.52 -2.83 -1.57
C ASN F 575 -28.53 -1.31 -1.57
N ILE F 576 -27.51 -0.69 -2.16
CA ILE F 576 -27.50 0.77 -2.14
C ILE F 576 -28.59 1.34 -3.03
N LEU F 577 -28.99 0.65 -4.10
CA LEU F 577 -30.04 1.20 -4.94
C LEU F 577 -31.40 1.08 -4.27
N LEU F 578 -31.63 0.00 -3.52
CA LEU F 578 -32.86 -0.06 -2.73
C LEU F 578 -32.83 0.98 -1.61
N GLN F 579 -31.67 1.17 -0.99
CA GLN F 579 -31.51 2.25 -0.04
C GLN F 579 -31.90 3.59 -0.64
N VAL F 580 -31.43 3.88 -1.84
CA VAL F 580 -31.65 5.20 -2.43
C VAL F 580 -33.07 5.32 -2.97
N MET F 581 -33.67 4.19 -3.35
CA MET F 581 -35.08 4.21 -3.72
C MET F 581 -35.94 4.57 -2.52
N ASP F 582 -35.61 4.01 -1.36
CA ASP F 582 -36.47 4.21 -0.20
C ASP F 582 -36.18 5.52 0.54
N ASN F 583 -34.92 5.98 0.53
CA ASN F 583 -34.56 7.18 1.27
C ASN F 583 -34.39 8.41 0.39
N GLY F 584 -34.15 8.24 -0.90
CA GLY F 584 -33.96 9.35 -1.81
C GLY F 584 -32.78 10.25 -1.51
N THR F 585 -31.90 9.85 -0.58
CA THR F 585 -30.74 10.65 -0.21
C THR F 585 -29.72 9.75 0.46
N LEU F 586 -28.51 9.73 -0.09
CA LEU F 586 -27.42 8.97 0.48
C LEU F 586 -26.42 9.91 1.11
N THR F 587 -26.25 9.80 2.42
CA THR F 587 -25.35 10.67 3.17
C THR F 587 -23.90 10.40 2.76
N ASP F 588 -23.20 11.45 2.37
CA ASP F 588 -21.78 11.32 2.11
C ASP F 588 -21.03 11.09 3.41
N ASN F 589 -19.87 10.43 3.30
CA ASN F 589 -19.04 10.16 4.46
C ASN F 589 -18.42 11.41 5.07
N ASN F 590 -18.67 12.58 4.49
CA ASN F 590 -18.15 13.84 5.01
C ASN F 590 -19.26 14.79 5.44
N GLY F 591 -20.48 14.29 5.62
CA GLY F 591 -21.59 15.11 6.02
C GLY F 591 -22.43 15.68 4.90
N ARG F 592 -21.92 15.70 3.67
CA ARG F 592 -22.67 16.23 2.55
C ARG F 592 -23.81 15.29 2.17
N LYS F 593 -24.81 15.86 1.50
CA LYS F 593 -26.04 15.14 1.22
C LYS F 593 -26.36 15.19 -0.28
N ALA F 594 -26.74 14.04 -0.82
CA ALA F 594 -27.01 13.89 -2.25
C ALA F 594 -28.51 13.75 -2.47
N ASP F 595 -29.12 14.77 -3.07
CA ASP F 595 -30.56 14.77 -3.32
C ASP F 595 -30.85 13.89 -4.53
N PHE F 596 -31.77 12.94 -4.36
CA PHE F 596 -32.22 12.08 -5.44
C PHE F 596 -33.66 12.34 -5.84
N ARG F 597 -34.37 13.20 -5.10
CA ARG F 597 -35.79 13.44 -5.38
C ARG F 597 -36.02 14.00 -6.77
N ASN F 598 -35.08 14.77 -7.32
CA ASN F 598 -35.17 15.27 -8.68
C ASN F 598 -34.35 14.43 -9.65
N VAL F 599 -33.79 13.33 -9.17
CA VAL F 599 -33.04 12.40 -10.01
C VAL F 599 -33.94 11.23 -10.36
N VAL F 600 -33.95 10.84 -11.62
CA VAL F 600 -34.73 9.71 -12.09
C VAL F 600 -33.76 8.56 -12.38
N LEU F 601 -34.22 7.33 -12.12
CA LEU F 601 -33.38 6.15 -12.23
C LEU F 601 -33.89 5.28 -13.37
N VAL F 602 -32.97 4.75 -14.16
CA VAL F 602 -33.29 3.84 -15.25
C VAL F 602 -32.25 2.72 -15.26
N MET F 603 -32.72 1.48 -15.29
CA MET F 603 -31.87 0.31 -15.42
C MET F 603 -32.12 -0.35 -16.77
N THR F 604 -31.11 -1.06 -17.28
CA THR F 604 -31.21 -1.78 -18.53
C THR F 604 -30.74 -3.21 -18.33
N THR F 605 -31.25 -4.11 -19.17
CA THR F 605 -30.89 -5.52 -19.05
C THR F 605 -31.09 -6.22 -20.38
N ASN F 606 -30.56 -7.44 -20.45
CA ASN F 606 -30.78 -8.36 -21.56
C ASN F 606 -31.41 -9.66 -21.05
N ALA F 607 -32.09 -9.61 -19.91
CA ALA F 607 -32.55 -10.81 -19.25
C ALA F 607 -33.70 -11.45 -20.03
N GLY F 608 -33.71 -12.77 -20.06
CA GLY F 608 -34.78 -13.53 -20.67
C GLY F 608 -34.82 -13.52 -22.18
N VAL F 609 -33.99 -12.70 -22.83
CA VAL F 609 -33.96 -12.70 -24.29
C VAL F 609 -33.43 -14.03 -24.79
N ARG F 610 -32.56 -14.68 -24.02
CA ARG F 610 -32.06 -16.00 -24.40
C ARG F 610 -33.20 -17.01 -24.44
N GLU F 611 -34.14 -16.92 -23.50
CA GLU F 611 -35.28 -17.83 -23.50
C GLU F 611 -36.18 -17.59 -24.69
N THR F 612 -36.49 -16.32 -24.99
CA THR F 612 -37.38 -16.00 -26.10
C THR F 612 -36.77 -16.41 -27.44
N GLU F 613 -35.48 -16.18 -27.63
CA GLU F 613 -34.79 -16.61 -28.85
C GLU F 613 -34.44 -18.10 -28.83
N ARG F 614 -34.68 -18.77 -27.71
CA ARG F 614 -34.39 -20.20 -27.63
C ARG F 614 -35.44 -20.99 -28.41
N LYS F 615 -34.96 -21.90 -29.27
CA LYS F 615 -35.85 -22.79 -29.99
C LYS F 615 -36.17 -24.00 -29.12
N SER F 616 -37.45 -24.33 -29.03
CA SER F 616 -37.85 -25.47 -28.24
C SER F 616 -37.45 -26.77 -28.93
N ILE F 617 -37.63 -27.88 -28.23
CA ILE F 617 -37.17 -29.18 -28.69
C ILE F 617 -38.32 -29.89 -29.40
N GLY F 618 -38.01 -30.59 -30.50
CA GLY F 618 -39.02 -31.31 -31.24
C GLY F 618 -39.30 -30.86 -32.66
N LEU F 619 -40.13 -31.62 -33.38
CA LEU F 619 -40.50 -31.31 -34.76
C LEU F 619 -40.88 -29.83 -34.85
N ILE F 620 -42.15 -29.52 -34.58
CA ILE F 620 -42.59 -28.13 -34.59
C ILE F 620 -41.80 -27.53 -33.45
N HIS F 621 -41.69 -26.21 -33.33
CA HIS F 621 -40.87 -25.76 -32.24
C HIS F 621 -41.12 -24.30 -31.93
N GLN F 622 -40.33 -23.79 -30.99
CA GLN F 622 -40.46 -22.48 -30.35
C GLN F 622 -41.65 -22.50 -29.42
N ASP F 623 -42.54 -23.50 -29.59
CA ASP F 623 -43.48 -23.96 -28.57
C ASP F 623 -44.44 -22.88 -28.14
N ASN F 624 -44.13 -21.63 -28.48
CA ASN F 624 -44.96 -20.50 -28.13
C ASN F 624 -44.09 -19.26 -28.11
N SER F 625 -44.71 -18.10 -27.90
CA SER F 625 -43.92 -16.87 -27.88
C SER F 625 -43.50 -16.70 -26.42
N THR F 626 -42.28 -17.13 -26.11
CA THR F 626 -41.84 -17.24 -24.72
C THR F 626 -41.95 -15.90 -24.00
N ASP F 627 -42.28 -15.96 -22.71
CA ASP F 627 -42.36 -14.78 -21.87
C ASP F 627 -41.08 -14.68 -21.04
N ALA F 628 -40.26 -13.67 -21.33
CA ALA F 628 -39.05 -13.43 -20.54
C ALA F 628 -39.39 -12.88 -19.16
N MET F 629 -40.64 -12.46 -18.95
CA MET F 629 -41.06 -12.00 -17.63
C MET F 629 -40.81 -13.05 -16.55
N GLU F 630 -40.84 -14.33 -16.92
CA GLU F 630 -40.45 -15.37 -15.97
C GLU F 630 -39.04 -15.13 -15.45
N GLU F 631 -38.08 -14.94 -16.36
CA GLU F 631 -36.71 -14.68 -15.95
C GLU F 631 -36.58 -13.35 -15.22
N ILE F 632 -37.37 -12.36 -15.63
CA ILE F 632 -37.35 -11.07 -14.95
C ILE F 632 -37.73 -11.23 -13.48
N LYS F 633 -38.82 -11.97 -13.23
CA LYS F 633 -39.25 -12.19 -11.86
C LYS F 633 -38.28 -13.10 -11.11
N LYS F 634 -37.62 -14.01 -11.84
CA LYS F 634 -36.71 -14.94 -11.19
C LYS F 634 -35.45 -14.26 -10.70
N ILE F 635 -34.76 -13.52 -11.58
CA ILE F 635 -33.47 -12.98 -11.21
C ILE F 635 -33.58 -11.73 -10.34
N PHE F 636 -34.61 -10.92 -10.51
CA PHE F 636 -34.77 -9.71 -9.74
C PHE F 636 -35.57 -10.00 -8.48
N THR F 637 -35.07 -9.50 -7.35
CA THR F 637 -35.72 -9.74 -6.07
C THR F 637 -37.14 -9.22 -6.11
N PRO F 638 -38.13 -9.99 -5.64
CA PRO F 638 -39.49 -9.46 -5.55
C PRO F 638 -39.57 -8.16 -4.78
N GLU F 639 -38.77 -7.99 -3.73
CA GLU F 639 -38.65 -6.69 -3.10
C GLU F 639 -38.14 -5.66 -4.10
N PHE F 640 -37.05 -5.98 -4.80
CA PHE F 640 -36.51 -5.08 -5.81
C PHE F 640 -37.54 -4.76 -6.87
N ARG F 641 -38.33 -5.75 -7.28
CA ARG F 641 -39.36 -5.53 -8.29
C ARG F 641 -40.47 -4.63 -7.76
N ASN F 642 -40.81 -4.77 -6.47
CA ASN F 642 -41.85 -3.95 -5.88
C ASN F 642 -41.36 -2.57 -5.47
N ARG F 643 -40.06 -2.32 -5.49
CA ARG F 643 -39.52 -1.00 -5.23
C ARG F 643 -39.40 -0.15 -6.48
N LEU F 644 -39.43 -0.75 -7.67
CA LEU F 644 -39.31 -0.02 -8.91
C LEU F 644 -40.67 0.44 -9.40
N ASP F 645 -40.66 1.41 -10.31
CA ASP F 645 -41.88 2.08 -10.75
C ASP F 645 -42.56 1.35 -11.90
N ASN F 646 -41.81 0.91 -12.91
CA ASN F 646 -42.39 0.24 -14.05
C ASN F 646 -41.31 -0.57 -14.77
N ILE F 647 -41.75 -1.63 -15.45
CA ILE F 647 -40.88 -2.46 -16.28
C ILE F 647 -41.28 -2.23 -17.73
N ILE F 648 -40.43 -1.54 -18.47
CA ILE F 648 -40.72 -1.16 -19.84
C ILE F 648 -40.16 -2.23 -20.77
N TRP F 649 -40.98 -2.71 -21.69
CA TRP F 649 -40.61 -3.77 -22.60
C TRP F 649 -40.30 -3.21 -23.98
N PHE F 650 -39.17 -3.63 -24.54
CA PHE F 650 -38.75 -3.24 -25.87
C PHE F 650 -38.89 -4.43 -26.81
N ASP F 651 -39.08 -4.14 -28.09
CA ASP F 651 -39.24 -5.18 -29.11
C ASP F 651 -38.19 -5.00 -30.20
N HIS F 652 -38.08 -6.02 -31.04
CA HIS F 652 -37.18 -5.96 -32.18
C HIS F 652 -37.67 -4.94 -33.18
N LEU F 653 -36.73 -4.32 -33.90
CA LEU F 653 -37.03 -3.20 -34.77
C LEU F 653 -37.55 -3.69 -36.12
N SER F 654 -38.57 -3.00 -36.62
CA SER F 654 -39.15 -3.32 -37.91
C SER F 654 -38.20 -2.92 -39.04
N THR F 655 -38.52 -3.41 -40.25
CA THR F 655 -37.66 -3.13 -41.39
C THR F 655 -37.58 -1.63 -41.68
N ASP F 656 -38.68 -0.91 -41.47
CA ASP F 656 -38.66 0.53 -41.70
C ASP F 656 -37.76 1.23 -40.68
N VAL F 657 -37.77 0.76 -39.43
CA VAL F 657 -36.90 1.33 -38.41
C VAL F 657 -35.44 1.08 -38.76
N ILE F 658 -35.12 -0.13 -39.20
CA ILE F 658 -33.76 -0.44 -39.61
C ILE F 658 -33.35 0.42 -40.79
N HIS F 659 -34.29 0.67 -41.71
CA HIS F 659 -33.98 1.52 -42.86
C HIS F 659 -33.76 2.96 -42.42
N GLN F 660 -34.53 3.43 -41.44
CA GLN F 660 -34.31 4.77 -40.91
C GLN F 660 -32.95 4.89 -40.23
N VAL F 661 -32.54 3.84 -39.53
CA VAL F 661 -31.22 3.83 -38.91
C VAL F 661 -30.12 3.85 -39.98
N VAL F 662 -30.28 3.01 -41.00
CA VAL F 662 -29.32 3.01 -42.11
C VAL F 662 -29.25 4.38 -42.75
N ASP F 663 -30.41 5.03 -42.90
CA ASP F 663 -30.43 6.34 -43.51
C ASP F 663 -29.73 7.37 -42.65
N LYS F 664 -29.91 7.30 -41.32
CA LYS F 664 -29.20 8.23 -40.46
C LYS F 664 -27.69 7.98 -40.49
N PHE F 665 -27.28 6.71 -40.61
CA PHE F 665 -25.87 6.41 -40.79
C PHE F 665 -25.33 7.03 -42.07
N ILE F 666 -26.08 6.89 -43.17
CA ILE F 666 -25.64 7.43 -44.45
C ILE F 666 -25.65 8.95 -44.41
N VAL F 667 -26.55 9.54 -43.64
CA VAL F 667 -26.56 11.00 -43.48
C VAL F 667 -25.30 11.46 -42.77
N GLU F 668 -24.94 10.77 -41.67
CA GLU F 668 -23.69 11.12 -41.00
C GLU F 668 -22.49 10.94 -41.91
N LEU F 669 -22.48 9.88 -42.72
CA LEU F 669 -21.37 9.67 -43.63
C LEU F 669 -21.31 10.75 -44.70
N GLN F 670 -22.47 11.17 -45.21
CA GLN F 670 -22.51 12.24 -46.18
C GLN F 670 -21.99 13.54 -45.59
N VAL F 671 -22.36 13.82 -44.34
CA VAL F 671 -21.85 15.01 -43.66
C VAL F 671 -20.33 14.94 -43.55
N GLN F 672 -19.83 13.78 -43.12
CA GLN F 672 -18.39 13.61 -42.96
C GLN F 672 -17.66 13.79 -44.29
N LEU F 673 -18.26 13.32 -45.39
CA LEU F 673 -17.60 13.42 -46.69
C LEU F 673 -17.69 14.83 -47.24
N ASP F 674 -18.79 15.54 -46.95
CA ASP F 674 -18.90 16.94 -47.37
C ASP F 674 -17.90 17.81 -46.62
N GLN F 675 -17.64 17.49 -45.35
CA GLN F 675 -16.57 18.17 -44.64
C GLN F 675 -15.23 17.95 -45.32
N LYS F 676 -15.11 16.88 -46.11
CA LYS F 676 -13.97 16.67 -46.98
C LYS F 676 -14.26 17.04 -48.42
N GLY F 677 -15.45 17.56 -48.71
CA GLY F 677 -15.82 17.95 -50.06
C GLY F 677 -16.36 16.85 -50.94
N VAL F 678 -16.34 15.61 -50.48
CA VAL F 678 -16.76 14.46 -51.28
C VAL F 678 -18.28 14.34 -51.20
N SER F 679 -18.91 14.11 -52.34
CA SER F 679 -20.35 13.87 -52.41
C SER F 679 -20.59 12.38 -52.52
N LEU F 680 -21.59 11.87 -51.80
CA LEU F 680 -21.83 10.44 -51.66
C LEU F 680 -23.16 10.09 -52.32
N GLU F 681 -23.14 9.10 -53.21
CA GLU F 681 -24.33 8.57 -53.84
C GLU F 681 -24.49 7.10 -53.46
N VAL F 682 -25.66 6.75 -52.94
CA VAL F 682 -25.95 5.41 -52.48
C VAL F 682 -27.24 4.93 -53.14
N SER F 683 -27.20 3.74 -53.72
CA SER F 683 -28.40 3.17 -54.34
C SER F 683 -29.38 2.75 -53.25
N GLN F 684 -30.59 2.39 -53.70
CA GLN F 684 -31.63 2.04 -52.74
C GLN F 684 -31.48 0.61 -52.24
N GLU F 685 -31.24 -0.34 -53.16
CA GLU F 685 -30.94 -1.70 -52.73
C GLU F 685 -29.69 -1.75 -51.86
N ALA F 686 -28.80 -0.77 -52.03
CA ALA F 686 -27.67 -0.65 -51.11
C ALA F 686 -28.15 -0.43 -49.68
N ARG F 687 -29.07 0.52 -49.49
CA ARG F 687 -29.62 0.74 -48.15
C ARG F 687 -30.39 -0.47 -47.66
N ASN F 688 -31.15 -1.13 -48.54
CA ASN F 688 -31.87 -2.33 -48.14
C ASN F 688 -30.92 -3.41 -47.63
N TRP F 689 -29.83 -3.65 -48.36
CA TRP F 689 -28.91 -4.72 -47.97
C TRP F 689 -28.09 -4.33 -46.74
N LEU F 690 -27.72 -3.06 -46.62
CA LEU F 690 -27.03 -2.60 -45.43
C LEU F 690 -27.93 -2.74 -44.20
N ALA F 691 -29.24 -2.52 -44.38
CA ALA F 691 -30.18 -2.75 -43.30
C ALA F 691 -30.30 -4.24 -42.98
N GLU F 692 -30.29 -5.08 -44.01
CA GLU F 692 -30.34 -6.52 -43.78
C GLU F 692 -29.13 -7.00 -43.00
N LYS F 693 -27.96 -6.43 -43.27
CA LYS F 693 -26.72 -6.94 -42.69
C LYS F 693 -26.34 -6.27 -41.37
N GLY F 694 -26.80 -5.04 -41.13
CA GLY F 694 -26.38 -4.33 -39.94
C GLY F 694 -27.19 -4.66 -38.70
N TYR F 695 -28.42 -5.12 -38.88
CA TYR F 695 -29.28 -5.48 -37.75
C TYR F 695 -29.06 -6.93 -37.37
N ASP F 696 -29.02 -7.19 -36.07
CA ASP F 696 -28.86 -8.53 -35.52
C ASP F 696 -29.87 -8.70 -34.40
N ARG F 697 -30.68 -9.75 -34.48
CA ARG F 697 -31.67 -10.00 -33.44
C ARG F 697 -31.01 -10.17 -32.07
N ALA F 698 -29.78 -10.68 -32.05
CA ALA F 698 -29.06 -10.80 -30.78
C ALA F 698 -28.60 -9.44 -30.26
N MET F 699 -28.25 -8.51 -31.17
CA MET F 699 -27.65 -7.25 -30.76
C MET F 699 -28.40 -6.03 -31.28
N GLY F 700 -29.59 -6.23 -31.86
CA GLY F 700 -30.33 -5.09 -32.36
C GLY F 700 -29.60 -4.42 -33.49
N ALA F 701 -29.55 -3.09 -33.44
CA ALA F 701 -28.84 -2.29 -34.43
C ALA F 701 -27.42 -1.93 -34.00
N ARG F 702 -26.91 -2.55 -32.95
CA ARG F 702 -25.54 -2.30 -32.51
C ARG F 702 -24.49 -2.62 -33.56
N PRO F 703 -24.53 -3.76 -34.26
CA PRO F 703 -23.47 -4.03 -35.25
C PRO F 703 -23.52 -3.14 -36.48
N MET F 704 -24.52 -2.27 -36.59
CA MET F 704 -24.68 -1.44 -37.78
C MET F 704 -23.49 -0.51 -37.97
N ALA F 705 -22.88 -0.03 -36.88
CA ALA F 705 -21.73 0.84 -37.01
C ALA F 705 -20.61 0.17 -37.78
N ARG F 706 -20.17 -1.01 -37.31
CA ARG F 706 -19.10 -1.72 -37.99
C ARG F 706 -19.53 -2.19 -39.38
N VAL F 707 -20.79 -2.58 -39.55
CA VAL F 707 -21.25 -3.02 -40.86
C VAL F 707 -21.12 -1.88 -41.87
N ILE F 708 -21.63 -0.71 -41.52
CA ILE F 708 -21.55 0.45 -42.40
C ILE F 708 -20.11 0.83 -42.65
N GLN F 709 -19.28 0.87 -41.60
CA GLN F 709 -17.88 1.19 -41.78
C GLN F 709 -17.22 0.27 -42.79
N ASP F 710 -17.25 -1.04 -42.53
CA ASP F 710 -16.64 -2.01 -43.44
C ASP F 710 -17.19 -1.87 -44.85
N ASN F 711 -18.50 -1.76 -45.00
CA ASN F 711 -19.07 -1.86 -46.34
C ASN F 711 -18.90 -0.58 -47.14
N LEU F 712 -18.74 0.57 -46.50
CA LEU F 712 -18.70 1.82 -47.23
C LEU F 712 -17.36 2.53 -47.19
N LYS F 713 -16.69 2.59 -46.05
CA LYS F 713 -15.62 3.56 -45.85
C LYS F 713 -14.24 3.05 -46.25
N LYS F 714 -14.08 1.76 -46.51
CA LYS F 714 -12.76 1.27 -46.94
C LYS F 714 -12.48 1.61 -48.40
N PRO F 715 -13.37 1.33 -49.36
CA PRO F 715 -13.13 1.82 -50.73
C PRO F 715 -13.04 3.33 -50.80
N LEU F 716 -13.68 4.04 -49.86
CA LEU F 716 -13.50 5.48 -49.76
C LEU F 716 -12.05 5.83 -49.50
N ALA F 717 -11.43 5.19 -48.50
CA ALA F 717 -10.02 5.44 -48.22
C ALA F 717 -9.15 5.04 -49.40
N ASN F 718 -9.49 3.94 -50.06
CA ASN F 718 -8.75 3.55 -51.26
C ASN F 718 -8.79 4.65 -52.31
N GLU F 719 -9.99 5.11 -52.66
CA GLU F 719 -10.12 6.08 -53.74
C GLU F 719 -9.56 7.43 -53.35
N LEU F 720 -9.50 7.72 -52.05
CA LEU F 720 -8.95 9.00 -51.62
C LEU F 720 -7.43 8.98 -51.63
N LEU F 721 -6.83 8.00 -50.94
CA LEU F 721 -5.38 8.01 -50.79
C LEU F 721 -4.67 7.63 -52.09
N PHE F 722 -5.35 6.98 -53.01
CA PHE F 722 -4.78 6.67 -54.31
C PHE F 722 -4.99 7.78 -55.33
N GLY F 723 -5.62 8.88 -54.93
CA GLY F 723 -5.65 10.07 -55.75
C GLY F 723 -6.79 10.17 -56.75
N SER F 724 -7.67 9.17 -56.83
CA SER F 724 -8.84 9.32 -57.68
C SER F 724 -9.75 10.40 -57.14
N LEU F 725 -10.16 10.28 -55.88
CA LEU F 725 -10.71 11.41 -55.13
C LEU F 725 -9.57 12.08 -54.38
N VAL F 726 -9.57 13.41 -54.39
CA VAL F 726 -8.44 14.15 -53.84
C VAL F 726 -8.91 15.11 -52.75
N ASP F 727 -9.89 15.96 -53.07
CA ASP F 727 -10.42 16.95 -52.14
C ASP F 727 -11.94 17.03 -52.24
N GLY F 728 -12.56 16.08 -52.90
CA GLY F 728 -13.98 16.11 -53.14
C GLY F 728 -14.31 15.22 -54.32
N GLY F 729 -15.54 15.35 -54.78
CA GLY F 729 -15.99 14.62 -55.94
C GLY F 729 -17.23 13.83 -55.62
N GLN F 730 -17.59 12.95 -56.55
CA GLN F 730 -18.79 12.14 -56.44
C GLN F 730 -18.41 10.67 -56.40
N VAL F 731 -19.07 9.92 -55.52
CA VAL F 731 -18.90 8.49 -55.45
C VAL F 731 -20.27 7.84 -55.51
N THR F 732 -20.43 6.90 -56.43
CA THR F 732 -21.66 6.15 -56.58
C THR F 732 -21.43 4.72 -56.12
N VAL F 733 -22.11 4.33 -55.06
CA VAL F 733 -22.06 2.95 -54.59
C VAL F 733 -23.38 2.29 -54.95
N ALA F 734 -23.28 1.12 -55.60
CA ALA F 734 -24.44 0.35 -55.98
C ALA F 734 -24.16 -1.11 -55.69
N LEU F 735 -25.16 -1.95 -55.92
CA LEU F 735 -25.02 -3.38 -55.74
C LEU F 735 -25.62 -4.13 -56.92
N ASP F 736 -24.93 -5.20 -57.33
CA ASP F 736 -25.48 -6.15 -58.27
C ASP F 736 -26.34 -7.15 -57.49
N LYS F 737 -26.71 -8.25 -58.14
CA LYS F 737 -27.35 -9.33 -57.41
C LYS F 737 -26.45 -9.91 -56.32
N GLU F 738 -25.14 -9.84 -56.50
CA GLU F 738 -24.18 -10.31 -55.52
C GLU F 738 -23.92 -9.29 -54.41
N LYS F 739 -24.61 -8.14 -54.45
CA LYS F 739 -24.46 -7.09 -53.44
C LYS F 739 -23.02 -6.61 -53.37
N ASN F 740 -22.29 -6.74 -54.47
CA ASN F 740 -20.92 -6.26 -54.54
C ASN F 740 -20.90 -4.74 -54.37
N GLU F 741 -19.92 -4.25 -53.63
CA GLU F 741 -19.81 -2.81 -53.37
C GLU F 741 -19.33 -2.12 -54.64
N LEU F 742 -20.27 -1.76 -55.50
CA LEU F 742 -19.99 -1.11 -56.77
C LEU F 742 -19.66 0.36 -56.50
N THR F 743 -18.46 0.61 -55.99
CA THR F 743 -18.02 1.95 -55.63
C THR F 743 -17.18 2.53 -56.75
N TYR F 744 -17.64 3.63 -57.33
CA TYR F 744 -16.99 4.26 -58.46
C TYR F 744 -16.63 5.70 -58.12
N GLY F 745 -15.37 6.05 -58.35
CA GLY F 745 -14.84 7.34 -57.95
C GLY F 745 -15.23 8.46 -58.88
N PHE F 746 -14.52 9.58 -58.71
CA PHE F 746 -14.77 10.81 -59.46
C PHE F 746 -14.66 10.58 -60.97
N UNK G 1 -14.60 -22.65 -3.37
CA UNK G 1 -13.87 -22.16 -2.21
C UNK G 1 -13.16 -20.84 -2.52
N UNK G 2 -11.90 -20.93 -2.92
CA UNK G 2 -11.11 -19.74 -3.25
C UNK G 2 -11.13 -18.74 -2.10
N UNK G 3 -10.50 -17.60 -2.32
CA UNK G 3 -10.45 -16.55 -1.30
C UNK G 3 -9.04 -15.98 -1.17
N UNK G 4 -8.84 -15.12 -0.15
CA UNK G 4 -7.52 -14.71 0.31
C UNK G 4 -6.73 -13.92 -0.71
N UNK G 5 -7.42 -13.24 -1.63
CA UNK G 5 -6.70 -12.33 -2.52
C UNK G 5 -6.87 -10.90 -2.05
N UNK G 6 -6.13 -10.51 -1.01
CA UNK G 6 -6.16 -9.14 -0.53
C UNK G 6 -4.77 -8.76 -0.08
N UNK G 7 -3.99 -8.23 -1.01
CA UNK G 7 -2.64 -7.77 -0.72
C UNK G 7 -2.67 -6.26 -0.54
N UNK G 8 -2.08 -5.80 0.55
CA UNK G 8 -2.06 -4.37 0.85
C UNK G 8 -0.73 -3.79 0.41
N UNK G 9 -0.79 -2.54 -0.04
CA UNK G 9 0.41 -1.84 -0.50
C UNK G 9 0.68 -0.66 0.41
N UNK G 10 1.94 -0.28 0.51
CA UNK G 10 2.35 0.80 1.41
C UNK G 10 3.31 1.72 0.67
N UNK G 11 3.37 2.96 1.13
CA UNK G 11 4.21 3.98 0.48
C UNK G 11 4.43 5.19 1.39
N UNK G 12 5.50 5.95 1.14
CA UNK G 12 5.78 7.15 1.91
C UNK G 12 6.91 7.93 1.23
N UNK G 13 7.19 9.12 1.78
CA UNK G 13 8.30 9.94 1.34
C UNK G 13 8.50 11.10 2.31
N UNK G 14 9.64 11.78 2.16
CA UNK G 14 9.98 12.94 2.96
C UNK G 14 11.17 13.64 2.32
N UNK G 15 11.48 14.84 2.83
CA UNK G 15 12.60 15.63 2.33
C UNK G 15 12.92 16.75 3.29
N UNK G 16 14.08 17.37 3.09
CA UNK G 16 14.53 18.50 3.89
C UNK G 16 15.34 19.45 3.03
N UNK G 17 15.65 20.63 3.57
CA UNK G 17 16.37 21.63 2.80
C UNK G 17 17.50 22.25 3.62
N UNK G 18 18.20 23.19 3.00
CA UNK G 18 19.29 23.92 3.63
C UNK G 18 19.32 25.35 3.09
N UNK G 19 20.11 26.20 3.74
CA UNK G 19 20.22 27.59 3.37
C UNK G 19 21.65 27.94 2.98
N UNK G 20 21.78 29.00 2.17
CA UNK G 20 23.07 29.46 1.68
C UNK G 20 23.12 31.00 1.78
N UNK G 21 22.75 31.52 2.93
CA UNK G 21 22.64 32.97 3.11
C UNK G 21 23.99 33.65 2.91
N UNK G 22 23.93 34.97 2.76
CA UNK G 22 25.10 35.77 2.41
C UNK G 22 25.13 37.07 3.23
N UNK G 23 26.22 37.82 3.06
CA UNK G 23 26.36 39.09 3.75
C UNK G 23 25.68 40.20 2.96
N UNK G 24 25.68 41.40 3.54
CA UNK G 24 25.07 42.56 2.89
C UNK G 24 25.92 43.81 3.12
PB ADP H . -7.47 12.84 26.71
O1B ADP H . -8.15 11.96 25.66
O2B ADP H . -6.27 12.09 27.29
O3B ADP H . -7.00 14.12 26.06
PA ADP H . -8.11 13.88 29.33
O1A ADP H . -7.56 12.81 30.28
O2A ADP H . -7.04 14.94 29.08
O3A ADP H . -8.53 13.19 27.91
O5' ADP H . -9.44 14.60 30.02
C5' ADP H . -9.25 15.75 30.85
C4' ADP H . -10.56 16.06 31.55
O4' ADP H . -11.29 14.71 31.98
C3' ADP H . -10.32 16.71 32.70
O3' ADP H . -10.43 18.13 32.48
C2' ADP H . -11.47 16.22 33.72
O2' ADP H . -12.67 16.95 33.50
C1' ADP H . -11.67 14.88 33.45
N9 ADP H . -10.84 14.09 34.28
C8 ADP H . -9.97 13.19 33.84
N7 ADP H . -9.36 12.65 34.88
C5 ADP H . -9.84 13.20 36.00
C6 ADP H . -9.58 13.01 37.36
N6 ADP H . -8.58 12.03 37.81
N1 ADP H . -10.25 13.75 38.25
C2 ADP H . -11.16 14.65 37.84
N3 ADP H . -11.43 14.84 36.57
C4 ADP H . -10.80 14.13 35.60
PB ADP I . -45.09 -8.32 4.49
O1B ADP I . -45.68 -9.66 4.05
O2B ADP I . -44.28 -8.52 5.78
O3B ADP I . -44.19 -7.78 3.41
PA ADP I . -46.06 -5.69 5.24
O1A ADP I . -46.25 -5.58 6.75
O2A ADP I . -44.66 -5.26 4.86
O3A ADP I . -46.30 -7.25 4.77
O5' ADP I . -47.17 -4.72 4.48
C5' ADP I . -46.91 -4.30 3.13
C4' ADP I . -48.03 -3.37 2.69
O4' ADP I . -49.42 -3.87 3.28
C3' ADP I . -47.83 -2.15 3.18
O3' ADP I . -48.34 -1.16 2.27
C2' ADP I . -48.66 -2.10 4.57
O2' ADP I . -48.99 -0.76 4.89
C1' ADP I . -49.81 -2.83 4.34
N9 ADP I . -50.22 -3.46 5.53
C8 ADP I . -49.95 -4.72 5.86
N7 ADP I . -50.49 -4.99 7.04
C5 ADP I . -51.11 -3.90 7.48
C6 ADP I . -51.84 -3.60 8.63
N6 ADP I . -52.03 -4.61 9.68
N1 ADP I . -52.35 -2.37 8.78
C2 ADP I . -52.17 -1.44 7.82
N3 ADP I . -51.49 -1.69 6.71
C4 ADP I . -50.94 -2.91 6.50
PG ATP J . 20.71 0.66 23.24
O1G ATP J . 21.65 1.83 23.09
O2G ATP J . 20.56 -0.19 22.01
O3G ATP J . 19.40 1.01 23.92
PB ATP J . 21.59 0.13 25.85
O1B ATP J . 22.51 1.33 25.93
O2B ATP J . 20.20 0.21 26.44
O3B ATP J . 21.44 -0.30 24.30
PA ATP J . 23.30 -0.94 27.78
O1A ATP J . 24.20 0.24 27.53
O2A ATP J . 23.88 -2.29 28.14
O3A ATP J . 22.35 -1.14 26.50
O5' ATP J . 22.24 -0.52 28.93
C5' ATP J . 22.71 0.01 30.18
C4' ATP J . 22.04 -0.74 31.33
O4' ATP J . 22.21 -2.14 31.15
C3' ATP J . 22.65 -0.35 32.66
O3' ATP J . 21.65 0.21 33.51
C2' ATP J . 23.20 -1.63 33.26
O2' ATP J . 22.55 -1.90 34.50
C1' ATP J . 22.89 -2.74 32.27
N9 ATP J . 24.15 -3.36 31.81
C8 ATP J . 24.50 -3.59 30.53
N7 ATP J . 25.72 -4.18 30.45
C5 ATP J . 26.17 -4.35 31.70
C6 ATP J . 27.39 -4.91 32.34
N6 ATP J . 28.39 -5.42 31.59
N1 ATP J . 27.47 -4.88 33.68
C2 ATP J . 26.48 -4.37 34.44
N3 ATP J . 25.35 -3.85 33.94
C4 ATP J . 25.14 -3.80 32.60
PB ADP K . -24.62 -24.17 28.00
O1B ADP K . -25.59 -24.50 26.90
O2B ADP K . -24.05 -25.39 28.71
O3B ADP K . -23.59 -23.13 27.64
PA ADP K . -24.85 -22.51 30.24
O1A ADP K . -23.87 -23.34 31.04
O2A ADP K . -24.38 -21.25 29.56
O3A ADP K . -25.53 -23.46 29.12
O5' ADP K . -26.10 -22.14 31.19
C5' ADP K . -27.29 -21.60 30.64
C4' ADP K . -28.07 -20.86 31.73
O4' ADP K . -28.75 -21.80 32.56
C3' ADP K . -27.13 -20.05 32.61
O3' ADP K . -27.48 -18.67 32.56
C2' ADP K . -27.31 -20.58 34.01
O2' ADP K . -27.78 -19.53 34.87
C1' ADP K . -28.35 -21.69 33.93
N9 ADP K . -27.76 -22.97 34.38
C8 ADP K . -27.40 -24.00 33.59
N7 ADP K . -26.88 -25.02 34.31
C5 ADP K . -26.90 -24.65 35.61
C6 ADP K . -26.49 -25.26 36.90
N6 ADP K . -25.96 -26.50 36.95
N1 ADP K . -26.69 -24.52 38.02
C2 ADP K . -27.21 -23.28 37.97
N3 ADP K . -27.60 -22.67 36.84
C4 ADP K . -27.47 -23.29 35.64
PG ATP L . 33.06 0.62 -1.49
O1G ATP L . 33.23 2.05 -1.97
O2G ATP L . 31.83 -0.07 -2.00
O3G ATP L . 33.31 0.44 -0.01
PB ATP L . 35.80 0.14 -1.77
O1B ATP L . 36.28 1.33 -2.58
O2B ATP L . 35.88 0.17 -0.26
O3B ATP L . 34.28 -0.17 -2.19
PA ATP L . 38.18 -1.17 -2.41
O1A ATP L . 38.67 0.26 -2.38
O2A ATP L . 38.57 -2.07 -3.56
O3A ATP L . 36.59 -1.17 -2.29
O5' ATP L . 38.64 -1.89 -1.04
C5' ATP L . 39.96 -1.69 -0.53
C4' ATP L . 40.37 -2.89 0.30
O4' ATP L . 40.24 -4.08 -0.48
C3' ATP L . 41.82 -2.79 0.75
O3' ATP L . 41.89 -2.82 2.18
C2' ATP L . 42.53 -4.00 0.18
O2' ATP L . 43.06 -4.80 1.24
C1' ATP L . 41.48 -4.78 -0.59
N9 ATP L . 41.88 -4.87 -2.02
C8 ATP L . 41.04 -4.84 -3.07
N7 ATP L . 41.71 -4.95 -4.24
C5 ATP L . 43.03 -5.06 -3.95
C6 ATP L . 44.28 -5.21 -4.71
N6 ATP L . 44.28 -5.27 -6.06
N1 ATP L . 45.44 -5.29 -4.01
C2 ATP L . 45.46 -5.24 -2.66
N3 ATP L . 44.35 -5.11 -1.91
C4 ATP L . 43.13 -5.02 -2.48
PG ATP M . 2.56 -35.01 19.84
O1G ATP M . 3.36 -34.48 18.66
O2G ATP M . 1.29 -35.73 19.46
O3G ATP M . 2.42 -34.03 20.98
PB ATP M . 5.06 -35.92 20.70
O1B ATP M . 5.83 -37.12 20.21
O2B ATP M . 5.41 -34.54 20.20
O3B ATP M . 3.49 -36.18 20.44
PA ATP M . 6.39 -35.19 23.06
O1A ATP M . 6.39 -33.73 22.70
O2A ATP M . 7.63 -36.02 22.80
O3A ATP M . 5.15 -35.89 22.32
O5' ATP M . 6.01 -35.34 24.61
C5' ATP M . 6.61 -34.50 25.59
C4' ATP M . 6.19 -34.94 26.99
O4' ATP M . 5.90 -36.35 26.98
C3' ATP M . 7.29 -34.70 28.00
O3' ATP M . 6.86 -33.80 29.02
C2' ATP M . 7.63 -36.06 28.60
O2' ATP M . 7.42 -36.05 30.01
C1' ATP M . 6.72 -37.06 27.92
N9 ATP M . 7.52 -38.08 27.21
C8 ATP M . 7.25 -38.60 26.00
N7 ATP M . 8.19 -39.52 25.64
C5 ATP M . 9.08 -39.61 26.64
C6 ATP M . 10.32 -40.37 26.91
N6 ATP M . 10.80 -41.27 26.02
N1 ATP M . 10.95 -40.15 28.09
C2 ATP M . 10.50 -39.26 28.99
N3 ATP M . 9.37 -38.54 28.81
C4 ATP M . 8.64 -38.66 27.68
PG ATP N . 24.20 16.22 -23.35
O1G ATP N . 23.97 17.70 -23.32
O2G ATP N . 23.10 15.41 -22.72
O3G ATP N . 25.59 15.79 -22.94
PB ATP N . 24.84 16.77 -26.02
O1B ATP N . 23.77 17.38 -26.88
O2B ATP N . 25.84 17.65 -25.31
O3B ATP N . 24.12 15.83 -24.92
PA ATP N . 26.88 16.16 -27.84
O1A ATP N . 28.07 16.45 -26.96
O2A ATP N . 26.36 17.23 -28.79
O3A ATP N . 25.65 15.70 -26.91
O5' ATP N . 27.19 14.85 -28.71
C5' ATP N . 27.77 13.70 -28.09
C4' ATP N . 29.07 13.34 -28.80
O4' ATP N . 28.78 12.72 -30.06
C3' ATP N . 29.93 14.57 -29.07
O3' ATP N . 31.18 14.47 -28.39
C2' ATP N . 30.13 14.64 -30.57
O2' ATP N . 31.52 14.58 -30.90
C1' ATP N . 29.38 13.44 -31.15
N9 ATP N . 28.33 13.91 -32.09
C8 ATP N . 27.01 13.73 -31.95
N7 ATP N . 26.34 14.27 -32.99
C5 ATP N . 27.23 14.81 -33.83
C6 ATP N . 27.20 15.53 -35.13
N6 ATP N . 26.03 15.80 -35.75
N1 ATP N . 28.39 15.91 -35.67
C2 ATP N . 29.56 15.65 -35.07
N3 ATP N . 29.66 14.99 -33.90
C4 ATP N . 28.56 14.56 -33.24
PG ATP O . 14.04 -32.74 -6.77
O1G ATP O . 13.77 -31.60 -7.72
O2G ATP O . 13.00 -33.84 -6.77
O3G ATP O . 14.49 -32.31 -5.39
PB ATP O . 16.56 -32.57 -7.99
O1B ATP O . 16.78 -32.99 -9.43
O2B ATP O . 16.28 -31.12 -7.66
O3B ATP O . 15.36 -33.45 -7.39
PA ATP O . 19.28 -32.40 -7.35
O1A ATP O . 19.26 -31.00 -6.77
O2A ATP O . 19.65 -32.61 -8.79
O3A ATP O . 17.82 -33.05 -7.12
O5' ATP O . 20.22 -33.32 -6.43
C5' ATP O . 21.63 -33.10 -6.40
C4' ATP O . 22.30 -34.22 -5.63
O4' ATP O . 21.90 -35.49 -6.17
C3' ATP O . 23.82 -34.14 -5.74
O3' ATP O . 24.40 -34.01 -4.44
C2' ATP O . 24.27 -35.43 -6.39
O2' ATP O . 25.15 -36.14 -5.50
C1' ATP O . 23.01 -36.25 -6.62
N9 ATP O . 22.87 -36.53 -8.08
C8 ATP O . 21.75 -36.35 -8.80
N7 ATP O . 21.94 -36.68 -10.11
C5 ATP O . 23.22 -37.09 -10.23
C6 ATP O . 24.09 -37.58 -11.33
N6 ATP O . 23.61 -37.72 -12.58
N1 ATP O . 25.37 -37.90 -11.02
C2 ATP O . 25.85 -37.77 -9.77
N3 ATP O . 25.13 -37.33 -8.73
C4 ATP O . 23.83 -36.98 -8.89
PG ATP P . -1.62 33.48 -23.52
O1G ATP P . -0.11 33.42 -23.54
O2G ATP P . -2.28 32.33 -22.79
O3G ATP P . -2.24 33.82 -24.85
PB ATP P . -1.06 36.10 -22.73
O1B ATP P . -1.68 37.16 -21.85
O2B ATP P . 0.39 35.73 -22.55
O3B ATP P . -1.94 34.76 -22.60
PA ATP P . -2.62 37.30 -24.71
O1A ATP P . -2.42 38.78 -24.44
O2A ATP P . -3.81 36.58 -24.13
O3A ATP P . -1.28 36.52 -24.26
O5' ATP P . -2.63 37.09 -26.31
C5' ATP P . -2.90 38.19 -27.18
C4' ATP P . -2.67 37.76 -28.63
O4' ATP P . -3.87 37.20 -29.16
C3' ATP P . -2.27 38.94 -29.49
O3' ATP P . -0.99 38.70 -30.08
C2' ATP P . -3.32 39.04 -30.58
O2' ATP P . -2.72 38.87 -31.86
C1' ATP P . -4.31 37.92 -30.32
N9 ATP P . -5.66 38.49 -30.06
C8 ATP P . -6.32 38.47 -28.88
N7 ATP P . -7.53 39.07 -28.98
C5 ATP P . -7.67 39.50 -30.25
C6 ATP P . -8.70 40.21 -31.04
N6 ATP P . -9.86 40.60 -30.46
N1 ATP P . -8.44 40.46 -32.34
C2 ATP P . -7.29 40.07 -32.92
N3 ATP P . -6.31 39.42 -32.27
C4 ATP P . -6.43 39.10 -30.96
PG ATP Q . 2.87 -14.71 -29.15
O1G ATP Q . 3.74 -13.49 -29.08
O2G ATP Q . 1.40 -14.42 -29.34
O3G ATP Q . 3.16 -15.75 -28.09
PB ATP Q . 3.55 -14.55 -31.85
O1B ATP Q . 3.81 -15.51 -33.01
O2B ATP Q . 2.44 -13.53 -31.96
O3B ATP Q . 3.30 -15.43 -30.53
PA ATP Q . 6.08 -13.66 -32.62
O1A ATP Q . 7.05 -12.60 -32.16
O2A ATP Q . 5.43 -13.54 -33.97
O3A ATP Q . 4.91 -13.78 -31.52
O5' ATP Q . 6.81 -15.09 -32.53
C5' ATP Q . 6.72 -16.03 -33.60
C4' ATP Q . 8.03 -16.06 -34.38
O4' ATP Q . 7.95 -17.02 -35.43
C3' ATP Q . 8.34 -14.71 -34.99
O3' ATP Q . 9.57 -14.18 -34.48
C2' ATP Q . 8.44 -14.94 -36.48
O2' ATP Q . 9.74 -14.58 -36.97
C1' ATP Q . 8.19 -16.42 -36.71
N9 ATP Q . 7.00 -16.61 -37.58
C8 ATP Q . 6.00 -17.49 -37.37
N7 ATP Q . 5.07 -17.41 -38.36
C5 ATP Q . 5.48 -16.47 -39.23
C6 ATP Q . 4.97 -15.87 -40.49
N6 ATP Q . 3.81 -16.30 -41.04
N1 ATP Q . 5.71 -14.91 -41.07
C2 ATP Q . 6.87 -14.48 -40.55
N3 ATP Q . 7.39 -14.97 -39.40
C4 ATP Q . 6.75 -15.94 -38.71
PB ADP R . -20.79 33.96 1.96
O1B ADP R . -22.19 34.12 1.38
O2B ADP R . -20.80 32.87 3.03
O3B ADP R . -19.83 33.59 0.86
PA ADP R . -21.22 36.20 3.75
O1A ADP R . -22.28 35.26 4.35
O2A ADP R . -20.31 36.73 4.84
O3A ADP R . -20.33 35.39 2.63
O5' ADP R . -21.99 37.49 3.00
C5' ADP R . -23.32 37.29 2.52
C4' ADP R . -24.09 38.60 2.70
O4' ADP R . -25.64 38.36 2.40
C3' ADP R . -24.02 38.98 3.98
O3' ADP R . -22.96 39.92 4.14
C2' ADP R . -25.45 39.69 4.29
O2' ADP R . -25.44 41.02 3.83
C1' ADP R . -26.38 38.96 3.60
N9 ADP R . -26.89 37.93 4.42
C8 ADP R . -26.80 36.63 4.17
N7 ADP R . -27.39 35.96 5.14
C5 ADP R . -27.87 36.82 6.04
C6 ADP R . -28.57 36.69 7.25
N6 ADP R . -28.92 35.36 7.76
N1 ADP R . -28.91 37.80 7.91
C2 ADP R . -28.59 39.01 7.44
N3 ADP R . -27.93 39.16 6.31
C4 ADP R . -27.54 38.10 5.56
PB ADP S . -25.94 -0.66 -26.05
O1B ADP S . -26.24 -1.82 -26.99
O2B ADP S . -24.77 0.16 -26.61
O3B ADP S . -25.56 -1.20 -24.69
PA ADP S . -28.45 0.38 -27.03
O1A ADP S . -29.15 -0.97 -27.14
O2A ADP S . -29.47 1.45 -26.63
O3A ADP S . -27.26 0.31 -25.91
O5' ADP S . -27.79 0.78 -28.51
C5' ADP S . -27.97 2.12 -28.99
C4' ADP S . -27.51 2.17 -30.44
O4' ADP S . -28.55 1.39 -31.37
C3' ADP S . -27.52 3.43 -30.89
O3' ADP S . -26.21 4.00 -30.75
C2' ADP S . -27.94 3.35 -32.44
O2' ADP S . -26.81 3.03 -33.23
C1' ADP S . -28.87 2.35 -32.53
N9 ADP S . -30.17 2.89 -32.37
C8 ADP S . -31.09 2.44 -31.52
N7 ADP S . -32.18 3.17 -31.65
C5 ADP S . -31.97 4.09 -32.59
C6 ADP S . -32.76 5.11 -33.13
N6 ADP S . -34.14 5.33 -32.66
N1 ADP S . -32.24 5.88 -34.09
C2 ADP S . -30.99 5.68 -34.53
N3 ADP S . -30.22 4.73 -34.04
C4 ADP S . -30.67 3.90 -33.06
#